data_1GKG
#
_entry.id   1GKG
#
_cell.length_a   1.000
_cell.length_b   1.000
_cell.length_c   1.000
_cell.angle_alpha   90.00
_cell.angle_beta   90.00
_cell.angle_gamma   90.00
#
_symmetry.space_group_name_H-M   'P 1'
#
_entity_poly.entity_id   1
_entity_poly.type   'polypeptide(L)'
_entity_poly.pdbx_seq_one_letter_code
;EAEAKSCKTPPDPVNGMVHVITDIQVGSRITYSCTTGHRLIGHSSAECILSGNTAHWSTKPPICQRIPCGLPPTIANGDF
ISTNRENFHYGSVVTYRCNLGSRGRKVFELVGEPSIYCTSNDDQVGIWSGPAPQCI
;
_entity_poly.pdbx_strand_id   A
#
# COMPACT_ATOMS: atom_id res chain seq x y z
N GLU A 1 -7.74 -25.50 -29.83
CA GLU A 1 -7.14 -26.45 -28.86
C GLU A 1 -7.64 -27.87 -29.10
N ALA A 2 -7.83 -28.62 -28.01
CA ALA A 2 -8.30 -30.00 -28.10
C ALA A 2 -8.48 -30.61 -26.72
N GLU A 3 -7.48 -30.41 -25.87
CA GLU A 3 -7.51 -30.92 -24.50
C GLU A 3 -6.32 -30.38 -23.73
N ALA A 4 -6.61 -29.73 -22.60
CA ALA A 4 -5.58 -29.15 -21.77
C ALA A 4 -6.18 -28.62 -20.48
N LYS A 5 -7.39 -28.08 -20.59
CA LYS A 5 -8.12 -27.53 -19.45
C LYS A 5 -7.41 -26.31 -18.87
N SER A 6 -8.15 -25.20 -18.75
CA SER A 6 -7.61 -23.96 -18.21
C SER A 6 -7.99 -23.79 -16.74
N CYS A 7 -7.08 -23.26 -15.94
CA CYS A 7 -7.34 -23.03 -14.52
C CYS A 7 -8.15 -21.76 -14.33
N LYS A 8 -9.00 -21.46 -15.28
CA LYS A 8 -9.84 -20.27 -15.23
C LYS A 8 -9.00 -18.99 -15.19
N THR A 9 -9.42 -17.99 -15.97
CA THR A 9 -8.72 -16.72 -16.00
C THR A 9 -8.80 -16.03 -14.65
N PRO A 10 -7.65 -15.68 -14.05
CA PRO A 10 -7.61 -15.02 -12.75
C PRO A 10 -8.22 -13.63 -12.80
N PRO A 11 -9.41 -13.45 -12.17
CA PRO A 11 -10.09 -12.15 -12.15
C PRO A 11 -9.38 -11.15 -11.26
N ASP A 12 -9.14 -9.96 -11.79
CA ASP A 12 -8.46 -8.91 -11.03
C ASP A 12 -9.13 -8.70 -9.67
N PRO A 13 -8.50 -9.18 -8.58
CA PRO A 13 -9.06 -9.05 -7.24
C PRO A 13 -8.88 -7.65 -6.68
N VAL A 14 -8.79 -7.58 -5.36
CA VAL A 14 -8.62 -6.33 -4.63
C VAL A 14 -7.46 -5.47 -5.17
N ASN A 15 -7.73 -4.70 -6.22
CA ASN A 15 -6.74 -3.80 -6.81
C ASN A 15 -5.57 -4.52 -7.50
N GLY A 16 -5.16 -5.67 -6.98
CA GLY A 16 -4.04 -6.38 -7.57
C GLY A 16 -4.35 -6.95 -8.94
N MET A 17 -3.64 -6.46 -9.95
CA MET A 17 -3.81 -6.91 -11.33
C MET A 17 -3.00 -8.18 -11.60
N VAL A 18 -3.58 -9.12 -12.35
CA VAL A 18 -2.89 -10.36 -12.68
C VAL A 18 -2.11 -10.18 -13.98
N HIS A 19 -0.99 -10.88 -14.08
CA HIS A 19 -0.16 -10.79 -15.27
C HIS A 19 -0.18 -12.11 -16.04
N VAL A 20 -1.23 -12.31 -16.85
CA VAL A 20 -1.37 -13.51 -17.66
C VAL A 20 -0.30 -13.49 -18.76
N ILE A 21 0.89 -13.97 -18.41
CA ILE A 21 2.02 -13.99 -19.32
C ILE A 21 1.88 -15.09 -20.38
N THR A 22 2.41 -16.28 -20.09
CA THR A 22 2.35 -17.39 -21.02
C THR A 22 0.90 -17.68 -21.41
N ASP A 23 0.14 -18.24 -20.49
CA ASP A 23 -1.27 -18.55 -20.73
C ASP A 23 -2.01 -18.65 -19.40
N ILE A 24 -2.81 -19.70 -19.24
CA ILE A 24 -3.58 -19.92 -18.02
C ILE A 24 -3.90 -21.40 -17.85
N GLN A 25 -3.86 -22.15 -18.95
CA GLN A 25 -4.13 -23.57 -18.94
C GLN A 25 -2.97 -24.33 -18.29
N VAL A 26 -3.13 -25.64 -18.15
CA VAL A 26 -2.12 -26.49 -17.54
C VAL A 26 -0.71 -26.16 -18.05
N GLY A 27 0.27 -26.27 -17.15
CA GLY A 27 1.65 -25.99 -17.52
C GLY A 27 1.97 -24.50 -17.60
N SER A 28 0.98 -23.70 -17.96
CA SER A 28 1.16 -22.26 -18.08
C SER A 28 1.40 -21.62 -16.71
N ARG A 29 2.10 -20.49 -16.70
CA ARG A 29 2.42 -19.79 -15.46
C ARG A 29 2.25 -18.28 -15.64
N ILE A 30 1.91 -17.59 -14.56
CA ILE A 30 1.71 -16.15 -14.59
C ILE A 30 2.21 -15.50 -13.31
N THR A 31 1.90 -14.22 -13.13
CA THR A 31 2.34 -13.50 -11.92
C THR A 31 1.34 -12.43 -11.52
N TYR A 32 0.97 -12.43 -10.24
CA TYR A 32 0.04 -11.45 -9.69
C TYR A 32 0.80 -10.32 -9.00
N SER A 33 0.20 -9.15 -8.90
CA SER A 33 0.85 -8.02 -8.25
C SER A 33 -0.15 -6.93 -7.84
N CYS A 34 -0.08 -6.54 -6.57
CA CYS A 34 -0.95 -5.51 -6.03
C CYS A 34 -0.41 -4.12 -6.34
N THR A 35 -0.11 -3.87 -7.61
CA THR A 35 0.42 -2.59 -8.07
C THR A 35 1.40 -1.99 -7.05
N THR A 36 1.44 -0.67 -7.03
CA THR A 36 2.33 0.08 -6.14
C THR A 36 1.64 0.50 -4.85
N GLY A 37 2.39 0.43 -3.75
CA GLY A 37 1.87 0.84 -2.45
C GLY A 37 0.79 -0.07 -1.90
N HIS A 38 0.97 -1.38 -2.04
CA HIS A 38 0.00 -2.35 -1.54
C HIS A 38 0.69 -3.68 -1.22
N ARG A 39 0.36 -4.24 -0.06
CA ARG A 39 0.94 -5.52 0.35
C ARG A 39 0.20 -6.68 -0.30
N LEU A 40 0.94 -7.49 -1.05
CA LEU A 40 0.36 -8.64 -1.75
C LEU A 40 0.09 -9.80 -0.79
N ILE A 41 -1.13 -10.32 -0.83
CA ILE A 41 -1.53 -11.44 0.02
C ILE A 41 -1.53 -12.74 -0.79
N GLY A 42 -1.19 -13.85 -0.13
CA GLY A 42 -1.13 -15.13 -0.82
C GLY A 42 0.18 -15.31 -1.55
N HIS A 43 0.11 -15.47 -2.87
CA HIS A 43 1.31 -15.66 -3.67
C HIS A 43 1.15 -15.09 -5.07
N SER A 44 2.12 -14.28 -5.49
CA SER A 44 2.10 -13.68 -6.81
C SER A 44 2.35 -14.72 -7.88
N SER A 45 3.32 -15.60 -7.64
CA SER A 45 3.65 -16.64 -8.60
C SER A 45 2.64 -17.77 -8.52
N ALA A 46 2.20 -18.25 -9.68
CA ALA A 46 1.22 -19.33 -9.73
C ALA A 46 1.36 -20.15 -11.01
N GLU A 47 1.02 -21.43 -10.91
CA GLU A 47 1.09 -22.34 -12.06
C GLU A 47 -0.17 -23.16 -12.17
N CYS A 48 -0.73 -23.22 -13.36
CA CYS A 48 -1.95 -23.96 -13.61
C CYS A 48 -1.73 -25.47 -13.54
N ILE A 49 -2.02 -26.05 -12.37
CA ILE A 49 -1.88 -27.49 -12.21
C ILE A 49 -3.18 -28.18 -12.57
N LEU A 50 -3.26 -29.49 -12.39
CA LEU A 50 -4.47 -30.21 -12.71
C LEU A 50 -4.55 -31.54 -11.96
N SER A 51 -5.60 -31.68 -11.16
CA SER A 51 -5.82 -32.88 -10.38
C SER A 51 -6.46 -33.97 -11.24
N GLY A 52 -7.52 -33.59 -11.96
CA GLY A 52 -8.21 -34.54 -12.81
C GLY A 52 -9.54 -34.02 -13.32
N ASN A 53 -10.35 -33.49 -12.41
CA ASN A 53 -11.68 -32.97 -12.76
C ASN A 53 -11.57 -31.63 -13.48
N THR A 54 -10.82 -30.70 -12.90
CA THR A 54 -10.65 -29.37 -13.47
C THR A 54 -9.30 -28.77 -13.11
N ALA A 55 -8.78 -27.93 -13.99
CA ALA A 55 -7.50 -27.28 -13.75
C ALA A 55 -7.64 -26.17 -12.72
N HIS A 56 -6.66 -26.06 -11.84
CA HIS A 56 -6.67 -25.04 -10.80
C HIS A 56 -5.25 -24.61 -10.44
N TRP A 57 -5.08 -23.35 -10.09
CA TRP A 57 -3.77 -22.82 -9.74
C TRP A 57 -3.34 -23.38 -8.39
N SER A 58 -2.10 -23.85 -8.32
CA SER A 58 -1.56 -24.41 -7.09
C SER A 58 -1.72 -23.45 -5.91
N THR A 59 -1.73 -22.16 -6.21
CA THR A 59 -1.88 -21.14 -5.17
C THR A 59 -3.35 -20.83 -4.90
N LYS A 60 -3.67 -19.54 -4.80
CA LYS A 60 -5.03 -19.09 -4.54
C LYS A 60 -5.14 -17.60 -4.80
N PRO A 61 -6.33 -17.13 -5.21
CA PRO A 61 -6.55 -15.71 -5.51
C PRO A 61 -5.86 -14.79 -4.51
N PRO A 62 -4.71 -14.21 -4.91
CA PRO A 62 -3.95 -13.30 -4.05
C PRO A 62 -4.72 -12.04 -3.70
N ILE A 63 -4.67 -11.66 -2.43
CA ILE A 63 -5.38 -10.47 -1.97
C ILE A 63 -4.42 -9.27 -1.97
N CYS A 64 -4.87 -8.15 -1.39
CA CYS A 64 -4.05 -6.95 -1.34
C CYS A 64 -4.44 -6.10 -0.14
N GLN A 65 -3.68 -6.24 0.95
CA GLN A 65 -3.94 -5.50 2.17
C GLN A 65 -3.34 -4.09 2.08
N ARG A 66 -4.15 -3.10 2.43
CA ARG A 66 -3.69 -1.71 2.38
C ARG A 66 -2.60 -1.47 3.41
N ILE A 67 -1.48 -0.90 2.96
CA ILE A 67 -0.36 -0.62 3.86
C ILE A 67 -0.77 0.41 4.91
N PRO A 68 -0.94 -0.04 6.18
CA PRO A 68 -1.35 0.84 7.27
C PRO A 68 -0.20 1.71 7.78
N CYS A 69 -0.50 2.98 8.01
CA CYS A 69 0.50 3.93 8.52
C CYS A 69 0.01 4.60 9.80
N GLY A 70 0.87 4.67 10.80
CA GLY A 70 0.49 5.28 12.06
C GLY A 70 0.52 6.79 12.01
N LEU A 71 0.71 7.43 13.16
CA LEU A 71 0.75 8.87 13.25
C LEU A 71 2.06 9.42 12.68
N PRO A 72 2.03 10.63 12.10
CA PRO A 72 3.22 11.26 11.52
C PRO A 72 4.12 11.83 12.61
N PRO A 73 5.45 11.75 12.43
CA PRO A 73 6.40 12.26 13.41
C PRO A 73 6.10 13.69 13.78
N THR A 74 5.57 13.85 14.98
CA THR A 74 5.19 15.17 15.48
C THR A 74 6.41 15.95 15.95
N ILE A 75 6.56 17.16 15.42
CA ILE A 75 7.67 18.03 15.78
C ILE A 75 7.31 18.91 16.98
N ALA A 76 8.23 19.04 17.93
CA ALA A 76 8.00 19.85 19.11
C ALA A 76 7.53 21.25 18.72
N ASN A 77 6.55 21.76 19.46
CA ASN A 77 5.99 23.09 19.21
C ASN A 77 5.08 23.09 17.97
N GLY A 78 5.46 22.30 16.97
CA GLY A 78 4.67 22.22 15.76
C GLY A 78 3.37 21.46 15.95
N ASP A 79 2.28 22.04 15.45
CA ASP A 79 0.97 21.42 15.57
C ASP A 79 0.75 20.35 14.51
N PHE A 80 -0.51 20.04 14.25
CA PHE A 80 -0.88 19.04 13.25
C PHE A 80 -2.30 19.29 12.73
N ILE A 81 -2.47 19.25 11.41
CA ILE A 81 -3.78 19.46 10.80
C ILE A 81 -4.00 18.55 9.61
N SER A 82 -4.76 19.06 8.64
CA SER A 82 -5.08 18.33 7.40
C SER A 82 -6.16 17.27 7.63
N THR A 83 -6.28 16.35 6.66
CA THR A 83 -7.27 15.29 6.71
C THR A 83 -6.99 14.32 7.85
N ASN A 84 -5.72 13.95 8.02
CA ASN A 84 -5.31 13.02 9.05
C ASN A 84 -5.82 13.47 10.43
N ARG A 85 -6.27 12.50 11.23
CA ARG A 85 -6.79 12.77 12.57
C ARG A 85 -6.65 11.55 13.47
N GLU A 86 -7.06 10.39 12.95
CA GLU A 86 -6.97 9.14 13.70
C GLU A 86 -7.08 7.94 12.76
N ASN A 87 -8.03 8.01 11.83
CA ASN A 87 -8.25 6.93 10.86
C ASN A 87 -7.13 6.87 9.83
N PHE A 88 -5.89 6.69 10.29
CA PHE A 88 -4.74 6.62 9.39
C PHE A 88 -4.67 5.27 8.69
N HIS A 89 -4.47 5.30 7.38
CA HIS A 89 -4.38 4.09 6.57
C HIS A 89 -3.15 4.12 5.66
N TYR A 90 -3.06 5.16 4.83
CA TYR A 90 -1.95 5.32 3.89
C TYR A 90 -2.23 6.47 2.92
N GLY A 91 -1.17 7.11 2.45
CA GLY A 91 -1.33 8.22 1.51
C GLY A 91 -1.78 9.51 2.16
N SER A 92 -2.57 9.41 3.24
CA SER A 92 -3.07 10.59 3.94
C SER A 92 -1.96 11.61 4.16
N VAL A 93 -2.25 12.86 3.81
CA VAL A 93 -1.28 13.95 3.96
C VAL A 93 -1.60 14.80 5.19
N VAL A 94 -0.55 15.32 5.83
CA VAL A 94 -0.73 16.15 7.02
C VAL A 94 0.11 17.42 6.93
N THR A 95 -0.50 18.56 7.28
CA THR A 95 0.20 19.82 7.24
C THR A 95 0.70 20.22 8.64
N TYR A 96 2.01 20.43 8.74
CA TYR A 96 2.63 20.82 10.00
C TYR A 96 2.58 22.34 10.20
N ARG A 97 2.88 22.76 11.42
CA ARG A 97 2.89 24.18 11.78
C ARG A 97 3.73 24.38 13.04
N CYS A 98 3.38 25.39 13.83
CA CYS A 98 4.10 25.67 15.07
C CYS A 98 3.29 26.59 15.97
N ASN A 99 3.58 26.56 17.27
CA ASN A 99 2.86 27.38 18.24
C ASN A 99 2.88 28.86 17.88
N LEU A 100 1.85 29.57 18.34
CA LEU A 100 1.69 31.00 18.09
C LEU A 100 0.84 31.63 19.18
N GLY A 101 1.13 31.22 20.41
CA GLY A 101 0.40 31.73 21.56
C GLY A 101 -1.01 31.17 21.64
N SER A 102 -1.81 31.41 20.61
CA SER A 102 -3.18 30.93 20.55
C SER A 102 -3.88 31.48 19.32
N ARG A 103 -3.33 32.54 18.75
CA ARG A 103 -3.92 33.18 17.57
C ARG A 103 -2.87 33.93 16.75
N GLY A 104 -1.82 33.21 16.36
CA GLY A 104 -0.75 33.84 15.59
C GLY A 104 0.10 34.77 16.43
N ARG A 105 1.41 34.58 16.36
CA ARG A 105 2.35 35.40 17.11
C ARG A 105 3.79 35.00 16.81
N LYS A 106 4.69 35.98 16.81
CA LYS A 106 6.10 35.71 16.52
C LYS A 106 6.71 34.83 17.61
N VAL A 107 6.48 33.53 17.50
CA VAL A 107 7.01 32.56 18.45
C VAL A 107 7.21 31.21 17.77
N PHE A 108 8.39 31.04 17.20
CA PHE A 108 8.76 29.82 16.49
C PHE A 108 8.00 29.72 15.17
N GLU A 109 8.68 29.24 14.13
CA GLU A 109 8.07 29.11 12.81
C GLU A 109 8.55 27.84 12.12
N LEU A 110 7.63 27.19 11.39
CA LEU A 110 7.94 25.96 10.68
C LEU A 110 8.88 26.25 9.52
N VAL A 111 9.87 25.38 9.35
CA VAL A 111 10.82 25.52 8.28
C VAL A 111 11.13 24.16 7.66
N GLY A 112 11.00 24.08 6.34
CA GLY A 112 11.26 22.86 5.61
C GLY A 112 10.16 21.82 5.71
N GLU A 113 9.88 21.18 4.57
CA GLU A 113 8.86 20.14 4.46
C GLU A 113 7.64 20.44 5.33
N PRO A 114 6.96 21.57 5.09
CA PRO A 114 5.76 21.95 5.87
C PRO A 114 4.61 20.96 5.68
N SER A 115 4.88 19.86 4.97
CA SER A 115 3.86 18.85 4.73
C SER A 115 4.49 17.49 4.44
N ILE A 116 3.80 16.43 4.86
CA ILE A 116 4.27 15.06 4.63
C ILE A 116 3.11 14.15 4.30
N TYR A 117 3.40 12.88 4.08
CA TYR A 117 2.36 11.92 3.75
C TYR A 117 2.79 10.49 3.99
N CYS A 118 1.83 9.62 4.23
CA CYS A 118 2.10 8.21 4.48
C CYS A 118 2.76 7.56 3.26
N THR A 119 3.65 6.61 3.51
CA THR A 119 4.33 5.91 2.43
C THR A 119 4.79 4.54 2.92
N SER A 120 5.79 3.95 2.27
CA SER A 120 6.30 2.64 2.65
C SER A 120 7.77 2.47 2.28
N ASN A 121 8.51 1.79 3.15
CA ASN A 121 9.92 1.54 2.92
C ASN A 121 10.43 0.45 3.85
N ASP A 122 9.54 -0.48 4.20
CA ASP A 122 9.89 -1.59 5.08
C ASP A 122 8.65 -2.43 5.39
N ASP A 123 7.95 -2.84 4.34
CA ASP A 123 6.74 -3.65 4.48
C ASP A 123 5.67 -2.85 5.21
N GLN A 124 5.08 -3.44 6.25
CA GLN A 124 4.04 -2.77 7.02
C GLN A 124 4.62 -1.58 7.79
N VAL A 125 4.19 -1.39 9.04
CA VAL A 125 4.66 -0.28 9.88
C VAL A 125 4.10 1.06 9.43
N GLY A 126 4.10 1.28 8.13
CA GLY A 126 3.59 2.53 7.59
C GLY A 126 4.46 3.72 7.95
N ILE A 127 5.69 3.72 7.44
CA ILE A 127 6.62 4.82 7.72
C ILE A 127 6.36 5.99 6.79
N TRP A 128 6.36 7.19 7.36
CA TRP A 128 6.11 8.39 6.57
C TRP A 128 7.36 8.80 5.80
N SER A 129 7.40 10.07 5.37
CA SER A 129 8.52 10.59 4.62
C SER A 129 9.66 10.98 5.54
N GLY A 130 9.44 11.99 6.37
CA GLY A 130 10.48 12.44 7.30
C GLY A 130 10.07 13.62 8.16
N PRO A 131 10.52 13.67 9.43
CA PRO A 131 10.20 14.76 10.35
C PRO A 131 11.15 15.96 10.17
N ALA A 132 11.30 16.38 8.92
CA ALA A 132 12.19 17.50 8.59
C ALA A 132 11.73 18.83 9.21
N PRO A 133 10.42 19.14 9.19
CA PRO A 133 9.89 20.39 9.74
C PRO A 133 10.47 20.74 11.10
N GLN A 134 10.80 22.01 11.29
CA GLN A 134 11.37 22.48 12.55
C GLN A 134 11.01 23.92 12.83
N CYS A 135 10.76 24.24 14.10
CA CYS A 135 10.41 25.60 14.50
C CYS A 135 11.67 26.45 14.69
N ILE A 136 11.64 27.68 14.20
CA ILE A 136 12.78 28.59 14.34
C ILE A 136 12.32 30.04 14.38
N GLU A 1 -15.33 -25.80 -24.28
CA GLU A 1 -15.67 -25.90 -22.84
C GLU A 1 -14.50 -25.50 -21.96
N ALA A 2 -13.30 -25.92 -22.36
CA ALA A 2 -12.08 -25.60 -21.62
C ALA A 2 -10.85 -26.03 -22.39
N GLU A 3 -10.91 -27.23 -22.95
CA GLU A 3 -9.82 -27.78 -23.75
C GLU A 3 -8.57 -28.00 -22.89
N ALA A 4 -8.09 -29.24 -22.89
CA ALA A 4 -6.88 -29.60 -22.14
C ALA A 4 -6.86 -28.97 -20.75
N LYS A 5 -8.04 -28.92 -20.11
CA LYS A 5 -8.15 -28.34 -18.77
C LYS A 5 -7.76 -26.87 -18.76
N SER A 6 -8.44 -26.09 -17.93
CA SER A 6 -8.16 -24.66 -17.82
C SER A 6 -8.64 -24.09 -16.50
N CYS A 7 -7.79 -23.28 -15.88
CA CYS A 7 -8.12 -22.64 -14.61
C CYS A 7 -9.03 -21.43 -14.83
N LYS A 8 -9.66 -20.97 -13.76
CA LYS A 8 -10.55 -19.82 -13.86
C LYS A 8 -9.79 -18.57 -14.28
N THR A 9 -10.26 -17.92 -15.35
CA THR A 9 -9.62 -16.72 -15.85
C THR A 9 -9.94 -15.50 -14.99
N PRO A 10 -8.92 -14.94 -14.33
CA PRO A 10 -9.09 -13.77 -13.48
C PRO A 10 -9.01 -12.47 -14.26
N PRO A 11 -10.14 -11.75 -14.40
CA PRO A 11 -10.17 -10.48 -15.13
C PRO A 11 -9.21 -9.48 -14.51
N ASP A 12 -9.16 -9.48 -13.18
CA ASP A 12 -8.29 -8.61 -12.42
C ASP A 12 -8.49 -8.85 -10.93
N PRO A 13 -7.44 -9.28 -10.21
CA PRO A 13 -7.51 -9.56 -8.78
C PRO A 13 -7.81 -8.32 -7.95
N VAL A 14 -7.32 -8.33 -6.72
CA VAL A 14 -7.50 -7.22 -5.78
C VAL A 14 -7.06 -5.88 -6.40
N ASN A 15 -6.35 -5.07 -5.63
CA ASN A 15 -5.87 -3.78 -6.11
C ASN A 15 -4.86 -3.97 -7.23
N GLY A 16 -4.10 -5.04 -7.14
CA GLY A 16 -3.09 -5.32 -8.14
C GLY A 16 -3.69 -5.70 -9.48
N MET A 17 -2.99 -6.57 -10.21
CA MET A 17 -3.45 -7.03 -11.53
C MET A 17 -2.81 -8.38 -11.87
N VAL A 18 -3.58 -9.25 -12.51
CA VAL A 18 -3.10 -10.57 -12.89
C VAL A 18 -2.51 -10.56 -14.29
N HIS A 19 -1.47 -11.34 -14.51
CA HIS A 19 -0.83 -11.42 -15.81
C HIS A 19 -0.87 -12.85 -16.32
N VAL A 20 -1.64 -13.08 -17.38
CA VAL A 20 -1.77 -14.41 -17.97
C VAL A 20 -0.45 -14.88 -18.55
N ILE A 21 0.24 -13.96 -19.20
CA ILE A 21 1.54 -14.24 -19.81
C ILE A 21 1.40 -15.26 -20.94
N THR A 22 1.69 -16.51 -20.65
CA THR A 22 1.60 -17.57 -21.65
C THR A 22 0.16 -18.04 -21.82
N ASP A 23 -0.48 -18.41 -20.72
CA ASP A 23 -1.87 -18.89 -20.74
C ASP A 23 -2.44 -18.99 -19.33
N ILE A 24 -3.48 -19.83 -19.18
CA ILE A 24 -4.12 -20.04 -17.90
C ILE A 24 -4.83 -21.41 -17.86
N GLN A 25 -4.57 -22.22 -18.89
CA GLN A 25 -5.18 -23.54 -18.99
C GLN A 25 -4.57 -24.51 -17.99
N VAL A 26 -3.26 -24.51 -17.91
CA VAL A 26 -2.51 -25.38 -17.00
C VAL A 26 -1.03 -25.36 -17.37
N GLY A 27 -0.17 -25.59 -16.36
CA GLY A 27 1.26 -25.57 -16.59
C GLY A 27 1.78 -24.14 -16.62
N SER A 28 1.02 -23.25 -17.25
CA SER A 28 1.40 -21.85 -17.33
C SER A 28 1.29 -21.17 -15.97
N ARG A 29 2.23 -20.27 -15.70
CA ARG A 29 2.23 -19.55 -14.43
C ARG A 29 1.93 -18.07 -14.64
N ILE A 30 0.83 -17.60 -14.04
CA ILE A 30 0.44 -16.21 -14.16
C ILE A 30 1.04 -15.40 -13.01
N THR A 31 1.53 -14.20 -13.32
CA THR A 31 2.15 -13.36 -12.30
C THR A 31 1.25 -12.21 -11.85
N TYR A 32 1.15 -12.05 -10.53
CA TYR A 32 0.33 -10.99 -9.94
C TYR A 32 1.23 -9.84 -9.48
N SER A 33 0.70 -8.63 -9.45
CA SER A 33 1.48 -7.47 -9.02
C SER A 33 0.58 -6.36 -8.46
N CYS A 34 0.89 -5.93 -7.24
CA CYS A 34 0.12 -4.87 -6.58
C CYS A 34 0.82 -3.52 -6.72
N THR A 35 0.20 -2.48 -6.18
CA THR A 35 0.76 -1.13 -6.26
C THR A 35 2.07 -1.01 -5.48
N THR A 36 2.41 0.21 -5.11
CA THR A 36 3.64 0.48 -4.37
C THR A 36 3.45 0.32 -2.86
N GLY A 37 2.66 1.21 -2.28
CA GLY A 37 2.41 1.18 -0.85
C GLY A 37 1.35 0.17 -0.45
N HIS A 38 1.39 -1.01 -1.06
CA HIS A 38 0.42 -2.05 -0.74
C HIS A 38 1.05 -3.44 -0.92
N ARG A 39 0.98 -4.25 0.14
CA ARG A 39 1.53 -5.60 0.09
C ARG A 39 0.47 -6.62 -0.27
N LEU A 40 0.68 -7.35 -1.35
CA LEU A 40 -0.27 -8.36 -1.80
C LEU A 40 -0.19 -9.62 -0.93
N ILE A 41 -1.35 -10.16 -0.58
CA ILE A 41 -1.42 -11.36 0.25
C ILE A 41 -1.71 -12.60 -0.61
N GLY A 42 -1.21 -13.75 -0.16
CA GLY A 42 -1.40 -14.99 -0.89
C GLY A 42 -0.50 -15.11 -2.10
N HIS A 43 0.71 -14.58 -1.96
CA HIS A 43 1.72 -14.64 -3.01
C HIS A 43 1.24 -13.98 -4.30
N SER A 44 2.09 -13.11 -4.85
CA SER A 44 1.77 -12.41 -6.10
C SER A 44 2.11 -13.28 -7.30
N SER A 45 1.78 -14.57 -7.19
CA SER A 45 2.05 -15.53 -8.26
C SER A 45 1.21 -16.79 -8.07
N ALA A 46 0.84 -17.42 -9.17
CA ALA A 46 0.03 -18.64 -9.12
C ALA A 46 0.15 -19.44 -10.41
N GLU A 47 0.48 -20.73 -10.28
CA GLU A 47 0.62 -21.60 -11.44
C GLU A 47 -0.60 -22.50 -11.58
N CYS A 48 -1.21 -22.47 -12.76
CA CYS A 48 -2.39 -23.29 -13.04
C CYS A 48 -2.02 -24.76 -13.08
N ILE A 49 -1.98 -25.41 -11.92
CA ILE A 49 -1.62 -26.82 -11.86
C ILE A 49 -2.86 -27.69 -12.05
N LEU A 50 -2.76 -28.96 -11.67
CA LEU A 50 -3.88 -29.89 -11.79
C LEU A 50 -3.72 -31.05 -10.83
N SER A 51 -4.74 -31.29 -10.00
CA SER A 51 -4.69 -32.38 -9.04
C SER A 51 -4.98 -33.73 -9.72
N GLY A 52 -6.12 -33.81 -10.39
CA GLY A 52 -6.48 -35.04 -11.07
C GLY A 52 -7.92 -35.03 -11.57
N ASN A 53 -8.35 -33.91 -12.13
CA ASN A 53 -9.71 -33.79 -12.64
C ASN A 53 -9.95 -32.42 -13.28
N THR A 54 -9.36 -31.40 -12.69
CA THR A 54 -9.55 -30.03 -13.18
C THR A 54 -8.35 -29.15 -12.89
N ALA A 55 -8.10 -28.18 -13.76
CA ALA A 55 -6.98 -27.26 -13.58
C ALA A 55 -7.30 -26.25 -12.49
N HIS A 56 -6.37 -26.03 -11.58
CA HIS A 56 -6.56 -25.09 -10.48
C HIS A 56 -5.24 -24.46 -10.05
N TRP A 57 -5.30 -23.20 -9.63
CA TRP A 57 -4.12 -22.47 -9.20
C TRP A 57 -3.63 -23.03 -7.86
N SER A 58 -2.37 -23.46 -7.84
CA SER A 58 -1.77 -24.02 -6.64
C SER A 58 -1.92 -23.08 -5.45
N THR A 59 -2.04 -21.78 -5.72
CA THR A 59 -2.16 -20.79 -4.66
C THR A 59 -3.61 -20.59 -4.23
N LYS A 60 -3.95 -19.34 -3.89
CA LYS A 60 -5.30 -19.00 -3.45
C LYS A 60 -5.62 -17.54 -3.80
N PRO A 61 -6.92 -17.16 -3.83
CA PRO A 61 -7.33 -15.80 -4.15
C PRO A 61 -6.43 -14.74 -3.53
N PRO A 62 -5.87 -13.85 -4.35
CA PRO A 62 -4.98 -12.77 -3.89
C PRO A 62 -5.72 -11.57 -3.32
N ILE A 63 -5.11 -10.94 -2.31
CA ILE A 63 -5.70 -9.77 -1.68
C ILE A 63 -4.59 -8.86 -1.17
N CYS A 64 -4.47 -7.67 -1.76
CA CYS A 64 -3.42 -6.73 -1.38
C CYS A 64 -3.86 -5.85 -0.20
N GLN A 65 -3.11 -5.92 0.88
CA GLN A 65 -3.39 -5.15 2.08
C GLN A 65 -2.80 -3.75 2.02
N ARG A 66 -3.59 -2.76 2.44
CA ARG A 66 -3.14 -1.37 2.43
C ARG A 66 -2.18 -1.13 3.59
N ILE A 67 -1.01 -0.58 3.30
CA ILE A 67 -0.02 -0.30 4.33
C ILE A 67 -0.39 0.95 5.13
N PRO A 68 -0.81 0.77 6.41
CA PRO A 68 -1.18 1.89 7.28
C PRO A 68 0.06 2.65 7.75
N CYS A 69 0.11 3.94 7.46
CA CYS A 69 1.26 4.75 7.84
C CYS A 69 1.09 5.36 9.23
N GLY A 70 0.34 4.67 10.07
CA GLY A 70 0.11 5.12 11.45
C GLY A 70 -0.03 6.62 11.60
N LEU A 71 0.20 7.11 12.82
CA LEU A 71 0.10 8.52 13.13
C LEU A 71 1.29 9.31 12.58
N PRO A 72 1.06 10.56 12.15
CA PRO A 72 2.12 11.42 11.62
C PRO A 72 3.18 11.73 12.67
N PRO A 73 4.46 11.84 12.28
CA PRO A 73 5.54 12.13 13.22
C PRO A 73 5.19 13.30 14.14
N THR A 74 5.04 13.01 15.42
CA THR A 74 4.68 14.03 16.40
C THR A 74 5.86 14.90 16.78
N ILE A 75 5.58 16.20 16.96
CA ILE A 75 6.60 17.16 17.35
C ILE A 75 6.00 18.26 18.20
N ALA A 76 6.53 18.41 19.41
CA ALA A 76 6.06 19.41 20.35
C ALA A 76 5.94 20.78 19.67
N ASN A 77 4.83 21.47 19.94
CA ASN A 77 4.56 22.79 19.37
C ASN A 77 4.14 22.68 17.91
N GLY A 78 4.77 21.77 17.18
CA GLY A 78 4.45 21.60 15.77
C GLY A 78 3.09 20.98 15.55
N ASP A 79 2.03 21.78 15.71
CA ASP A 79 0.68 21.29 15.52
C ASP A 79 0.42 20.97 14.06
N PHE A 80 -0.03 19.74 13.79
CA PHE A 80 -0.30 19.31 12.43
C PHE A 80 -1.77 19.54 12.06
N ILE A 81 -2.01 19.84 10.79
CA ILE A 81 -3.37 20.08 10.30
C ILE A 81 -4.01 18.76 9.89
N SER A 82 -5.34 18.74 9.83
CA SER A 82 -6.08 17.53 9.47
C SER A 82 -6.08 16.57 10.66
N THR A 83 -7.18 15.84 10.86
CA THR A 83 -7.25 14.92 11.98
C THR A 83 -6.25 13.79 11.83
N ASN A 84 -6.36 13.06 10.72
CA ASN A 84 -5.50 11.92 10.46
C ASN A 84 -5.72 10.88 11.55
N ARG A 85 -5.10 11.11 12.70
CA ARG A 85 -5.24 10.24 13.84
C ARG A 85 -5.24 8.77 13.42
N GLU A 86 -6.24 8.01 13.87
CA GLU A 86 -6.34 6.60 13.51
C GLU A 86 -6.86 6.46 12.08
N ASN A 87 -7.63 5.40 11.82
CA ASN A 87 -8.19 5.14 10.48
C ASN A 87 -7.19 5.57 9.41
N PHE A 88 -5.92 5.36 9.69
CA PHE A 88 -4.84 5.73 8.78
C PHE A 88 -4.51 4.61 7.80
N HIS A 89 -3.79 4.97 6.74
CA HIS A 89 -3.38 4.02 5.72
C HIS A 89 -2.28 4.63 4.85
N TYR A 90 -2.03 4.01 3.70
CA TYR A 90 -1.01 4.50 2.78
C TYR A 90 -1.30 5.93 2.32
N GLY A 91 -0.26 6.65 1.94
CA GLY A 91 -0.41 8.01 1.46
C GLY A 91 -0.85 9.01 2.51
N SER A 92 -0.83 8.60 3.77
CA SER A 92 -1.22 9.49 4.86
C SER A 92 -0.50 10.83 4.72
N VAL A 93 -1.23 11.93 4.87
CA VAL A 93 -0.63 13.25 4.73
C VAL A 93 -1.27 14.29 5.65
N VAL A 94 -0.43 15.18 6.16
CA VAL A 94 -0.87 16.26 7.04
C VAL A 94 0.06 17.46 6.94
N THR A 95 -0.52 18.65 6.81
CA THR A 95 0.27 19.87 6.68
C THR A 95 0.53 20.52 8.04
N TYR A 96 1.81 20.74 8.35
CA TYR A 96 2.18 21.37 9.61
C TYR A 96 1.86 22.86 9.58
N ARG A 97 1.65 23.46 10.75
CA ARG A 97 1.33 24.88 10.82
C ARG A 97 1.86 25.53 12.10
N CYS A 98 2.54 24.74 12.93
CA CYS A 98 3.12 25.25 14.18
C CYS A 98 2.00 25.72 15.13
N ASN A 99 2.29 25.66 16.44
CA ASN A 99 1.32 26.05 17.47
C ASN A 99 0.93 27.52 17.38
N LEU A 100 1.92 28.40 17.28
CA LEU A 100 1.67 29.84 17.22
C LEU A 100 1.08 30.30 15.89
N GLY A 101 0.17 29.49 15.37
CA GLY A 101 -0.52 29.84 14.14
C GLY A 101 -1.76 30.63 14.48
N SER A 102 -2.22 30.41 15.70
CA SER A 102 -3.40 31.10 16.22
C SER A 102 -3.29 31.21 17.74
N ARG A 103 -3.32 32.45 18.24
CA ARG A 103 -3.20 32.75 19.67
C ARG A 103 -1.73 32.74 20.09
N GLY A 104 -0.90 33.37 19.27
CA GLY A 104 0.52 33.45 19.54
C GLY A 104 1.26 34.23 18.46
N ARG A 105 0.91 33.93 17.21
CA ARG A 105 1.53 34.58 16.05
C ARG A 105 3.01 34.26 15.96
N LYS A 106 3.65 34.77 14.90
CA LYS A 106 5.06 34.50 14.65
C LYS A 106 5.23 33.10 14.09
N VAL A 107 4.48 32.18 14.69
CA VAL A 107 4.49 30.78 14.28
C VAL A 107 5.89 30.26 14.11
N PHE A 108 6.77 30.66 15.02
CA PHE A 108 8.16 30.23 14.95
C PHE A 108 8.61 30.34 13.51
N GLU A 109 9.35 29.36 13.05
CA GLU A 109 9.78 29.31 11.66
C GLU A 109 9.95 27.88 11.20
N LEU A 110 9.21 27.53 10.15
CA LEU A 110 9.22 26.19 9.61
C LEU A 110 10.54 25.86 8.94
N VAL A 111 10.93 24.59 9.05
CA VAL A 111 12.16 24.10 8.46
C VAL A 111 11.92 22.73 7.82
N GLY A 112 12.37 22.58 6.58
CA GLY A 112 12.19 21.32 5.88
C GLY A 112 10.82 21.20 5.22
N GLU A 113 10.28 19.98 5.22
CA GLU A 113 8.98 19.72 4.62
C GLU A 113 7.83 20.38 5.39
N PRO A 114 6.99 21.16 4.69
CA PRO A 114 5.85 21.83 5.30
C PRO A 114 4.64 20.90 5.40
N SER A 115 4.74 19.75 4.74
CA SER A 115 3.67 18.77 4.75
C SER A 115 4.25 17.38 4.51
N ILE A 116 3.90 16.44 5.39
CA ILE A 116 4.39 15.08 5.29
C ILE A 116 3.48 14.22 4.45
N TYR A 117 4.09 13.27 3.77
CA TYR A 117 3.38 12.34 2.90
C TYR A 117 4.02 10.96 2.94
N CYS A 118 3.21 9.94 3.19
CA CYS A 118 3.70 8.57 3.27
C CYS A 118 4.28 8.11 1.93
N THR A 119 5.03 7.02 1.97
CA THR A 119 5.65 6.49 0.76
C THR A 119 5.94 5.00 0.90
N SER A 120 6.15 4.54 2.14
CA SER A 120 6.45 3.14 2.41
C SER A 120 7.79 2.72 1.79
N ASN A 121 8.48 1.81 2.46
CA ASN A 121 9.78 1.33 1.99
C ASN A 121 10.22 0.05 2.70
N ASP A 122 9.86 -0.09 3.97
CA ASP A 122 10.22 -1.27 4.75
C ASP A 122 9.64 -2.52 4.11
N ASP A 123 8.35 -2.77 4.36
CA ASP A 123 7.66 -3.93 3.82
C ASP A 123 6.15 -3.75 3.88
N GLN A 124 5.67 -3.22 5.01
CA GLN A 124 4.25 -2.99 5.21
C GLN A 124 4.01 -2.27 6.54
N VAL A 125 4.99 -1.48 6.95
CA VAL A 125 4.89 -0.74 8.20
C VAL A 125 4.14 0.58 7.98
N GLY A 126 4.80 1.71 8.20
CA GLY A 126 4.17 2.99 8.03
C GLY A 126 5.16 4.14 7.98
N ILE A 127 6.18 4.02 7.13
CA ILE A 127 7.20 5.06 7.01
C ILE A 127 6.73 6.19 6.09
N TRP A 128 6.78 7.42 6.60
CA TRP A 128 6.36 8.58 5.84
C TRP A 128 7.49 9.11 4.95
N SER A 129 7.47 10.40 4.69
CA SER A 129 8.48 11.05 3.86
C SER A 129 9.59 11.65 4.73
N GLY A 130 9.23 12.03 5.95
CA GLY A 130 10.20 12.63 6.86
C GLY A 130 9.70 12.68 8.29
N PRO A 131 10.62 12.68 9.27
CA PRO A 131 10.27 12.71 10.69
C PRO A 131 9.79 14.08 11.16
N ALA A 132 8.87 14.66 10.39
CA ALA A 132 8.30 15.97 10.71
C ALA A 132 9.35 17.08 10.64
N PRO A 133 8.96 18.27 10.14
CA PRO A 133 9.85 19.41 10.02
C PRO A 133 10.22 20.00 11.38
N GLN A 134 10.41 21.32 11.43
CA GLN A 134 10.76 21.98 12.68
C GLN A 134 10.24 23.42 12.71
N CYS A 135 9.52 23.76 13.79
CA CYS A 135 8.99 25.10 13.97
C CYS A 135 9.92 25.94 14.85
N ILE A 136 11.07 26.30 14.30
CA ILE A 136 12.05 27.09 15.04
C ILE A 136 12.77 28.08 14.12
N GLU A 1 -7.98 -29.11 -27.54
CA GLU A 1 -9.23 -28.80 -28.30
C GLU A 1 -10.28 -28.19 -27.38
N ALA A 2 -11.55 -28.53 -27.62
CA ALA A 2 -12.64 -28.02 -26.81
C ALA A 2 -12.52 -28.47 -25.37
N GLU A 3 -12.67 -27.53 -24.43
CA GLU A 3 -12.58 -27.84 -23.01
C GLU A 3 -11.25 -28.54 -22.71
N ALA A 4 -10.18 -28.02 -23.27
CA ALA A 4 -8.85 -28.58 -23.07
C ALA A 4 -8.27 -28.18 -21.71
N LYS A 5 -9.14 -28.13 -20.70
CA LYS A 5 -8.74 -27.77 -19.35
C LYS A 5 -8.18 -26.34 -19.29
N SER A 6 -8.79 -25.52 -18.46
CA SER A 6 -8.37 -24.13 -18.29
C SER A 6 -8.83 -23.58 -16.96
N CYS A 7 -7.91 -22.95 -16.25
CA CYS A 7 -8.22 -22.35 -14.96
C CYS A 7 -8.89 -21.00 -15.19
N LYS A 8 -9.87 -20.68 -14.36
CA LYS A 8 -10.59 -19.41 -14.50
C LYS A 8 -9.65 -18.24 -14.31
N THR A 9 -9.64 -17.34 -15.30
CA THR A 9 -8.79 -16.16 -15.25
C THR A 9 -9.25 -15.21 -14.15
N PRO A 10 -8.30 -14.73 -13.32
CA PRO A 10 -8.61 -13.81 -12.23
C PRO A 10 -9.12 -12.47 -12.77
N PRO A 11 -10.42 -12.19 -12.59
CA PRO A 11 -11.02 -10.94 -13.06
C PRO A 11 -10.19 -9.73 -12.65
N ASP A 12 -9.78 -9.71 -11.38
CA ASP A 12 -8.98 -8.63 -10.84
C ASP A 12 -8.67 -8.85 -9.36
N PRO A 13 -7.39 -9.12 -9.03
CA PRO A 13 -6.97 -9.35 -7.65
C PRO A 13 -7.19 -8.12 -6.78
N VAL A 14 -7.37 -8.35 -5.48
CA VAL A 14 -7.60 -7.26 -4.53
C VAL A 14 -6.57 -6.15 -4.70
N ASN A 15 -7.00 -5.08 -5.39
CA ASN A 15 -6.15 -3.92 -5.66
C ASN A 15 -5.11 -4.21 -6.73
N GLY A 16 -4.39 -5.32 -6.56
CA GLY A 16 -3.37 -5.70 -7.51
C GLY A 16 -3.94 -6.23 -8.81
N MET A 17 -3.30 -5.88 -9.92
CA MET A 17 -3.76 -6.34 -11.23
C MET A 17 -3.10 -7.67 -11.60
N VAL A 18 -3.88 -8.57 -12.18
CA VAL A 18 -3.38 -9.87 -12.59
C VAL A 18 -2.72 -9.78 -13.96
N HIS A 19 -1.75 -10.64 -14.21
CA HIS A 19 -1.05 -10.62 -15.49
C HIS A 19 -1.21 -11.95 -16.24
N VAL A 20 -2.38 -12.16 -16.82
CA VAL A 20 -2.65 -13.36 -17.61
C VAL A 20 -1.93 -13.22 -18.95
N ILE A 21 -0.61 -13.39 -18.90
CA ILE A 21 0.23 -13.22 -20.08
C ILE A 21 0.12 -14.41 -21.04
N THR A 22 0.74 -15.52 -20.68
CA THR A 22 0.73 -16.71 -21.52
C THR A 22 -0.71 -17.14 -21.81
N ASP A 23 -1.25 -17.98 -20.94
CA ASP A 23 -2.61 -18.46 -21.09
C ASP A 23 -3.06 -19.17 -19.82
N ILE A 24 -4.36 -19.15 -19.55
CA ILE A 24 -4.87 -19.81 -18.35
C ILE A 24 -5.09 -21.29 -18.62
N GLN A 25 -4.31 -21.82 -19.55
CA GLN A 25 -4.37 -23.23 -19.91
C GLN A 25 -3.39 -24.02 -19.05
N VAL A 26 -3.71 -25.29 -18.83
CA VAL A 26 -2.85 -26.17 -18.03
C VAL A 26 -1.38 -26.02 -18.39
N GLY A 27 -0.50 -26.17 -17.40
CA GLY A 27 0.93 -26.06 -17.62
C GLY A 27 1.46 -24.64 -17.61
N SER A 28 0.71 -23.69 -18.19
CA SER A 28 1.16 -22.30 -18.23
C SER A 28 1.14 -21.69 -16.85
N ARG A 29 1.61 -20.44 -16.75
CA ARG A 29 1.66 -19.74 -15.47
C ARG A 29 1.68 -18.22 -15.67
N ILE A 30 0.77 -17.54 -14.97
CA ILE A 30 0.68 -16.08 -15.06
C ILE A 30 1.43 -15.40 -13.92
N THR A 31 1.15 -14.13 -13.69
CA THR A 31 1.82 -13.39 -12.62
C THR A 31 0.93 -12.30 -12.03
N TYR A 32 0.82 -12.27 -10.71
CA TYR A 32 0.01 -11.28 -10.01
C TYR A 32 0.89 -10.15 -9.48
N SER A 33 0.36 -8.94 -9.44
CA SER A 33 1.13 -7.80 -8.94
C SER A 33 0.22 -6.74 -8.32
N CYS A 34 0.59 -6.28 -7.13
CA CYS A 34 -0.18 -5.27 -6.42
C CYS A 34 0.14 -3.86 -6.94
N THR A 35 0.51 -2.97 -6.02
CA THR A 35 0.84 -1.59 -6.38
C THR A 35 1.58 -0.89 -5.25
N THR A 36 1.98 0.34 -5.53
CA THR A 36 2.70 1.16 -4.58
C THR A 36 2.00 1.18 -3.21
N GLY A 37 2.77 0.95 -2.16
CA GLY A 37 2.22 0.94 -0.81
C GLY A 37 1.18 -0.12 -0.58
N HIS A 38 1.48 -1.35 -0.98
CA HIS A 38 0.54 -2.46 -0.80
C HIS A 38 1.30 -3.78 -0.64
N ARG A 39 1.05 -4.46 0.48
CA ARG A 39 1.71 -5.73 0.75
C ARG A 39 0.99 -6.89 0.05
N LEU A 40 1.67 -7.51 -0.89
CA LEU A 40 1.10 -8.63 -1.64
C LEU A 40 1.09 -9.92 -0.82
N ILE A 41 -0.08 -10.55 -0.75
CA ILE A 41 -0.23 -11.81 -0.04
C ILE A 41 -0.19 -12.96 -1.04
N GLY A 42 0.46 -14.06 -0.67
CA GLY A 42 0.58 -15.19 -1.58
C GLY A 42 1.63 -14.92 -2.64
N HIS A 43 1.92 -15.92 -3.46
CA HIS A 43 2.93 -15.79 -4.51
C HIS A 43 2.42 -14.94 -5.66
N SER A 44 3.27 -14.04 -6.16
CA SER A 44 2.91 -13.17 -7.27
C SER A 44 2.93 -13.95 -8.60
N SER A 45 2.63 -15.23 -8.52
CA SER A 45 2.61 -16.10 -9.69
C SER A 45 1.82 -17.36 -9.40
N ALA A 46 1.23 -17.96 -10.44
CA ALA A 46 0.44 -19.17 -10.26
C ALA A 46 0.48 -20.04 -11.51
N GLU A 47 0.80 -21.31 -11.32
CA GLU A 47 0.86 -22.28 -12.41
C GLU A 47 -0.50 -22.94 -12.59
N CYS A 48 -1.05 -22.83 -13.80
CA CYS A 48 -2.34 -23.42 -14.10
C CYS A 48 -2.27 -24.94 -14.14
N ILE A 49 -2.29 -25.57 -12.97
CA ILE A 49 -2.22 -27.02 -12.90
C ILE A 49 -3.62 -27.63 -12.99
N LEU A 50 -3.87 -28.69 -12.25
CA LEU A 50 -5.19 -29.34 -12.28
C LEU A 50 -5.41 -30.16 -11.01
N SER A 51 -6.47 -29.83 -10.28
CA SER A 51 -6.81 -30.52 -9.04
C SER A 51 -7.76 -31.69 -9.27
N GLY A 52 -7.45 -32.51 -10.28
CA GLY A 52 -8.29 -33.66 -10.58
C GLY A 52 -9.58 -33.28 -11.29
N ASN A 53 -10.38 -32.43 -10.67
CA ASN A 53 -11.64 -32.00 -11.25
C ASN A 53 -11.41 -31.17 -12.52
N THR A 54 -10.70 -30.05 -12.37
CA THR A 54 -10.39 -29.19 -13.50
C THR A 54 -9.08 -28.45 -13.27
N ALA A 55 -8.77 -27.50 -14.15
CA ALA A 55 -7.54 -26.73 -14.03
C ALA A 55 -7.65 -25.69 -12.92
N HIS A 56 -6.59 -25.56 -12.13
CA HIS A 56 -6.57 -24.61 -11.01
C HIS A 56 -5.15 -24.12 -10.75
N TRP A 57 -5.03 -22.90 -10.24
CA TRP A 57 -3.73 -22.32 -9.95
C TRP A 57 -3.11 -23.00 -8.73
N SER A 58 -1.87 -23.45 -8.91
CA SER A 58 -1.14 -24.12 -7.84
C SER A 58 -1.10 -23.29 -6.56
N THR A 59 -1.19 -21.98 -6.69
CA THR A 59 -1.15 -21.09 -5.54
C THR A 59 -2.52 -20.51 -5.21
N LYS A 60 -2.81 -20.39 -3.92
CA LYS A 60 -4.08 -19.84 -3.47
C LYS A 60 -4.29 -18.45 -4.04
N PRO A 61 -5.56 -18.05 -4.29
CA PRO A 61 -5.87 -16.73 -4.84
C PRO A 61 -5.14 -15.60 -4.13
N PRO A 62 -4.15 -14.99 -4.80
CA PRO A 62 -3.35 -13.90 -4.24
C PRO A 62 -4.22 -12.70 -3.84
N ILE A 63 -3.80 -11.99 -2.80
CA ILE A 63 -4.55 -10.83 -2.33
C ILE A 63 -3.63 -9.77 -1.73
N CYS A 64 -3.87 -8.51 -2.08
CA CYS A 64 -3.05 -7.41 -1.57
C CYS A 64 -3.59 -6.92 -0.23
N GLN A 65 -2.73 -6.24 0.52
CA GLN A 65 -3.10 -5.73 1.83
C GLN A 65 -2.26 -4.51 2.19
N ARG A 66 -2.94 -3.38 2.37
CA ARG A 66 -2.28 -2.13 2.71
C ARG A 66 -1.61 -2.21 4.08
N ILE A 67 -0.32 -1.87 4.13
CA ILE A 67 0.43 -1.90 5.37
C ILE A 67 -0.01 -0.78 6.30
N PRO A 68 -0.38 -1.10 7.54
CA PRO A 68 -0.82 -0.10 8.53
C PRO A 68 0.25 0.94 8.84
N CYS A 69 -0.11 2.22 8.70
CA CYS A 69 0.81 3.31 8.97
C CYS A 69 0.59 3.87 10.37
N GLY A 70 1.69 4.10 11.09
CA GLY A 70 1.62 4.65 12.42
C GLY A 70 1.53 6.16 12.38
N LEU A 71 0.91 6.76 13.38
CA LEU A 71 0.77 8.22 13.44
C LEU A 71 2.05 8.91 12.98
N PRO A 72 1.91 9.98 12.17
CA PRO A 72 3.05 10.73 11.65
C PRO A 72 3.85 11.40 12.75
N PRO A 73 5.19 11.49 12.58
CA PRO A 73 6.05 12.11 13.58
C PRO A 73 5.60 13.53 13.89
N THR A 74 4.75 13.66 14.91
CA THR A 74 4.21 14.94 15.30
C THR A 74 5.23 15.75 16.11
N ILE A 75 5.60 16.91 15.58
CA ILE A 75 6.54 17.77 16.26
C ILE A 75 5.84 18.65 17.27
N ALA A 76 6.22 18.51 18.53
CA ALA A 76 5.61 19.30 19.61
C ALA A 76 5.46 20.76 19.18
N ASN A 77 4.35 21.37 19.58
CA ASN A 77 4.06 22.76 19.23
C ASN A 77 3.55 22.86 17.78
N GLY A 78 4.14 22.06 16.90
CA GLY A 78 3.72 22.08 15.51
C GLY A 78 2.34 21.49 15.31
N ASP A 79 1.43 22.30 14.78
CA ASP A 79 0.06 21.85 14.53
C ASP A 79 -0.02 21.10 13.20
N PHE A 80 -1.19 20.53 12.92
CA PHE A 80 -1.36 19.79 11.67
C PHE A 80 -2.81 19.82 11.20
N ILE A 81 -3.00 20.08 9.91
CA ILE A 81 -4.32 20.14 9.31
C ILE A 81 -4.53 18.94 8.39
N SER A 82 -4.15 17.77 8.89
CA SER A 82 -4.26 16.54 8.12
C SER A 82 -5.72 16.09 7.97
N THR A 83 -5.94 14.79 8.06
CA THR A 83 -7.27 14.22 7.94
C THR A 83 -7.30 12.81 8.54
N ASN A 84 -6.15 12.14 8.48
CA ASN A 84 -6.02 10.78 9.01
C ASN A 84 -6.51 10.72 10.46
N ARG A 85 -6.18 11.77 11.22
CA ARG A 85 -6.57 11.85 12.63
C ARG A 85 -6.01 10.66 13.43
N GLU A 86 -6.90 9.78 13.88
CA GLU A 86 -6.49 8.62 14.66
C GLU A 86 -5.89 7.52 13.78
N ASN A 87 -6.34 6.28 13.97
CA ASN A 87 -5.83 5.16 13.20
C ASN A 87 -5.96 5.37 11.69
N PHE A 88 -4.99 4.85 10.96
CA PHE A 88 -4.96 4.95 9.50
C PHE A 88 -4.04 3.86 8.93
N HIS A 89 -4.56 3.11 7.96
CA HIS A 89 -3.82 2.01 7.35
C HIS A 89 -2.76 2.49 6.36
N TYR A 90 -3.09 3.47 5.54
CA TYR A 90 -2.14 3.97 4.54
C TYR A 90 -2.79 5.03 3.67
N GLY A 91 -1.97 5.88 3.06
CA GLY A 91 -2.48 6.95 2.24
C GLY A 91 -3.03 8.07 3.08
N SER A 92 -2.20 9.10 3.28
CA SER A 92 -2.57 10.26 4.08
C SER A 92 -1.39 11.20 4.27
N VAL A 93 -1.70 12.48 4.47
CA VAL A 93 -0.67 13.50 4.64
C VAL A 93 -1.04 14.47 5.77
N VAL A 94 -0.03 15.16 6.30
CA VAL A 94 -0.25 16.12 7.38
C VAL A 94 0.48 17.44 7.09
N THR A 95 -0.22 18.56 7.29
CA THR A 95 0.36 19.87 7.06
C THR A 95 0.72 20.56 8.38
N TYR A 96 2.00 20.86 8.55
CA TYR A 96 2.48 21.51 9.77
C TYR A 96 2.23 23.02 9.73
N ARG A 97 2.24 23.65 10.91
CA ARG A 97 2.03 25.08 11.03
C ARG A 97 2.90 25.69 12.12
N CYS A 98 3.01 24.98 13.24
CA CYS A 98 3.83 25.44 14.37
C CYS A 98 3.19 26.64 15.08
N ASN A 99 2.93 26.47 16.38
CA ASN A 99 2.35 27.52 17.23
C ASN A 99 1.67 28.64 16.44
N LEU A 100 2.11 29.87 16.68
CA LEU A 100 1.56 31.06 16.03
C LEU A 100 0.14 31.33 16.52
N GLY A 101 -0.07 32.53 17.04
CA GLY A 101 -1.39 32.90 17.53
C GLY A 101 -2.29 33.36 16.41
N SER A 102 -1.91 34.45 15.76
CA SER A 102 -2.66 35.00 14.65
C SER A 102 -2.16 34.38 13.35
N ARG A 103 -1.95 33.06 13.38
CA ARG A 103 -1.45 32.31 12.22
C ARG A 103 -0.38 33.12 11.48
N GLY A 104 0.54 33.70 12.23
CA GLY A 104 1.60 34.49 11.64
C GLY A 104 2.43 35.26 12.64
N ARG A 105 1.80 35.62 13.76
CA ARG A 105 2.48 36.38 14.82
C ARG A 105 3.85 35.79 15.13
N LYS A 106 4.80 36.65 15.50
CA LYS A 106 6.15 36.21 15.80
C LYS A 106 6.20 35.33 17.04
N VAL A 107 5.87 34.06 16.85
CA VAL A 107 5.87 33.08 17.93
C VAL A 107 6.05 31.68 17.37
N PHE A 108 7.30 31.28 17.26
CA PHE A 108 7.66 29.97 16.72
C PHE A 108 7.34 29.93 15.23
N GLU A 109 8.16 29.24 14.46
CA GLU A 109 7.96 29.16 13.01
C GLU A 109 8.38 27.82 12.43
N LEU A 110 7.62 27.36 11.44
CA LEU A 110 7.90 26.10 10.78
C LEU A 110 9.18 26.18 9.96
N VAL A 111 9.85 25.04 9.81
CA VAL A 111 11.09 24.98 9.04
C VAL A 111 11.13 23.75 8.16
N GLY A 112 11.57 23.94 6.92
CA GLY A 112 11.65 22.84 5.96
C GLY A 112 10.31 22.46 5.36
N GLU A 113 10.15 21.18 5.05
CA GLU A 113 8.92 20.69 4.45
C GLU A 113 7.73 20.85 5.39
N PRO A 114 6.64 21.47 4.91
CA PRO A 114 5.44 21.70 5.71
C PRO A 114 4.39 20.60 5.55
N SER A 115 4.76 19.49 4.91
CA SER A 115 3.81 18.39 4.69
C SER A 115 4.53 17.06 4.47
N ILE A 116 3.91 15.99 4.96
CA ILE A 116 4.47 14.64 4.78
C ILE A 116 3.36 13.64 4.49
N TYR A 117 3.76 12.41 4.21
CA TYR A 117 2.79 11.35 3.91
C TYR A 117 3.40 9.97 4.09
N CYS A 118 2.58 9.01 4.49
CA CYS A 118 3.07 7.64 4.69
C CYS A 118 3.53 7.05 3.36
N THR A 119 4.68 6.37 3.37
CA THR A 119 5.21 5.78 2.15
C THR A 119 6.12 4.58 2.45
N SER A 120 6.10 4.12 3.71
CA SER A 120 6.91 2.98 4.14
C SER A 120 8.40 3.19 3.83
N ASN A 121 9.25 2.58 4.65
CA ASN A 121 10.70 2.69 4.47
C ASN A 121 11.45 1.68 5.34
N ASP A 122 10.92 0.46 5.39
CA ASP A 122 11.53 -0.61 6.18
C ASP A 122 10.72 -1.90 6.05
N ASP A 123 9.48 -1.76 5.60
CA ASP A 123 8.59 -2.92 5.44
C ASP A 123 8.17 -3.47 6.79
N GLN A 124 6.87 -3.76 6.93
CA GLN A 124 6.32 -4.26 8.18
C GLN A 124 6.19 -3.13 9.18
N VAL A 125 6.16 -1.92 8.63
CA VAL A 125 6.04 -0.71 9.41
C VAL A 125 5.62 0.45 8.51
N GLY A 126 4.38 0.90 8.68
CA GLY A 126 3.86 1.99 7.88
C GLY A 126 4.43 3.34 8.29
N ILE A 127 5.74 3.49 8.13
CA ILE A 127 6.41 4.74 8.49
C ILE A 127 6.26 5.78 7.39
N TRP A 128 6.01 7.02 7.77
CA TRP A 128 5.84 8.11 6.81
C TRP A 128 7.15 8.50 6.13
N SER A 129 7.24 9.75 5.68
CA SER A 129 8.42 10.23 4.99
C SER A 129 9.54 10.62 5.97
N GLY A 130 9.30 11.65 6.77
CA GLY A 130 10.31 12.09 7.73
C GLY A 130 9.88 13.30 8.54
N PRO A 131 10.30 13.38 9.82
CA PRO A 131 9.96 14.49 10.70
C PRO A 131 10.86 15.71 10.49
N ALA A 132 10.99 16.14 9.24
CA ALA A 132 11.84 17.29 8.91
C ALA A 132 11.29 18.60 9.49
N PRO A 133 9.97 18.86 9.40
CA PRO A 133 9.36 20.09 9.91
C PRO A 133 9.89 20.48 11.29
N GLN A 134 10.16 21.76 11.48
CA GLN A 134 10.68 22.26 12.75
C GLN A 134 9.85 23.44 13.24
N CYS A 135 9.39 23.36 14.49
CA CYS A 135 8.59 24.43 15.10
C CYS A 135 9.49 25.39 15.87
N ILE A 136 10.27 26.19 15.14
CA ILE A 136 11.18 27.15 15.77
C ILE A 136 11.35 28.40 14.91
N GLU A 1 -12.21 -38.01 -24.38
CA GLU A 1 -12.78 -36.69 -24.73
C GLU A 1 -11.70 -35.60 -24.73
N ALA A 2 -10.57 -35.90 -25.36
CA ALA A 2 -9.46 -34.97 -25.43
C ALA A 2 -8.97 -34.57 -24.05
N GLU A 3 -8.65 -33.28 -23.86
CA GLU A 3 -8.18 -32.78 -22.58
C GLU A 3 -8.11 -31.26 -22.58
N ALA A 4 -9.18 -30.63 -23.04
CA ALA A 4 -9.25 -29.17 -23.10
C ALA A 4 -9.51 -28.56 -21.71
N LYS A 5 -8.70 -28.95 -20.73
CA LYS A 5 -8.85 -28.43 -19.38
C LYS A 5 -8.26 -27.02 -19.27
N SER A 6 -8.86 -26.20 -18.42
CA SER A 6 -8.39 -24.83 -18.24
C SER A 6 -8.84 -24.26 -16.89
N CYS A 7 -7.96 -23.45 -16.29
CA CYS A 7 -8.26 -22.83 -15.01
C CYS A 7 -9.13 -21.60 -15.21
N LYS A 8 -10.01 -21.33 -14.24
CA LYS A 8 -10.91 -20.19 -14.33
C LYS A 8 -10.14 -18.88 -14.34
N THR A 9 -10.60 -17.95 -15.18
CA THR A 9 -9.98 -16.64 -15.29
C THR A 9 -10.19 -15.82 -14.02
N PRO A 10 -9.10 -15.27 -13.45
CA PRO A 10 -9.19 -14.46 -12.23
C PRO A 10 -9.85 -13.12 -12.52
N PRO A 11 -10.90 -12.75 -11.75
CA PRO A 11 -11.60 -11.49 -11.94
C PRO A 11 -10.67 -10.29 -11.78
N ASP A 12 -10.10 -10.18 -10.58
CA ASP A 12 -9.17 -9.10 -10.27
C ASP A 12 -8.74 -9.16 -8.80
N PRO A 13 -7.44 -9.40 -8.55
CA PRO A 13 -6.91 -9.48 -7.19
C PRO A 13 -6.98 -8.13 -6.47
N VAL A 14 -7.42 -8.14 -5.22
CA VAL A 14 -7.54 -6.92 -4.45
C VAL A 14 -6.25 -6.11 -4.51
N ASN A 15 -6.38 -4.84 -4.91
CA ASN A 15 -5.25 -3.93 -5.05
C ASN A 15 -4.44 -4.24 -6.30
N GLY A 16 -3.94 -5.47 -6.37
CA GLY A 16 -3.14 -5.88 -7.51
C GLY A 16 -3.97 -6.25 -8.71
N MET A 17 -3.36 -6.98 -9.63
CA MET A 17 -4.03 -7.40 -10.84
C MET A 17 -3.31 -8.58 -11.48
N VAL A 18 -4.08 -9.59 -11.90
CA VAL A 18 -3.50 -10.77 -12.52
C VAL A 18 -3.19 -10.51 -14.00
N HIS A 19 -2.18 -11.18 -14.50
CA HIS A 19 -1.80 -11.03 -15.90
C HIS A 19 -1.96 -12.35 -16.64
N VAL A 20 -3.08 -12.49 -17.36
CA VAL A 20 -3.35 -13.69 -18.15
C VAL A 20 -2.49 -13.70 -19.39
N ILE A 21 -1.28 -14.22 -19.23
CA ILE A 21 -0.32 -14.28 -20.31
C ILE A 21 -0.67 -15.39 -21.31
N THR A 22 -0.03 -16.54 -21.16
CA THR A 22 -0.30 -17.67 -22.05
C THR A 22 -1.56 -18.39 -21.65
N ASP A 23 -2.69 -17.83 -22.03
CA ASP A 23 -3.98 -18.42 -21.72
C ASP A 23 -4.07 -18.69 -20.21
N ILE A 24 -4.71 -19.81 -19.84
CA ILE A 24 -4.85 -20.18 -18.44
C ILE A 24 -5.06 -21.69 -18.29
N GLN A 25 -4.60 -22.44 -19.29
CA GLN A 25 -4.72 -23.88 -19.29
C GLN A 25 -3.55 -24.51 -18.53
N VAL A 26 -3.65 -25.81 -18.29
CA VAL A 26 -2.61 -26.54 -17.59
C VAL A 26 -1.22 -26.17 -18.12
N GLY A 27 -0.23 -26.16 -17.22
CA GLY A 27 1.13 -25.84 -17.60
C GLY A 27 1.38 -24.35 -17.76
N SER A 28 0.47 -23.63 -18.41
CA SER A 28 0.64 -22.20 -18.62
C SER A 28 0.53 -21.44 -17.29
N ARG A 29 1.58 -20.68 -16.97
CA ARG A 29 1.62 -19.91 -15.73
C ARG A 29 1.34 -18.43 -15.98
N ILE A 30 0.50 -17.83 -15.14
CA ILE A 30 0.18 -16.41 -15.24
C ILE A 30 1.09 -15.60 -14.30
N THR A 31 0.79 -14.32 -14.14
CA THR A 31 1.61 -13.47 -13.26
C THR A 31 0.78 -12.38 -12.59
N TYR A 32 0.83 -12.36 -11.26
CA TYR A 32 0.11 -11.35 -10.47
C TYR A 32 1.05 -10.20 -10.09
N SER A 33 0.48 -9.02 -9.86
CA SER A 33 1.29 -7.87 -9.47
C SER A 33 0.44 -6.82 -8.75
N CYS A 34 0.89 -6.43 -7.56
CA CYS A 34 0.18 -5.43 -6.76
C CYS A 34 0.58 -4.01 -7.16
N THR A 35 -0.37 -3.09 -7.02
CA THR A 35 -0.14 -1.69 -7.36
C THR A 35 0.96 -1.08 -6.52
N THR A 36 1.45 0.05 -7.00
CA THR A 36 2.51 0.79 -6.34
C THR A 36 2.14 1.14 -4.90
N GLY A 37 3.10 1.00 -3.99
CA GLY A 37 2.86 1.31 -2.59
C GLY A 37 1.96 0.28 -1.91
N HIS A 38 2.17 -0.99 -2.24
CA HIS A 38 1.39 -2.08 -1.65
C HIS A 38 2.21 -3.36 -1.59
N ARG A 39 2.11 -4.10 -0.49
CA ARG A 39 2.84 -5.34 -0.34
C ARG A 39 2.10 -6.48 -1.04
N LEU A 40 2.80 -7.19 -1.91
CA LEU A 40 2.19 -8.29 -2.66
C LEU A 40 2.02 -9.53 -1.78
N ILE A 41 0.78 -9.95 -1.60
CA ILE A 41 0.47 -11.13 -0.80
C ILE A 41 0.36 -12.36 -1.70
N GLY A 42 0.88 -13.49 -1.22
CA GLY A 42 0.84 -14.72 -1.99
C GLY A 42 1.83 -14.69 -3.15
N HIS A 43 1.91 -15.80 -3.87
CA HIS A 43 2.84 -15.91 -5.00
C HIS A 43 2.33 -15.11 -6.21
N SER A 44 3.17 -14.24 -6.74
CA SER A 44 2.80 -13.43 -7.90
C SER A 44 2.92 -14.25 -9.19
N SER A 45 2.78 -15.56 -9.05
CA SER A 45 2.86 -16.47 -10.19
C SER A 45 2.24 -17.81 -9.83
N ALA A 46 1.52 -18.40 -10.77
CA ALA A 46 0.88 -19.69 -10.53
C ALA A 46 0.62 -20.45 -11.82
N GLU A 47 1.06 -21.70 -11.84
CA GLU A 47 0.87 -22.56 -13.01
C GLU A 47 -0.44 -23.32 -12.91
N CYS A 48 -1.24 -23.30 -13.98
CA CYS A 48 -2.51 -23.99 -13.99
C CYS A 48 -2.29 -25.51 -13.93
N ILE A 49 -2.96 -26.17 -13.01
CA ILE A 49 -2.83 -27.61 -12.87
C ILE A 49 -4.19 -28.29 -12.69
N LEU A 50 -4.25 -29.31 -11.84
CA LEU A 50 -5.49 -30.04 -11.61
C LEU A 50 -5.59 -30.48 -10.15
N SER A 51 -6.65 -30.01 -9.47
CA SER A 51 -6.86 -30.37 -8.08
C SER A 51 -7.62 -31.69 -7.97
N GLY A 52 -8.70 -31.79 -8.74
CA GLY A 52 -9.50 -33.00 -8.74
C GLY A 52 -10.72 -32.88 -9.65
N ASN A 53 -11.47 -31.81 -9.47
CA ASN A 53 -12.66 -31.56 -10.28
C ASN A 53 -12.28 -30.99 -11.64
N THR A 54 -11.48 -29.93 -11.63
CA THR A 54 -11.03 -29.30 -12.87
C THR A 54 -9.66 -28.64 -12.66
N ALA A 55 -9.30 -27.73 -13.55
CA ALA A 55 -8.02 -27.04 -13.47
C ALA A 55 -8.04 -25.99 -12.37
N HIS A 56 -6.93 -25.88 -11.64
CA HIS A 56 -6.81 -24.91 -10.55
C HIS A 56 -5.37 -24.44 -10.40
N TRP A 57 -5.21 -23.16 -10.04
CA TRP A 57 -3.88 -22.58 -9.88
C TRP A 57 -3.13 -23.18 -8.70
N SER A 58 -1.86 -23.49 -8.93
CA SER A 58 -0.99 -24.09 -7.92
C SER A 58 -0.98 -23.29 -6.61
N THR A 59 -1.33 -22.01 -6.67
CA THR A 59 -1.33 -21.17 -5.47
C THR A 59 -2.63 -20.38 -5.33
N LYS A 60 -3.13 -20.29 -4.10
CA LYS A 60 -4.35 -19.55 -3.81
C LYS A 60 -4.25 -18.15 -4.39
N PRO A 61 -5.37 -17.58 -4.88
CA PRO A 61 -5.39 -16.25 -5.46
C PRO A 61 -4.68 -15.23 -4.57
N PRO A 62 -3.45 -14.84 -4.94
CA PRO A 62 -2.66 -13.87 -4.17
C PRO A 62 -3.34 -12.52 -4.11
N ILE A 63 -3.08 -11.78 -3.02
CA ILE A 63 -3.67 -10.47 -2.85
C ILE A 63 -2.61 -9.41 -2.58
N CYS A 64 -2.96 -8.41 -1.79
CA CYS A 64 -2.02 -7.34 -1.47
C CYS A 64 -2.27 -6.81 -0.05
N GLN A 65 -1.24 -6.89 0.78
CA GLN A 65 -1.36 -6.43 2.16
C GLN A 65 -1.12 -4.92 2.25
N ARG A 66 -2.05 -4.22 2.90
CA ARG A 66 -1.93 -2.78 3.05
C ARG A 66 -1.00 -2.45 4.22
N ILE A 67 0.11 -1.78 3.91
CA ILE A 67 1.07 -1.41 4.94
C ILE A 67 0.52 -0.32 5.85
N PRO A 68 0.26 -0.64 7.13
CA PRO A 68 -0.27 0.34 8.09
C PRO A 68 0.81 1.27 8.60
N CYS A 69 0.55 2.57 8.50
CA CYS A 69 1.51 3.58 8.96
C CYS A 69 1.30 3.93 10.42
N GLY A 70 1.53 5.19 10.74
CA GLY A 70 1.39 5.67 12.11
C GLY A 70 1.25 7.18 12.15
N LEU A 71 0.60 7.69 13.21
CA LEU A 71 0.40 9.13 13.35
C LEU A 71 1.65 9.91 12.98
N PRO A 72 1.47 11.04 12.25
CA PRO A 72 2.58 11.89 11.82
C PRO A 72 3.42 12.36 13.00
N PRO A 73 4.73 12.53 12.81
CA PRO A 73 5.62 12.98 13.88
C PRO A 73 5.05 14.20 14.61
N THR A 74 4.62 13.99 15.84
CA THR A 74 4.04 15.06 16.64
C THR A 74 5.15 15.94 17.20
N ILE A 75 5.15 17.21 16.78
CA ILE A 75 6.17 18.14 17.22
C ILE A 75 5.66 19.05 18.33
N ALA A 76 4.73 18.52 19.10
CA ALA A 76 4.14 19.24 20.22
C ALA A 76 3.54 20.57 19.77
N ASN A 77 2.24 20.73 20.00
CA ASN A 77 1.54 21.95 19.62
C ASN A 77 1.40 22.10 18.11
N GLY A 78 1.70 21.02 17.37
CA GLY A 78 1.59 21.09 15.92
C GLY A 78 0.15 21.30 15.47
N ASP A 79 -0.03 22.22 14.53
CA ASP A 79 -1.36 22.54 14.01
C ASP A 79 -1.94 21.40 13.21
N PHE A 80 -1.08 20.74 12.47
CA PHE A 80 -1.48 19.61 11.62
C PHE A 80 -2.49 20.06 10.56
N ILE A 81 -2.05 20.11 9.32
CA ILE A 81 -2.90 20.50 8.21
C ILE A 81 -3.18 19.30 7.31
N SER A 82 -3.90 19.51 6.21
CA SER A 82 -4.22 18.44 5.26
C SER A 82 -5.22 17.46 5.88
N THR A 83 -4.89 16.16 5.81
CA THR A 83 -5.77 15.13 6.35
C THR A 83 -4.98 13.97 6.94
N ASN A 84 -5.46 13.45 8.07
CA ASN A 84 -4.81 12.33 8.73
C ASN A 84 -5.70 11.78 9.84
N ARG A 85 -6.08 12.65 10.78
CA ARG A 85 -6.93 12.25 11.89
C ARG A 85 -6.36 11.03 12.60
N GLU A 86 -7.24 10.13 13.03
CA GLU A 86 -6.82 8.90 13.71
C GLU A 86 -6.33 7.86 12.71
N ASN A 87 -7.08 7.69 11.62
CA ASN A 87 -6.72 6.73 10.59
C ASN A 87 -5.44 7.14 9.88
N PHE A 88 -4.60 6.17 9.56
CA PHE A 88 -3.33 6.44 8.88
C PHE A 88 -2.75 5.18 8.26
N HIS A 89 -3.63 4.36 7.68
CA HIS A 89 -3.18 3.12 7.05
C HIS A 89 -2.08 3.38 6.03
N TYR A 90 -2.21 4.46 5.27
CA TYR A 90 -1.22 4.81 4.25
C TYR A 90 -1.70 6.01 3.43
N GLY A 91 -0.77 6.68 2.77
CA GLY A 91 -1.10 7.84 1.96
C GLY A 91 -1.30 9.10 2.77
N SER A 92 -1.65 8.95 4.05
CA SER A 92 -1.86 10.09 4.94
C SER A 92 -0.72 11.11 4.83
N VAL A 93 -1.08 12.38 4.83
CA VAL A 93 -0.11 13.47 4.73
C VAL A 93 -0.46 14.60 5.70
N VAL A 94 0.52 15.41 6.07
CA VAL A 94 0.30 16.51 7.00
C VAL A 94 1.29 17.65 6.81
N THR A 95 0.76 18.87 6.82
CA THR A 95 1.59 20.06 6.70
C THR A 95 1.83 20.68 8.07
N TYR A 96 3.09 20.84 8.44
CA TYR A 96 3.45 21.41 9.73
C TYR A 96 3.43 22.93 9.68
N ARG A 97 3.01 23.55 10.79
CA ARG A 97 2.93 25.00 10.89
C ARG A 97 2.98 25.44 12.35
N CYS A 98 2.55 24.55 13.24
CA CYS A 98 2.53 24.83 14.68
C CYS A 98 1.56 25.95 15.03
N ASN A 99 0.95 25.82 16.20
CA ASN A 99 -0.03 26.79 16.68
C ASN A 99 0.59 28.17 16.89
N LEU A 100 -0.07 29.19 16.33
CA LEU A 100 0.37 30.56 16.46
C LEU A 100 0.18 31.06 17.88
N GLY A 101 -0.13 32.35 18.01
CA GLY A 101 -0.35 32.94 19.30
C GLY A 101 -1.29 34.13 19.21
N SER A 102 -2.17 34.07 18.23
CA SER A 102 -3.15 35.13 18.00
C SER A 102 -3.99 34.83 16.78
N ARG A 103 -3.32 34.54 15.67
CA ARG A 103 -4.02 34.24 14.42
C ARG A 103 -3.04 33.68 13.38
N GLY A 104 -1.93 34.39 13.22
CA GLY A 104 -0.92 33.97 12.26
C GLY A 104 0.33 34.83 12.35
N ARG A 105 0.60 35.34 13.55
CA ARG A 105 1.78 36.17 13.78
C ARG A 105 3.03 35.32 13.97
N LYS A 106 4.18 35.97 13.98
CA LYS A 106 5.45 35.26 14.14
C LYS A 106 5.54 34.63 15.53
N VAL A 107 4.96 33.45 15.65
CA VAL A 107 4.97 32.70 16.89
C VAL A 107 4.81 31.22 16.59
N PHE A 108 5.94 30.53 16.59
CA PHE A 108 5.98 29.10 16.29
C PHE A 108 5.92 28.88 14.79
N GLU A 109 6.93 29.37 14.09
CA GLU A 109 6.99 29.24 12.64
C GLU A 109 7.65 27.93 12.25
N LEU A 110 7.00 27.19 11.37
CA LEU A 110 7.51 25.90 10.91
C LEU A 110 8.77 26.07 10.08
N VAL A 111 9.74 25.19 10.30
CA VAL A 111 11.00 25.24 9.56
C VAL A 111 11.64 23.85 9.45
N GLY A 112 12.49 23.68 8.44
CA GLY A 112 13.16 22.40 8.24
C GLY A 112 12.31 21.36 7.57
N GLU A 113 11.00 21.44 7.74
CA GLU A 113 10.10 20.47 7.14
C GLU A 113 8.64 20.94 7.23
N PRO A 114 8.09 21.41 6.10
CA PRO A 114 6.73 21.92 6.03
C PRO A 114 5.67 20.86 5.76
N SER A 115 6.02 19.79 5.04
CA SER A 115 5.04 18.75 4.72
C SER A 115 5.68 17.39 4.51
N ILE A 116 5.03 16.36 5.07
CA ILE A 116 5.50 14.99 4.95
C ILE A 116 4.33 14.04 4.76
N TYR A 117 4.63 12.82 4.37
CA TYR A 117 3.60 11.81 4.15
C TYR A 117 4.18 10.41 4.25
N CYS A 118 3.38 9.47 4.77
CA CYS A 118 3.82 8.10 4.93
C CYS A 118 4.12 7.45 3.58
N THR A 119 5.08 6.54 3.58
CA THR A 119 5.47 5.82 2.38
C THR A 119 5.77 4.36 2.70
N SER A 120 5.54 3.49 1.74
CA SER A 120 5.77 2.07 1.93
C SER A 120 7.27 1.74 1.93
N ASN A 121 7.72 1.12 3.01
CA ASN A 121 9.12 0.73 3.16
C ASN A 121 9.36 0.06 4.50
N ASP A 122 10.64 -0.06 4.88
CA ASP A 122 11.00 -0.69 6.15
C ASP A 122 10.21 -1.97 6.37
N ASP A 123 10.15 -2.79 5.31
CA ASP A 123 9.41 -4.06 5.35
C ASP A 123 7.90 -3.83 5.32
N GLN A 124 7.38 -3.10 6.32
CA GLN A 124 5.95 -2.81 6.39
C GLN A 124 5.61 -1.97 7.63
N VAL A 125 6.52 -1.09 8.02
CA VAL A 125 6.30 -0.24 9.19
C VAL A 125 5.54 1.03 8.80
N GLY A 126 5.87 1.56 7.63
CA GLY A 126 5.22 2.76 7.15
C GLY A 126 5.84 4.02 7.74
N ILE A 127 7.15 4.18 7.57
CA ILE A 127 7.85 5.34 8.08
C ILE A 127 7.70 6.53 7.13
N TRP A 128 7.46 7.70 7.70
CA TRP A 128 7.28 8.91 6.91
C TRP A 128 8.59 9.37 6.27
N SER A 129 8.48 9.96 5.07
CA SER A 129 9.64 10.43 4.32
C SER A 129 10.47 11.43 5.12
N GLY A 130 9.97 11.88 6.26
CA GLY A 130 10.70 12.84 7.06
C GLY A 130 10.17 13.00 8.47
N PRO A 131 11.06 13.04 9.48
CA PRO A 131 10.66 13.18 10.89
C PRO A 131 10.10 14.56 11.22
N ALA A 132 10.24 14.94 12.48
CA ALA A 132 9.75 16.23 12.96
C ALA A 132 10.65 17.39 12.56
N PRO A 133 10.05 18.52 12.14
CA PRO A 133 10.78 19.73 11.74
C PRO A 133 11.23 20.55 12.94
N GLN A 134 11.07 21.86 12.85
CA GLN A 134 11.46 22.76 13.95
C GLN A 134 10.60 24.04 13.92
N CYS A 135 9.87 24.27 15.01
CA CYS A 135 9.04 25.46 15.12
C CYS A 135 9.70 26.49 16.03
N ILE A 136 9.80 27.71 15.53
CA ILE A 136 10.42 28.80 16.28
C ILE A 136 9.83 30.15 15.91
N GLU A 1 -11.55 -32.89 -25.03
CA GLU A 1 -10.29 -32.56 -25.74
C GLU A 1 -9.16 -33.52 -25.36
N ALA A 2 -9.50 -34.81 -25.28
CA ALA A 2 -8.52 -35.84 -24.93
C ALA A 2 -7.87 -35.53 -23.58
N GLU A 3 -8.70 -35.16 -22.60
CA GLU A 3 -8.22 -34.84 -21.27
C GLU A 3 -7.15 -33.73 -21.33
N ALA A 4 -7.45 -32.68 -22.08
CA ALA A 4 -6.54 -31.56 -22.24
C ALA A 4 -6.38 -30.79 -20.92
N LYS A 5 -7.51 -30.47 -20.31
CA LYS A 5 -7.53 -29.73 -19.05
C LYS A 5 -6.92 -28.34 -19.20
N SER A 6 -7.56 -27.34 -18.59
CA SER A 6 -7.08 -25.97 -18.65
C SER A 6 -7.62 -25.15 -17.48
N CYS A 7 -6.77 -24.29 -16.94
CA CYS A 7 -7.15 -23.44 -15.81
C CYS A 7 -7.95 -22.23 -16.27
N LYS A 8 -9.04 -21.96 -15.57
CA LYS A 8 -9.89 -20.83 -15.89
C LYS A 8 -9.13 -19.53 -15.67
N THR A 9 -9.36 -18.55 -16.55
CA THR A 9 -8.68 -17.27 -16.44
C THR A 9 -8.83 -16.72 -15.02
N PRO A 10 -7.71 -16.47 -14.33
CA PRO A 10 -7.74 -15.95 -12.95
C PRO A 10 -8.53 -14.65 -12.84
N PRO A 11 -9.43 -14.57 -11.84
CA PRO A 11 -10.24 -13.37 -11.62
C PRO A 11 -9.38 -12.18 -11.20
N ASP A 12 -9.70 -11.00 -11.70
CA ASP A 12 -8.93 -9.81 -11.38
C ASP A 12 -8.71 -9.69 -9.88
N PRO A 13 -7.44 -9.73 -9.44
CA PRO A 13 -7.09 -9.64 -8.01
C PRO A 13 -7.58 -8.35 -7.37
N VAL A 14 -7.90 -8.43 -6.09
CA VAL A 14 -8.39 -7.27 -5.33
C VAL A 14 -7.59 -6.02 -5.67
N ASN A 15 -8.22 -5.13 -6.46
CA ASN A 15 -7.60 -3.87 -6.88
C ASN A 15 -6.51 -4.10 -7.93
N GLY A 16 -5.70 -5.12 -7.71
CA GLY A 16 -4.62 -5.42 -8.64
C GLY A 16 -5.11 -5.93 -9.97
N MET A 17 -4.26 -6.67 -10.67
CA MET A 17 -4.59 -7.23 -11.97
C MET A 17 -3.67 -8.40 -12.30
N VAL A 18 -4.26 -9.47 -12.86
CA VAL A 18 -3.49 -10.65 -13.24
C VAL A 18 -2.91 -10.49 -14.64
N HIS A 19 -1.73 -11.04 -14.84
CA HIS A 19 -1.08 -10.96 -16.14
C HIS A 19 -0.86 -12.35 -16.71
N VAL A 20 -1.64 -12.71 -17.72
CA VAL A 20 -1.51 -14.02 -18.35
C VAL A 20 -0.22 -14.06 -19.14
N ILE A 21 0.82 -14.57 -18.51
CA ILE A 21 2.13 -14.65 -19.13
C ILE A 21 2.19 -15.78 -20.16
N THR A 22 2.57 -16.98 -19.72
CA THR A 22 2.64 -18.12 -20.62
C THR A 22 1.27 -18.43 -21.20
N ASP A 23 0.38 -18.91 -20.35
CA ASP A 23 -0.98 -19.24 -20.75
C ASP A 23 -1.86 -19.44 -19.52
N ILE A 24 -2.72 -20.46 -19.57
CA ILE A 24 -3.60 -20.80 -18.46
C ILE A 24 -4.00 -22.27 -18.55
N GLN A 25 -2.98 -23.11 -18.63
CA GLN A 25 -3.17 -24.54 -18.74
C GLN A 25 -1.96 -25.26 -18.15
N VAL A 26 -2.15 -26.52 -17.76
CA VAL A 26 -1.09 -27.32 -17.16
C VAL A 26 0.28 -26.87 -17.65
N GLY A 27 1.16 -26.50 -16.70
CA GLY A 27 2.49 -26.04 -17.06
C GLY A 27 2.48 -24.64 -17.63
N SER A 28 2.08 -23.66 -16.82
CA SER A 28 2.04 -22.27 -17.26
C SER A 28 2.10 -21.32 -16.06
N ARG A 29 3.04 -20.38 -16.10
CA ARG A 29 3.22 -19.41 -15.03
C ARG A 29 2.61 -18.06 -15.38
N ILE A 30 2.14 -17.33 -14.36
CA ILE A 30 1.55 -16.02 -14.54
C ILE A 30 1.94 -15.11 -13.37
N THR A 31 1.67 -13.81 -13.49
CA THR A 31 2.02 -12.86 -12.44
C THR A 31 1.02 -11.73 -12.32
N TYR A 32 0.81 -11.24 -11.10
CA TYR A 32 -0.13 -10.16 -10.85
C TYR A 32 0.35 -9.24 -9.74
N SER A 33 -0.17 -8.01 -9.70
CA SER A 33 0.23 -7.04 -8.68
C SER A 33 -0.85 -5.99 -8.43
N CYS A 34 -0.98 -5.59 -7.17
CA CYS A 34 -1.98 -4.59 -6.78
C CYS A 34 -1.45 -3.18 -7.06
N THR A 35 -2.27 -2.18 -6.72
CA THR A 35 -1.91 -0.79 -6.93
C THR A 35 -0.65 -0.40 -6.16
N THR A 36 0.03 0.63 -6.66
CA THR A 36 1.25 1.12 -6.03
C THR A 36 1.02 1.48 -4.57
N GLY A 37 1.99 1.15 -3.72
CA GLY A 37 1.88 1.46 -2.30
C GLY A 37 1.07 0.43 -1.53
N HIS A 38 0.08 -0.16 -2.18
CA HIS A 38 -0.77 -1.17 -1.54
C HIS A 38 -0.12 -2.54 -1.55
N ARG A 39 -0.40 -3.33 -0.52
CA ARG A 39 0.15 -4.68 -0.40
C ARG A 39 -0.66 -5.67 -1.25
N LEU A 40 -0.37 -6.96 -1.11
CA LEU A 40 -1.07 -7.98 -1.88
C LEU A 40 -0.87 -9.33 -1.22
N ILE A 41 -1.97 -10.04 -0.98
CA ILE A 41 -1.92 -11.35 -0.34
C ILE A 41 -1.71 -12.45 -1.37
N GLY A 42 -0.95 -13.46 -0.97
CA GLY A 42 -0.64 -14.55 -1.87
C GLY A 42 0.52 -14.19 -2.78
N HIS A 43 1.09 -15.19 -3.44
CA HIS A 43 2.23 -14.97 -4.32
C HIS A 43 1.78 -14.25 -5.58
N SER A 44 2.57 -13.26 -6.01
CA SER A 44 2.27 -12.49 -7.21
C SER A 44 2.50 -13.33 -8.47
N SER A 45 2.13 -14.60 -8.39
CA SER A 45 2.29 -15.53 -9.49
C SER A 45 1.35 -16.73 -9.32
N ALA A 46 1.27 -17.56 -10.33
CA ALA A 46 0.41 -18.74 -10.27
C ALA A 46 0.73 -19.73 -11.38
N GLU A 47 0.84 -21.00 -11.03
CA GLU A 47 1.13 -22.06 -11.98
C GLU A 47 -0.06 -23.00 -12.12
N CYS A 48 -0.49 -23.23 -13.36
CA CYS A 48 -1.62 -24.11 -13.63
C CYS A 48 -1.24 -25.58 -13.41
N ILE A 49 -1.33 -26.04 -12.17
CA ILE A 49 -1.00 -27.42 -11.84
C ILE A 49 -2.25 -28.29 -11.93
N LEU A 50 -2.08 -29.56 -12.24
CA LEU A 50 -3.20 -30.49 -12.35
C LEU A 50 -3.44 -31.20 -11.02
N SER A 51 -4.69 -31.15 -10.55
CA SER A 51 -5.07 -31.80 -9.29
C SER A 51 -6.58 -31.98 -9.21
N GLY A 52 -7.00 -33.15 -8.74
CA GLY A 52 -8.42 -33.42 -8.62
C GLY A 52 -9.12 -33.48 -9.96
N ASN A 53 -8.45 -34.09 -10.94
CA ASN A 53 -8.99 -34.22 -12.29
C ASN A 53 -9.34 -32.86 -12.89
N THR A 54 -8.73 -31.80 -12.36
CA THR A 54 -8.98 -30.46 -12.87
C THR A 54 -7.76 -29.56 -12.65
N ALA A 55 -7.38 -28.82 -13.68
CA ALA A 55 -6.24 -27.91 -13.59
C ALA A 55 -6.62 -26.66 -12.79
N HIS A 56 -5.75 -26.27 -11.87
CA HIS A 56 -5.99 -25.09 -11.05
C HIS A 56 -4.66 -24.49 -10.57
N TRP A 57 -4.66 -23.17 -10.35
CA TRP A 57 -3.46 -22.48 -9.91
C TRP A 57 -3.10 -22.88 -8.49
N SER A 58 -1.90 -23.44 -8.34
CA SER A 58 -1.41 -23.88 -7.04
C SER A 58 -1.51 -22.78 -5.99
N THR A 59 -1.57 -21.53 -6.44
CA THR A 59 -1.65 -20.39 -5.52
C THR A 59 -3.10 -20.07 -5.15
N LYS A 60 -3.35 -19.89 -3.85
CA LYS A 60 -4.68 -19.58 -3.35
C LYS A 60 -5.12 -18.20 -3.84
N PRO A 61 -6.45 -17.95 -3.90
CA PRO A 61 -6.98 -16.67 -4.34
C PRO A 61 -6.27 -15.49 -3.69
N PRO A 62 -5.62 -14.64 -4.50
CA PRO A 62 -4.87 -13.48 -4.01
C PRO A 62 -5.76 -12.25 -3.80
N ILE A 63 -5.26 -11.31 -3.00
CA ILE A 63 -5.99 -10.07 -2.74
C ILE A 63 -5.04 -8.90 -2.60
N CYS A 64 -5.49 -7.85 -1.92
CA CYS A 64 -4.68 -6.66 -1.72
C CYS A 64 -4.93 -6.07 -0.34
N GLN A 65 -4.13 -5.10 0.05
CA GLN A 65 -4.29 -4.47 1.36
C GLN A 65 -3.76 -3.03 1.35
N ARG A 66 -4.58 -2.12 1.86
CA ARG A 66 -4.23 -0.70 1.90
C ARG A 66 -3.03 -0.45 2.80
N ILE A 67 -2.71 -1.42 3.66
CA ILE A 67 -1.59 -1.31 4.58
C ILE A 67 -1.81 -0.17 5.58
N PRO A 68 -2.44 -0.46 6.73
CA PRO A 68 -2.72 0.54 7.75
C PRO A 68 -1.46 1.24 8.26
N CYS A 69 -1.47 2.56 8.21
CA CYS A 69 -0.33 3.37 8.67
C CYS A 69 -0.46 3.69 10.16
N GLY A 70 0.01 4.88 10.54
CA GLY A 70 -0.05 5.30 11.94
C GLY A 70 0.15 6.80 12.10
N LEU A 71 -0.36 7.36 13.20
CA LEU A 71 -0.23 8.80 13.46
C LEU A 71 1.15 9.33 13.10
N PRO A 72 1.20 10.53 12.50
CA PRO A 72 2.46 11.18 12.10
C PRO A 72 3.24 11.68 13.31
N PRO A 73 4.58 11.62 13.25
CA PRO A 73 5.43 12.09 14.35
C PRO A 73 5.23 13.56 14.63
N THR A 74 4.76 13.86 15.84
CA THR A 74 4.52 15.21 16.26
C THR A 74 5.81 15.87 16.75
N ILE A 75 6.19 16.98 16.11
CA ILE A 75 7.39 17.70 16.48
C ILE A 75 7.11 18.71 17.59
N ALA A 76 8.00 18.75 18.57
CA ALA A 76 7.86 19.67 19.70
C ALA A 76 7.65 21.10 19.22
N ASN A 77 6.74 21.82 19.88
CA ASN A 77 6.42 23.20 19.53
C ASN A 77 5.58 23.27 18.27
N GLY A 78 5.91 22.44 17.29
CA GLY A 78 5.16 22.42 16.05
C GLY A 78 3.86 21.64 16.17
N ASP A 79 2.74 22.33 15.99
CA ASP A 79 1.43 21.69 16.06
C ASP A 79 1.23 20.75 14.88
N PHE A 80 -0.02 20.60 14.47
CA PHE A 80 -0.34 19.72 13.34
C PHE A 80 -1.66 20.12 12.68
N ILE A 81 -1.67 20.12 11.35
CA ILE A 81 -2.88 20.47 10.59
C ILE A 81 -3.18 19.39 9.56
N SER A 82 -3.99 19.75 8.57
CA SER A 82 -4.36 18.81 7.52
C SER A 82 -5.15 17.63 8.05
N THR A 83 -5.88 16.96 7.15
CA THR A 83 -6.69 15.81 7.53
C THR A 83 -5.84 14.72 8.18
N ASN A 84 -6.29 14.22 9.33
CA ASN A 84 -5.58 13.18 10.06
C ASN A 84 -6.36 12.74 11.29
N ARG A 85 -5.75 12.89 12.48
CA ARG A 85 -6.37 12.50 13.75
C ARG A 85 -6.40 10.99 13.92
N GLU A 86 -6.87 10.28 12.90
CA GLU A 86 -6.95 8.82 12.93
C GLU A 86 -7.11 8.27 11.52
N ASN A 87 -7.93 7.22 11.38
CA ASN A 87 -8.16 6.59 10.07
C ASN A 87 -6.93 6.65 9.20
N PHE A 88 -5.77 6.37 9.81
CA PHE A 88 -4.49 6.40 9.10
C PHE A 88 -4.29 5.16 8.24
N HIS A 89 -5.32 4.74 7.54
CA HIS A 89 -5.22 3.55 6.69
C HIS A 89 -4.04 3.65 5.74
N TYR A 90 -3.97 4.76 4.99
CA TYR A 90 -2.90 5.00 4.04
C TYR A 90 -3.19 6.24 3.21
N GLY A 91 -2.15 6.80 2.59
CA GLY A 91 -2.32 7.99 1.78
C GLY A 91 -2.44 9.24 2.63
N SER A 92 -2.82 9.05 3.90
CA SER A 92 -2.97 10.16 4.83
C SER A 92 -1.76 11.09 4.78
N VAL A 93 -2.02 12.39 4.89
CA VAL A 93 -0.98 13.39 4.85
C VAL A 93 -1.22 14.45 5.91
N VAL A 94 -0.15 15.12 6.32
CA VAL A 94 -0.25 16.15 7.35
C VAL A 94 0.80 17.23 7.14
N THR A 95 0.40 18.48 7.34
CA THR A 95 1.30 19.60 7.19
C THR A 95 1.76 20.11 8.55
N TYR A 96 3.07 20.25 8.72
CA TYR A 96 3.62 20.73 9.97
C TYR A 96 3.37 22.23 10.12
N ARG A 97 3.03 22.64 11.34
CA ARG A 97 2.77 24.05 11.62
C ARG A 97 3.21 24.37 13.04
N CYS A 98 3.93 25.49 13.19
CA CYS A 98 4.43 25.91 14.49
C CYS A 98 3.32 26.51 15.36
N ASN A 99 3.55 26.51 16.67
CA ASN A 99 2.60 27.04 17.63
C ASN A 99 2.41 28.56 17.48
N LEU A 100 3.42 29.23 16.90
CA LEU A 100 3.36 30.68 16.72
C LEU A 100 2.89 31.38 17.99
N GLY A 101 3.43 30.95 19.13
CA GLY A 101 3.07 31.53 20.41
C GLY A 101 1.68 31.13 20.86
N SER A 102 0.69 31.35 20.00
CA SER A 102 -0.69 31.01 20.30
C SER A 102 -1.59 31.36 19.12
N ARG A 103 -2.36 30.37 18.65
CA ARG A 103 -3.27 30.54 17.53
C ARG A 103 -2.51 30.67 16.21
N GLY A 104 -1.65 31.69 16.10
CA GLY A 104 -0.88 31.87 14.89
C GLY A 104 -0.14 33.20 14.86
N ARG A 105 0.23 33.71 16.03
CA ARG A 105 0.97 34.96 16.11
C ARG A 105 2.34 34.79 15.49
N LYS A 106 2.75 35.72 14.63
CA LYS A 106 4.04 35.61 13.97
C LYS A 106 5.20 35.72 14.96
N VAL A 107 5.86 34.59 15.17
CA VAL A 107 7.00 34.51 16.07
C VAL A 107 7.84 33.30 15.68
N PHE A 108 7.13 32.22 15.45
CA PHE A 108 7.73 30.95 15.04
C PHE A 108 7.89 30.91 13.53
N GLU A 109 8.84 30.09 13.06
CA GLU A 109 9.08 29.97 11.63
C GLU A 109 9.51 28.54 11.28
N LEU A 110 8.75 27.91 10.40
CA LEU A 110 9.02 26.55 9.97
C LEU A 110 10.24 26.49 9.07
N VAL A 111 11.03 25.42 9.22
CA VAL A 111 12.22 25.25 8.40
C VAL A 111 12.37 23.80 7.96
N GLY A 112 12.75 23.61 6.70
CA GLY A 112 12.93 22.28 6.14
C GLY A 112 11.65 21.64 5.63
N GLU A 113 11.55 20.32 5.78
CA GLU A 113 10.39 19.57 5.31
C GLU A 113 9.10 20.00 6.00
N PRO A 114 8.18 20.66 5.28
CA PRO A 114 6.91 21.10 5.85
C PRO A 114 5.83 20.03 5.74
N SER A 115 5.73 19.40 4.57
CA SER A 115 4.72 18.37 4.32
C SER A 115 5.28 16.96 4.57
N ILE A 116 4.42 16.08 5.06
CA ILE A 116 4.78 14.69 5.33
C ILE A 116 3.57 13.79 5.12
N TYR A 117 3.81 12.50 4.91
CA TYR A 117 2.73 11.54 4.68
C TYR A 117 3.20 10.12 4.96
N CYS A 118 2.26 9.18 4.94
CA CYS A 118 2.58 7.78 5.20
C CYS A 118 3.52 7.23 4.14
N THR A 119 3.24 7.55 2.89
CA THR A 119 4.04 7.12 1.74
C THR A 119 4.45 5.64 1.83
N SER A 120 3.70 4.87 2.61
CA SER A 120 3.95 3.43 2.79
C SER A 120 5.38 3.14 3.26
N ASN A 121 5.51 2.16 4.14
CA ASN A 121 6.81 1.76 4.67
C ASN A 121 7.67 1.14 3.58
N ASP A 122 7.69 -0.18 3.55
CA ASP A 122 8.48 -0.91 2.57
C ASP A 122 7.96 -2.34 2.43
N ASP A 123 6.89 -2.65 3.16
CA ASP A 123 6.29 -3.98 3.10
C ASP A 123 4.87 -3.98 3.66
N GLN A 124 4.68 -3.44 4.87
CA GLN A 124 3.35 -3.40 5.48
C GLN A 124 3.33 -2.63 6.81
N VAL A 125 3.86 -1.41 6.82
CA VAL A 125 3.89 -0.61 8.03
C VAL A 125 3.45 0.83 7.77
N GLY A 126 3.85 1.36 6.62
CA GLY A 126 3.51 2.72 6.27
C GLY A 126 4.30 3.76 7.05
N ILE A 127 5.61 3.79 6.85
CA ILE A 127 6.46 4.75 7.55
C ILE A 127 6.44 6.12 6.86
N TRP A 128 6.16 7.15 7.65
CA TRP A 128 6.10 8.51 7.12
C TRP A 128 7.49 9.04 6.79
N SER A 129 7.53 10.11 5.99
CA SER A 129 8.80 10.71 5.58
C SER A 129 9.75 10.82 6.77
N GLY A 130 9.21 11.21 7.92
CA GLY A 130 10.04 11.32 9.12
C GLY A 130 10.31 12.76 9.53
N PRO A 131 10.40 13.02 10.85
CA PRO A 131 10.66 14.36 11.39
C PRO A 131 11.87 15.03 10.75
N ALA A 132 11.82 16.35 10.67
CA ALA A 132 12.89 17.14 10.07
C ALA A 132 12.67 18.64 10.30
N PRO A 133 11.44 19.15 10.03
CA PRO A 133 11.12 20.57 10.20
C PRO A 133 11.32 21.04 11.63
N GLN A 134 11.65 22.32 11.79
CA GLN A 134 11.85 22.90 13.11
C GLN A 134 11.45 24.37 13.12
N CYS A 135 11.00 24.83 14.28
CA CYS A 135 10.57 26.22 14.45
C CYS A 135 11.71 27.09 14.97
N ILE A 136 11.78 28.32 14.47
CA ILE A 136 12.82 29.26 14.90
C ILE A 136 12.32 30.70 14.81
N GLU A 1 -13.33 -23.24 -26.32
CA GLU A 1 -14.05 -24.54 -26.28
C GLU A 1 -13.51 -25.43 -25.17
N ALA A 2 -14.41 -26.02 -24.40
CA ALA A 2 -14.03 -26.91 -23.31
C ALA A 2 -13.25 -28.11 -23.83
N GLU A 3 -12.16 -28.46 -23.14
CA GLU A 3 -11.33 -29.59 -23.54
C GLU A 3 -10.29 -29.89 -22.47
N ALA A 4 -10.01 -31.17 -22.27
CA ALA A 4 -9.04 -31.59 -21.27
C ALA A 4 -9.39 -31.05 -19.89
N LYS A 5 -8.61 -30.09 -19.42
CA LYS A 5 -8.83 -29.48 -18.11
C LYS A 5 -8.43 -28.01 -18.13
N SER A 6 -9.04 -27.24 -17.23
CA SER A 6 -8.74 -25.81 -17.12
C SER A 6 -9.01 -25.32 -15.71
N CYS A 7 -8.02 -24.64 -15.14
CA CYS A 7 -8.11 -24.12 -13.78
C CYS A 7 -8.93 -22.82 -13.70
N LYS A 8 -9.89 -22.70 -14.61
CA LYS A 8 -10.78 -21.53 -14.66
C LYS A 8 -10.00 -20.21 -14.74
N THR A 9 -10.49 -19.30 -15.58
CA THR A 9 -9.85 -17.99 -15.72
C THR A 9 -9.92 -17.22 -14.41
N PRO A 10 -8.75 -16.83 -13.87
CA PRO A 10 -8.69 -16.10 -12.61
C PRO A 10 -9.27 -14.69 -12.73
N PRO A 11 -10.46 -14.47 -12.14
CA PRO A 11 -11.11 -13.15 -12.18
C PRO A 11 -10.27 -12.11 -11.44
N ASP A 12 -10.14 -10.93 -12.04
CA ASP A 12 -9.34 -9.87 -11.43
C ASP A 12 -9.69 -9.70 -9.96
N PRO A 13 -8.80 -10.12 -9.05
CA PRO A 13 -9.01 -10.01 -7.61
C PRO A 13 -8.88 -8.58 -7.12
N VAL A 14 -8.14 -8.41 -6.03
CA VAL A 14 -7.88 -7.11 -5.43
C VAL A 14 -7.37 -6.10 -6.48
N ASN A 15 -6.54 -5.17 -6.05
CA ASN A 15 -5.99 -4.19 -6.97
C ASN A 15 -5.09 -4.86 -7.99
N GLY A 16 -4.48 -5.97 -7.59
CA GLY A 16 -3.59 -6.70 -8.47
C GLY A 16 -4.32 -7.43 -9.59
N MET A 17 -3.89 -7.17 -10.82
CA MET A 17 -4.48 -7.81 -12.00
C MET A 17 -3.69 -9.06 -12.38
N VAL A 18 -4.39 -10.09 -12.84
CA VAL A 18 -3.76 -11.35 -13.25
C VAL A 18 -3.43 -11.36 -14.73
N HIS A 19 -2.36 -12.05 -15.09
CA HIS A 19 -1.97 -12.16 -16.49
C HIS A 19 -2.00 -13.62 -16.92
N VAL A 20 -2.97 -13.95 -17.76
CA VAL A 20 -3.13 -15.31 -18.27
C VAL A 20 -1.94 -15.69 -19.13
N ILE A 21 -1.61 -14.79 -20.04
CA ILE A 21 -0.49 -14.98 -20.95
C ILE A 21 -0.70 -16.15 -21.90
N THR A 22 -0.13 -17.30 -21.55
CA THR A 22 -0.26 -18.49 -22.37
C THR A 22 -1.71 -18.94 -22.47
N ASP A 23 -2.27 -19.35 -21.33
CA ASP A 23 -3.65 -19.80 -21.27
C ASP A 23 -4.08 -20.06 -19.83
N ILE A 24 -4.98 -21.01 -19.63
CA ILE A 24 -5.46 -21.37 -18.30
C ILE A 24 -5.98 -22.79 -18.25
N GLN A 25 -5.49 -23.64 -19.16
CA GLN A 25 -5.91 -25.02 -19.23
C GLN A 25 -5.24 -25.86 -18.15
N VAL A 26 -3.91 -25.86 -18.19
CA VAL A 26 -3.10 -26.62 -17.24
C VAL A 26 -1.65 -26.67 -17.70
N GLY A 27 -0.74 -26.88 -16.74
CA GLY A 27 0.68 -26.94 -17.06
C GLY A 27 1.29 -25.55 -17.24
N SER A 28 0.52 -24.63 -17.81
CA SER A 28 1.01 -23.28 -18.04
C SER A 28 1.21 -22.52 -16.72
N ARG A 29 1.24 -21.20 -16.81
CA ARG A 29 1.44 -20.35 -15.63
C ARG A 29 0.89 -18.94 -15.87
N ILE A 30 0.65 -18.23 -14.78
CA ILE A 30 0.13 -16.86 -14.85
C ILE A 30 0.75 -16.01 -13.76
N THR A 31 0.80 -14.71 -13.98
CA THR A 31 1.40 -13.81 -13.00
C THR A 31 0.62 -12.50 -12.90
N TYR A 32 0.36 -12.06 -11.68
CA TYR A 32 -0.35 -10.82 -11.45
C TYR A 32 0.64 -9.66 -11.53
N SER A 33 0.24 -8.50 -10.99
CA SER A 33 1.12 -7.34 -11.02
C SER A 33 0.93 -6.43 -9.80
N CYS A 34 -0.32 -6.25 -9.39
CA CYS A 34 -0.64 -5.40 -8.24
C CYS A 34 -0.38 -3.92 -8.56
N THR A 35 -1.30 -3.07 -8.15
CA THR A 35 -1.19 -1.64 -8.40
C THR A 35 0.07 -1.06 -7.77
N THR A 36 0.63 -0.07 -8.44
CA THR A 36 1.83 0.59 -7.97
C THR A 36 1.69 1.06 -6.52
N GLY A 37 2.72 0.80 -5.72
CA GLY A 37 2.70 1.21 -4.32
C GLY A 37 1.78 0.35 -3.47
N HIS A 38 1.76 -0.96 -3.75
CA HIS A 38 0.93 -1.88 -2.99
C HIS A 38 1.60 -3.25 -2.90
N ARG A 39 1.79 -3.74 -1.68
CA ARG A 39 2.42 -5.03 -1.48
C ARG A 39 1.40 -6.16 -1.67
N LEU A 40 1.38 -6.75 -2.86
CA LEU A 40 0.45 -7.82 -3.15
C LEU A 40 0.75 -9.03 -2.27
N ILE A 41 -0.31 -9.67 -1.80
CA ILE A 41 -0.18 -10.84 -0.95
C ILE A 41 -0.58 -12.09 -1.72
N GLY A 42 -0.05 -13.23 -1.29
CA GLY A 42 -0.35 -14.49 -1.96
C GLY A 42 0.40 -14.67 -3.26
N HIS A 43 1.42 -13.84 -3.47
CA HIS A 43 2.27 -13.92 -4.66
C HIS A 43 1.51 -13.64 -5.95
N SER A 44 2.11 -12.82 -6.81
CA SER A 44 1.53 -12.47 -8.11
C SER A 44 1.93 -13.50 -9.16
N SER A 45 1.81 -14.78 -8.81
CA SER A 45 2.18 -15.86 -9.70
C SER A 45 1.55 -17.17 -9.26
N ALA A 46 1.21 -18.03 -10.22
CA ALA A 46 0.60 -19.30 -9.90
C ALA A 46 0.62 -20.24 -11.10
N GLU A 47 1.17 -21.43 -10.90
CA GLU A 47 1.25 -22.44 -11.95
C GLU A 47 -0.03 -23.29 -11.93
N CYS A 48 -0.64 -23.45 -13.10
CA CYS A 48 -1.87 -24.24 -13.19
C CYS A 48 -1.58 -25.73 -13.06
N ILE A 49 -1.54 -26.22 -11.83
CA ILE A 49 -1.27 -27.63 -11.58
C ILE A 49 -2.55 -28.45 -11.61
N LEU A 50 -2.60 -29.50 -10.79
CA LEU A 50 -3.78 -30.36 -10.74
C LEU A 50 -3.83 -31.12 -9.41
N SER A 51 -4.98 -31.06 -8.74
CA SER A 51 -5.15 -31.74 -7.46
C SER A 51 -5.44 -33.23 -7.66
N GLY A 52 -6.53 -33.53 -8.36
CA GLY A 52 -6.89 -34.92 -8.60
C GLY A 52 -8.24 -35.06 -9.26
N ASN A 53 -8.52 -34.21 -10.23
CA ASN A 53 -9.79 -34.24 -10.96
C ASN A 53 -9.78 -33.22 -12.09
N THR A 54 -9.27 -32.02 -11.79
CA THR A 54 -9.20 -30.95 -12.77
C THR A 54 -8.03 -30.03 -12.47
N ALA A 55 -7.80 -29.05 -13.35
CA ALA A 55 -6.71 -28.11 -13.17
C ALA A 55 -7.03 -27.09 -12.07
N HIS A 56 -5.99 -26.67 -11.34
CA HIS A 56 -6.16 -25.71 -10.25
C HIS A 56 -4.91 -24.85 -10.08
N TRP A 57 -5.12 -23.59 -9.70
CA TRP A 57 -4.02 -22.64 -9.50
C TRP A 57 -3.31 -22.91 -8.18
N SER A 58 -1.99 -23.09 -8.27
CA SER A 58 -1.15 -23.37 -7.10
C SER A 58 -1.32 -22.32 -5.99
N THR A 59 -1.82 -21.14 -6.33
CA THR A 59 -1.97 -20.08 -5.32
C THR A 59 -3.35 -19.45 -5.34
N LYS A 60 -3.92 -19.25 -4.15
CA LYS A 60 -5.24 -18.65 -3.99
C LYS A 60 -5.21 -17.17 -4.36
N PRO A 61 -6.39 -16.57 -4.63
CA PRO A 61 -6.50 -15.15 -5.01
C PRO A 61 -5.65 -14.25 -4.11
N PRO A 62 -4.87 -13.33 -4.73
CA PRO A 62 -4.00 -12.41 -4.00
C PRO A 62 -4.74 -11.20 -3.44
N ILE A 63 -4.05 -10.43 -2.61
CA ILE A 63 -4.61 -9.22 -2.00
C ILE A 63 -3.51 -8.19 -1.78
N CYS A 64 -3.66 -7.01 -2.37
CA CYS A 64 -2.65 -5.98 -2.25
C CYS A 64 -2.84 -5.13 -0.99
N GLN A 65 -1.84 -5.17 -0.12
CA GLN A 65 -1.87 -4.40 1.12
C GLN A 65 -1.42 -2.98 0.85
N ARG A 66 -2.25 -2.01 1.24
CA ARG A 66 -1.95 -0.60 1.03
C ARG A 66 -0.75 -0.16 1.88
N ILE A 67 -0.32 -1.04 2.78
CA ILE A 67 0.80 -0.73 3.66
C ILE A 67 0.56 0.59 4.41
N PRO A 68 -0.56 0.68 5.15
CA PRO A 68 -0.92 1.89 5.89
C PRO A 68 -0.04 2.12 7.11
N CYS A 69 0.35 3.38 7.33
CA CYS A 69 1.18 3.73 8.49
C CYS A 69 0.31 4.05 9.69
N GLY A 70 0.66 5.11 10.41
CA GLY A 70 -0.10 5.49 11.58
C GLY A 70 -0.10 6.98 11.82
N LEU A 71 -0.24 7.38 13.08
CA LEU A 71 -0.27 8.77 13.45
C LEU A 71 1.06 9.46 13.15
N PRO A 72 1.02 10.65 12.50
CA PRO A 72 2.22 11.41 12.18
C PRO A 72 2.97 11.81 13.44
N PRO A 73 4.32 11.94 13.37
CA PRO A 73 5.13 12.31 14.52
C PRO A 73 4.54 13.47 15.30
N THR A 74 4.23 13.21 16.57
CA THR A 74 3.64 14.22 17.44
C THR A 74 4.69 15.16 18.03
N ILE A 75 4.35 16.43 18.09
CA ILE A 75 5.24 17.44 18.64
C ILE A 75 4.44 18.56 19.30
N ALA A 76 4.69 18.76 20.59
CA ALA A 76 3.99 19.80 21.34
C ALA A 76 4.51 21.17 20.97
N ASN A 77 5.24 21.23 19.87
CA ASN A 77 5.80 22.48 19.37
C ASN A 77 4.74 23.27 18.62
N GLY A 78 3.83 22.54 17.99
CA GLY A 78 2.76 23.15 17.23
C GLY A 78 1.63 22.18 16.94
N ASP A 79 1.30 22.05 15.66
CA ASP A 79 0.23 21.15 15.22
C ASP A 79 0.45 20.77 13.76
N PHE A 80 -0.62 20.48 13.05
CA PHE A 80 -0.50 20.10 11.65
C PHE A 80 -1.79 20.37 10.88
N ILE A 81 -1.63 21.06 9.75
CA ILE A 81 -2.75 21.41 8.88
C ILE A 81 -3.03 20.30 7.86
N SER A 82 -3.70 19.24 8.31
CA SER A 82 -4.01 18.12 7.43
C SER A 82 -5.02 17.17 8.06
N THR A 83 -5.76 16.46 7.22
CA THR A 83 -6.77 15.52 7.68
C THR A 83 -6.17 14.48 8.63
N ASN A 84 -5.60 13.42 8.06
CA ASN A 84 -5.00 12.36 8.85
C ASN A 84 -5.98 11.83 9.90
N ARG A 85 -5.56 11.85 11.17
CA ARG A 85 -6.39 11.38 12.29
C ARG A 85 -6.48 9.85 12.33
N GLU A 86 -6.75 9.24 11.18
CA GLU A 86 -6.86 7.78 11.12
C GLU A 86 -6.74 7.29 9.68
N ASN A 87 -7.51 7.91 8.78
CA ASN A 87 -7.50 7.54 7.37
C ASN A 87 -6.19 7.97 6.68
N PHE A 88 -5.07 7.85 7.39
CA PHE A 88 -3.78 8.22 6.83
C PHE A 88 -3.26 7.16 5.86
N HIS A 89 -3.32 5.90 6.27
CA HIS A 89 -2.87 4.79 5.43
C HIS A 89 -1.57 5.14 4.71
N TYR A 90 -1.41 4.60 3.50
CA TYR A 90 -0.23 4.85 2.67
C TYR A 90 -0.11 6.32 2.27
N GLY A 91 -1.20 6.87 1.78
CA GLY A 91 -1.19 8.24 1.34
C GLY A 91 -1.72 9.20 2.40
N SER A 92 -0.87 10.15 2.76
CA SER A 92 -1.24 11.15 3.77
C SER A 92 -0.10 12.11 4.04
N VAL A 93 -0.39 13.39 3.83
CA VAL A 93 0.58 14.45 4.03
C VAL A 93 0.30 15.17 5.35
N VAL A 94 1.32 15.83 5.91
CA VAL A 94 1.15 16.55 7.16
C VAL A 94 2.03 17.80 7.23
N THR A 95 1.39 18.96 7.32
CA THR A 95 2.09 20.23 7.41
C THR A 95 2.15 20.68 8.87
N TYR A 96 3.33 20.66 9.46
CA TYR A 96 3.48 21.06 10.86
C TYR A 96 3.56 22.57 11.00
N ARG A 97 2.66 23.12 11.82
CA ARG A 97 2.63 24.56 12.06
C ARG A 97 3.40 24.88 13.36
N CYS A 98 2.84 25.77 14.18
CA CYS A 98 3.46 26.14 15.45
C CYS A 98 2.42 26.79 16.37
N ASN A 99 2.70 26.74 17.67
CA ASN A 99 1.80 27.29 18.68
C ASN A 99 1.68 28.82 18.61
N LEU A 100 1.18 29.35 17.50
CA LEU A 100 1.01 30.79 17.35
C LEU A 100 -0.11 31.30 18.25
N GLY A 101 0.15 32.41 18.93
CA GLY A 101 -0.85 32.98 19.80
C GLY A 101 -1.84 33.83 19.04
N SER A 102 -3.13 33.61 19.31
CA SER A 102 -4.21 34.34 18.65
C SER A 102 -4.42 33.87 17.22
N ARG A 103 -3.34 33.81 16.44
CA ARG A 103 -3.45 33.38 15.05
C ARG A 103 -2.08 33.08 14.45
N GLY A 104 -1.16 34.04 14.59
CA GLY A 104 0.18 33.87 14.05
C GLY A 104 1.12 34.99 14.48
N ARG A 105 0.96 35.43 15.72
CA ARG A 105 1.79 36.50 16.27
C ARG A 105 3.24 36.04 16.39
N LYS A 106 4.16 36.98 16.60
CA LYS A 106 5.58 36.64 16.72
C LYS A 106 5.84 35.81 17.97
N VAL A 107 5.52 34.52 17.86
CA VAL A 107 5.71 33.57 18.95
C VAL A 107 5.85 32.17 18.37
N PHE A 108 7.09 31.77 18.20
CA PHE A 108 7.41 30.45 17.62
C PHE A 108 7.17 30.47 16.12
N GLU A 109 8.06 29.82 15.38
CA GLU A 109 7.95 29.77 13.93
C GLU A 109 8.42 28.41 13.41
N LEU A 110 7.76 27.92 12.36
CA LEU A 110 8.08 26.63 11.79
C LEU A 110 9.44 26.63 11.09
N VAL A 111 10.16 25.52 11.22
CA VAL A 111 11.47 25.36 10.60
C VAL A 111 11.73 23.90 10.24
N GLY A 112 12.19 23.67 9.01
CA GLY A 112 12.48 22.33 8.55
C GLY A 112 11.24 21.54 8.17
N GLU A 113 11.38 20.70 7.13
CA GLU A 113 10.31 19.85 6.63
C GLU A 113 8.93 20.32 7.08
N PRO A 114 8.48 21.48 6.58
CA PRO A 114 7.18 22.03 6.91
C PRO A 114 6.04 21.06 6.60
N SER A 115 6.38 20.00 5.87
CA SER A 115 5.41 18.98 5.48
C SER A 115 6.08 17.65 5.20
N ILE A 116 5.34 16.56 5.40
CA ILE A 116 5.86 15.23 5.16
C ILE A 116 4.79 14.33 4.54
N TYR A 117 5.04 13.03 4.53
CA TYR A 117 4.09 12.09 3.96
C TYR A 117 4.34 10.68 4.48
N CYS A 118 3.32 9.84 4.40
CA CYS A 118 3.41 8.47 4.89
C CYS A 118 4.41 7.65 4.08
N THR A 119 4.38 7.82 2.76
CA THR A 119 5.27 7.10 1.84
C THR A 119 5.33 5.61 2.19
N SER A 120 6.36 4.92 1.70
CA SER A 120 6.51 3.48 1.97
C SER A 120 7.92 3.01 1.63
N ASN A 121 8.47 2.13 2.48
CA ASN A 121 9.80 1.59 2.26
C ASN A 121 10.17 0.55 3.33
N ASP A 122 9.80 0.83 4.59
CA ASP A 122 10.11 -0.08 5.69
C ASP A 122 9.08 -1.20 5.78
N ASP A 123 8.79 -1.82 4.64
CA ASP A 123 7.83 -2.92 4.59
C ASP A 123 6.44 -2.46 5.05
N GLN A 124 5.84 -3.22 5.97
CA GLN A 124 4.50 -2.89 6.48
C GLN A 124 4.55 -1.75 7.49
N VAL A 125 5.21 -0.65 7.13
CA VAL A 125 5.31 0.49 8.02
C VAL A 125 5.31 1.80 7.24
N GLY A 126 6.10 1.82 6.18
CA GLY A 126 6.18 3.01 5.34
C GLY A 126 7.03 4.12 5.94
N ILE A 127 6.83 4.39 7.23
CA ILE A 127 7.56 5.44 7.96
C ILE A 127 7.50 6.78 7.24
N TRP A 128 7.24 7.84 7.99
CA TRP A 128 7.15 9.18 7.42
C TRP A 128 8.52 9.70 6.99
N SER A 129 8.54 10.50 5.94
CA SER A 129 9.76 11.07 5.39
C SER A 129 10.63 11.69 6.50
N GLY A 130 10.00 12.07 7.60
CA GLY A 130 10.73 12.67 8.69
C GLY A 130 9.93 12.74 9.98
N PRO A 131 10.57 12.48 11.13
CA PRO A 131 9.91 12.49 12.44
C PRO A 131 9.56 13.91 12.93
N ALA A 132 8.96 14.69 12.04
CA ALA A 132 8.54 16.06 12.37
C ALA A 132 9.74 16.95 12.65
N PRO A 133 9.71 18.20 12.16
CA PRO A 133 10.78 19.18 12.36
C PRO A 133 10.68 19.87 13.71
N GLN A 134 10.96 21.18 13.74
CA GLN A 134 10.88 21.95 14.97
C GLN A 134 10.57 23.40 14.64
N CYS A 135 9.95 24.10 15.58
CA CYS A 135 9.61 25.50 15.38
C CYS A 135 10.84 26.36 15.64
N ILE A 136 10.61 27.56 16.17
CA ILE A 136 11.68 28.52 16.46
C ILE A 136 12.29 29.08 15.19
N GLU A 1 -5.60 -41.43 -17.23
CA GLU A 1 -4.97 -40.10 -17.39
C GLU A 1 -5.83 -39.18 -18.24
N ALA A 2 -6.02 -37.95 -17.78
CA ALA A 2 -6.83 -36.97 -18.50
C ALA A 2 -6.14 -36.52 -19.78
N GLU A 3 -6.26 -35.24 -20.10
CA GLU A 3 -5.65 -34.67 -21.30
C GLU A 3 -5.75 -33.15 -21.29
N ALA A 4 -4.62 -32.50 -21.57
CA ALA A 4 -4.58 -31.04 -21.58
C ALA A 4 -5.10 -30.44 -20.29
N LYS A 5 -6.39 -30.13 -20.27
CA LYS A 5 -7.02 -29.55 -19.08
C LYS A 5 -6.47 -28.16 -18.81
N SER A 6 -7.28 -27.31 -18.19
CA SER A 6 -6.86 -25.94 -17.88
C SER A 6 -7.54 -25.42 -16.62
N CYS A 7 -6.84 -24.54 -15.91
CA CYS A 7 -7.38 -23.94 -14.69
C CYS A 7 -8.34 -22.81 -15.03
N LYS A 8 -9.35 -22.63 -14.19
CA LYS A 8 -10.33 -21.57 -14.42
C LYS A 8 -9.68 -20.20 -14.35
N THR A 9 -10.07 -19.32 -15.28
CA THR A 9 -9.53 -17.97 -15.33
C THR A 9 -9.65 -17.28 -13.97
N PRO A 10 -8.52 -16.78 -13.44
CA PRO A 10 -8.50 -16.09 -12.15
C PRO A 10 -9.18 -14.72 -12.22
N PRO A 11 -10.15 -14.46 -11.34
CA PRO A 11 -10.86 -13.18 -11.30
C PRO A 11 -9.94 -12.03 -10.92
N ASP A 12 -10.09 -10.89 -11.60
CA ASP A 12 -9.25 -9.73 -11.31
C ASP A 12 -9.11 -9.51 -9.81
N PRO A 13 -7.87 -9.66 -9.28
CA PRO A 13 -7.60 -9.48 -7.86
C PRO A 13 -7.78 -8.04 -7.41
N VAL A 14 -8.17 -7.88 -6.14
CA VAL A 14 -8.38 -6.56 -5.56
C VAL A 14 -7.25 -5.61 -5.93
N ASN A 15 -7.51 -4.73 -6.90
CA ASN A 15 -6.54 -3.75 -7.38
C ASN A 15 -5.44 -4.38 -8.24
N GLY A 16 -5.03 -5.59 -7.87
CA GLY A 16 -3.98 -6.26 -8.61
C GLY A 16 -4.41 -6.70 -10.01
N MET A 17 -3.54 -7.46 -10.69
CA MET A 17 -3.81 -7.95 -12.03
C MET A 17 -3.02 -9.23 -12.32
N VAL A 18 -3.70 -10.21 -12.91
CA VAL A 18 -3.08 -11.49 -13.25
C VAL A 18 -2.53 -11.51 -14.66
N HIS A 19 -1.47 -12.27 -14.88
CA HIS A 19 -0.88 -12.40 -16.19
C HIS A 19 -0.94 -13.86 -16.64
N VAL A 20 -1.73 -14.12 -17.69
CA VAL A 20 -1.87 -15.48 -18.21
C VAL A 20 -0.51 -15.98 -18.69
N ILE A 21 0.12 -15.18 -19.52
CA ILE A 21 1.46 -15.48 -20.04
C ILE A 21 1.45 -16.54 -21.12
N THR A 22 0.55 -17.52 -21.00
CA THR A 22 0.51 -18.60 -21.98
C THR A 22 -0.92 -18.98 -22.37
N ASP A 23 -1.69 -19.49 -21.42
CA ASP A 23 -3.06 -19.91 -21.70
C ASP A 23 -3.80 -20.30 -20.43
N ILE A 24 -3.14 -20.16 -19.29
CA ILE A 24 -3.71 -20.53 -17.99
C ILE A 24 -4.23 -21.96 -18.01
N GLN A 25 -3.31 -22.92 -18.03
CA GLN A 25 -3.65 -24.32 -18.06
C GLN A 25 -2.53 -25.14 -17.42
N VAL A 26 -2.76 -26.44 -17.28
CA VAL A 26 -1.78 -27.33 -16.66
C VAL A 26 -0.37 -27.04 -17.17
N GLY A 27 0.58 -27.05 -16.24
CA GLY A 27 1.97 -26.79 -16.59
C GLY A 27 2.26 -25.30 -16.71
N SER A 28 1.39 -24.55 -17.37
CA SER A 28 1.58 -23.12 -17.54
C SER A 28 1.44 -22.39 -16.20
N ARG A 29 2.48 -21.65 -15.82
CA ARG A 29 2.46 -20.91 -14.56
C ARG A 29 2.18 -19.43 -14.81
N ILE A 30 1.10 -18.93 -14.22
CA ILE A 30 0.73 -17.52 -14.36
C ILE A 30 1.32 -16.69 -13.23
N THR A 31 1.41 -15.38 -13.42
CA THR A 31 1.96 -14.50 -12.40
C THR A 31 1.25 -13.16 -12.36
N TYR A 32 0.88 -12.72 -11.16
CA TYR A 32 0.21 -11.44 -10.98
C TYR A 32 1.25 -10.33 -10.90
N SER A 33 0.82 -9.14 -10.49
CA SER A 33 1.74 -8.01 -10.38
C SER A 33 1.20 -6.90 -9.50
N CYS A 34 -0.05 -6.53 -9.76
CA CYS A 34 -0.71 -5.46 -9.03
C CYS A 34 -0.09 -4.11 -9.42
N THR A 35 0.13 -3.25 -8.43
CA THR A 35 0.74 -1.94 -8.70
C THR A 35 1.08 -1.19 -7.43
N THR A 36 2.00 -0.26 -7.57
CA THR A 36 2.44 0.57 -6.47
C THR A 36 1.25 1.26 -5.81
N GLY A 37 0.99 0.91 -4.55
CA GLY A 37 -0.12 1.52 -3.85
C GLY A 37 -0.75 0.56 -2.85
N HIS A 38 -0.67 -0.73 -3.14
CA HIS A 38 -1.25 -1.73 -2.26
C HIS A 38 -0.32 -2.93 -2.12
N ARG A 39 -0.26 -3.51 -0.94
CA ARG A 39 0.62 -4.66 -0.70
C ARG A 39 -0.04 -5.93 -1.24
N LEU A 40 0.69 -6.66 -2.07
CA LEU A 40 0.18 -7.88 -2.65
C LEU A 40 0.18 -9.02 -1.64
N ILE A 41 -0.96 -9.70 -1.51
CA ILE A 41 -1.09 -10.84 -0.60
C ILE A 41 -1.08 -12.14 -1.39
N GLY A 42 -0.53 -13.19 -0.80
CA GLY A 42 -0.45 -14.47 -1.49
C GLY A 42 0.62 -14.47 -2.55
N HIS A 43 0.92 -15.64 -3.10
CA HIS A 43 1.95 -15.77 -4.12
C HIS A 43 1.46 -15.24 -5.47
N SER A 44 2.22 -14.32 -6.05
CA SER A 44 1.86 -13.75 -7.35
C SER A 44 1.93 -14.85 -8.40
N SER A 45 2.99 -15.64 -8.33
CA SER A 45 3.19 -16.74 -9.28
C SER A 45 2.40 -17.97 -8.82
N ALA A 46 1.85 -18.70 -9.78
CA ALA A 46 1.07 -19.89 -9.48
C ALA A 46 0.95 -20.78 -10.71
N GLU A 47 1.50 -21.98 -10.64
CA GLU A 47 1.45 -22.92 -11.74
C GLU A 47 0.16 -23.73 -11.69
N CYS A 48 -0.51 -23.84 -12.84
CA CYS A 48 -1.74 -24.60 -12.93
C CYS A 48 -1.45 -26.08 -12.79
N ILE A 49 -1.54 -26.60 -11.57
CA ILE A 49 -1.29 -28.01 -11.33
C ILE A 49 -2.56 -28.81 -11.54
N LEU A 50 -2.49 -30.13 -11.32
CA LEU A 50 -3.65 -30.97 -11.51
C LEU A 50 -3.54 -32.28 -10.74
N SER A 51 -4.55 -32.55 -9.93
CA SER A 51 -4.60 -33.77 -9.13
C SER A 51 -5.19 -34.91 -9.95
N GLY A 52 -6.33 -34.65 -10.59
CA GLY A 52 -6.98 -35.65 -11.40
C GLY A 52 -8.36 -35.22 -11.88
N ASN A 53 -9.17 -34.70 -10.94
CA ASN A 53 -10.52 -34.26 -11.26
C ASN A 53 -10.51 -32.98 -12.09
N THR A 54 -9.85 -31.96 -11.58
CA THR A 54 -9.79 -30.67 -12.24
C THR A 54 -8.49 -29.93 -11.91
N ALA A 55 -8.02 -29.12 -12.87
CA ALA A 55 -6.80 -28.36 -12.68
C ALA A 55 -7.05 -27.16 -11.77
N HIS A 56 -6.05 -26.85 -10.94
CA HIS A 56 -6.15 -25.72 -10.01
C HIS A 56 -4.78 -25.10 -9.73
N TRP A 57 -4.79 -23.80 -9.44
CA TRP A 57 -3.57 -23.07 -9.16
C TRP A 57 -2.93 -23.49 -7.84
N SER A 58 -1.63 -23.74 -7.89
CA SER A 58 -0.87 -24.15 -6.70
C SER A 58 -1.08 -23.20 -5.53
N THR A 59 -1.45 -21.96 -5.82
CA THR A 59 -1.66 -20.96 -4.77
C THR A 59 -2.98 -20.21 -4.96
N LYS A 60 -3.65 -19.94 -3.84
CA LYS A 60 -4.93 -19.24 -3.86
C LYS A 60 -4.79 -17.89 -4.54
N PRO A 61 -5.90 -17.35 -5.09
CA PRO A 61 -5.89 -16.06 -5.77
C PRO A 61 -5.38 -14.93 -4.86
N PRO A 62 -4.26 -14.29 -5.23
CA PRO A 62 -3.68 -13.19 -4.45
C PRO A 62 -4.61 -12.00 -4.31
N ILE A 63 -4.36 -11.17 -3.31
CA ILE A 63 -5.19 -9.99 -3.06
C ILE A 63 -4.36 -8.81 -2.56
N CYS A 64 -4.50 -7.66 -3.21
CA CYS A 64 -3.75 -6.45 -2.81
C CYS A 64 -4.51 -5.67 -1.75
N GLN A 65 -3.96 -5.63 -0.54
CA GLN A 65 -4.57 -4.90 0.57
C GLN A 65 -4.15 -3.43 0.55
N ARG A 66 -5.07 -2.55 0.95
CA ARG A 66 -4.78 -1.13 0.99
C ARG A 66 -3.68 -0.84 2.02
N ILE A 67 -2.64 -0.13 1.60
CA ILE A 67 -1.54 0.20 2.48
C ILE A 67 -1.98 1.13 3.61
N PRO A 68 -1.66 0.76 4.87
CA PRO A 68 -2.02 1.54 6.06
C PRO A 68 -0.90 2.46 6.55
N CYS A 69 -1.26 3.67 6.96
CA CYS A 69 -0.30 4.64 7.47
C CYS A 69 -0.52 4.91 8.96
N GLY A 70 0.56 4.94 9.73
CA GLY A 70 0.44 5.20 11.15
C GLY A 70 0.24 6.68 11.42
N LEU A 71 0.67 7.14 12.60
CA LEU A 71 0.53 8.54 12.97
C LEU A 71 1.67 9.37 12.39
N PRO A 72 1.39 10.64 12.02
CA PRO A 72 2.42 11.53 11.47
C PRO A 72 3.51 11.80 12.50
N PRO A 73 4.75 12.05 12.04
CA PRO A 73 5.87 12.32 12.93
C PRO A 73 5.51 13.32 14.02
N THR A 74 5.62 12.89 15.27
CA THR A 74 5.29 13.73 16.41
C THR A 74 6.41 14.73 16.69
N ILE A 75 6.02 15.93 17.14
CA ILE A 75 6.99 16.97 17.46
C ILE A 75 6.46 17.87 18.57
N ALA A 76 7.13 17.83 19.71
CA ALA A 76 6.74 18.65 20.85
C ALA A 76 6.68 20.13 20.49
N ASN A 77 5.73 20.84 21.08
CA ASN A 77 5.55 22.27 20.83
C ASN A 77 4.91 22.52 19.47
N GLY A 78 5.26 21.71 18.50
CA GLY A 78 4.72 21.86 17.17
C GLY A 78 3.22 21.62 17.12
N ASP A 79 2.64 21.78 15.94
CA ASP A 79 1.20 21.59 15.74
C ASP A 79 0.90 21.27 14.28
N PHE A 80 0.18 20.17 14.06
CA PHE A 80 -0.16 19.76 12.70
C PHE A 80 -1.41 20.48 12.22
N ILE A 81 -1.43 20.80 10.92
CA ILE A 81 -2.58 21.49 10.33
C ILE A 81 -2.99 20.83 9.01
N SER A 82 -3.82 19.80 9.11
CA SER A 82 -4.28 19.09 7.92
C SER A 82 -5.44 18.16 8.24
N THR A 83 -5.67 17.19 7.35
CA THR A 83 -6.75 16.23 7.52
C THR A 83 -6.39 15.18 8.58
N ASN A 84 -5.12 15.14 8.95
CA ASN A 84 -4.63 14.19 9.94
C ASN A 84 -5.53 14.13 11.17
N ARG A 85 -5.81 12.92 11.64
CA ARG A 85 -6.64 12.71 12.82
C ARG A 85 -6.30 11.37 13.49
N GLU A 86 -6.87 10.29 12.98
CA GLU A 86 -6.61 8.96 13.53
C GLU A 86 -7.03 7.88 12.53
N ASN A 87 -6.28 6.77 12.51
CA ASN A 87 -6.56 5.66 11.60
C ASN A 87 -6.25 6.07 10.16
N PHE A 88 -4.99 6.44 9.92
CA PHE A 88 -4.56 6.85 8.59
C PHE A 88 -4.37 5.65 7.68
N HIS A 89 -4.92 5.74 6.48
CA HIS A 89 -4.80 4.65 5.51
C HIS A 89 -3.56 4.85 4.65
N TYR A 90 -3.55 5.91 3.84
CA TYR A 90 -2.43 6.22 2.96
C TYR A 90 -2.79 7.37 2.03
N GLY A 91 -3.41 8.39 2.61
CA GLY A 91 -3.82 9.56 1.85
C GLY A 91 -4.06 10.75 2.75
N SER A 92 -3.01 11.53 3.00
CA SER A 92 -3.11 12.71 3.86
C SER A 92 -1.74 13.32 4.13
N VAL A 93 -1.71 14.66 4.16
CA VAL A 93 -0.49 15.40 4.42
C VAL A 93 -0.52 16.01 5.82
N VAL A 94 0.47 16.83 6.13
CA VAL A 94 0.54 17.49 7.44
C VAL A 94 1.33 18.78 7.34
N THR A 95 0.75 19.87 7.85
CA THR A 95 1.42 21.16 7.84
C THR A 95 1.70 21.66 9.25
N TYR A 96 2.96 21.68 9.62
CA TYR A 96 3.37 22.13 10.95
C TYR A 96 3.17 23.64 11.09
N ARG A 97 3.05 24.11 12.32
CA ARG A 97 2.84 25.53 12.57
C ARG A 97 3.46 25.94 13.91
N CYS A 98 3.81 24.96 14.73
CA CYS A 98 4.40 25.20 16.05
C CYS A 98 3.38 25.89 16.97
N ASN A 99 3.70 25.90 18.27
CA ASN A 99 2.81 26.49 19.27
C ASN A 99 2.44 27.95 18.98
N LEU A 100 3.42 28.76 18.60
CA LEU A 100 3.20 30.18 18.30
C LEU A 100 2.20 30.83 19.25
N GLY A 101 2.19 30.37 20.49
CA GLY A 101 1.29 30.93 21.50
C GLY A 101 -0.17 30.60 21.25
N SER A 102 -0.68 30.89 20.06
CA SER A 102 -2.08 30.62 19.74
C SER A 102 -2.31 30.60 18.22
N ARG A 103 -1.50 31.33 17.48
CA ARG A 103 -1.64 31.38 16.02
C ARG A 103 -0.29 31.64 15.34
N GLY A 104 0.43 32.66 15.80
CA GLY A 104 1.72 32.96 15.21
C GLY A 104 2.45 34.08 15.94
N ARG A 105 2.33 34.09 17.26
CA ARG A 105 3.00 35.10 18.07
C ARG A 105 4.49 34.85 18.10
N LYS A 106 5.26 35.86 18.51
CA LYS A 106 6.72 35.73 18.57
C LYS A 106 7.13 34.75 19.67
N VAL A 107 6.85 33.48 19.43
CA VAL A 107 7.19 32.41 20.37
C VAL A 107 7.34 31.10 19.63
N PHE A 108 8.57 30.85 19.19
CA PHE A 108 8.89 29.64 18.42
C PHE A 108 8.39 29.78 16.99
N GLU A 109 9.13 29.23 16.04
CA GLU A 109 8.76 29.31 14.63
C GLU A 109 9.15 28.03 13.91
N LEU A 110 8.32 27.61 12.95
CA LEU A 110 8.57 26.40 12.19
C LEU A 110 9.78 26.55 11.28
N VAL A 111 10.63 25.53 11.28
CA VAL A 111 11.82 25.54 10.44
C VAL A 111 12.02 24.17 9.81
N GLY A 112 12.08 24.16 8.48
CA GLY A 112 12.26 22.91 7.75
C GLY A 112 11.02 22.05 7.78
N GLU A 113 10.94 21.10 6.86
CA GLU A 113 9.80 20.18 6.76
C GLU A 113 8.50 20.80 7.26
N PRO A 114 8.02 21.87 6.60
CA PRO A 114 6.79 22.54 6.98
C PRO A 114 5.55 21.72 6.63
N SER A 115 5.68 20.85 5.64
CA SER A 115 4.56 20.00 5.22
C SER A 115 5.05 18.73 4.53
N ILE A 116 4.42 17.60 4.87
CA ILE A 116 4.75 16.32 4.28
C ILE A 116 3.51 15.46 4.12
N TYR A 117 3.70 14.19 3.80
CA TYR A 117 2.58 13.27 3.63
C TYR A 117 3.05 11.82 3.70
N CYS A 118 2.14 10.90 4.03
CA CYS A 118 2.52 9.48 4.11
C CYS A 118 2.98 8.97 2.76
N THR A 119 3.92 8.02 2.77
CA THR A 119 4.45 7.46 1.54
C THR A 119 4.79 5.99 1.69
N SER A 120 4.71 5.48 2.92
CA SER A 120 5.01 4.07 3.19
C SER A 120 6.33 3.66 2.53
N ASN A 121 7.39 4.41 2.84
CA ASN A 121 8.71 4.14 2.27
C ASN A 121 9.17 2.70 2.51
N ASP A 122 9.03 2.22 3.73
CA ASP A 122 9.45 0.87 4.08
C ASP A 122 8.47 -0.17 3.54
N ASP A 123 7.38 0.31 2.93
CA ASP A 123 6.35 -0.58 2.38
C ASP A 123 5.66 -1.35 3.50
N GLN A 124 4.33 -1.42 3.44
CA GLN A 124 3.55 -2.10 4.47
C GLN A 124 3.86 -1.51 5.84
N VAL A 125 3.93 -0.18 5.90
CA VAL A 125 4.22 0.52 7.13
C VAL A 125 3.52 1.87 7.17
N GLY A 126 3.43 2.51 6.02
CA GLY A 126 2.80 3.81 5.93
C GLY A 126 3.55 4.87 6.72
N ILE A 127 4.88 4.82 6.63
CA ILE A 127 5.72 5.77 7.34
C ILE A 127 5.92 7.05 6.53
N TRP A 128 5.82 8.19 7.21
CA TRP A 128 5.99 9.48 6.56
C TRP A 128 7.47 9.77 6.28
N SER A 129 7.74 10.37 5.13
CA SER A 129 9.12 10.68 4.74
C SER A 129 9.80 11.61 5.74
N GLY A 130 9.26 12.82 5.90
CA GLY A 130 9.84 13.76 6.83
C GLY A 130 9.65 13.37 8.28
N PRO A 131 10.74 13.31 9.08
CA PRO A 131 10.67 12.95 10.49
C PRO A 131 10.44 14.15 11.40
N ALA A 132 9.50 15.01 11.02
CA ALA A 132 9.17 16.20 11.79
C ALA A 132 10.37 17.16 11.87
N PRO A 133 10.14 18.45 11.58
CA PRO A 133 11.21 19.47 11.61
C PRO A 133 11.52 19.95 13.02
N GLN A 134 11.71 21.26 13.19
CA GLN A 134 12.03 21.81 14.50
C GLN A 134 11.54 23.26 14.64
N CYS A 135 11.01 23.57 15.82
CA CYS A 135 10.51 24.91 16.11
C CYS A 135 11.53 25.71 16.92
N ILE A 136 11.82 26.94 16.48
CA ILE A 136 12.77 27.81 17.17
C ILE A 136 12.42 29.28 16.95
N GLU A 1 -0.69 -35.68 -20.97
CA GLU A 1 -1.80 -35.09 -20.17
C GLU A 1 -3.16 -35.41 -20.79
N ALA A 2 -4.10 -35.82 -19.95
CA ALA A 2 -5.44 -36.15 -20.41
C ALA A 2 -6.11 -34.95 -21.07
N GLU A 3 -5.99 -33.80 -20.42
CA GLU A 3 -6.58 -32.58 -20.93
C GLU A 3 -6.14 -31.37 -20.11
N ALA A 4 -5.70 -30.32 -20.80
CA ALA A 4 -5.24 -29.12 -20.12
C ALA A 4 -6.41 -28.41 -19.44
N LYS A 5 -6.52 -28.61 -18.13
CA LYS A 5 -7.59 -27.99 -17.35
C LYS A 5 -7.19 -26.58 -16.90
N SER A 6 -8.10 -25.63 -17.10
CA SER A 6 -7.85 -24.24 -16.72
C SER A 6 -8.11 -24.03 -15.23
N CYS A 7 -7.17 -23.36 -14.55
CA CYS A 7 -7.33 -23.08 -13.13
C CYS A 7 -8.24 -21.89 -12.89
N LYS A 8 -9.26 -21.77 -13.72
CA LYS A 8 -10.22 -20.68 -13.63
C LYS A 8 -9.56 -19.32 -13.86
N THR A 9 -10.20 -18.50 -14.69
CA THR A 9 -9.68 -17.17 -15.00
C THR A 9 -9.85 -16.26 -13.80
N PRO A 10 -8.73 -15.76 -13.23
CA PRO A 10 -8.77 -14.88 -12.06
C PRO A 10 -9.25 -13.48 -12.42
N PRO A 11 -10.35 -13.02 -11.81
CA PRO A 11 -10.90 -11.69 -12.06
C PRO A 11 -9.94 -10.60 -11.65
N ASP A 12 -9.63 -10.56 -10.35
CA ASP A 12 -8.70 -9.59 -9.80
C ASP A 12 -8.73 -9.64 -8.27
N PRO A 13 -7.78 -10.38 -7.65
CA PRO A 13 -7.70 -10.51 -6.20
C PRO A 13 -7.67 -9.17 -5.47
N VAL A 14 -7.62 -9.22 -4.16
CA VAL A 14 -7.58 -8.02 -3.33
C VAL A 14 -6.52 -7.02 -3.81
N ASN A 15 -6.94 -6.13 -4.72
CA ASN A 15 -6.04 -5.10 -5.27
C ASN A 15 -5.00 -5.71 -6.23
N GLY A 16 -4.67 -6.98 -6.03
CA GLY A 16 -3.69 -7.61 -6.88
C GLY A 16 -4.19 -7.80 -8.30
N MET A 17 -3.54 -7.12 -9.24
CA MET A 17 -3.92 -7.20 -10.65
C MET A 17 -3.30 -8.45 -11.27
N VAL A 18 -4.14 -9.30 -11.86
CA VAL A 18 -3.64 -10.51 -12.49
C VAL A 18 -3.37 -10.27 -13.97
N HIS A 19 -2.27 -10.82 -14.47
CA HIS A 19 -1.90 -10.65 -15.86
C HIS A 19 -1.76 -12.01 -16.54
N VAL A 20 -2.70 -12.33 -17.42
CA VAL A 20 -2.66 -13.60 -18.14
C VAL A 20 -1.47 -13.62 -19.09
N ILE A 21 -0.39 -14.25 -18.63
CA ILE A 21 0.83 -14.33 -19.41
C ILE A 21 0.69 -15.35 -20.55
N THR A 22 1.11 -16.58 -20.29
CA THR A 22 1.02 -17.65 -21.29
C THR A 22 -0.44 -18.01 -21.53
N ASP A 23 -1.09 -18.42 -20.46
CA ASP A 23 -2.50 -18.81 -20.49
C ASP A 23 -3.05 -18.86 -19.07
N ILE A 24 -3.76 -19.93 -18.74
CA ILE A 24 -4.31 -20.11 -17.40
C ILE A 24 -4.54 -21.58 -17.11
N GLN A 25 -4.52 -22.39 -18.18
CA GLN A 25 -4.71 -23.83 -18.07
C GLN A 25 -3.45 -24.48 -17.51
N VAL A 26 -3.52 -25.80 -17.32
CA VAL A 26 -2.39 -26.56 -16.78
C VAL A 26 -1.08 -26.16 -17.44
N GLY A 27 0.01 -26.17 -16.65
CA GLY A 27 1.31 -25.80 -17.18
C GLY A 27 1.50 -24.31 -17.34
N SER A 28 0.45 -23.61 -17.77
CA SER A 28 0.52 -22.17 -17.97
C SER A 28 0.66 -21.47 -16.63
N ARG A 29 1.35 -20.33 -16.62
CA ARG A 29 1.56 -19.58 -15.40
C ARG A 29 1.41 -18.08 -15.64
N ILE A 30 0.57 -17.44 -14.83
CA ILE A 30 0.33 -16.01 -14.93
C ILE A 30 1.18 -15.23 -13.93
N THR A 31 0.99 -13.92 -13.88
CA THR A 31 1.75 -13.07 -12.96
C THR A 31 0.94 -11.85 -12.53
N TYR A 32 0.86 -11.65 -11.22
CA TYR A 32 0.13 -10.52 -10.66
C TYR A 32 1.01 -9.27 -10.60
N SER A 33 0.48 -8.19 -10.05
CA SER A 33 1.24 -6.94 -9.94
C SER A 33 0.64 -6.00 -8.89
N CYS A 34 -0.69 -6.02 -8.77
CA CYS A 34 -1.40 -5.17 -7.82
C CYS A 34 -1.31 -3.70 -8.22
N THR A 35 -2.13 -2.87 -7.58
CA THR A 35 -2.17 -1.44 -7.86
C THR A 35 -0.83 -0.77 -7.59
N THR A 36 -0.84 0.55 -7.63
CA THR A 36 0.35 1.35 -7.40
C THR A 36 0.52 1.66 -5.92
N GLY A 37 1.71 1.40 -5.39
CA GLY A 37 1.98 1.67 -3.99
C GLY A 37 1.28 0.69 -3.05
N HIS A 38 1.26 -0.58 -3.45
CA HIS A 38 0.63 -1.63 -2.65
C HIS A 38 1.38 -2.94 -2.83
N ARG A 39 1.67 -3.61 -1.72
CA ARG A 39 2.39 -4.89 -1.77
C ARG A 39 1.44 -6.07 -1.68
N LEU A 40 1.35 -6.84 -2.76
CA LEU A 40 0.48 -8.00 -2.78
C LEU A 40 1.08 -9.16 -2.01
N ILE A 41 0.23 -9.84 -1.26
CA ILE A 41 0.66 -10.99 -0.49
C ILE A 41 0.39 -12.27 -1.28
N GLY A 42 1.16 -13.31 -1.01
CA GLY A 42 0.99 -14.57 -1.71
C GLY A 42 1.65 -14.59 -3.08
N HIS A 43 2.66 -13.74 -3.26
CA HIS A 43 3.42 -13.67 -4.50
C HIS A 43 2.59 -13.21 -5.69
N SER A 44 3.21 -12.39 -6.55
CA SER A 44 2.57 -11.88 -7.74
C SER A 44 2.72 -12.86 -8.91
N SER A 45 2.38 -14.11 -8.65
CA SER A 45 2.48 -15.15 -9.68
C SER A 45 1.64 -16.36 -9.29
N ALA A 46 1.41 -17.24 -10.26
CA ALA A 46 0.61 -18.44 -10.02
C ALA A 46 0.77 -19.46 -11.13
N GLU A 47 1.06 -20.70 -10.73
CA GLU A 47 1.22 -21.79 -11.69
C GLU A 47 0.00 -22.70 -11.67
N CYS A 48 -0.61 -22.90 -12.83
CA CYS A 48 -1.80 -23.74 -12.92
C CYS A 48 -1.43 -25.22 -12.82
N ILE A 49 -2.03 -25.90 -11.85
CA ILE A 49 -1.76 -27.32 -11.66
C ILE A 49 -3.06 -28.08 -11.39
N LEU A 50 -3.10 -29.35 -11.78
CA LEU A 50 -4.28 -30.17 -11.57
C LEU A 50 -4.10 -31.04 -10.32
N SER A 51 -5.02 -30.89 -9.37
CA SER A 51 -4.96 -31.66 -8.13
C SER A 51 -5.48 -33.08 -8.35
N GLY A 52 -6.69 -33.19 -8.85
CA GLY A 52 -7.30 -34.49 -9.10
C GLY A 52 -8.79 -34.40 -9.36
N ASN A 53 -9.20 -33.33 -10.05
CA ASN A 53 -10.61 -33.11 -10.37
C ASN A 53 -10.78 -31.81 -11.13
N THR A 54 -10.05 -30.79 -10.68
CA THR A 54 -10.11 -29.48 -11.30
C THR A 54 -8.79 -28.74 -11.14
N ALA A 55 -8.47 -27.87 -12.09
CA ALA A 55 -7.23 -27.11 -12.05
C ALA A 55 -7.31 -25.99 -11.03
N HIS A 56 -6.20 -25.77 -10.33
CA HIS A 56 -6.11 -24.74 -9.30
C HIS A 56 -4.69 -24.20 -9.21
N TRP A 57 -4.57 -22.88 -9.03
CA TRP A 57 -3.27 -22.25 -8.94
C TRP A 57 -2.59 -22.58 -7.63
N SER A 58 -1.36 -23.09 -7.72
CA SER A 58 -0.59 -23.46 -6.55
C SER A 58 -0.52 -22.31 -5.54
N THR A 59 -0.60 -21.08 -6.04
CA THR A 59 -0.54 -19.90 -5.19
C THR A 59 -1.93 -19.47 -4.72
N LYS A 60 -2.94 -19.83 -5.51
CA LYS A 60 -4.34 -19.48 -5.20
C LYS A 60 -4.53 -17.97 -5.15
N PRO A 61 -5.74 -17.48 -5.45
CA PRO A 61 -6.04 -16.04 -5.43
C PRO A 61 -5.48 -15.36 -4.19
N PRO A 62 -4.38 -14.60 -4.34
CA PRO A 62 -3.73 -13.89 -3.24
C PRO A 62 -4.44 -12.58 -2.87
N ILE A 63 -3.67 -11.64 -2.35
CA ILE A 63 -4.20 -10.33 -1.97
C ILE A 63 -3.14 -9.25 -2.13
N CYS A 64 -3.43 -8.06 -1.61
CA CYS A 64 -2.47 -6.96 -1.69
C CYS A 64 -2.71 -5.97 -0.55
N GLN A 65 -1.76 -5.93 0.37
CA GLN A 65 -1.84 -5.04 1.53
C GLN A 65 -1.48 -3.60 1.13
N ARG A 66 -2.30 -2.65 1.57
CA ARG A 66 -2.06 -1.24 1.27
C ARG A 66 -0.93 -0.67 2.12
N ILE A 67 -0.26 -1.53 2.89
CA ILE A 67 0.85 -1.11 3.74
C ILE A 67 0.45 0.04 4.65
N PRO A 68 -0.31 -0.23 5.73
CA PRO A 68 -0.74 0.80 6.68
C PRO A 68 0.45 1.51 7.31
N CYS A 69 0.57 2.82 7.05
CA CYS A 69 1.66 3.62 7.59
C CYS A 69 1.30 4.24 8.93
N GLY A 70 0.50 3.53 9.71
CA GLY A 70 0.09 4.01 11.02
C GLY A 70 -0.31 5.47 11.02
N LEU A 71 0.05 6.18 12.09
CA LEU A 71 -0.27 7.59 12.22
C LEU A 71 0.97 8.46 12.03
N PRO A 72 0.84 9.56 11.27
CA PRO A 72 1.95 10.49 11.02
C PRO A 72 2.41 11.17 12.30
N PRO A 73 3.73 11.40 12.45
CA PRO A 73 4.28 12.04 13.65
C PRO A 73 3.63 13.38 13.92
N THR A 74 2.83 13.42 14.97
CA THR A 74 2.13 14.63 15.36
C THR A 74 2.91 15.43 16.39
N ILE A 75 3.17 16.69 16.08
CA ILE A 75 3.89 17.57 17.00
C ILE A 75 2.93 18.19 18.01
N ALA A 76 3.36 18.28 19.26
CA ALA A 76 2.53 18.86 20.31
C ALA A 76 2.11 20.27 19.94
N ASN A 77 3.10 21.10 19.67
CA ASN A 77 2.86 22.49 19.30
C ASN A 77 2.48 22.60 17.83
N GLY A 78 3.09 21.76 17.02
CA GLY A 78 2.84 21.77 15.58
C GLY A 78 1.49 21.21 15.20
N ASP A 79 0.69 22.03 14.53
CA ASP A 79 -0.64 21.62 14.08
C ASP A 79 -0.54 20.87 12.76
N PHE A 80 -1.59 20.95 11.95
CA PHE A 80 -1.61 20.28 10.66
C PHE A 80 -2.60 20.97 9.72
N ILE A 81 -2.19 21.11 8.46
CA ILE A 81 -3.03 21.76 7.45
C ILE A 81 -3.29 20.83 6.29
N SER A 82 -4.05 19.77 6.54
CA SER A 82 -4.36 18.79 5.50
C SER A 82 -5.63 18.02 5.83
N THR A 83 -5.63 16.71 5.56
CA THR A 83 -6.79 15.87 5.81
C THR A 83 -6.43 14.75 6.79
N ASN A 84 -5.62 15.07 7.79
CA ASN A 84 -5.21 14.10 8.80
C ASN A 84 -6.29 13.93 9.85
N ARG A 85 -6.79 12.71 10.02
CA ARG A 85 -7.83 12.43 11.01
C ARG A 85 -7.84 10.96 11.42
N GLU A 86 -6.65 10.40 11.65
CA GLU A 86 -6.52 8.99 12.07
C GLU A 86 -7.06 8.02 11.02
N ASN A 87 -6.38 6.89 10.88
CA ASN A 87 -6.76 5.83 9.94
C ASN A 87 -6.33 6.18 8.51
N PHE A 88 -5.05 6.49 8.34
CA PHE A 88 -4.53 6.84 7.03
C PHE A 88 -4.33 5.60 6.16
N HIS A 89 -3.53 4.65 6.68
CA HIS A 89 -3.24 3.40 5.98
C HIS A 89 -2.30 3.62 4.80
N TYR A 90 -2.55 4.67 4.01
CA TYR A 90 -1.72 4.98 2.85
C TYR A 90 -2.37 6.10 2.03
N GLY A 91 -1.52 6.91 1.40
CA GLY A 91 -2.01 8.00 0.60
C GLY A 91 -2.53 9.13 1.46
N SER A 92 -1.67 10.14 1.68
CA SER A 92 -2.04 11.29 2.50
C SER A 92 -0.82 12.19 2.72
N VAL A 93 -1.10 13.46 3.01
CA VAL A 93 -0.06 14.45 3.24
C VAL A 93 -0.42 15.32 4.44
N VAL A 94 0.59 15.91 5.08
CA VAL A 94 0.34 16.76 6.23
C VAL A 94 1.30 17.94 6.26
N THR A 95 0.74 19.15 6.37
CA THR A 95 1.54 20.36 6.41
C THR A 95 1.63 20.93 7.82
N TYR A 96 2.85 21.03 8.33
CA TYR A 96 3.07 21.56 9.67
C TYR A 96 3.12 23.09 9.65
N ARG A 97 2.67 23.71 10.74
CA ARG A 97 2.65 25.16 10.83
C ARG A 97 2.99 25.62 12.24
N CYS A 98 2.70 24.78 13.23
CA CYS A 98 2.98 25.09 14.62
C CYS A 98 2.10 26.23 15.12
N ASN A 99 1.87 26.28 16.43
CA ASN A 99 1.02 27.33 17.02
C ASN A 99 1.46 28.73 16.58
N LEU A 100 2.31 29.36 17.38
CA LEU A 100 2.82 30.70 17.07
C LEU A 100 1.69 31.73 17.03
N GLY A 101 2.02 32.90 16.49
CA GLY A 101 1.05 33.97 16.34
C GLY A 101 0.36 34.35 17.65
N SER A 102 -0.98 34.27 17.65
CA SER A 102 -1.76 34.62 18.84
C SER A 102 -1.12 34.02 20.08
N ARG A 103 -1.13 32.69 20.17
CA ARG A 103 -0.52 32.00 21.29
C ARG A 103 0.94 31.76 20.97
N GLY A 104 1.55 32.73 20.29
CA GLY A 104 2.94 32.61 19.91
C GLY A 104 3.50 33.86 19.24
N ARG A 105 3.92 33.70 17.99
CA ARG A 105 4.50 34.79 17.19
C ARG A 105 6.01 34.89 17.47
N LYS A 106 6.80 34.47 16.48
CA LYS A 106 8.26 34.47 16.62
C LYS A 106 8.65 33.90 17.98
N VAL A 107 7.87 32.92 18.40
CA VAL A 107 8.06 32.26 19.67
C VAL A 107 8.69 30.90 19.47
N PHE A 108 8.68 30.49 18.23
CA PHE A 108 9.22 29.20 17.80
C PHE A 108 9.59 29.28 16.33
N GLU A 109 10.41 28.36 15.87
CA GLU A 109 10.83 28.36 14.48
C GLU A 109 10.92 26.93 13.94
N LEU A 110 10.32 26.72 12.77
CA LEU A 110 10.29 25.39 12.15
C LEU A 110 11.68 24.97 11.68
N VAL A 111 11.94 23.67 11.74
CA VAL A 111 13.22 23.12 11.32
C VAL A 111 13.01 21.83 10.54
N GLY A 112 13.73 21.70 9.44
CA GLY A 112 13.63 20.52 8.60
C GLY A 112 12.45 20.55 7.65
N GLU A 113 11.89 19.38 7.35
CA GLU A 113 10.77 19.27 6.43
C GLU A 113 9.48 19.81 7.05
N PRO A 114 8.87 20.83 6.42
CA PRO A 114 7.62 21.43 6.89
C PRO A 114 6.41 20.55 6.60
N SER A 115 6.52 19.73 5.57
CA SER A 115 5.42 18.83 5.18
C SER A 115 5.95 17.45 4.83
N ILE A 116 5.10 16.43 4.98
CA ILE A 116 5.50 15.06 4.68
C ILE A 116 4.35 14.29 4.05
N TYR A 117 4.52 12.98 3.94
CA TYR A 117 3.51 12.12 3.36
C TYR A 117 3.69 10.67 3.77
N CYS A 118 2.62 9.89 3.69
CA CYS A 118 2.65 8.49 4.07
C CYS A 118 3.61 7.70 3.21
N THR A 119 3.45 7.83 1.90
CA THR A 119 4.31 7.14 0.93
C THR A 119 4.51 5.67 1.28
N SER A 120 5.40 5.00 0.55
CA SER A 120 5.69 3.59 0.77
C SER A 120 6.97 3.18 0.06
N ASN A 121 7.74 2.30 0.68
CA ASN A 121 8.99 1.83 0.09
C ASN A 121 9.49 0.54 0.75
N ASP A 122 9.46 0.50 2.09
CA ASP A 122 9.90 -0.67 2.81
C ASP A 122 8.79 -1.71 2.85
N ASP A 123 8.70 -2.47 3.94
CA ASP A 123 7.66 -3.49 4.09
C ASP A 123 6.35 -2.85 4.55
N GLN A 124 5.68 -3.49 5.48
CA GLN A 124 4.42 -2.97 6.02
C GLN A 124 4.70 -1.92 7.08
N VAL A 125 5.85 -1.27 6.96
CA VAL A 125 6.27 -0.24 7.90
C VAL A 125 5.54 1.07 7.62
N GLY A 126 5.47 1.43 6.35
CA GLY A 126 4.81 2.66 5.96
C GLY A 126 5.47 3.88 6.59
N ILE A 127 6.73 4.12 6.25
CA ILE A 127 7.47 5.25 6.81
C ILE A 127 7.14 6.54 6.06
N TRP A 128 6.80 7.59 6.81
CA TRP A 128 6.47 8.88 6.23
C TRP A 128 7.74 9.62 5.80
N SER A 129 7.55 10.64 4.97
CA SER A 129 8.67 11.44 4.46
C SER A 129 9.60 11.88 5.59
N GLY A 130 9.04 12.12 6.77
CA GLY A 130 9.85 12.55 7.90
C GLY A 130 9.12 12.45 9.22
N PRO A 131 9.84 12.17 10.32
CA PRO A 131 9.26 12.05 11.66
C PRO A 131 8.90 13.40 12.28
N ALA A 132 8.20 14.22 11.51
CA ALA A 132 7.78 15.55 11.97
C ALA A 132 8.98 16.45 12.24
N PRO A 133 8.93 17.71 11.76
CA PRO A 133 10.02 18.66 11.97
C PRO A 133 10.08 19.16 13.41
N GLN A 134 10.53 20.41 13.60
CA GLN A 134 10.62 20.98 14.94
C GLN A 134 10.47 22.50 14.90
N CYS A 135 9.44 23.01 15.56
CA CYS A 135 9.20 24.44 15.62
C CYS A 135 9.62 24.99 16.98
N ILE A 136 10.89 25.37 17.09
CA ILE A 136 11.43 25.88 18.34
C ILE A 136 12.54 26.90 18.07
N GLU A 1 -4.73 -36.47 -19.51
CA GLU A 1 -4.06 -35.78 -18.37
C GLU A 1 -4.16 -34.27 -18.50
N ALA A 2 -5.32 -33.80 -18.94
CA ALA A 2 -5.56 -32.37 -19.11
C ALA A 2 -6.98 -32.10 -19.58
N GLU A 3 -7.46 -32.95 -20.50
CA GLU A 3 -8.82 -32.81 -21.04
C GLU A 3 -9.06 -31.39 -21.54
N ALA A 4 -8.06 -30.84 -22.23
CA ALA A 4 -8.15 -29.49 -22.77
C ALA A 4 -8.72 -28.50 -21.75
N LYS A 5 -8.39 -28.72 -20.48
CA LYS A 5 -8.85 -27.84 -19.41
C LYS A 5 -8.02 -26.56 -19.35
N SER A 6 -8.65 -25.47 -18.93
CA SER A 6 -7.97 -24.20 -18.82
C SER A 6 -8.68 -23.26 -17.85
N CYS A 7 -7.93 -22.74 -16.89
CA CYS A 7 -8.47 -21.83 -15.89
C CYS A 7 -8.59 -20.42 -16.46
N LYS A 8 -9.66 -19.72 -16.08
CA LYS A 8 -9.89 -18.37 -16.56
C LYS A 8 -8.80 -17.41 -16.10
N THR A 9 -8.42 -16.50 -17.00
CA THR A 9 -7.39 -15.52 -16.70
C THR A 9 -7.85 -14.57 -15.59
N PRO A 10 -7.02 -14.36 -14.56
CA PRO A 10 -7.34 -13.47 -13.45
C PRO A 10 -7.62 -12.05 -13.94
N PRO A 11 -8.82 -11.52 -13.69
CA PRO A 11 -9.17 -10.16 -14.11
C PRO A 11 -8.19 -9.13 -13.56
N ASP A 12 -7.94 -9.19 -12.25
CA ASP A 12 -7.01 -8.29 -11.59
C ASP A 12 -7.02 -8.49 -10.08
N PRO A 13 -5.97 -9.11 -9.53
CA PRO A 13 -5.86 -9.34 -8.08
C PRO A 13 -6.03 -8.04 -7.30
N VAL A 14 -6.46 -8.15 -6.04
CA VAL A 14 -6.66 -6.97 -5.21
C VAL A 14 -5.48 -6.01 -5.30
N ASN A 15 -5.69 -4.90 -5.99
CA ASN A 15 -4.68 -3.86 -6.18
C ASN A 15 -3.59 -4.29 -7.17
N GLY A 16 -2.99 -5.44 -6.92
CA GLY A 16 -1.93 -5.94 -7.79
C GLY A 16 -2.47 -6.58 -9.05
N MET A 17 -1.80 -6.30 -10.18
CA MET A 17 -2.21 -6.87 -11.46
C MET A 17 -1.65 -8.29 -11.62
N VAL A 18 -1.52 -8.73 -12.88
CA VAL A 18 -0.98 -10.05 -13.18
C VAL A 18 -0.48 -10.10 -14.61
N HIS A 19 0.55 -10.91 -14.84
CA HIS A 19 1.12 -11.04 -16.16
C HIS A 19 1.03 -12.49 -16.64
N VAL A 20 0.18 -12.73 -17.64
CA VAL A 20 0.02 -14.07 -18.19
C VAL A 20 1.31 -14.47 -18.88
N ILE A 21 2.06 -15.35 -18.22
CA ILE A 21 3.34 -15.82 -18.72
C ILE A 21 3.17 -16.80 -19.87
N THR A 22 3.19 -18.09 -19.56
CA THR A 22 3.04 -19.12 -20.57
C THR A 22 1.62 -19.09 -21.15
N ASP A 23 0.66 -19.42 -20.32
CA ASP A 23 -0.74 -19.42 -20.72
C ASP A 23 -1.64 -19.49 -19.49
N ILE A 24 -2.63 -20.37 -19.52
CA ILE A 24 -3.54 -20.54 -18.39
C ILE A 24 -4.15 -21.93 -18.41
N GLN A 25 -3.54 -22.81 -19.21
CA GLN A 25 -3.99 -24.18 -19.34
C GLN A 25 -3.33 -25.05 -18.28
N VAL A 26 -3.79 -26.29 -18.17
CA VAL A 26 -3.23 -27.23 -17.20
C VAL A 26 -1.71 -27.22 -17.24
N GLY A 27 -1.08 -27.31 -16.08
CA GLY A 27 0.38 -27.30 -16.01
C GLY A 27 0.99 -25.92 -16.18
N SER A 28 0.54 -25.17 -17.18
CA SER A 28 1.06 -23.83 -17.42
C SER A 28 0.64 -22.88 -16.30
N ARG A 29 1.47 -21.86 -16.05
CA ARG A 29 1.18 -20.91 -14.99
C ARG A 29 1.50 -19.48 -15.43
N ILE A 30 1.50 -18.56 -14.46
CA ILE A 30 1.77 -17.15 -14.76
C ILE A 30 2.46 -16.48 -13.57
N THR A 31 2.41 -15.15 -13.52
CA THR A 31 3.04 -14.41 -12.43
C THR A 31 2.21 -13.20 -12.01
N TYR A 32 1.88 -13.14 -10.72
CA TYR A 32 1.10 -12.04 -10.16
C TYR A 32 2.02 -11.04 -9.48
N SER A 33 1.61 -9.77 -9.46
CA SER A 33 2.43 -8.73 -8.83
C SER A 33 1.55 -7.61 -8.27
N CYS A 34 1.91 -7.12 -7.09
CA CYS A 34 1.17 -6.06 -6.43
C CYS A 34 1.58 -4.69 -6.97
N THR A 35 0.65 -3.73 -6.87
CA THR A 35 0.90 -2.37 -7.36
C THR A 35 2.01 -1.66 -6.58
N THR A 36 1.79 -0.39 -6.31
CA THR A 36 2.74 0.47 -5.61
C THR A 36 3.06 -0.02 -4.20
N GLY A 37 3.22 0.92 -3.26
CA GLY A 37 3.55 0.59 -1.88
C GLY A 37 2.49 -0.22 -1.17
N HIS A 38 2.41 -1.50 -1.50
CA HIS A 38 1.44 -2.40 -0.87
C HIS A 38 2.04 -3.80 -0.74
N ARG A 39 1.76 -4.46 0.38
CA ARG A 39 2.30 -5.80 0.62
C ARG A 39 1.46 -6.87 -0.09
N LEU A 40 2.10 -7.59 -1.01
CA LEU A 40 1.42 -8.65 -1.74
C LEU A 40 1.22 -9.91 -0.90
N ILE A 41 -0.02 -10.37 -0.83
CA ILE A 41 -0.35 -11.58 -0.09
C ILE A 41 -0.69 -12.73 -1.03
N GLY A 42 -0.41 -13.96 -0.59
CA GLY A 42 -0.68 -15.13 -1.41
C GLY A 42 0.34 -15.32 -2.51
N HIS A 43 1.60 -15.37 -2.11
CA HIS A 43 2.70 -15.56 -3.05
C HIS A 43 2.69 -14.48 -4.14
N SER A 44 3.07 -14.87 -5.35
CA SER A 44 3.10 -13.94 -6.48
C SER A 44 3.08 -14.70 -7.80
N SER A 45 2.50 -15.90 -7.76
CA SER A 45 2.41 -16.76 -8.94
C SER A 45 1.34 -17.82 -8.73
N ALA A 46 0.89 -18.44 -9.83
CA ALA A 46 -0.13 -19.47 -9.74
C ALA A 46 -0.05 -20.46 -10.89
N GLU A 47 -0.05 -21.74 -10.56
CA GLU A 47 -0.01 -22.80 -11.57
C GLU A 47 -1.40 -23.38 -11.77
N CYS A 48 -1.81 -23.47 -13.03
CA CYS A 48 -3.14 -23.99 -13.36
C CYS A 48 -3.21 -25.50 -13.14
N ILE A 49 -4.23 -25.94 -12.40
CA ILE A 49 -4.42 -27.36 -12.12
C ILE A 49 -5.90 -27.71 -12.05
N LEU A 50 -6.20 -29.00 -12.02
CA LEU A 50 -7.58 -29.47 -11.94
C LEU A 50 -8.08 -29.43 -10.50
N SER A 51 -9.37 -29.15 -10.35
CA SER A 51 -9.99 -29.07 -9.03
C SER A 51 -11.50 -29.24 -9.12
N GLY A 52 -11.94 -30.38 -9.63
CA GLY A 52 -13.36 -30.64 -9.78
C GLY A 52 -13.83 -30.51 -11.22
N ASN A 53 -13.13 -31.20 -12.12
CA ASN A 53 -13.46 -31.16 -13.54
C ASN A 53 -13.38 -29.73 -14.07
N THR A 54 -12.59 -28.91 -13.39
CA THR A 54 -12.41 -27.52 -13.76
C THR A 54 -11.03 -27.01 -13.35
N ALA A 55 -10.40 -26.23 -14.22
CA ALA A 55 -9.07 -25.70 -13.93
C ALA A 55 -9.16 -24.55 -12.92
N HIS A 56 -8.25 -24.56 -11.95
CA HIS A 56 -8.19 -23.55 -10.91
C HIS A 56 -6.75 -23.35 -10.47
N TRP A 57 -6.38 -22.11 -10.20
CA TRP A 57 -5.03 -21.80 -9.78
C TRP A 57 -4.75 -22.36 -8.39
N SER A 58 -3.71 -23.18 -8.30
CA SER A 58 -3.31 -23.82 -7.05
C SER A 58 -3.15 -22.80 -5.92
N THR A 59 -2.87 -21.55 -6.28
CA THR A 59 -2.67 -20.51 -5.29
C THR A 59 -3.89 -19.58 -5.15
N LYS A 60 -4.17 -19.20 -3.91
CA LYS A 60 -5.28 -18.30 -3.60
C LYS A 60 -5.09 -16.94 -4.28
N PRO A 61 -6.20 -16.27 -4.63
CA PRO A 61 -6.13 -14.95 -5.27
C PRO A 61 -5.32 -13.95 -4.43
N PRO A 62 -4.24 -13.40 -5.00
CA PRO A 62 -3.37 -12.43 -4.31
C PRO A 62 -4.12 -11.18 -3.84
N ILE A 63 -3.72 -10.66 -2.69
CA ILE A 63 -4.34 -9.46 -2.14
C ILE A 63 -3.29 -8.54 -1.53
N CYS A 64 -3.34 -7.25 -1.89
CA CYS A 64 -2.38 -6.30 -1.37
C CYS A 64 -2.84 -5.72 -0.04
N GLN A 65 -2.16 -6.10 1.04
CA GLN A 65 -2.50 -5.60 2.37
C GLN A 65 -1.88 -4.23 2.59
N ARG A 66 -2.70 -3.29 3.06
CA ARG A 66 -2.22 -1.94 3.33
C ARG A 66 -1.32 -1.93 4.56
N ILE A 67 -0.08 -1.50 4.38
CA ILE A 67 0.88 -1.45 5.47
C ILE A 67 0.47 -0.39 6.50
N PRO A 68 0.06 -0.82 7.70
CA PRO A 68 -0.38 0.09 8.77
C PRO A 68 0.69 1.09 9.18
N CYS A 69 0.33 2.38 9.14
CA CYS A 69 1.24 3.46 9.52
C CYS A 69 1.01 3.87 10.97
N GLY A 70 2.10 4.01 11.72
CA GLY A 70 1.96 4.45 13.10
C GLY A 70 1.79 5.94 13.20
N LEU A 71 2.20 6.52 14.32
CA LEU A 71 2.09 7.96 14.53
C LEU A 71 3.04 8.72 13.60
N PRO A 72 2.57 9.84 13.03
CA PRO A 72 3.38 10.67 12.12
C PRO A 72 4.52 11.37 12.85
N PRO A 73 5.65 11.60 12.17
CA PRO A 73 6.80 12.28 12.78
C PRO A 73 6.45 13.67 13.28
N THR A 74 6.43 13.84 14.60
CA THR A 74 6.09 15.12 15.19
C THR A 74 7.27 16.09 15.10
N ILE A 75 7.04 17.24 14.47
CA ILE A 75 8.09 18.23 14.30
C ILE A 75 8.16 19.20 15.47
N ALA A 76 7.76 18.70 16.64
CA ALA A 76 7.78 19.48 17.88
C ALA A 76 7.04 20.82 17.74
N ASN A 77 6.09 21.05 18.63
CA ASN A 77 5.31 22.29 18.64
C ASN A 77 4.33 22.37 17.47
N GLY A 78 4.66 21.69 16.37
CA GLY A 78 3.79 21.72 15.21
C GLY A 78 2.48 20.98 15.45
N ASP A 79 1.36 21.68 15.23
CA ASP A 79 0.05 21.08 15.40
C ASP A 79 -0.29 20.18 14.23
N PHE A 80 -1.57 19.91 14.03
CA PHE A 80 -1.99 19.05 12.93
C PHE A 80 -3.44 19.34 12.51
N ILE A 81 -3.66 19.36 11.20
CA ILE A 81 -4.99 19.59 10.64
C ILE A 81 -5.28 18.48 9.62
N SER A 82 -4.83 17.29 9.98
CA SER A 82 -4.97 16.11 9.13
C SER A 82 -6.42 15.64 9.03
N THR A 83 -6.78 15.14 7.86
CA THR A 83 -8.12 14.60 7.64
C THR A 83 -8.38 13.49 8.63
N ASN A 84 -7.34 12.70 8.87
CA ASN A 84 -7.41 11.59 9.81
C ASN A 84 -7.47 12.10 11.25
N ARG A 85 -7.04 11.26 12.20
CA ARG A 85 -7.02 11.63 13.61
C ARG A 85 -6.10 10.70 14.40
N GLU A 86 -6.35 9.39 14.29
CA GLU A 86 -5.55 8.39 14.99
C GLU A 86 -5.78 7.01 14.37
N ASN A 87 -4.75 6.17 14.41
CA ASN A 87 -4.82 4.83 13.83
C ASN A 87 -4.68 4.92 12.32
N PHE A 88 -3.51 5.35 11.88
CA PHE A 88 -3.23 5.52 10.46
C PHE A 88 -2.98 4.18 9.78
N HIS A 89 -3.58 4.00 8.62
CA HIS A 89 -3.43 2.77 7.86
C HIS A 89 -2.37 2.92 6.78
N TYR A 90 -2.49 3.97 5.97
CA TYR A 90 -1.56 4.24 4.89
C TYR A 90 -2.07 5.37 4.00
N GLY A 91 -1.15 6.19 3.49
CA GLY A 91 -1.53 7.30 2.64
C GLY A 91 -2.13 8.47 3.40
N SER A 92 -2.50 8.24 4.65
CA SER A 92 -3.09 9.30 5.48
C SER A 92 -2.28 10.58 5.38
N VAL A 93 -2.98 11.70 5.25
CA VAL A 93 -2.35 13.00 5.15
C VAL A 93 -2.42 13.76 6.46
N VAL A 94 -1.39 14.57 6.74
CA VAL A 94 -1.35 15.35 7.97
C VAL A 94 -0.72 16.72 7.73
N THR A 95 -1.45 17.77 8.11
CA THR A 95 -0.98 19.14 7.94
C THR A 95 -0.43 19.68 9.26
N TYR A 96 0.89 19.84 9.32
CA TYR A 96 1.54 20.35 10.52
C TYR A 96 1.39 21.86 10.67
N ARG A 97 1.63 22.34 11.88
CA ARG A 97 1.54 23.76 12.18
C ARG A 97 2.64 24.15 13.17
N CYS A 98 2.32 24.99 14.15
CA CYS A 98 3.31 25.39 15.13
C CYS A 98 2.66 26.01 16.37
N ASN A 99 3.26 25.77 17.52
CA ASN A 99 2.77 26.28 18.79
C ASN A 99 2.86 27.82 18.88
N LEU A 100 2.05 28.54 18.08
CA LEU A 100 2.05 29.99 18.09
C LEU A 100 1.44 30.59 19.35
N GLY A 101 1.75 30.00 20.50
CA GLY A 101 1.21 30.51 21.74
C GLY A 101 -0.30 30.64 21.72
N SER A 102 -0.78 31.87 21.63
CA SER A 102 -2.22 32.14 21.60
C SER A 102 -2.87 31.62 20.33
N ARG A 103 -2.29 31.91 19.18
CA ARG A 103 -2.86 31.46 17.90
C ARG A 103 -1.87 31.60 16.75
N GLY A 104 -1.26 32.77 16.61
CA GLY A 104 -0.31 33.00 15.53
C GLY A 104 0.54 34.23 15.75
N ARG A 105 0.96 34.44 16.99
CA ARG A 105 1.79 35.59 17.34
C ARG A 105 3.26 35.30 17.04
N LYS A 106 4.10 36.32 17.17
CA LYS A 106 5.53 36.16 16.91
C LYS A 106 6.19 35.22 17.92
N VAL A 107 6.02 33.92 17.68
CA VAL A 107 6.58 32.89 18.53
C VAL A 107 6.75 31.61 17.73
N PHE A 108 7.94 31.46 17.17
CA PHE A 108 8.27 30.29 16.35
C PHE A 108 7.57 30.41 15.00
N GLU A 109 8.26 30.00 13.93
CA GLU A 109 7.69 30.08 12.59
C GLU A 109 7.98 28.82 11.79
N LEU A 110 6.95 28.29 11.13
CA LEU A 110 7.06 27.08 10.33
C LEU A 110 7.93 27.28 9.10
N VAL A 111 8.55 26.19 8.66
CA VAL A 111 9.40 26.22 7.47
C VAL A 111 9.16 24.97 6.61
N GLY A 112 9.13 25.17 5.30
CA GLY A 112 8.90 24.07 4.38
C GLY A 112 7.45 23.63 4.32
N GLU A 113 7.21 22.48 3.68
CA GLU A 113 5.87 21.95 3.53
C GLU A 113 5.32 21.42 4.85
N PRO A 114 4.12 21.87 5.26
CA PRO A 114 3.49 21.42 6.48
C PRO A 114 2.75 20.10 6.29
N SER A 115 2.14 19.94 5.12
CA SER A 115 1.39 18.73 4.79
C SER A 115 2.28 17.61 4.27
N ILE A 116 1.97 16.38 4.69
CA ILE A 116 2.71 15.20 4.26
C ILE A 116 1.77 14.01 4.19
N TYR A 117 2.34 12.82 3.98
CA TYR A 117 1.53 11.60 3.90
C TYR A 117 2.38 10.36 4.10
N CYS A 118 1.82 9.36 4.76
CA CYS A 118 2.55 8.11 5.00
C CYS A 118 2.81 7.37 3.70
N THR A 119 3.87 6.57 3.70
CA THR A 119 4.25 5.80 2.52
C THR A 119 4.88 4.47 2.95
N SER A 120 5.87 4.00 2.19
CA SER A 120 6.54 2.75 2.51
C SER A 120 7.94 2.71 1.92
N ASN A 121 8.89 2.21 2.70
CA ASN A 121 10.28 2.12 2.27
C ASN A 121 11.08 1.23 3.21
N ASP A 122 10.40 0.24 3.77
CA ASP A 122 11.03 -0.71 4.70
C ASP A 122 9.99 -1.66 5.27
N ASP A 123 9.20 -2.27 4.39
CA ASP A 123 8.16 -3.20 4.80
C ASP A 123 7.12 -2.49 5.67
N GLN A 124 6.88 -3.02 6.86
CA GLN A 124 5.91 -2.43 7.78
C GLN A 124 6.38 -1.05 8.26
N VAL A 125 6.16 -0.75 9.54
CA VAL A 125 6.56 0.52 10.13
C VAL A 125 5.67 1.67 9.69
N GLY A 126 5.39 1.73 8.40
CA GLY A 126 4.56 2.79 7.87
C GLY A 126 5.23 4.14 7.99
N ILE A 127 6.37 4.30 7.31
CA ILE A 127 7.12 5.55 7.36
C ILE A 127 6.51 6.59 6.43
N TRP A 128 6.30 7.78 6.95
CA TRP A 128 5.71 8.87 6.18
C TRP A 128 6.69 9.42 5.16
N SER A 129 6.22 10.38 4.36
CA SER A 129 7.06 11.00 3.35
C SER A 129 8.33 11.57 3.95
N GLY A 130 8.17 12.56 4.82
CA GLY A 130 9.33 13.15 5.46
C GLY A 130 9.00 14.30 6.39
N PRO A 131 9.56 14.29 7.63
CA PRO A 131 9.32 15.35 8.61
C PRO A 131 10.19 16.58 8.33
N ALA A 132 10.18 17.02 7.08
CA ALA A 132 10.97 18.17 6.65
C ALA A 132 10.55 19.46 7.37
N PRO A 133 9.24 19.75 7.44
CA PRO A 133 8.74 20.96 8.10
C PRO A 133 9.36 21.15 9.48
N GLN A 134 9.72 22.39 9.78
CA GLN A 134 10.34 22.71 11.06
C GLN A 134 10.00 24.14 11.47
N CYS A 135 9.59 24.31 12.73
CA CYS A 135 9.24 25.62 13.24
C CYS A 135 10.37 26.16 14.12
N ILE A 136 10.68 27.45 13.96
CA ILE A 136 11.74 28.09 14.73
C ILE A 136 11.45 29.57 14.94
N GLU A 1 -10.33 -22.68 -25.82
CA GLU A 1 -11.08 -23.41 -26.87
C GLU A 1 -12.31 -24.11 -26.29
N ALA A 2 -12.13 -24.77 -25.16
CA ALA A 2 -13.22 -25.47 -24.49
C ALA A 2 -12.76 -26.06 -23.16
N GLU A 3 -11.57 -26.64 -23.15
CA GLU A 3 -11.01 -27.24 -21.95
C GLU A 3 -9.56 -27.62 -22.16
N ALA A 4 -8.76 -26.64 -22.61
CA ALA A 4 -7.33 -26.87 -22.85
C ALA A 4 -6.54 -26.87 -21.55
N LYS A 5 -7.09 -27.49 -20.51
CA LYS A 5 -6.43 -27.56 -19.21
C LYS A 5 -6.09 -26.17 -18.68
N SER A 6 -7.06 -25.27 -18.75
CA SER A 6 -6.87 -23.91 -18.28
C SER A 6 -7.26 -23.82 -16.79
N CYS A 7 -6.40 -23.19 -15.99
CA CYS A 7 -6.68 -23.04 -14.57
C CYS A 7 -7.63 -21.88 -14.33
N LYS A 8 -8.62 -21.76 -15.22
CA LYS A 8 -9.60 -20.69 -15.14
C LYS A 8 -8.93 -19.33 -15.25
N THR A 9 -9.25 -18.59 -16.30
CA THR A 9 -8.67 -17.27 -16.51
C THR A 9 -9.02 -16.36 -15.34
N PRO A 10 -8.01 -15.97 -14.54
CA PRO A 10 -8.24 -15.11 -13.37
C PRO A 10 -8.80 -13.75 -13.78
N PRO A 11 -10.06 -13.45 -13.41
CA PRO A 11 -10.70 -12.18 -13.74
C PRO A 11 -9.95 -11.01 -13.11
N ASP A 12 -9.80 -11.07 -11.78
CA ASP A 12 -9.10 -10.04 -11.04
C ASP A 12 -9.14 -10.33 -9.54
N PRO A 13 -7.97 -10.51 -8.90
CA PRO A 13 -7.89 -10.77 -7.46
C PRO A 13 -8.34 -9.57 -6.66
N VAL A 14 -8.91 -9.82 -5.48
CA VAL A 14 -9.39 -8.74 -4.62
C VAL A 14 -8.41 -7.57 -4.62
N ASN A 15 -8.80 -6.48 -5.27
CA ASN A 15 -7.98 -5.27 -5.37
C ASN A 15 -6.85 -5.45 -6.39
N GLY A 16 -6.08 -6.53 -6.23
CA GLY A 16 -4.98 -6.78 -7.14
C GLY A 16 -5.44 -7.14 -8.54
N MET A 17 -4.49 -7.55 -9.37
CA MET A 17 -4.79 -7.94 -10.76
C MET A 17 -3.70 -8.87 -11.30
N VAL A 18 -4.13 -9.92 -12.00
CA VAL A 18 -3.19 -10.88 -12.57
C VAL A 18 -2.70 -10.41 -13.92
N HIS A 19 -1.47 -10.78 -14.26
CA HIS A 19 -0.89 -10.42 -15.54
C HIS A 19 -0.65 -11.68 -16.35
N VAL A 20 -1.51 -11.91 -17.35
CA VAL A 20 -1.39 -13.09 -18.20
C VAL A 20 -0.18 -12.95 -19.11
N ILE A 21 0.94 -13.48 -18.65
CA ILE A 21 2.19 -13.40 -19.40
C ILE A 21 2.20 -14.38 -20.59
N THR A 22 2.70 -15.58 -20.35
CA THR A 22 2.76 -16.60 -21.40
C THR A 22 1.37 -17.14 -21.75
N ASP A 23 0.78 -17.87 -20.80
CA ASP A 23 -0.55 -18.43 -21.01
C ASP A 23 -1.13 -18.91 -19.68
N ILE A 24 -2.04 -19.89 -19.74
CA ILE A 24 -2.67 -20.43 -18.54
C ILE A 24 -3.18 -21.85 -18.76
N GLN A 25 -2.80 -22.46 -19.88
CA GLN A 25 -3.24 -23.80 -20.22
C GLN A 25 -2.31 -24.86 -19.63
N VAL A 26 -1.71 -24.57 -18.46
CA VAL A 26 -0.81 -25.47 -17.75
C VAL A 26 0.65 -25.13 -17.98
N GLY A 27 1.47 -25.30 -16.94
CA GLY A 27 2.88 -25.00 -17.04
C GLY A 27 3.17 -23.51 -17.01
N SER A 28 2.41 -22.74 -17.78
CA SER A 28 2.58 -21.29 -17.83
C SER A 28 2.15 -20.68 -16.50
N ARG A 29 2.76 -19.55 -16.14
CA ARG A 29 2.43 -18.88 -14.89
C ARG A 29 2.35 -17.38 -15.07
N ILE A 30 1.32 -16.78 -14.50
CA ILE A 30 1.09 -15.34 -14.58
C ILE A 30 1.76 -14.61 -13.43
N THR A 31 1.37 -13.36 -13.21
CA THR A 31 1.93 -12.56 -12.13
C THR A 31 0.90 -11.60 -11.53
N TYR A 32 0.69 -11.71 -10.23
CA TYR A 32 -0.28 -10.88 -9.51
C TYR A 32 0.38 -9.61 -8.96
N SER A 33 -0.41 -8.55 -8.84
CA SER A 33 0.07 -7.29 -8.31
C SER A 33 -1.07 -6.48 -7.71
N CYS A 34 -0.93 -6.08 -6.46
CA CYS A 34 -1.97 -5.31 -5.76
C CYS A 34 -1.77 -3.80 -5.88
N THR A 35 -2.76 -3.15 -6.49
CA THR A 35 -2.78 -1.70 -6.66
C THR A 35 -1.38 -1.10 -6.71
N THR A 36 -1.27 0.09 -6.13
CA THR A 36 -0.01 0.82 -6.09
C THR A 36 0.48 1.02 -4.67
N GLY A 37 -0.45 0.99 -3.72
CA GLY A 37 -0.09 1.18 -2.32
C GLY A 37 -0.77 0.20 -1.39
N HIS A 38 -0.78 -1.07 -1.78
CA HIS A 38 -1.39 -2.13 -0.97
C HIS A 38 -0.52 -3.39 -0.99
N ARG A 39 -0.49 -4.10 0.14
CA ARG A 39 0.29 -5.32 0.24
C ARG A 39 -0.46 -6.50 -0.35
N LEU A 40 0.19 -7.20 -1.28
CA LEU A 40 -0.43 -8.35 -1.92
C LEU A 40 -0.42 -9.56 -1.01
N ILE A 41 -1.61 -10.10 -0.76
CA ILE A 41 -1.76 -11.28 0.08
C ILE A 41 -1.58 -12.55 -0.73
N GLY A 42 -1.05 -13.59 -0.10
CA GLY A 42 -0.82 -14.85 -0.80
C GLY A 42 0.49 -14.83 -1.58
N HIS A 43 0.40 -14.73 -2.90
CA HIS A 43 1.60 -14.71 -3.73
C HIS A 43 1.37 -13.91 -5.00
N SER A 44 2.32 -13.02 -5.32
CA SER A 44 2.22 -12.19 -6.52
C SER A 44 2.60 -12.99 -7.76
N SER A 45 2.40 -14.30 -7.69
CA SER A 45 2.72 -15.20 -8.80
C SER A 45 1.99 -16.53 -8.63
N ALA A 46 1.60 -17.13 -9.75
CA ALA A 46 0.90 -18.41 -9.70
C ALA A 46 1.06 -19.18 -11.01
N GLU A 47 1.39 -20.46 -10.89
CA GLU A 47 1.58 -21.32 -12.05
C GLU A 47 0.40 -22.27 -12.23
N CYS A 48 -0.09 -22.37 -13.46
CA CYS A 48 -1.21 -23.25 -13.76
C CYS A 48 -0.76 -24.70 -13.75
N ILE A 49 -1.48 -25.55 -13.03
CA ILE A 49 -1.13 -26.97 -12.96
C ILE A 49 -2.35 -27.84 -13.23
N LEU A 50 -2.22 -29.13 -12.95
CA LEU A 50 -3.33 -30.06 -13.19
C LEU A 50 -3.39 -31.12 -12.09
N SER A 51 -4.56 -31.27 -11.48
CA SER A 51 -4.77 -32.24 -10.42
C SER A 51 -5.02 -33.62 -11.00
N GLY A 52 -6.08 -33.73 -11.79
CA GLY A 52 -6.44 -35.00 -12.42
C GLY A 52 -7.82 -34.95 -13.03
N ASN A 53 -8.18 -33.79 -13.58
CA ASN A 53 -9.50 -33.60 -14.19
C ASN A 53 -9.63 -32.18 -14.70
N THR A 54 -9.09 -31.24 -13.94
CA THR A 54 -9.17 -29.83 -14.29
C THR A 54 -7.96 -29.06 -13.79
N ALA A 55 -7.50 -28.10 -14.58
CA ALA A 55 -6.35 -27.28 -14.21
C ALA A 55 -6.71 -26.25 -13.16
N HIS A 56 -5.80 -26.04 -12.22
CA HIS A 56 -6.01 -25.08 -11.14
C HIS A 56 -4.69 -24.48 -10.69
N TRP A 57 -4.70 -23.22 -10.28
CA TRP A 57 -3.49 -22.54 -9.84
C TRP A 57 -2.97 -23.16 -8.55
N SER A 58 -1.68 -23.48 -8.56
CA SER A 58 -1.02 -24.09 -7.40
C SER A 58 -1.26 -23.28 -6.13
N THR A 59 -1.47 -21.96 -6.28
CA THR A 59 -1.69 -21.09 -5.13
C THR A 59 -3.14 -20.65 -5.01
N LYS A 60 -3.65 -20.63 -3.78
CA LYS A 60 -5.01 -20.20 -3.53
C LYS A 60 -5.21 -18.77 -4.01
N PRO A 61 -6.45 -18.40 -4.39
CA PRO A 61 -6.74 -17.05 -4.88
C PRO A 61 -6.13 -15.96 -4.01
N PRO A 62 -5.01 -15.36 -4.47
CA PRO A 62 -4.33 -14.29 -3.74
C PRO A 62 -5.16 -13.01 -3.69
N ILE A 63 -4.92 -12.20 -2.67
CA ILE A 63 -5.66 -10.95 -2.51
C ILE A 63 -4.74 -9.80 -2.14
N CYS A 64 -5.25 -8.86 -1.36
CA CYS A 64 -4.48 -7.69 -0.94
C CYS A 64 -4.81 -7.30 0.49
N GLN A 65 -4.18 -6.23 0.96
CA GLN A 65 -4.40 -5.74 2.32
C GLN A 65 -3.81 -4.35 2.48
N ARG A 66 -4.64 -3.41 2.94
CA ARG A 66 -4.19 -2.03 3.13
C ARG A 66 -3.30 -1.93 4.37
N ILE A 67 -2.07 -1.47 4.16
CA ILE A 67 -1.11 -1.31 5.25
C ILE A 67 -1.45 -0.11 6.11
N PRO A 68 -1.70 -0.32 7.41
CA PRO A 68 -2.01 0.77 8.33
C PRO A 68 -0.78 1.59 8.69
N CYS A 69 -0.83 2.88 8.41
CA CYS A 69 0.29 3.78 8.69
C CYS A 69 0.23 4.33 10.11
N GLY A 70 1.37 4.32 10.80
CA GLY A 70 1.42 4.85 12.15
C GLY A 70 1.43 6.37 12.18
N LEU A 71 1.11 6.96 13.33
CA LEU A 71 1.07 8.41 13.47
C LEU A 71 2.35 9.06 12.93
N PRO A 72 2.21 10.19 12.22
CA PRO A 72 3.35 10.92 11.66
C PRO A 72 4.15 11.61 12.76
N PRO A 73 5.47 11.80 12.55
CA PRO A 73 6.34 12.44 13.53
C PRO A 73 5.73 13.74 14.07
N THR A 74 5.63 13.83 15.39
CA THR A 74 5.06 15.01 16.03
C THR A 74 6.04 16.17 16.04
N ILE A 75 5.61 17.32 15.53
CA ILE A 75 6.45 18.50 15.49
C ILE A 75 6.32 19.32 16.77
N ALA A 76 7.38 19.34 17.55
CA ALA A 76 7.40 20.10 18.80
C ALA A 76 7.34 21.60 18.54
N ASN A 77 6.61 22.31 19.39
CA ASN A 77 6.45 23.77 19.27
C ASN A 77 5.64 24.13 18.03
N GLY A 78 4.76 23.22 17.61
CA GLY A 78 3.94 23.51 16.45
C GLY A 78 2.92 22.42 16.16
N ASP A 79 1.69 22.83 15.88
CA ASP A 79 0.63 21.89 15.56
C ASP A 79 0.81 21.33 14.17
N PHE A 80 -0.27 20.87 13.56
CA PHE A 80 -0.21 20.31 12.22
C PHE A 80 -1.57 20.41 11.52
N ILE A 81 -1.55 20.90 10.28
CA ILE A 81 -2.77 21.04 9.49
C ILE A 81 -3.02 19.79 8.67
N SER A 82 -3.91 18.92 9.15
CA SER A 82 -4.23 17.70 8.44
C SER A 82 -5.41 16.97 9.05
N THR A 83 -6.20 16.30 8.20
CA THR A 83 -7.34 15.54 8.65
C THR A 83 -6.91 14.47 9.64
N ASN A 84 -5.70 13.94 9.41
CA ASN A 84 -5.14 12.90 10.27
C ASN A 84 -5.09 13.36 11.73
N ARG A 85 -5.63 12.54 12.61
CA ARG A 85 -5.65 12.84 14.05
C ARG A 85 -5.66 11.55 14.85
N GLU A 86 -6.27 10.53 14.25
CA GLU A 86 -6.37 9.21 14.87
C GLU A 86 -6.36 8.15 13.76
N ASN A 87 -7.24 8.33 12.79
CA ASN A 87 -7.29 7.42 11.65
C ASN A 87 -6.08 7.63 10.76
N PHE A 88 -5.46 6.55 10.32
CA PHE A 88 -4.26 6.65 9.49
C PHE A 88 -3.97 5.36 8.74
N HIS A 89 -4.95 4.88 7.99
CA HIS A 89 -4.79 3.65 7.22
C HIS A 89 -3.70 3.81 6.16
N TYR A 90 -3.76 4.90 5.40
CA TYR A 90 -2.80 5.16 4.33
C TYR A 90 -3.23 6.37 3.51
N GLY A 91 -2.28 6.95 2.77
CA GLY A 91 -2.57 8.11 1.95
C GLY A 91 -2.60 9.41 2.75
N SER A 92 -2.86 9.31 4.05
CA SER A 92 -2.91 10.49 4.92
C SER A 92 -1.70 11.39 4.68
N VAL A 93 -1.92 12.70 4.76
CA VAL A 93 -0.86 13.68 4.56
C VAL A 93 -1.00 14.85 5.51
N VAL A 94 0.04 15.11 6.30
CA VAL A 94 0.02 16.21 7.26
C VAL A 94 0.87 17.39 6.82
N THR A 95 0.29 18.58 6.84
CA THR A 95 1.00 19.79 6.46
C THR A 95 1.49 20.54 7.70
N TYR A 96 2.79 20.82 7.75
CA TYR A 96 3.37 21.53 8.88
C TYR A 96 2.98 23.00 8.86
N ARG A 97 2.83 23.59 10.05
CA ARG A 97 2.45 24.99 10.17
C ARG A 97 3.11 25.62 11.39
N CYS A 98 3.36 24.80 12.42
CA CYS A 98 3.99 25.28 13.65
C CYS A 98 3.09 26.27 14.38
N ASN A 99 3.35 26.47 15.68
CA ASN A 99 2.54 27.39 16.48
C ASN A 99 2.63 28.83 15.95
N LEU A 100 2.49 29.79 16.86
CA LEU A 100 2.56 31.21 16.49
C LEU A 100 2.97 32.05 17.68
N GLY A 101 3.71 31.43 18.58
CA GLY A 101 4.19 32.11 19.76
C GLY A 101 3.07 32.79 20.54
N SER A 102 3.11 34.12 20.57
CA SER A 102 2.11 34.90 21.30
C SER A 102 0.69 34.50 20.93
N ARG A 103 0.39 34.43 19.63
CA ARG A 103 -0.95 34.05 19.19
C ARG A 103 -0.98 33.77 17.70
N GLY A 104 -0.48 34.70 16.90
CA GLY A 104 -0.48 34.52 15.46
C GLY A 104 0.19 35.66 14.72
N ARG A 105 1.27 36.19 15.29
CA ARG A 105 1.99 37.29 14.66
C ARG A 105 3.15 36.76 13.83
N LYS A 106 2.94 35.59 13.24
CA LYS A 106 3.96 34.94 12.40
C LYS A 106 5.35 35.09 13.01
N VAL A 107 5.47 34.70 14.27
CA VAL A 107 6.75 34.78 14.96
C VAL A 107 7.59 33.55 14.69
N PHE A 108 6.93 32.41 14.66
CA PHE A 108 7.58 31.14 14.37
C PHE A 108 7.66 30.91 12.87
N GLU A 109 8.71 30.24 12.42
CA GLU A 109 8.89 29.99 10.98
C GLU A 109 9.28 28.54 10.72
N LEU A 110 8.54 27.91 9.80
CA LEU A 110 8.79 26.53 9.42
C LEU A 110 10.12 26.41 8.67
N VAL A 111 10.86 25.35 8.95
CA VAL A 111 12.14 25.14 8.28
C VAL A 111 12.29 23.68 7.83
N GLY A 112 12.22 23.47 6.52
CA GLY A 112 12.35 22.15 5.96
C GLY A 112 11.12 21.28 6.11
N GLU A 113 10.99 20.29 5.23
CA GLU A 113 9.87 19.34 5.23
C GLU A 113 8.57 19.97 5.75
N PRO A 114 7.89 20.77 4.93
CA PRO A 114 6.63 21.40 5.30
C PRO A 114 5.42 20.51 5.04
N SER A 115 5.68 19.26 4.65
CA SER A 115 4.60 18.31 4.36
C SER A 115 5.08 16.86 4.51
N ILE A 116 4.15 15.98 4.89
CA ILE A 116 4.47 14.55 5.06
C ILE A 116 3.27 13.69 4.70
N TYR A 117 3.55 12.48 4.23
CA TYR A 117 2.48 11.56 3.84
C TYR A 117 2.98 10.12 3.80
N CYS A 118 2.11 9.19 4.16
CA CYS A 118 2.45 7.77 4.16
C CYS A 118 2.71 7.28 2.75
N THR A 119 3.67 6.37 2.60
CA THR A 119 4.02 5.81 1.30
C THR A 119 4.41 4.34 1.41
N SER A 120 4.51 3.85 2.64
CA SER A 120 4.86 2.45 2.89
C SER A 120 6.29 2.16 2.45
N ASN A 121 7.02 1.43 3.29
CA ASN A 121 8.40 1.07 2.99
C ASN A 121 8.94 0.08 4.02
N ASP A 122 8.12 -0.91 4.37
CA ASP A 122 8.51 -1.92 5.34
C ASP A 122 7.48 -3.05 5.37
N ASP A 123 6.91 -3.32 6.55
CA ASP A 123 5.91 -4.37 6.69
C ASP A 123 5.12 -4.22 7.98
N GLN A 124 3.80 -4.09 7.85
CA GLN A 124 2.92 -3.92 8.99
C GLN A 124 3.34 -2.71 9.84
N VAL A 125 3.69 -1.62 9.15
CA VAL A 125 4.11 -0.40 9.83
C VAL A 125 3.69 0.82 9.04
N GLY A 126 3.80 0.70 7.71
CA GLY A 126 3.45 1.79 6.83
C GLY A 126 4.49 2.88 6.79
N ILE A 127 4.63 3.62 7.89
CA ILE A 127 5.60 4.71 7.98
C ILE A 127 5.32 5.79 6.93
N TRP A 128 5.27 7.03 7.37
CA TRP A 128 5.00 8.15 6.47
C TRP A 128 6.21 8.47 5.61
N SER A 129 6.30 9.72 5.17
CA SER A 129 7.41 10.15 4.32
C SER A 129 8.73 10.03 5.07
N GLY A 130 8.74 10.51 6.31
CA GLY A 130 9.96 10.43 7.12
C GLY A 130 9.79 11.07 8.49
N PRO A 131 10.87 11.63 9.05
CA PRO A 131 10.85 12.27 10.38
C PRO A 131 10.10 13.59 10.38
N ALA A 132 10.76 14.63 10.88
CA ALA A 132 10.18 15.96 10.96
C ALA A 132 11.26 17.03 11.07
N PRO A 133 11.07 18.16 10.36
CA PRO A 133 12.03 19.28 10.35
C PRO A 133 12.10 20.01 11.69
N GLN A 134 12.18 21.35 11.63
CA GLN A 134 12.26 22.15 12.84
C GLN A 134 11.66 23.55 12.64
N CYS A 135 11.01 24.05 13.67
CA CYS A 135 10.40 25.38 13.64
C CYS A 135 11.25 26.38 14.41
N ILE A 136 11.39 27.59 13.87
CA ILE A 136 12.17 28.64 14.50
C ILE A 136 11.63 30.03 14.14
N GLU A 1 -4.98 -37.55 -21.72
CA GLU A 1 -5.07 -36.69 -20.51
C GLU A 1 -4.55 -35.29 -20.79
N ALA A 2 -3.45 -35.20 -21.53
CA ALA A 2 -2.84 -33.92 -21.87
C ALA A 2 -3.60 -33.23 -23.00
N GLU A 3 -4.93 -33.25 -22.92
CA GLU A 3 -5.77 -32.62 -23.94
C GLU A 3 -5.64 -31.10 -23.87
N ALA A 4 -6.63 -30.41 -24.43
CA ALA A 4 -6.63 -28.95 -24.43
C ALA A 4 -7.12 -28.41 -23.09
N LYS A 5 -6.45 -28.82 -22.02
CA LYS A 5 -6.82 -28.38 -20.68
C LYS A 5 -6.31 -26.97 -20.42
N SER A 6 -7.11 -26.16 -19.75
CA SER A 6 -6.72 -24.79 -19.47
C SER A 6 -7.44 -24.25 -18.24
N CYS A 7 -6.72 -23.50 -17.42
CA CYS A 7 -7.28 -22.91 -16.22
C CYS A 7 -8.07 -21.66 -16.56
N LYS A 8 -9.21 -21.48 -15.90
CA LYS A 8 -10.03 -20.31 -16.13
C LYS A 8 -9.27 -19.05 -15.73
N THR A 9 -9.56 -17.95 -16.44
CA THR A 9 -8.90 -16.68 -16.16
C THR A 9 -8.75 -16.48 -14.66
N PRO A 10 -7.50 -16.34 -14.18
CA PRO A 10 -7.22 -16.14 -12.76
C PRO A 10 -7.97 -14.95 -12.19
N PRO A 11 -8.72 -15.15 -11.10
CA PRO A 11 -9.49 -14.07 -10.47
C PRO A 11 -8.62 -12.87 -10.18
N ASP A 12 -9.02 -11.70 -10.68
CA ASP A 12 -8.27 -10.48 -10.49
C ASP A 12 -7.94 -10.30 -9.01
N PRO A 13 -6.63 -10.24 -8.67
CA PRO A 13 -6.19 -10.07 -7.28
C PRO A 13 -6.90 -8.91 -6.59
N VAL A 14 -7.24 -9.11 -5.32
CA VAL A 14 -7.92 -8.08 -4.54
C VAL A 14 -7.22 -6.73 -4.70
N ASN A 15 -7.88 -5.80 -5.39
CA ASN A 15 -7.34 -4.47 -5.66
C ASN A 15 -6.28 -4.54 -6.76
N GLY A 16 -5.38 -5.51 -6.67
CA GLY A 16 -4.34 -5.66 -7.65
C GLY A 16 -4.84 -6.19 -8.98
N MET A 17 -3.94 -6.81 -9.75
CA MET A 17 -4.28 -7.38 -11.05
C MET A 17 -3.27 -8.44 -11.45
N VAL A 18 -3.74 -9.50 -12.10
CA VAL A 18 -2.86 -10.58 -12.54
C VAL A 18 -2.36 -10.32 -13.96
N HIS A 19 -1.12 -10.70 -14.23
CA HIS A 19 -0.54 -10.50 -15.55
C HIS A 19 -0.21 -11.83 -16.20
N VAL A 20 -1.00 -12.21 -17.21
CA VAL A 20 -0.78 -13.46 -17.92
C VAL A 20 0.54 -13.41 -18.69
N ILE A 21 1.44 -14.31 -18.36
CA ILE A 21 2.74 -14.37 -19.00
C ILE A 21 2.70 -15.15 -20.31
N THR A 22 2.93 -16.45 -20.23
CA THR A 22 2.93 -17.32 -21.40
C THR A 22 1.50 -17.58 -21.88
N ASP A 23 0.75 -18.34 -21.09
CA ASP A 23 -0.64 -18.67 -21.42
C ASP A 23 -1.43 -18.95 -20.15
N ILE A 24 -2.41 -19.85 -20.23
CA ILE A 24 -3.22 -20.20 -19.07
C ILE A 24 -3.82 -21.59 -19.23
N GLN A 25 -3.17 -22.44 -20.03
CA GLN A 25 -3.65 -23.79 -20.26
C GLN A 25 -3.12 -24.75 -19.22
N VAL A 26 -1.79 -24.77 -19.09
CA VAL A 26 -1.08 -25.64 -18.15
C VAL A 26 0.41 -25.30 -18.15
N GLY A 27 1.03 -25.32 -16.98
CA GLY A 27 2.44 -25.00 -16.88
C GLY A 27 2.72 -23.52 -17.03
N SER A 28 1.79 -22.79 -17.64
CA SER A 28 1.95 -21.36 -17.85
C SER A 28 1.91 -20.61 -16.53
N ARG A 29 2.92 -19.76 -16.31
CA ARG A 29 3.01 -18.97 -15.09
C ARG A 29 2.47 -17.57 -15.30
N ILE A 30 2.05 -16.92 -14.21
CA ILE A 30 1.51 -15.57 -14.27
C ILE A 30 1.95 -14.76 -13.06
N THR A 31 2.34 -13.50 -13.30
CA THR A 31 2.80 -12.64 -12.22
C THR A 31 1.66 -11.81 -11.63
N TYR A 32 1.50 -11.90 -10.32
CA TYR A 32 0.45 -11.15 -9.61
C TYR A 32 1.02 -9.85 -9.04
N SER A 33 0.18 -8.83 -8.99
CA SER A 33 0.59 -7.53 -8.44
C SER A 33 -0.59 -6.86 -7.74
N CYS A 34 -0.31 -5.79 -7.02
CA CYS A 34 -1.36 -5.09 -6.29
C CYS A 34 -0.99 -3.66 -5.98
N THR A 35 -1.62 -2.72 -6.70
CA THR A 35 -1.40 -1.29 -6.50
C THR A 35 0.03 -0.95 -6.14
N THR A 36 0.18 0.14 -5.38
CA THR A 36 1.49 0.61 -4.96
C THR A 36 1.63 0.59 -3.44
N GLY A 37 0.56 0.91 -2.75
CA GLY A 37 0.59 0.95 -1.29
C GLY A 37 -0.36 -0.04 -0.65
N HIS A 38 -0.32 -1.29 -1.11
CA HIS A 38 -1.18 -2.34 -0.56
C HIS A 38 -0.44 -3.67 -0.54
N ARG A 39 -0.48 -4.37 0.59
CA ARG A 39 0.20 -5.64 0.72
C ARG A 39 -0.62 -6.79 0.14
N LEU A 40 -0.15 -7.33 -0.98
CA LEU A 40 -0.83 -8.44 -1.64
C LEU A 40 -0.56 -9.75 -0.90
N ILE A 41 -1.61 -10.32 -0.30
CA ILE A 41 -1.45 -11.59 0.41
C ILE A 41 -1.68 -12.76 -0.53
N GLY A 42 -0.59 -13.21 -1.12
CA GLY A 42 -0.63 -14.31 -2.04
C GLY A 42 0.74 -14.95 -2.23
N HIS A 43 1.25 -14.80 -3.45
CA HIS A 43 2.56 -15.33 -3.81
C HIS A 43 3.14 -14.51 -4.97
N SER A 44 2.30 -13.66 -5.54
CA SER A 44 2.68 -12.81 -6.67
C SER A 44 3.18 -13.66 -7.82
N SER A 45 2.84 -14.95 -7.79
CA SER A 45 3.24 -15.89 -8.82
C SER A 45 2.36 -17.13 -8.76
N ALA A 46 2.05 -17.71 -9.92
CA ALA A 46 1.21 -18.89 -9.97
C ALA A 46 1.33 -19.62 -11.31
N GLU A 47 1.06 -20.92 -11.29
CA GLU A 47 1.14 -21.73 -12.50
C GLU A 47 -0.07 -22.66 -12.59
N CYS A 48 -0.65 -22.73 -13.78
CA CYS A 48 -1.82 -23.57 -14.03
C CYS A 48 -1.45 -25.05 -14.01
N ILE A 49 -1.48 -25.67 -12.84
CA ILE A 49 -1.17 -27.08 -12.73
C ILE A 49 -2.41 -27.93 -12.97
N LEU A 50 -2.33 -29.22 -12.65
CA LEU A 50 -3.48 -30.10 -12.85
C LEU A 50 -3.36 -31.34 -11.96
N SER A 51 -4.35 -31.56 -11.11
CA SER A 51 -4.36 -32.69 -10.20
C SER A 51 -4.75 -33.97 -10.95
N GLY A 52 -5.83 -33.89 -11.73
CA GLY A 52 -6.28 -35.04 -12.48
C GLY A 52 -7.58 -34.78 -13.22
N ASN A 53 -8.55 -34.16 -12.54
CA ASN A 53 -9.84 -33.87 -13.13
C ASN A 53 -9.81 -32.61 -13.99
N THR A 54 -9.26 -31.53 -13.43
CA THR A 54 -9.20 -30.26 -14.14
C THR A 54 -8.00 -29.42 -13.71
N ALA A 55 -7.54 -28.56 -14.62
CA ALA A 55 -6.40 -27.70 -14.35
C ALA A 55 -6.78 -26.54 -13.42
N HIS A 56 -5.88 -26.20 -12.51
CA HIS A 56 -6.12 -25.11 -11.56
C HIS A 56 -4.79 -24.52 -11.08
N TRP A 57 -4.79 -23.22 -10.79
CA TRP A 57 -3.58 -22.55 -10.33
C TRP A 57 -3.23 -23.00 -8.92
N SER A 58 -2.00 -23.45 -8.74
CA SER A 58 -1.53 -23.91 -7.44
C SER A 58 -1.77 -22.86 -6.35
N THR A 59 -1.86 -21.60 -6.73
CA THR A 59 -2.07 -20.52 -5.77
C THR A 59 -3.55 -20.14 -5.63
N LYS A 60 -3.96 -19.90 -4.40
CA LYS A 60 -5.33 -19.50 -4.11
C LYS A 60 -5.54 -18.01 -4.40
N PRO A 61 -6.79 -17.55 -4.50
CA PRO A 61 -7.09 -16.13 -4.76
C PRO A 61 -6.39 -15.22 -3.75
N PRO A 62 -5.51 -14.32 -4.22
CA PRO A 62 -4.78 -13.41 -3.34
C PRO A 62 -5.61 -12.24 -2.83
N ILE A 63 -5.48 -11.94 -1.54
CA ILE A 63 -6.20 -10.84 -0.92
C ILE A 63 -5.22 -9.77 -0.42
N CYS A 64 -5.40 -8.54 -0.87
CA CYS A 64 -4.51 -7.44 -0.47
C CYS A 64 -4.99 -6.72 0.77
N GLN A 65 -4.16 -6.70 1.80
CA GLN A 65 -4.48 -6.00 3.04
C GLN A 65 -4.05 -4.54 2.94
N ARG A 66 -4.97 -3.64 3.28
CA ARG A 66 -4.67 -2.20 3.23
C ARG A 66 -3.61 -1.84 4.26
N ILE A 67 -2.57 -1.12 3.81
CA ILE A 67 -1.48 -0.71 4.69
C ILE A 67 -1.92 0.43 5.62
N PRO A 68 -2.11 0.14 6.92
CA PRO A 68 -2.52 1.16 7.88
C PRO A 68 -1.35 2.01 8.38
N CYS A 69 -1.46 3.33 8.20
CA CYS A 69 -0.41 4.24 8.64
C CYS A 69 -0.61 4.67 10.09
N GLY A 70 0.46 4.61 10.87
CA GLY A 70 0.37 5.01 12.26
C GLY A 70 0.50 6.51 12.43
N LEU A 71 0.95 6.93 13.60
CA LEU A 71 1.12 8.34 13.90
C LEU A 71 2.33 8.93 13.16
N PRO A 72 2.23 10.20 12.73
CA PRO A 72 3.31 10.89 12.02
C PRO A 72 4.58 11.00 12.87
N PRO A 73 5.73 11.36 12.23
CA PRO A 73 7.01 11.50 12.94
C PRO A 73 6.88 12.33 14.21
N THR A 74 5.87 13.16 14.22
CA THR A 74 5.58 14.04 15.37
C THR A 74 6.75 14.95 15.73
N ILE A 75 6.42 16.16 16.15
CA ILE A 75 7.41 17.14 16.56
C ILE A 75 6.83 18.12 17.57
N ALA A 76 7.40 18.11 18.76
CA ALA A 76 6.95 18.97 19.86
C ALA A 76 7.27 20.44 19.61
N ASN A 77 6.60 21.01 18.62
CA ASN A 77 6.78 22.42 18.26
C ASN A 77 5.79 22.82 17.19
N GLY A 78 5.69 22.02 16.15
CA GLY A 78 4.78 22.30 15.07
C GLY A 78 3.35 21.91 15.40
N ASP A 79 2.45 22.08 14.45
CA ASP A 79 1.05 21.75 14.63
C ASP A 79 0.39 21.49 13.27
N PHE A 80 -0.36 20.40 13.17
CA PHE A 80 -1.03 20.04 11.93
C PHE A 80 -2.37 20.78 11.82
N ILE A 81 -2.81 21.01 10.59
CA ILE A 81 -4.06 21.72 10.35
C ILE A 81 -4.98 20.93 9.41
N SER A 82 -5.45 19.77 9.88
CA SER A 82 -6.33 18.93 9.07
C SER A 82 -6.91 17.78 9.90
N THR A 83 -7.01 16.60 9.28
CA THR A 83 -7.54 15.43 9.97
C THR A 83 -6.57 14.98 11.05
N ASN A 84 -5.82 13.90 10.78
CA ASN A 84 -4.82 13.38 11.72
C ASN A 84 -5.39 13.20 13.13
N ARG A 85 -5.40 11.96 13.61
CA ARG A 85 -5.90 11.64 14.95
C ARG A 85 -5.46 10.25 15.40
N GLU A 86 -6.01 9.22 14.75
CA GLU A 86 -5.67 7.84 15.08
C GLU A 86 -5.98 6.93 13.88
N ASN A 87 -7.19 7.04 13.37
CA ASN A 87 -7.61 6.26 12.21
C ASN A 87 -6.96 6.78 10.93
N PHE A 88 -5.62 6.73 10.88
CA PHE A 88 -4.91 7.22 9.71
C PHE A 88 -4.99 6.23 8.55
N HIS A 89 -4.53 5.00 8.78
CA HIS A 89 -4.54 3.97 7.75
C HIS A 89 -3.79 4.47 6.51
N TYR A 90 -3.84 3.72 5.42
CA TYR A 90 -3.16 4.13 4.20
C TYR A 90 -3.68 5.49 3.75
N GLY A 91 -2.78 6.30 3.22
CA GLY A 91 -3.14 7.62 2.77
C GLY A 91 -3.49 8.55 3.90
N SER A 92 -2.79 9.67 3.95
CA SER A 92 -2.98 10.70 4.97
C SER A 92 -1.99 11.84 4.75
N VAL A 93 -2.44 13.06 5.04
CA VAL A 93 -1.61 14.25 4.84
C VAL A 93 -2.07 15.38 5.75
N VAL A 94 -1.11 16.18 6.22
CA VAL A 94 -1.42 17.31 7.10
C VAL A 94 -0.41 18.44 6.92
N THR A 95 -0.92 19.68 6.98
CA THR A 95 -0.08 20.87 6.84
C THR A 95 0.46 21.30 8.19
N TYR A 96 1.79 21.40 8.30
CA TYR A 96 2.42 21.79 9.55
C TYR A 96 2.50 23.30 9.73
N ARG A 97 2.42 23.71 10.98
CA ARG A 97 2.50 25.11 11.37
C ARG A 97 3.14 25.20 12.75
N CYS A 98 4.15 26.03 12.89
CA CYS A 98 4.83 26.15 14.17
C CYS A 98 4.02 26.94 15.19
N ASN A 99 4.27 26.64 16.45
CA ASN A 99 3.57 27.29 17.56
C ASN A 99 3.55 28.80 17.42
N LEU A 100 4.71 29.43 17.62
CA LEU A 100 4.82 30.89 17.52
C LEU A 100 3.97 31.57 18.58
N GLY A 101 4.22 32.85 18.80
CA GLY A 101 3.46 33.58 19.80
C GLY A 101 2.12 34.07 19.27
N SER A 102 1.44 33.22 18.52
CA SER A 102 0.14 33.54 17.94
C SER A 102 0.18 34.88 17.21
N ARG A 103 1.35 35.23 16.69
CA ARG A 103 1.53 36.49 15.97
C ARG A 103 2.65 36.37 14.95
N GLY A 104 3.70 35.65 15.33
CA GLY A 104 4.85 35.47 14.46
C GLY A 104 5.97 36.43 14.80
N ARG A 105 6.27 36.52 16.09
CA ARG A 105 7.32 37.41 16.57
C ARG A 105 8.71 36.82 16.32
N LYS A 106 8.87 36.22 15.14
CA LYS A 106 10.13 35.60 14.76
C LYS A 106 10.71 34.80 15.92
N VAL A 107 9.82 34.19 16.68
CA VAL A 107 10.21 33.37 17.83
C VAL A 107 10.28 31.91 17.43
N PHE A 108 9.76 31.65 16.26
CA PHE A 108 9.73 30.31 15.68
C PHE A 108 9.71 30.40 14.16
N GLU A 109 10.42 29.50 13.50
CA GLU A 109 10.48 29.51 12.04
C GLU A 109 10.48 28.08 11.50
N LEU A 110 9.46 27.75 10.71
CA LEU A 110 9.33 26.41 10.14
C LEU A 110 10.34 26.20 9.01
N VAL A 111 11.05 25.08 9.09
CA VAL A 111 12.03 24.72 8.08
C VAL A 111 12.28 23.22 8.07
N GLY A 112 11.31 22.48 7.54
CA GLY A 112 11.43 21.05 7.47
C GLY A 112 10.30 20.42 6.69
N GLU A 113 9.67 21.21 5.83
CA GLU A 113 8.55 20.75 5.02
C GLU A 113 7.25 20.82 5.84
N PRO A 114 6.40 21.83 5.56
CA PRO A 114 5.13 22.02 6.27
C PRO A 114 4.00 21.15 5.73
N SER A 115 4.34 19.98 5.21
CA SER A 115 3.35 19.07 4.66
C SER A 115 3.89 17.64 4.64
N ILE A 116 3.08 16.67 5.07
CA ILE A 116 3.54 15.29 5.05
C ILE A 116 2.43 14.34 4.65
N TYR A 117 2.84 13.22 4.06
CA TYR A 117 1.93 12.20 3.62
C TYR A 117 2.56 10.82 3.76
N CYS A 118 1.76 9.87 4.25
CA CYS A 118 2.24 8.51 4.47
C CYS A 118 2.38 7.73 3.17
N THR A 119 3.35 6.82 3.15
CA THR A 119 3.60 5.98 1.99
C THR A 119 4.30 4.69 2.43
N SER A 120 3.77 3.57 1.98
CA SER A 120 4.30 2.26 2.35
C SER A 120 5.59 1.94 1.60
N ASN A 121 6.41 1.09 2.21
CA ASN A 121 7.68 0.66 1.62
C ASN A 121 8.23 -0.55 2.36
N ASP A 122 7.78 -0.71 3.60
CA ASP A 122 8.20 -1.84 4.43
C ASP A 122 7.00 -2.73 4.77
N ASP A 123 6.81 -3.02 6.06
CA ASP A 123 5.68 -3.85 6.47
C ASP A 123 4.39 -3.05 6.47
N GLN A 124 3.45 -3.42 7.34
CA GLN A 124 2.17 -2.71 7.43
C GLN A 124 2.30 -1.49 8.34
N VAL A 125 3.49 -0.92 8.38
CA VAL A 125 3.76 0.25 9.21
C VAL A 125 3.26 1.53 8.54
N GLY A 126 3.37 1.57 7.23
CA GLY A 126 2.95 2.74 6.48
C GLY A 126 4.05 3.79 6.42
N ILE A 127 4.63 4.10 7.58
CA ILE A 127 5.73 5.07 7.71
C ILE A 127 5.56 6.31 6.82
N TRP A 128 5.45 7.47 7.45
CA TRP A 128 5.32 8.72 6.72
C TRP A 128 6.63 9.10 6.05
N SER A 129 6.55 9.59 4.82
CA SER A 129 7.75 9.97 4.06
C SER A 129 8.45 11.15 4.73
N GLY A 130 7.71 12.23 4.96
CA GLY A 130 8.29 13.42 5.58
C GLY A 130 8.57 13.19 7.06
N PRO A 131 9.82 13.42 7.52
CA PRO A 131 10.19 13.24 8.92
C PRO A 131 9.91 14.47 9.77
N ALA A 132 8.75 15.09 9.53
CA ALA A 132 8.34 16.27 10.29
C ALA A 132 9.33 17.44 10.15
N PRO A 133 8.80 18.66 9.91
CA PRO A 133 9.62 19.87 9.74
C PRO A 133 10.33 20.32 11.02
N GLN A 134 11.43 21.06 10.87
CA GLN A 134 12.17 21.55 12.02
C GLN A 134 11.91 23.04 12.26
N CYS A 135 11.27 23.36 13.39
CA CYS A 135 10.99 24.76 13.70
C CYS A 135 12.05 25.31 14.64
N ILE A 136 12.56 26.49 14.31
CA ILE A 136 13.60 27.13 15.12
C ILE A 136 13.53 28.64 15.02
N GLU A 1 -13.35 -30.51 -24.58
CA GLU A 1 -12.05 -31.22 -24.63
C GLU A 1 -11.94 -32.26 -23.51
N ALA A 2 -10.77 -32.34 -22.88
CA ALA A 2 -10.54 -33.29 -21.80
C ALA A 2 -9.18 -33.05 -21.15
N GLU A 3 -9.16 -33.07 -19.81
CA GLU A 3 -7.92 -32.86 -19.07
C GLU A 3 -7.28 -31.52 -19.45
N ALA A 4 -8.07 -30.45 -19.37
CA ALA A 4 -7.60 -29.12 -19.70
C ALA A 4 -8.58 -28.05 -19.24
N LYS A 5 -9.06 -28.19 -18.01
CA LYS A 5 -10.01 -27.24 -17.45
C LYS A 5 -9.30 -25.97 -16.99
N SER A 6 -9.89 -24.82 -17.29
CA SER A 6 -9.31 -23.55 -16.90
C SER A 6 -9.65 -23.23 -15.45
N CYS A 7 -8.66 -22.74 -14.71
CA CYS A 7 -8.87 -22.39 -13.30
C CYS A 7 -9.52 -21.02 -13.17
N LYS A 8 -10.40 -20.72 -14.12
CA LYS A 8 -11.12 -19.46 -14.15
C LYS A 8 -10.18 -18.27 -14.31
N THR A 9 -10.59 -17.30 -15.11
CA THR A 9 -9.79 -16.10 -15.34
C THR A 9 -9.61 -15.33 -14.04
N PRO A 10 -8.34 -15.07 -13.65
CA PRO A 10 -8.04 -14.35 -12.41
C PRO A 10 -8.47 -12.89 -12.45
N PRO A 11 -9.40 -12.49 -11.55
CA PRO A 11 -9.89 -11.12 -11.48
C PRO A 11 -8.85 -10.19 -10.84
N ASP A 12 -8.65 -9.02 -11.42
CA ASP A 12 -7.69 -8.06 -10.90
C ASP A 12 -7.86 -7.87 -9.40
N PRO A 13 -6.96 -8.46 -8.58
CA PRO A 13 -7.02 -8.35 -7.12
C PRO A 13 -6.70 -6.93 -6.63
N VAL A 14 -6.16 -6.87 -5.42
CA VAL A 14 -5.79 -5.60 -4.77
C VAL A 14 -4.88 -4.74 -5.65
N ASN A 15 -5.45 -4.13 -6.69
CA ASN A 15 -4.71 -3.25 -7.60
C ASN A 15 -3.77 -4.02 -8.52
N GLY A 16 -3.16 -5.08 -8.00
CA GLY A 16 -2.22 -5.88 -8.79
C GLY A 16 -2.89 -6.62 -9.92
N MET A 17 -2.34 -6.49 -11.12
CA MET A 17 -2.88 -7.16 -12.30
C MET A 17 -2.21 -8.51 -12.52
N VAL A 18 -3.00 -9.47 -13.02
CA VAL A 18 -2.49 -10.81 -13.30
C VAL A 18 -1.84 -10.86 -14.67
N HIS A 19 -0.87 -11.74 -14.82
CA HIS A 19 -0.18 -11.88 -16.10
C HIS A 19 -0.45 -13.24 -16.72
N VAL A 20 -1.39 -13.26 -17.68
CA VAL A 20 -1.73 -14.50 -18.37
C VAL A 20 -0.63 -14.82 -19.38
N ILE A 21 0.40 -15.49 -18.90
CA ILE A 21 1.55 -15.84 -19.73
C ILE A 21 1.23 -16.97 -20.69
N THR A 22 1.52 -18.21 -20.28
CA THR A 22 1.24 -19.36 -21.12
C THR A 22 -0.25 -19.47 -21.40
N ASP A 23 -1.03 -19.71 -20.35
CA ASP A 23 -2.47 -19.84 -20.46
C ASP A 23 -3.11 -19.59 -19.09
N ILE A 24 -4.09 -20.43 -18.75
CA ILE A 24 -4.78 -20.33 -17.47
C ILE A 24 -5.34 -21.69 -17.08
N GLN A 25 -5.48 -22.56 -18.07
CA GLN A 25 -6.00 -23.90 -17.88
C GLN A 25 -4.96 -24.77 -17.17
N VAL A 26 -5.36 -26.01 -16.85
CA VAL A 26 -4.48 -26.95 -16.18
C VAL A 26 -3.07 -26.96 -16.79
N GLY A 27 -2.06 -27.20 -15.95
CA GLY A 27 -0.68 -27.24 -16.41
C GLY A 27 -0.08 -25.87 -16.59
N SER A 28 -0.87 -24.91 -17.06
CA SER A 28 -0.40 -23.55 -17.28
C SER A 28 -0.09 -22.86 -15.95
N ARG A 29 0.73 -21.82 -16.02
CA ARG A 29 1.11 -21.06 -14.81
C ARG A 29 1.28 -19.59 -15.14
N ILE A 30 0.49 -18.75 -14.47
CA ILE A 30 0.54 -17.31 -14.67
C ILE A 30 1.41 -16.63 -13.62
N THR A 31 1.34 -15.30 -13.56
CA THR A 31 2.11 -14.53 -12.58
C THR A 31 1.42 -13.21 -12.24
N TYR A 32 1.17 -12.99 -10.96
CA TYR A 32 0.53 -11.75 -10.50
C TYR A 32 1.59 -10.74 -10.08
N SER A 33 1.25 -9.46 -10.13
CA SER A 33 2.20 -8.42 -9.73
C SER A 33 1.47 -7.17 -9.25
N CYS A 34 1.83 -6.72 -8.04
CA CYS A 34 1.22 -5.54 -7.44
C CYS A 34 1.85 -4.24 -7.94
N THR A 35 1.03 -3.20 -8.01
CA THR A 35 1.50 -1.90 -8.45
C THR A 35 2.57 -1.35 -7.52
N THR A 36 3.37 -0.43 -8.05
CA THR A 36 4.45 0.20 -7.30
C THR A 36 3.97 0.69 -5.93
N GLY A 37 4.78 0.47 -4.91
CA GLY A 37 4.43 0.91 -3.56
C GLY A 37 3.79 -0.18 -2.72
N HIS A 38 2.88 -0.95 -3.32
CA HIS A 38 2.19 -2.02 -2.60
C HIS A 38 3.05 -3.28 -2.53
N ARG A 39 3.13 -3.87 -1.34
CA ARG A 39 3.91 -5.09 -1.14
C ARG A 39 3.09 -6.31 -1.55
N LEU A 40 3.60 -7.07 -2.51
CA LEU A 40 2.89 -8.25 -2.99
C LEU A 40 2.79 -9.33 -1.91
N ILE A 41 1.57 -9.74 -1.64
CA ILE A 41 1.32 -10.79 -0.65
C ILE A 41 0.89 -12.06 -1.36
N GLY A 42 1.29 -13.20 -0.80
CA GLY A 42 0.98 -14.47 -1.41
C GLY A 42 1.87 -14.74 -2.61
N HIS A 43 1.83 -15.95 -3.13
CA HIS A 43 2.67 -16.31 -4.27
C HIS A 43 2.14 -15.71 -5.57
N SER A 44 3.01 -14.97 -6.27
CA SER A 44 2.64 -14.35 -7.54
C SER A 44 2.42 -15.42 -8.60
N SER A 45 3.35 -16.36 -8.67
CA SER A 45 3.25 -17.45 -9.64
C SER A 45 2.26 -18.49 -9.15
N ALA A 46 1.46 -19.03 -10.06
CA ALA A 46 0.47 -20.03 -9.72
C ALA A 46 0.13 -20.91 -10.91
N GLU A 47 0.22 -22.23 -10.71
CA GLU A 47 -0.09 -23.19 -11.76
C GLU A 47 -1.51 -23.72 -11.61
N CYS A 48 -2.25 -23.72 -12.71
CA CYS A 48 -3.62 -24.20 -12.72
C CYS A 48 -3.67 -25.70 -12.46
N ILE A 49 -3.85 -26.08 -11.20
CA ILE A 49 -3.92 -27.50 -10.84
C ILE A 49 -5.36 -28.01 -10.91
N LEU A 50 -5.65 -29.07 -10.18
CA LEU A 50 -6.99 -29.65 -10.18
C LEU A 50 -7.30 -30.31 -8.84
N SER A 51 -8.39 -29.88 -8.22
CA SER A 51 -8.81 -30.42 -6.93
C SER A 51 -9.53 -31.75 -7.09
N GLY A 52 -10.49 -31.80 -8.01
CA GLY A 52 -11.24 -33.02 -8.25
C GLY A 52 -11.95 -33.01 -9.58
N ASN A 53 -12.75 -31.97 -9.82
CA ASN A 53 -13.48 -31.83 -11.08
C ASN A 53 -13.14 -30.51 -11.75
N THR A 54 -13.29 -29.42 -10.99
CA THR A 54 -13.00 -28.08 -11.49
C THR A 54 -11.54 -27.71 -11.28
N ALA A 55 -10.98 -26.98 -12.23
CA ALA A 55 -9.58 -26.54 -12.12
C ALA A 55 -9.47 -25.41 -11.12
N HIS A 56 -8.36 -25.38 -10.39
CA HIS A 56 -8.13 -24.34 -9.38
C HIS A 56 -6.64 -24.03 -9.24
N TRP A 57 -6.33 -22.75 -9.07
CA TRP A 57 -4.94 -22.33 -8.93
C TRP A 57 -4.36 -22.82 -7.61
N SER A 58 -3.13 -23.34 -7.69
CA SER A 58 -2.45 -23.87 -6.51
C SER A 58 -2.43 -22.88 -5.35
N THR A 59 -2.53 -21.59 -5.66
CA THR A 59 -2.51 -20.56 -4.62
C THR A 59 -3.62 -19.55 -4.81
N LYS A 60 -4.26 -19.17 -3.70
CA LYS A 60 -5.34 -18.19 -3.74
C LYS A 60 -4.86 -16.90 -4.36
N PRO A 61 -5.75 -16.14 -5.02
CA PRO A 61 -5.39 -14.88 -5.67
C PRO A 61 -4.53 -13.99 -4.77
N PRO A 62 -3.29 -13.70 -5.22
CA PRO A 62 -2.36 -12.85 -4.47
C PRO A 62 -3.00 -11.54 -4.05
N ILE A 63 -2.72 -11.13 -2.82
CA ILE A 63 -3.26 -9.90 -2.27
C ILE A 63 -2.16 -8.86 -2.11
N CYS A 64 -2.47 -7.61 -2.44
CA CYS A 64 -1.48 -6.54 -2.34
C CYS A 64 -1.62 -5.76 -1.04
N GLN A 65 -0.51 -5.61 -0.34
CA GLN A 65 -0.48 -4.87 0.92
C GLN A 65 -0.38 -3.37 0.66
N ARG A 66 -1.31 -2.61 1.22
CA ARG A 66 -1.33 -1.16 1.04
C ARG A 66 -0.14 -0.49 1.72
N ILE A 67 0.38 -1.14 2.75
CA ILE A 67 1.50 -0.61 3.51
C ILE A 67 1.14 0.78 4.07
N PRO A 68 0.10 0.82 4.93
CA PRO A 68 -0.39 2.07 5.53
C PRO A 68 0.59 2.74 6.47
N CYS A 69 0.69 4.06 6.38
CA CYS A 69 1.57 4.84 7.25
C CYS A 69 0.83 5.21 8.53
N GLY A 70 1.53 5.18 9.66
CA GLY A 70 0.89 5.52 10.91
C GLY A 70 0.72 7.03 11.07
N LEU A 71 0.69 7.50 12.31
CA LEU A 71 0.52 8.91 12.58
C LEU A 71 1.79 9.69 12.24
N PRO A 72 1.66 11.00 11.94
CA PRO A 72 2.80 11.84 11.60
C PRO A 72 3.85 11.86 12.71
N PRO A 73 5.12 12.14 12.36
CA PRO A 73 6.20 12.18 13.33
C PRO A 73 5.89 13.07 14.53
N THR A 74 4.88 13.92 14.34
CA THR A 74 4.42 14.84 15.37
C THR A 74 5.57 15.61 16.00
N ILE A 75 5.83 16.80 15.48
CA ILE A 75 6.91 17.65 15.99
C ILE A 75 6.45 18.45 17.19
N ALA A 76 6.88 18.03 18.38
CA ALA A 76 6.51 18.72 19.60
C ALA A 76 5.04 19.08 19.58
N ASN A 77 4.73 20.28 20.06
CA ASN A 77 3.35 20.76 20.08
C ASN A 77 2.92 21.27 18.71
N GLY A 78 3.29 20.57 17.64
CA GLY A 78 2.90 20.99 16.31
C GLY A 78 1.40 20.97 16.09
N ASP A 79 0.97 20.55 14.90
CA ASP A 79 -0.45 20.48 14.59
C ASP A 79 -0.68 19.72 13.28
N PHE A 80 -1.84 19.92 12.68
CA PHE A 80 -2.20 19.26 11.43
C PHE A 80 -3.24 20.05 10.65
N ILE A 81 -2.93 20.34 9.39
CA ILE A 81 -3.82 21.09 8.51
C ILE A 81 -3.72 20.57 7.08
N SER A 82 -4.23 19.36 6.86
CA SER A 82 -4.17 18.74 5.54
C SER A 82 -5.24 17.62 5.42
N THR A 83 -4.79 16.38 5.19
CA THR A 83 -5.72 15.27 5.05
C THR A 83 -5.19 14.01 5.72
N ASN A 84 -5.86 13.60 6.81
CA ASN A 84 -5.51 12.40 7.57
C ASN A 84 -6.21 12.42 8.93
N ARG A 85 -6.87 11.32 9.28
CA ARG A 85 -7.58 11.24 10.55
C ARG A 85 -7.69 9.80 11.05
N GLU A 86 -7.08 9.54 12.21
CA GLU A 86 -7.09 8.22 12.85
C GLU A 86 -6.63 7.11 11.90
N ASN A 87 -7.50 6.72 10.97
CA ASN A 87 -7.22 5.66 10.02
C ASN A 87 -6.17 6.08 8.99
N PHE A 88 -4.95 6.33 9.44
CA PHE A 88 -3.86 6.73 8.54
C PHE A 88 -3.34 5.52 7.77
N HIS A 89 -3.13 5.69 6.47
CA HIS A 89 -2.62 4.62 5.64
C HIS A 89 -1.65 5.15 4.61
N TYR A 90 -1.35 4.35 3.59
CA TYR A 90 -0.43 4.76 2.54
C TYR A 90 -0.94 6.01 1.86
N GLY A 91 -0.02 6.92 1.56
CA GLY A 91 -0.39 8.16 0.91
C GLY A 91 -1.28 9.02 1.79
N SER A 92 -0.71 10.14 2.23
CA SER A 92 -1.43 11.09 3.08
C SER A 92 -0.51 12.23 3.49
N VAL A 93 -0.99 13.45 3.28
CA VAL A 93 -0.22 14.65 3.60
C VAL A 93 -0.69 15.30 4.88
N VAL A 94 0.24 15.90 5.62
CA VAL A 94 -0.08 16.59 6.86
C VAL A 94 0.70 17.90 6.94
N THR A 95 -0.01 19.00 7.17
CA THR A 95 0.62 20.31 7.25
C THR A 95 0.79 20.75 8.70
N TYR A 96 2.05 20.93 9.10
CA TYR A 96 2.36 21.37 10.46
C TYR A 96 2.27 22.89 10.55
N ARG A 97 1.64 23.38 11.60
CA ARG A 97 1.50 24.81 11.80
C ARG A 97 1.48 25.16 13.28
N CYS A 98 2.07 24.29 14.09
CA CYS A 98 2.14 24.50 15.53
C CYS A 98 0.75 24.61 16.15
N ASN A 99 0.64 24.21 17.41
CA ASN A 99 -0.63 24.27 18.14
C ASN A 99 -1.06 25.70 18.42
N LEU A 100 -0.86 26.60 17.44
CA LEU A 100 -1.22 28.00 17.55
C LEU A 100 -1.23 28.50 18.99
N GLY A 101 -0.13 28.24 19.70
CA GLY A 101 -0.02 28.67 21.08
C GLY A 101 -0.86 27.84 22.04
N SER A 102 -2.07 27.50 21.61
CA SER A 102 -2.97 26.71 22.46
C SER A 102 -4.19 26.23 21.67
N ARG A 103 -4.67 27.07 20.75
CA ARG A 103 -5.83 26.71 19.93
C ARG A 103 -5.93 27.60 18.69
N GLY A 104 -5.43 28.83 18.80
CA GLY A 104 -5.48 29.75 17.67
C GLY A 104 -4.34 30.74 17.66
N ARG A 105 -3.93 31.15 16.46
CA ARG A 105 -2.83 32.10 16.28
C ARG A 105 -1.49 31.43 16.60
N LYS A 106 -0.64 31.33 15.59
CA LYS A 106 0.67 30.72 15.74
C LYS A 106 1.62 31.62 16.52
N VAL A 107 2.49 30.99 17.31
CA VAL A 107 3.47 31.72 18.10
C VAL A 107 4.78 30.95 18.17
N PHE A 108 4.68 29.66 17.94
CA PHE A 108 5.84 28.78 17.93
C PHE A 108 6.68 28.98 16.68
N GLU A 109 6.00 29.43 15.64
CA GLU A 109 6.65 29.68 14.35
C GLU A 109 7.23 28.39 13.79
N LEU A 110 6.64 27.91 12.71
CA LEU A 110 7.09 26.68 12.05
C LEU A 110 8.43 26.89 11.34
N VAL A 111 9.21 25.82 11.27
CA VAL A 111 10.51 25.88 10.62
C VAL A 111 10.66 24.73 9.62
N GLY A 112 11.24 25.04 8.47
CA GLY A 112 11.43 24.04 7.43
C GLY A 112 10.15 23.73 6.68
N GLU A 113 10.06 22.52 6.12
CA GLU A 113 8.89 22.09 5.38
C GLU A 113 7.70 21.85 6.31
N PRO A 114 6.65 22.66 6.21
CA PRO A 114 5.47 22.51 7.06
C PRO A 114 4.47 21.49 6.50
N SER A 115 4.95 20.56 5.70
CA SER A 115 4.08 19.54 5.12
C SER A 115 4.88 18.31 4.68
N ILE A 116 4.30 17.14 4.88
CA ILE A 116 4.93 15.88 4.48
C ILE A 116 3.90 14.91 3.93
N TYR A 117 4.33 13.70 3.58
CA TYR A 117 3.43 12.70 3.04
C TYR A 117 3.99 11.28 3.16
N CYS A 118 3.08 10.31 3.27
CA CYS A 118 3.46 8.91 3.38
C CYS A 118 4.21 8.45 2.12
N THR A 119 5.13 7.51 2.28
CA THR A 119 5.91 7.00 1.16
C THR A 119 6.29 5.53 1.35
N SER A 120 6.38 5.10 2.60
CA SER A 120 6.74 3.72 2.91
C SER A 120 8.09 3.35 2.32
N ASN A 121 9.11 4.15 2.64
CA ASN A 121 10.46 3.90 2.14
C ASN A 121 11.04 2.58 2.64
N ASP A 122 10.85 2.28 3.92
CA ASP A 122 11.37 1.05 4.50
C ASP A 122 10.55 -0.17 4.05
N ASP A 123 9.43 -0.39 4.74
CA ASP A 123 8.56 -1.52 4.41
C ASP A 123 7.18 -1.34 5.05
N GLN A 124 6.65 -2.41 5.64
CA GLN A 124 5.32 -2.36 6.27
C GLN A 124 5.32 -1.47 7.51
N VAL A 125 6.39 -0.70 7.70
CA VAL A 125 6.50 0.19 8.85
C VAL A 125 5.49 1.32 8.77
N GLY A 126 5.37 1.88 7.57
CA GLY A 126 4.46 2.97 7.34
C GLY A 126 5.04 4.32 7.76
N ILE A 127 6.31 4.53 7.43
CA ILE A 127 6.98 5.78 7.77
C ILE A 127 6.65 6.85 6.73
N TRP A 128 6.48 8.09 7.19
CA TRP A 128 6.16 9.19 6.30
C TRP A 128 7.33 9.55 5.41
N SER A 129 7.28 10.73 4.79
CA SER A 129 8.34 11.18 3.91
C SER A 129 9.63 11.40 4.69
N GLY A 130 9.61 12.35 5.63
CA GLY A 130 10.79 12.62 6.42
C GLY A 130 10.60 13.77 7.40
N PRO A 131 10.90 13.56 8.69
CA PRO A 131 10.77 14.61 9.72
C PRO A 131 11.74 15.76 9.45
N ALA A 132 11.28 16.98 9.68
CA ALA A 132 12.11 18.16 9.48
C ALA A 132 11.49 19.40 10.13
N PRO A 133 10.20 19.68 9.86
CA PRO A 133 9.52 20.84 10.44
C PRO A 133 9.67 20.88 11.95
N GLN A 134 9.76 22.09 12.51
CA GLN A 134 9.91 22.23 13.96
C GLN A 134 9.34 23.55 14.45
N CYS A 135 8.62 23.48 15.57
CA CYS A 135 8.03 24.68 16.17
C CYS A 135 8.99 25.26 17.20
N ILE A 136 9.34 26.53 17.02
CA ILE A 136 10.27 27.20 17.92
C ILE A 136 9.57 28.29 18.73
N GLU A 1 -8.58 -40.11 -22.40
CA GLU A 1 -8.89 -39.29 -23.59
C GLU A 1 -7.72 -38.35 -23.93
N ALA A 2 -7.23 -37.64 -22.91
CA ALA A 2 -6.12 -36.71 -23.09
C ALA A 2 -5.72 -36.08 -21.75
N GLU A 3 -5.51 -34.77 -21.75
CA GLU A 3 -5.12 -34.06 -20.53
C GLU A 3 -5.21 -32.55 -20.76
N ALA A 4 -6.35 -32.10 -21.28
CA ALA A 4 -6.57 -30.69 -21.54
C ALA A 4 -6.86 -29.93 -20.25
N LYS A 5 -6.01 -30.09 -19.25
CA LYS A 5 -6.18 -29.43 -17.97
C LYS A 5 -5.75 -27.97 -18.08
N SER A 6 -6.58 -27.08 -17.55
CA SER A 6 -6.27 -25.65 -17.59
C SER A 6 -6.95 -24.91 -16.45
N CYS A 7 -6.20 -24.03 -15.80
CA CYS A 7 -6.74 -23.25 -14.69
C CYS A 7 -7.56 -22.08 -15.20
N LYS A 8 -8.70 -21.85 -14.58
CA LYS A 8 -9.57 -20.74 -14.97
C LYS A 8 -8.86 -19.42 -14.73
N THR A 9 -9.01 -18.49 -15.67
CA THR A 9 -8.37 -17.19 -15.55
C THR A 9 -8.80 -16.49 -14.27
N PRO A 10 -7.84 -16.13 -13.41
CA PRO A 10 -8.14 -15.44 -12.14
C PRO A 10 -8.69 -14.04 -12.36
N PRO A 11 -10.01 -13.85 -12.12
CA PRO A 11 -10.66 -12.55 -12.28
C PRO A 11 -10.07 -11.50 -11.37
N ASP A 12 -9.80 -10.32 -11.92
CA ASP A 12 -9.23 -9.22 -11.15
C ASP A 12 -10.04 -8.95 -9.89
N PRO A 13 -9.51 -9.33 -8.71
CA PRO A 13 -10.20 -9.14 -7.44
C PRO A 13 -10.01 -7.73 -6.88
N VAL A 14 -10.05 -7.65 -5.55
CA VAL A 14 -9.89 -6.38 -4.83
C VAL A 14 -8.68 -5.58 -5.31
N ASN A 15 -8.86 -4.83 -6.40
CA ASN A 15 -7.79 -3.99 -6.96
C ASN A 15 -6.68 -4.81 -7.60
N GLY A 16 -6.48 -6.02 -7.10
CA GLY A 16 -5.43 -6.88 -7.64
C GLY A 16 -5.73 -7.34 -9.06
N MET A 17 -4.67 -7.51 -9.85
CA MET A 17 -4.80 -7.95 -11.23
C MET A 17 -3.66 -8.88 -11.61
N VAL A 18 -4.01 -10.00 -12.22
CA VAL A 18 -3.00 -10.98 -12.63
C VAL A 18 -2.46 -10.68 -14.01
N HIS A 19 -1.24 -11.12 -14.25
CA HIS A 19 -0.59 -10.91 -15.54
C HIS A 19 -0.38 -12.25 -16.24
N VAL A 20 -1.27 -12.58 -17.18
CA VAL A 20 -1.18 -13.84 -17.91
C VAL A 20 0.08 -13.86 -18.77
N ILE A 21 1.06 -14.64 -18.33
CA ILE A 21 2.32 -14.75 -19.04
C ILE A 21 2.17 -15.62 -20.29
N THR A 22 2.47 -16.90 -20.16
CA THR A 22 2.34 -17.83 -21.27
C THR A 22 0.88 -18.10 -21.56
N ASP A 23 0.18 -18.57 -20.54
CA ASP A 23 -1.24 -18.86 -20.64
C ASP A 23 -1.83 -19.04 -19.24
N ILE A 24 -2.58 -20.11 -19.01
CA ILE A 24 -3.17 -20.36 -17.70
C ILE A 24 -3.39 -21.85 -17.49
N GLN A 25 -2.82 -22.66 -18.37
CA GLN A 25 -2.91 -24.10 -18.28
C GLN A 25 -1.79 -24.63 -17.40
N VAL A 26 -1.72 -25.95 -17.27
CA VAL A 26 -0.68 -26.58 -16.47
C VAL A 26 0.70 -26.01 -16.80
N GLY A 27 1.52 -25.80 -15.76
CA GLY A 27 2.87 -25.29 -15.97
C GLY A 27 2.94 -23.79 -16.23
N SER A 28 1.95 -23.23 -16.92
CA SER A 28 1.96 -21.80 -17.22
C SER A 28 1.80 -20.96 -15.95
N ARG A 29 2.69 -19.99 -15.78
CA ARG A 29 2.66 -19.11 -14.61
C ARG A 29 2.04 -17.76 -14.92
N ILE A 30 1.68 -17.04 -13.86
CA ILE A 30 1.08 -15.71 -13.98
C ILE A 30 1.42 -14.86 -12.75
N THR A 31 1.72 -13.59 -12.96
CA THR A 31 2.08 -12.70 -11.84
C THR A 31 0.92 -11.78 -11.42
N TYR A 32 0.53 -11.87 -10.16
CA TYR A 32 -0.53 -11.04 -9.61
C TYR A 32 0.05 -9.77 -8.99
N SER A 33 -0.76 -8.71 -8.92
CA SER A 33 -0.30 -7.46 -8.33
C SER A 33 -1.48 -6.59 -7.91
N CYS A 34 -1.51 -6.24 -6.62
CA CYS A 34 -2.56 -5.39 -6.06
C CYS A 34 -2.28 -3.92 -6.32
N THR A 35 -2.35 -3.53 -7.60
CA THR A 35 -2.10 -2.15 -7.99
C THR A 35 -0.86 -1.58 -7.33
N THR A 36 -0.82 -0.27 -7.20
CA THR A 36 0.33 0.42 -6.60
C THR A 36 0.10 0.75 -5.13
N GLY A 37 -1.08 1.27 -4.82
CA GLY A 37 -1.40 1.64 -3.45
C GLY A 37 -2.11 0.54 -2.69
N HIS A 38 -1.64 -0.70 -2.82
CA HIS A 38 -2.24 -1.83 -2.13
C HIS A 38 -1.24 -2.99 -2.00
N ARG A 39 -1.20 -3.58 -0.80
CA ARG A 39 -0.32 -4.69 -0.53
C ARG A 39 -0.93 -6.00 -1.01
N LEU A 40 -0.17 -6.77 -1.77
CA LEU A 40 -0.67 -8.04 -2.29
C LEU A 40 -0.70 -9.08 -1.18
N ILE A 41 -1.89 -9.31 -0.63
CA ILE A 41 -2.06 -10.29 0.44
C ILE A 41 -2.32 -11.67 -0.13
N GLY A 42 -1.41 -12.09 -0.98
CA GLY A 42 -1.50 -13.39 -1.62
C GLY A 42 -0.14 -13.86 -2.07
N HIS A 43 -0.01 -14.05 -3.38
CA HIS A 43 1.23 -14.49 -3.98
C HIS A 43 1.30 -14.01 -5.42
N SER A 44 2.19 -13.05 -5.68
CA SER A 44 2.32 -12.51 -7.03
C SER A 44 2.65 -13.63 -8.02
N SER A 45 3.71 -14.38 -7.73
CA SER A 45 4.09 -15.48 -8.59
C SER A 45 3.18 -16.69 -8.34
N ALA A 46 2.75 -17.34 -9.41
CA ALA A 46 1.87 -18.49 -9.30
C ALA A 46 1.96 -19.37 -10.53
N GLU A 47 1.72 -20.66 -10.35
CA GLU A 47 1.78 -21.62 -11.44
C GLU A 47 0.60 -22.58 -11.40
N CYS A 48 -0.06 -22.76 -12.53
CA CYS A 48 -1.21 -23.65 -12.64
C CYS A 48 -0.78 -25.10 -12.44
N ILE A 49 -0.88 -25.57 -11.19
CA ILE A 49 -0.52 -26.94 -10.88
C ILE A 49 -1.69 -27.88 -11.09
N LEU A 50 -1.56 -29.10 -10.61
CA LEU A 50 -2.62 -30.09 -10.74
C LEU A 50 -2.47 -31.20 -9.70
N SER A 51 -3.50 -31.35 -8.87
CA SER A 51 -3.49 -32.37 -7.82
C SER A 51 -3.86 -33.74 -8.37
N GLY A 52 -5.01 -33.82 -9.03
CA GLY A 52 -5.46 -35.08 -9.59
C GLY A 52 -6.93 -35.08 -9.95
N ASN A 53 -7.38 -34.04 -10.63
CA ASN A 53 -8.78 -33.93 -11.04
C ASN A 53 -9.01 -32.69 -11.89
N THR A 54 -8.47 -31.58 -11.44
CA THR A 54 -8.63 -30.31 -12.14
C THR A 54 -7.45 -29.39 -11.86
N ALA A 55 -7.09 -28.58 -12.86
CA ALA A 55 -5.96 -27.67 -12.73
C ALA A 55 -6.32 -26.51 -11.82
N HIS A 56 -5.39 -26.16 -10.93
CA HIS A 56 -5.60 -25.08 -9.98
C HIS A 56 -4.27 -24.41 -9.62
N TRP A 57 -4.30 -23.09 -9.41
CA TRP A 57 -3.10 -22.34 -9.08
C TRP A 57 -2.62 -22.70 -7.68
N SER A 58 -1.34 -23.06 -7.58
CA SER A 58 -0.74 -23.43 -6.30
C SER A 58 -0.99 -22.35 -5.25
N THR A 59 -1.17 -21.11 -5.70
CA THR A 59 -1.40 -20.00 -4.78
C THR A 59 -2.88 -19.85 -4.44
N LYS A 60 -3.16 -19.73 -3.15
CA LYS A 60 -4.53 -19.56 -2.68
C LYS A 60 -5.09 -18.23 -3.18
N PRO A 61 -6.42 -18.11 -3.28
CA PRO A 61 -7.06 -16.88 -3.76
C PRO A 61 -6.39 -15.63 -3.17
N PRO A 62 -5.72 -14.85 -4.03
CA PRO A 62 -5.02 -13.63 -3.60
C PRO A 62 -5.96 -12.52 -3.18
N ILE A 63 -5.71 -11.97 -2.00
CA ILE A 63 -6.52 -10.88 -1.47
C ILE A 63 -5.65 -9.63 -1.32
N CYS A 64 -6.24 -8.45 -1.51
CA CYS A 64 -5.49 -7.21 -1.41
C CYS A 64 -5.84 -6.45 -0.14
N GLN A 65 -4.92 -5.58 0.29
CA GLN A 65 -5.10 -4.78 1.48
C GLN A 65 -4.28 -3.49 1.41
N ARG A 66 -4.96 -2.37 1.57
CA ARG A 66 -4.29 -1.06 1.52
C ARG A 66 -3.23 -0.97 2.62
N ILE A 67 -2.04 -0.50 2.24
CA ILE A 67 -0.94 -0.36 3.18
C ILE A 67 -1.16 0.81 4.13
N PRO A 68 -1.16 0.55 5.45
CA PRO A 68 -1.34 1.57 6.47
C PRO A 68 -0.05 2.28 6.83
N CYS A 69 -0.08 3.62 6.83
CA CYS A 69 1.12 4.40 7.17
C CYS A 69 1.21 4.65 8.67
N GLY A 70 0.72 3.70 9.46
CA GLY A 70 0.77 3.84 10.91
C GLY A 70 0.44 5.25 11.36
N LEU A 71 1.29 5.80 12.24
CA LEU A 71 1.12 7.15 12.73
C LEU A 71 2.35 7.99 12.41
N PRO A 72 2.17 9.16 11.76
CA PRO A 72 3.27 10.05 11.38
C PRO A 72 4.04 10.56 12.60
N PRO A 73 5.31 10.95 12.41
CA PRO A 73 6.15 11.46 13.50
C PRO A 73 5.53 12.68 14.15
N THR A 74 5.40 12.60 15.47
CA THR A 74 4.81 13.68 16.25
C THR A 74 5.87 14.63 16.80
N ILE A 75 5.47 15.90 16.99
CA ILE A 75 6.38 16.91 17.52
C ILE A 75 5.65 17.87 18.46
N ALA A 76 6.26 18.14 19.60
CA ALA A 76 5.68 19.04 20.58
C ALA A 76 5.65 20.47 20.06
N ASN A 77 4.86 21.31 20.72
CA ASN A 77 4.73 22.72 20.36
C ASN A 77 3.85 22.93 19.13
N GLY A 78 4.01 22.07 18.13
CA GLY A 78 3.20 22.22 16.93
C GLY A 78 3.30 21.02 16.02
N ASP A 79 2.17 20.58 15.49
CA ASP A 79 2.14 19.42 14.60
C ASP A 79 0.79 19.22 13.95
N PHE A 80 0.82 18.80 12.69
CA PHE A 80 -0.40 18.54 11.91
C PHE A 80 -1.27 19.79 11.78
N ILE A 81 -1.42 20.24 10.53
CA ILE A 81 -2.24 21.41 10.22
C ILE A 81 -2.79 21.30 8.79
N SER A 82 -3.56 20.25 8.54
CA SER A 82 -4.14 20.03 7.22
C SER A 82 -5.28 19.01 7.27
N THR A 83 -5.32 18.10 6.31
CA THR A 83 -6.37 17.08 6.27
C THR A 83 -5.84 15.68 6.54
N ASN A 84 -6.48 14.99 7.49
CA ASN A 84 -6.08 13.63 7.85
C ASN A 84 -6.90 13.13 9.05
N ARG A 85 -6.72 13.78 10.20
CA ARG A 85 -7.45 13.43 11.41
C ARG A 85 -7.20 11.99 11.84
N GLU A 86 -5.97 11.70 12.25
CA GLU A 86 -5.59 10.36 12.71
C GLU A 86 -5.82 9.31 11.62
N ASN A 87 -5.71 8.04 12.00
CA ASN A 87 -5.89 6.91 11.09
C ASN A 87 -4.67 6.72 10.19
N PHE A 88 -4.48 7.65 9.27
CA PHE A 88 -3.34 7.62 8.35
C PHE A 88 -3.23 6.29 7.62
N HIS A 89 -4.35 5.80 7.08
CA HIS A 89 -4.35 4.53 6.36
C HIS A 89 -3.45 4.62 5.13
N TYR A 90 -3.68 5.64 4.30
CA TYR A 90 -2.90 5.84 3.08
C TYR A 90 -3.46 6.98 2.25
N GLY A 91 -2.57 7.78 1.69
CA GLY A 91 -2.99 8.90 0.88
C GLY A 91 -3.59 10.02 1.70
N SER A 92 -2.74 10.98 2.08
CA SER A 92 -3.17 12.13 2.89
C SER A 92 -1.97 12.94 3.35
N VAL A 93 -2.05 14.26 3.14
CA VAL A 93 -0.98 15.17 3.51
C VAL A 93 -1.33 15.91 4.80
N VAL A 94 -0.30 16.38 5.50
CA VAL A 94 -0.48 17.12 6.75
C VAL A 94 0.64 18.13 6.93
N THR A 95 0.27 19.37 7.24
CA THR A 95 1.25 20.44 7.41
C THR A 95 1.72 20.56 8.86
N TYR A 96 2.98 20.21 9.11
CA TYR A 96 3.54 20.32 10.44
C TYR A 96 4.08 21.72 10.68
N ARG A 97 3.80 22.28 11.85
CA ARG A 97 4.27 23.63 12.18
C ARG A 97 4.59 23.74 13.67
N CYS A 98 4.28 24.90 14.24
CA CYS A 98 4.54 25.16 15.65
C CYS A 98 3.75 26.38 16.12
N ASN A 99 3.12 26.25 17.29
CA ASN A 99 2.33 27.35 17.84
C ASN A 99 3.21 28.54 18.21
N LEU A 100 3.27 29.52 17.30
CA LEU A 100 4.05 30.73 17.53
C LEU A 100 3.29 31.71 18.41
N GLY A 101 2.67 31.19 19.45
CA GLY A 101 1.90 32.04 20.35
C GLY A 101 0.52 32.40 19.82
N SER A 102 0.48 33.10 18.68
CA SER A 102 -0.80 33.50 18.09
C SER A 102 -0.62 34.03 16.66
N ARG A 103 -0.77 33.12 15.69
CA ARG A 103 -0.64 33.48 14.27
C ARG A 103 0.82 33.75 13.88
N GLY A 104 1.55 34.45 14.74
CA GLY A 104 2.94 34.75 14.46
C GLY A 104 3.55 35.67 15.50
N ARG A 105 3.20 35.47 16.77
CA ARG A 105 3.72 36.30 17.85
C ARG A 105 5.08 35.78 18.31
N LYS A 106 5.84 35.23 17.37
CA LYS A 106 7.17 34.69 17.65
C LYS A 106 7.20 33.92 18.96
N VAL A 107 6.81 32.64 18.90
CA VAL A 107 6.80 31.78 20.07
C VAL A 107 7.05 30.34 19.64
N PHE A 108 8.33 29.97 19.59
CA PHE A 108 8.72 28.64 19.15
C PHE A 108 8.49 28.55 17.64
N GLU A 109 9.52 28.90 16.88
CA GLU A 109 9.42 28.88 15.43
C GLU A 109 9.85 27.55 14.85
N LEU A 110 9.07 27.06 13.88
CA LEU A 110 9.34 25.78 13.24
C LEU A 110 10.61 25.86 12.38
N VAL A 111 11.22 24.70 12.16
CA VAL A 111 12.43 24.61 11.36
C VAL A 111 12.44 23.33 10.52
N GLY A 112 12.89 23.45 9.27
CA GLY A 112 12.95 22.32 8.36
C GLY A 112 11.66 22.09 7.60
N GLU A 113 11.48 20.86 7.11
CA GLU A 113 10.30 20.51 6.33
C GLU A 113 9.02 20.59 7.17
N PRO A 114 8.15 21.56 6.87
CA PRO A 114 6.90 21.75 7.59
C PRO A 114 5.73 20.98 6.97
N SER A 115 6.02 19.92 6.22
CA SER A 115 4.96 19.15 5.59
C SER A 115 5.40 17.73 5.25
N ILE A 116 4.47 16.78 5.40
CA ILE A 116 4.72 15.38 5.08
C ILE A 116 3.44 14.73 4.58
N TYR A 117 3.56 13.50 4.08
CA TYR A 117 2.40 12.78 3.57
C TYR A 117 2.66 11.29 3.46
N CYS A 118 1.60 10.49 3.71
CA CYS A 118 1.70 9.05 3.63
C CYS A 118 1.96 8.59 2.20
N THR A 119 2.74 7.52 2.07
CA THR A 119 3.07 6.97 0.76
C THR A 119 3.15 5.44 0.82
N SER A 120 3.96 4.84 -0.04
CA SER A 120 4.10 3.39 -0.05
C SER A 120 5.38 2.95 -0.76
N ASN A 121 6.12 2.07 -0.11
CA ASN A 121 7.37 1.53 -0.66
C ASN A 121 8.01 0.56 0.33
N ASP A 122 9.34 0.55 0.37
CA ASP A 122 10.06 -0.34 1.28
C ASP A 122 9.59 -1.79 1.14
N ASP A 123 8.55 -2.14 1.89
CA ASP A 123 7.97 -3.48 1.84
C ASP A 123 6.58 -3.49 2.46
N GLN A 124 5.74 -2.58 1.98
CA GLN A 124 4.36 -2.47 2.46
C GLN A 124 4.32 -2.04 3.93
N VAL A 125 5.19 -1.10 4.29
CA VAL A 125 5.25 -0.61 5.67
C VAL A 125 4.40 0.64 5.83
N GLY A 126 4.46 1.51 4.83
CA GLY A 126 3.71 2.75 4.86
C GLY A 126 4.47 3.86 5.57
N ILE A 127 5.74 4.02 5.22
CA ILE A 127 6.58 5.05 5.83
C ILE A 127 6.34 6.40 5.16
N TRP A 128 6.21 7.45 5.97
CA TRP A 128 5.98 8.78 5.45
C TRP A 128 7.22 9.32 4.76
N SER A 129 7.01 10.12 3.72
CA SER A 129 8.11 10.71 2.95
C SER A 129 9.28 11.15 3.82
N GLY A 130 8.98 11.69 4.99
CA GLY A 130 10.04 12.15 5.87
C GLY A 130 9.58 12.44 7.29
N PRO A 131 10.47 12.26 8.28
CA PRO A 131 10.15 12.51 9.69
C PRO A 131 9.80 13.97 9.96
N ALA A 132 9.06 14.21 11.04
CA ALA A 132 8.65 15.55 11.41
C ALA A 132 9.86 16.44 11.71
N PRO A 133 9.78 17.73 11.37
CA PRO A 133 10.87 18.69 11.60
C PRO A 133 11.09 18.96 13.08
N GLN A 134 11.45 20.20 13.41
CA GLN A 134 11.69 20.57 14.80
C GLN A 134 11.42 22.05 15.04
N CYS A 135 10.74 22.35 16.15
CA CYS A 135 10.42 23.72 16.51
C CYS A 135 11.42 24.23 17.55
N ILE A 136 11.94 25.43 17.32
CA ILE A 136 12.92 26.03 18.23
C ILE A 136 12.82 27.55 18.23
N GLU A 1 -17.38 -23.35 -29.14
CA GLU A 1 -16.10 -22.74 -28.69
C GLU A 1 -15.01 -23.79 -28.57
N ALA A 2 -15.35 -24.92 -27.93
CA ALA A 2 -14.41 -26.01 -27.76
C ALA A 2 -13.16 -25.55 -27.00
N GLU A 3 -13.38 -24.78 -25.94
CA GLU A 3 -12.27 -24.28 -25.13
C GLU A 3 -11.58 -25.41 -24.38
N ALA A 4 -10.25 -25.39 -24.37
CA ALA A 4 -9.47 -26.42 -23.70
C ALA A 4 -9.41 -26.17 -22.19
N LYS A 5 -10.56 -25.88 -21.59
CA LYS A 5 -10.63 -25.62 -20.15
C LYS A 5 -9.90 -24.34 -19.78
N SER A 6 -10.37 -23.65 -18.75
CA SER A 6 -9.75 -22.41 -18.31
C SER A 6 -10.05 -22.13 -16.83
N CYS A 7 -9.00 -21.84 -16.07
CA CYS A 7 -9.13 -21.55 -14.65
C CYS A 7 -9.47 -20.09 -14.40
N LYS A 8 -10.27 -19.52 -15.28
CA LYS A 8 -10.70 -18.12 -15.18
C LYS A 8 -9.51 -17.17 -15.11
N THR A 9 -9.53 -16.15 -15.95
CA THR A 9 -8.46 -15.16 -15.97
C THR A 9 -8.39 -14.44 -14.62
N PRO A 10 -7.22 -14.49 -13.96
CA PRO A 10 -7.04 -13.87 -12.65
C PRO A 10 -7.33 -12.37 -12.67
N PRO A 11 -8.44 -11.94 -12.04
CA PRO A 11 -8.82 -10.53 -11.98
C PRO A 11 -7.94 -9.75 -11.01
N ASP A 12 -7.55 -8.54 -11.39
CA ASP A 12 -6.71 -7.71 -10.54
C ASP A 12 -7.25 -7.65 -9.11
N PRO A 13 -6.58 -8.32 -8.17
CA PRO A 13 -6.99 -8.35 -6.77
C PRO A 13 -6.57 -7.09 -6.03
N VAL A 14 -6.26 -7.24 -4.75
CA VAL A 14 -5.83 -6.14 -3.91
C VAL A 14 -4.74 -5.31 -4.57
N ASN A 15 -5.14 -4.41 -5.47
CA ASN A 15 -4.21 -3.55 -6.20
C ASN A 15 -2.97 -4.30 -6.68
N GLY A 16 -3.12 -5.60 -6.91
CA GLY A 16 -2.02 -6.42 -7.38
C GLY A 16 -1.82 -6.33 -8.88
N MET A 17 -1.10 -7.30 -9.42
CA MET A 17 -0.84 -7.35 -10.85
C MET A 17 -0.47 -8.77 -11.28
N VAL A 18 -1.32 -9.39 -12.10
CA VAL A 18 -1.07 -10.75 -12.56
C VAL A 18 -0.33 -10.74 -13.89
N HIS A 19 0.56 -11.71 -14.06
CA HIS A 19 1.31 -11.84 -15.30
C HIS A 19 1.03 -13.17 -15.96
N VAL A 20 0.03 -13.19 -16.85
CA VAL A 20 -0.34 -14.43 -17.55
C VAL A 20 0.80 -14.85 -18.48
N ILE A 21 1.52 -15.86 -18.05
CA ILE A 21 2.65 -16.38 -18.82
C ILE A 21 2.21 -17.38 -19.89
N THR A 22 2.22 -18.65 -19.54
CA THR A 22 1.82 -19.70 -20.47
C THR A 22 0.31 -19.91 -20.50
N ASP A 23 -0.39 -18.87 -20.90
CA ASP A 23 -1.85 -18.90 -20.97
C ASP A 23 -2.45 -19.32 -19.63
N ILE A 24 -3.65 -19.92 -19.67
CA ILE A 24 -4.32 -20.37 -18.46
C ILE A 24 -5.31 -21.49 -18.76
N GLN A 25 -5.04 -22.23 -19.84
CA GLN A 25 -5.90 -23.32 -20.27
C GLN A 25 -5.52 -24.64 -19.59
N VAL A 26 -4.95 -24.55 -18.37
CA VAL A 26 -4.55 -25.71 -17.57
C VAL A 26 -3.05 -25.96 -17.67
N GLY A 27 -2.44 -26.37 -16.57
CA GLY A 27 -1.01 -26.63 -16.56
C GLY A 27 -0.20 -25.35 -16.65
N SER A 28 -0.89 -24.25 -16.88
CA SER A 28 -0.24 -22.94 -17.00
C SER A 28 0.35 -22.48 -15.66
N ARG A 29 1.28 -21.55 -15.72
CA ARG A 29 1.91 -21.02 -14.52
C ARG A 29 2.19 -19.53 -14.69
N ILE A 30 1.43 -18.71 -13.96
CA ILE A 30 1.58 -17.26 -14.03
C ILE A 30 2.47 -16.73 -12.90
N THR A 31 2.57 -15.41 -12.80
CA THR A 31 3.37 -14.78 -11.76
C THR A 31 2.80 -13.42 -11.36
N TYR A 32 2.65 -13.21 -10.06
CA TYR A 32 2.13 -11.95 -9.54
C TYR A 32 3.25 -10.99 -9.17
N SER A 33 2.91 -9.71 -8.98
CA SER A 33 3.91 -8.71 -8.62
C SER A 33 3.30 -7.60 -7.77
N CYS A 34 2.09 -7.20 -8.14
CA CYS A 34 1.38 -6.14 -7.44
C CYS A 34 2.01 -4.78 -7.71
N THR A 35 1.41 -3.72 -7.16
CA THR A 35 1.91 -2.36 -7.34
C THR A 35 3.31 -2.17 -6.78
N THR A 36 3.67 -0.92 -6.57
CA THR A 36 4.98 -0.57 -6.05
C THR A 36 4.97 -0.39 -4.54
N GLY A 37 3.96 0.31 -4.04
CA GLY A 37 3.86 0.56 -2.61
C GLY A 37 2.99 -0.44 -1.88
N HIS A 38 3.07 -1.72 -2.27
CA HIS A 38 2.28 -2.76 -1.64
C HIS A 38 3.03 -4.09 -1.66
N ARG A 39 3.05 -4.76 -0.52
CA ARG A 39 3.73 -6.05 -0.41
C ARG A 39 2.84 -7.17 -0.92
N LEU A 40 3.35 -7.92 -1.90
CA LEU A 40 2.59 -9.03 -2.46
C LEU A 40 2.50 -10.19 -1.47
N ILE A 41 1.29 -10.72 -1.29
CA ILE A 41 1.07 -11.82 -0.37
C ILE A 41 0.24 -12.92 -1.04
N GLY A 42 0.80 -13.48 -2.08
CA GLY A 42 0.15 -14.54 -2.82
C GLY A 42 1.13 -15.45 -3.52
N HIS A 43 2.29 -15.63 -2.89
CA HIS A 43 3.34 -16.48 -3.43
C HIS A 43 3.81 -16.01 -4.81
N SER A 44 3.28 -14.88 -5.27
CA SER A 44 3.66 -14.31 -6.57
C SER A 44 3.72 -15.40 -7.63
N SER A 45 2.88 -16.42 -7.48
CA SER A 45 2.84 -17.53 -8.42
C SER A 45 1.54 -18.31 -8.27
N ALA A 46 1.08 -18.92 -9.35
CA ALA A 46 -0.15 -19.69 -9.34
C ALA A 46 -0.19 -20.70 -10.48
N GLU A 47 -0.48 -21.96 -10.14
CA GLU A 47 -0.56 -23.02 -11.13
C GLU A 47 -2.01 -23.32 -11.47
N CYS A 48 -2.31 -23.31 -12.76
CA CYS A 48 -3.65 -23.59 -13.26
C CYS A 48 -3.94 -25.08 -13.24
N ILE A 49 -4.32 -25.60 -12.07
CA ILE A 49 -4.61 -27.03 -11.95
C ILE A 49 -6.06 -27.33 -12.31
N LEU A 50 -6.60 -28.39 -11.74
CA LEU A 50 -7.97 -28.78 -12.01
C LEU A 50 -8.65 -29.30 -10.76
N SER A 51 -9.74 -28.64 -10.37
CA SER A 51 -10.51 -29.03 -9.19
C SER A 51 -11.65 -29.98 -9.57
N GLY A 52 -12.27 -29.70 -10.71
CA GLY A 52 -13.37 -30.52 -11.18
C GLY A 52 -13.77 -30.19 -12.60
N ASN A 53 -15.05 -29.90 -12.81
CA ASN A 53 -15.54 -29.56 -14.15
C ASN A 53 -15.00 -28.21 -14.61
N THR A 54 -14.06 -27.66 -13.84
CA THR A 54 -13.46 -26.37 -14.17
C THR A 54 -12.04 -26.27 -13.63
N ALA A 55 -11.16 -25.59 -14.37
CA ALA A 55 -9.78 -25.40 -13.94
C ALA A 55 -9.73 -24.35 -12.83
N HIS A 56 -8.77 -24.50 -11.92
CA HIS A 56 -8.64 -23.57 -10.80
C HIS A 56 -7.18 -23.45 -10.34
N TRP A 57 -6.83 -22.27 -9.83
CA TRP A 57 -5.48 -22.01 -9.38
C TRP A 57 -5.26 -22.57 -7.97
N SER A 58 -4.33 -23.52 -7.88
CA SER A 58 -4.01 -24.16 -6.61
C SER A 58 -3.65 -23.15 -5.52
N THR A 59 -3.18 -21.97 -5.94
CA THR A 59 -2.79 -20.93 -4.98
C THR A 59 -3.95 -20.06 -4.55
N LYS A 60 -3.96 -19.69 -3.27
CA LYS A 60 -5.00 -18.83 -2.71
C LYS A 60 -4.93 -17.43 -3.34
N PRO A 61 -6.08 -16.74 -3.44
CA PRO A 61 -6.11 -15.39 -4.02
C PRO A 61 -5.10 -14.46 -3.36
N PRO A 62 -4.10 -13.99 -4.14
CA PRO A 62 -3.06 -13.10 -3.63
C PRO A 62 -3.60 -11.78 -3.11
N ILE A 63 -3.03 -11.31 -2.01
CA ILE A 63 -3.45 -10.05 -1.39
C ILE A 63 -2.23 -9.16 -1.12
N CYS A 64 -2.36 -7.87 -1.42
CA CYS A 64 -1.27 -6.93 -1.21
C CYS A 64 -1.42 -6.17 0.11
N GLN A 65 -0.38 -6.23 0.94
CA GLN A 65 -0.39 -5.53 2.22
C GLN A 65 -0.19 -4.03 2.02
N ARG A 66 -1.12 -3.24 2.53
CA ARG A 66 -1.04 -1.79 2.41
C ARG A 66 0.14 -1.23 3.20
N ILE A 67 0.72 -2.08 4.05
CA ILE A 67 1.84 -1.67 4.89
C ILE A 67 1.45 -0.45 5.71
N PRO A 68 0.57 -0.64 6.72
CA PRO A 68 0.09 0.43 7.58
C PRO A 68 1.20 1.27 8.20
N CYS A 69 1.05 2.58 8.12
CA CYS A 69 2.02 3.52 8.68
C CYS A 69 1.70 3.77 10.15
N GLY A 70 1.96 4.99 10.61
CA GLY A 70 1.69 5.32 12.00
C GLY A 70 1.43 6.80 12.22
N LEU A 71 1.67 7.26 13.44
CA LEU A 71 1.44 8.65 13.79
C LEU A 71 2.42 9.57 13.09
N PRO A 72 1.96 10.78 12.71
CA PRO A 72 2.80 11.77 12.04
C PRO A 72 3.92 12.27 12.95
N PRO A 73 5.10 12.60 12.38
CA PRO A 73 6.23 13.09 13.17
C PRO A 73 5.84 14.17 14.18
N THR A 74 5.93 13.83 15.46
CA THR A 74 5.58 14.76 16.53
C THR A 74 6.68 15.81 16.74
N ILE A 75 6.27 17.04 16.98
CA ILE A 75 7.22 18.14 17.21
C ILE A 75 6.64 19.21 18.12
N ALA A 76 5.79 18.79 19.03
CA ALA A 76 5.15 19.71 19.98
C ALA A 76 4.49 20.89 19.25
N ASN A 77 3.17 20.99 19.38
CA ASN A 77 2.41 22.07 18.74
C ASN A 77 2.26 21.83 17.24
N GLY A 78 3.21 21.10 16.66
CA GLY A 78 3.17 20.81 15.24
C GLY A 78 2.05 19.86 14.86
N ASP A 79 0.81 20.31 14.98
CA ASP A 79 -0.35 19.49 14.65
C ASP A 79 -0.43 19.22 13.15
N PHE A 80 -1.64 19.04 12.66
CA PHE A 80 -1.86 18.78 11.25
C PHE A 80 -3.27 19.18 10.81
N ILE A 81 -3.36 19.73 9.61
CA ILE A 81 -4.63 20.17 9.05
C ILE A 81 -5.27 19.06 8.21
N SER A 82 -5.61 17.95 8.86
CA SER A 82 -6.22 16.82 8.15
C SER A 82 -6.95 15.88 9.12
N THR A 83 -7.17 14.65 8.67
CA THR A 83 -7.86 13.65 9.48
C THR A 83 -6.92 12.96 10.46
N ASN A 84 -6.35 11.83 10.04
CA ASN A 84 -5.42 11.08 10.87
C ASN A 84 -6.04 10.75 12.23
N ARG A 85 -5.25 10.87 13.29
CA ARG A 85 -5.71 10.58 14.65
C ARG A 85 -6.13 9.12 14.78
N GLU A 86 -5.34 8.35 15.53
CA GLU A 86 -5.61 6.94 15.77
C GLU A 86 -6.17 6.25 14.53
N ASN A 87 -5.62 6.57 13.36
CA ASN A 87 -6.06 5.98 12.10
C ASN A 87 -5.07 6.30 10.98
N PHE A 88 -4.46 5.24 10.45
CA PHE A 88 -3.48 5.38 9.38
C PHE A 88 -3.25 4.03 8.68
N HIS A 89 -3.05 4.06 7.38
CA HIS A 89 -2.84 2.83 6.63
C HIS A 89 -1.77 2.99 5.55
N TYR A 90 -2.01 3.94 4.64
CA TYR A 90 -1.08 4.20 3.54
C TYR A 90 -1.67 5.24 2.59
N GLY A 91 -2.17 6.33 3.16
CA GLY A 91 -2.75 7.40 2.37
C GLY A 91 -2.82 8.70 3.13
N SER A 92 -2.85 8.60 4.46
CA SER A 92 -2.93 9.75 5.33
C SER A 92 -1.92 10.83 4.94
N VAL A 93 -2.31 12.08 5.17
CA VAL A 93 -1.47 13.23 4.87
C VAL A 93 -1.54 14.24 6.00
N VAL A 94 -0.44 14.94 6.25
CA VAL A 94 -0.38 15.92 7.32
C VAL A 94 0.27 17.22 6.87
N THR A 95 -0.50 18.31 6.97
CA THR A 95 0.00 19.63 6.61
C THR A 95 0.40 20.37 7.88
N TYR A 96 1.67 20.75 7.96
CA TYR A 96 2.17 21.44 9.14
C TYR A 96 1.72 22.89 9.20
N ARG A 97 1.48 23.37 10.42
CA ARG A 97 1.03 24.73 10.66
C ARG A 97 1.53 25.20 12.03
N CYS A 98 1.64 24.25 12.96
CA CYS A 98 2.10 24.54 14.31
C CYS A 98 1.05 25.31 15.11
N ASN A 99 0.93 25.00 16.39
CA ASN A 99 -0.05 25.65 17.26
C ASN A 99 0.25 27.14 17.45
N LEU A 100 -0.77 27.97 17.24
CA LEU A 100 -0.64 29.41 17.37
C LEU A 100 -0.55 29.84 18.84
N GLY A 101 0.22 29.10 19.63
CA GLY A 101 0.37 29.43 21.04
C GLY A 101 -0.97 29.48 21.77
N SER A 102 -1.79 28.45 21.56
CA SER A 102 -3.10 28.38 22.19
C SER A 102 -3.94 29.59 21.81
N ARG A 103 -3.83 30.00 20.56
CA ARG A 103 -4.57 31.15 20.04
C ARG A 103 -4.71 31.07 18.52
N GLY A 104 -4.34 32.16 17.84
CA GLY A 104 -4.42 32.20 16.39
C GLY A 104 -3.36 33.11 15.80
N ARG A 105 -2.93 34.08 16.59
CA ARG A 105 -1.90 35.03 16.18
C ARG A 105 -0.62 34.32 15.77
N LYS A 106 0.10 34.89 14.81
CA LYS A 106 1.36 34.33 14.35
C LYS A 106 2.39 34.37 15.46
N VAL A 107 3.09 33.26 15.68
CA VAL A 107 4.08 33.17 16.74
C VAL A 107 5.13 32.11 16.43
N PHE A 108 5.33 31.87 15.16
CA PHE A 108 6.29 30.87 14.74
C PHE A 108 6.54 30.97 13.24
N GLU A 109 7.31 30.05 12.71
CA GLU A 109 7.62 30.05 11.29
C GLU A 109 7.87 28.63 10.78
N LEU A 110 7.08 28.21 9.80
CA LEU A 110 7.21 26.88 9.24
C LEU A 110 8.52 26.73 8.47
N VAL A 111 9.34 25.79 8.92
CA VAL A 111 10.63 25.55 8.28
C VAL A 111 10.57 24.32 7.38
N GLY A 112 10.15 24.54 6.13
CA GLY A 112 10.05 23.47 5.16
C GLY A 112 9.07 22.37 5.54
N GLU A 113 9.20 21.23 4.87
CA GLU A 113 8.36 20.05 5.10
C GLU A 113 6.95 20.42 5.56
N PRO A 114 6.21 21.22 4.75
CA PRO A 114 4.86 21.64 5.09
C PRO A 114 3.80 20.58 4.79
N SER A 115 4.23 19.41 4.32
CA SER A 115 3.31 18.33 4.00
C SER A 115 3.99 16.97 4.06
N ILE A 116 3.25 15.97 4.50
CA ILE A 116 3.74 14.61 4.60
C ILE A 116 2.65 13.59 4.31
N TYR A 117 3.06 12.39 3.92
CA TYR A 117 2.10 11.34 3.61
C TYR A 117 2.75 9.96 3.65
N CYS A 118 1.97 8.96 4.05
CA CYS A 118 2.46 7.59 4.14
C CYS A 118 2.91 7.10 2.76
N THR A 119 4.09 6.50 2.70
CA THR A 119 4.63 6.00 1.44
C THR A 119 5.41 4.71 1.64
N SER A 120 5.85 4.47 2.87
CA SER A 120 6.60 3.26 3.19
C SER A 120 7.88 3.18 2.35
N ASN A 121 8.73 4.19 2.49
CA ASN A 121 10.00 4.26 1.75
C ASN A 121 11.02 3.24 2.28
N ASP A 122 10.53 2.12 2.80
CA ASP A 122 11.40 1.08 3.34
C ASP A 122 10.56 -0.08 3.87
N ASP A 123 9.68 -0.60 3.03
CA ASP A 123 8.81 -1.71 3.41
C ASP A 123 7.90 -1.28 4.57
N GLN A 124 7.88 -2.06 5.64
CA GLN A 124 7.04 -1.74 6.80
C GLN A 124 7.52 -0.45 7.48
N VAL A 125 7.49 -0.45 8.82
CA VAL A 125 7.90 0.73 9.61
C VAL A 125 6.83 1.81 9.57
N GLY A 126 6.30 2.06 8.38
CA GLY A 126 5.28 3.08 8.23
C GLY A 126 5.85 4.48 8.21
N ILE A 127 6.90 4.68 7.43
CA ILE A 127 7.53 6.00 7.31
C ILE A 127 6.78 6.87 6.32
N TRP A 128 6.47 8.09 6.73
CA TRP A 128 5.76 9.03 5.88
C TRP A 128 6.66 9.56 4.76
N SER A 129 6.39 10.79 4.32
CA SER A 129 7.18 11.41 3.26
C SER A 129 8.55 11.85 3.77
N GLY A 130 8.57 12.41 4.98
CA GLY A 130 9.81 12.87 5.56
C GLY A 130 9.63 13.44 6.96
N PRO A 131 10.68 13.40 7.80
CA PRO A 131 10.61 13.92 9.17
C PRO A 131 9.98 15.31 9.22
N ALA A 132 9.39 15.63 10.38
CA ALA A 132 8.73 16.92 10.56
C ALA A 132 9.71 18.08 10.44
N PRO A 133 9.24 19.20 9.86
CA PRO A 133 10.07 20.41 9.68
C PRO A 133 10.42 21.07 11.00
N GLN A 134 10.46 22.40 11.01
CA GLN A 134 10.77 23.14 12.23
C GLN A 134 9.82 24.32 12.44
N CYS A 135 9.19 24.36 13.61
CA CYS A 135 8.27 25.44 13.95
C CYS A 135 9.02 26.62 14.56
N ILE A 136 9.85 27.27 13.74
CA ILE A 136 10.64 28.40 14.21
C ILE A 136 10.84 29.43 13.10
N GLU A 1 -8.53 -35.65 -27.80
CA GLU A 1 -9.85 -35.94 -27.19
C GLU A 1 -10.70 -34.68 -27.10
N ALA A 2 -10.12 -33.64 -26.51
CA ALA A 2 -10.82 -32.36 -26.34
C ALA A 2 -9.88 -31.32 -25.74
N GLU A 3 -10.43 -30.41 -24.95
CA GLU A 3 -9.64 -29.38 -24.31
C GLU A 3 -8.74 -29.98 -23.24
N ALA A 4 -7.49 -29.52 -23.19
CA ALA A 4 -6.53 -30.02 -22.21
C ALA A 4 -6.80 -29.44 -20.82
N LYS A 5 -8.08 -29.26 -20.50
CA LYS A 5 -8.48 -28.71 -19.21
C LYS A 5 -7.93 -27.30 -19.01
N SER A 6 -8.70 -26.46 -18.33
CA SER A 6 -8.28 -25.08 -18.09
C SER A 6 -8.94 -24.53 -16.82
N CYS A 7 -8.12 -23.91 -15.98
CA CYS A 7 -8.59 -23.34 -14.73
C CYS A 7 -9.25 -21.98 -14.97
N LYS A 8 -10.34 -21.74 -14.26
CA LYS A 8 -11.06 -20.48 -14.38
C LYS A 8 -10.18 -19.32 -13.92
N THR A 9 -10.34 -18.16 -14.55
CA THR A 9 -9.56 -16.98 -14.20
C THR A 9 -9.54 -16.81 -12.69
N PRO A 10 -8.34 -16.65 -12.11
CA PRO A 10 -8.20 -16.47 -10.66
C PRO A 10 -8.79 -15.15 -10.20
N PRO A 11 -9.62 -15.17 -9.15
CA PRO A 11 -10.24 -13.95 -8.63
C PRO A 11 -9.21 -12.85 -8.40
N ASP A 12 -9.46 -11.69 -9.01
CA ASP A 12 -8.54 -10.57 -8.90
C ASP A 12 -8.14 -10.34 -7.45
N PRO A 13 -6.82 -10.36 -7.16
CA PRO A 13 -6.30 -10.15 -5.80
C PRO A 13 -6.87 -8.90 -5.16
N VAL A 14 -6.92 -8.89 -3.83
CA VAL A 14 -7.43 -7.76 -3.08
C VAL A 14 -6.92 -6.44 -3.68
N ASN A 15 -7.87 -5.62 -4.16
CA ASN A 15 -7.53 -4.34 -4.79
C ASN A 15 -6.33 -4.48 -5.71
N GLY A 16 -6.33 -5.52 -6.53
CA GLY A 16 -5.24 -5.76 -7.46
C GLY A 16 -5.64 -6.66 -8.62
N MET A 17 -5.26 -6.25 -9.83
CA MET A 17 -5.58 -7.01 -11.04
C MET A 17 -4.41 -7.89 -11.48
N VAL A 18 -4.74 -9.02 -12.12
CA VAL A 18 -3.73 -9.93 -12.62
C VAL A 18 -3.38 -9.60 -14.07
N HIS A 19 -2.85 -10.59 -14.78
CA HIS A 19 -2.49 -10.44 -16.18
C HIS A 19 -2.44 -11.79 -16.87
N VAL A 20 -3.50 -12.12 -17.61
CA VAL A 20 -3.56 -13.39 -18.32
C VAL A 20 -2.56 -13.39 -19.47
N ILE A 21 -1.52 -14.21 -19.35
CA ILE A 21 -0.49 -14.29 -20.37
C ILE A 21 -0.87 -15.25 -21.49
N THR A 22 -0.65 -16.54 -21.25
CA THR A 22 -0.95 -17.57 -22.22
C THR A 22 -2.45 -17.71 -22.46
N ASP A 23 -3.11 -18.52 -21.62
CA ASP A 23 -4.54 -18.76 -21.73
C ASP A 23 -5.08 -19.37 -20.44
N ILE A 24 -4.29 -19.22 -19.38
CA ILE A 24 -4.63 -19.74 -18.05
C ILE A 24 -4.98 -21.24 -18.12
N GLN A 25 -4.39 -21.91 -19.11
CA GLN A 25 -4.61 -23.33 -19.30
C GLN A 25 -3.60 -24.13 -18.47
N VAL A 26 -3.92 -25.40 -18.23
CA VAL A 26 -3.05 -26.27 -17.45
C VAL A 26 -1.58 -26.11 -17.89
N GLY A 27 -0.67 -26.18 -16.92
CA GLY A 27 0.74 -26.04 -17.21
C GLY A 27 1.17 -24.59 -17.42
N SER A 28 0.28 -23.77 -17.98
CA SER A 28 0.60 -22.37 -18.22
C SER A 28 0.72 -21.61 -16.90
N ARG A 29 1.05 -20.32 -16.99
CA ARG A 29 1.19 -19.48 -15.81
C ARG A 29 1.01 -18.01 -16.16
N ILE A 30 0.20 -17.32 -15.36
CA ILE A 30 -0.06 -15.89 -15.58
C ILE A 30 0.83 -15.02 -14.71
N THR A 31 0.42 -13.77 -14.50
CA THR A 31 1.18 -12.84 -13.68
C THR A 31 0.26 -11.79 -13.05
N TYR A 32 0.39 -11.63 -11.73
CA TYR A 32 -0.39 -10.66 -10.98
C TYR A 32 0.42 -9.37 -10.85
N SER A 33 -0.23 -8.28 -10.44
CA SER A 33 0.48 -7.01 -10.31
C SER A 33 -0.03 -6.17 -9.14
N CYS A 34 -1.35 -6.11 -8.99
CA CYS A 34 -1.98 -5.34 -7.93
C CYS A 34 -1.90 -3.84 -8.22
N THR A 35 -2.71 -3.05 -7.50
CA THR A 35 -2.77 -1.61 -7.68
C THR A 35 -1.43 -0.93 -7.42
N THR A 36 -1.50 0.24 -6.79
CA THR A 36 -0.33 1.05 -6.50
C THR A 36 0.67 0.35 -5.57
N GLY A 37 1.20 1.08 -4.59
CA GLY A 37 2.19 0.51 -3.68
C GLY A 37 1.65 -0.52 -2.71
N HIS A 38 0.60 -1.25 -3.10
CA HIS A 38 0.04 -2.28 -2.23
C HIS A 38 0.83 -3.57 -2.37
N ARG A 39 1.25 -4.13 -1.24
CA ARG A 39 2.02 -5.38 -1.26
C ARG A 39 1.11 -6.59 -1.41
N LEU A 40 0.87 -7.00 -2.65
CA LEU A 40 0.00 -8.15 -2.88
C LEU A 40 0.57 -9.40 -2.25
N ILE A 41 -0.30 -10.17 -1.63
CA ILE A 41 0.07 -11.39 -0.98
C ILE A 41 -0.25 -12.58 -1.87
N GLY A 42 0.37 -13.72 -1.60
CA GLY A 42 0.15 -14.90 -2.42
C GLY A 42 0.94 -14.89 -3.71
N HIS A 43 1.91 -13.97 -3.80
CA HIS A 43 2.80 -13.87 -4.96
C HIS A 43 2.07 -13.33 -6.19
N SER A 44 2.75 -12.44 -6.92
CA SER A 44 2.19 -11.85 -8.13
C SER A 44 2.33 -12.80 -9.32
N SER A 45 2.09 -14.09 -9.07
CA SER A 45 2.19 -15.11 -10.11
C SER A 45 1.45 -16.37 -9.68
N ALA A 46 1.09 -17.19 -10.66
CA ALA A 46 0.38 -18.44 -10.37
C ALA A 46 0.40 -19.37 -11.57
N GLU A 47 0.73 -20.64 -11.31
CA GLU A 47 0.77 -21.64 -12.37
C GLU A 47 -0.50 -22.49 -12.36
N CYS A 48 -1.16 -22.57 -13.50
CA CYS A 48 -2.39 -23.34 -13.64
C CYS A 48 -2.09 -24.83 -13.68
N ILE A 49 -1.91 -25.43 -12.51
CA ILE A 49 -1.62 -26.86 -12.45
C ILE A 49 -2.91 -27.67 -12.42
N LEU A 50 -2.82 -28.89 -11.91
CA LEU A 50 -3.99 -29.76 -11.83
C LEU A 50 -3.76 -30.83 -10.76
N SER A 51 -4.67 -30.91 -9.80
CA SER A 51 -4.55 -31.89 -8.72
C SER A 51 -4.97 -33.28 -9.19
N GLY A 52 -6.17 -33.38 -9.75
CA GLY A 52 -6.66 -34.67 -10.23
C GLY A 52 -8.13 -34.65 -10.56
N ASN A 53 -8.58 -33.59 -11.22
CA ASN A 53 -9.98 -33.44 -11.60
C ASN A 53 -10.22 -32.17 -12.39
N THR A 54 -9.56 -31.10 -11.96
CA THR A 54 -9.70 -29.82 -12.60
C THR A 54 -8.44 -28.97 -12.44
N ALA A 55 -8.22 -28.04 -13.37
CA ALA A 55 -7.05 -27.17 -13.33
C ALA A 55 -7.22 -26.13 -12.23
N HIS A 56 -6.15 -25.91 -11.46
CA HIS A 56 -6.18 -24.94 -10.36
C HIS A 56 -4.80 -24.34 -10.14
N TRP A 57 -4.77 -23.06 -9.74
CA TRP A 57 -3.52 -22.37 -9.50
C TRP A 57 -2.90 -22.81 -8.17
N SER A 58 -1.72 -23.39 -8.25
CA SER A 58 -1.00 -23.87 -7.07
C SER A 58 -0.86 -22.78 -6.01
N THR A 59 -0.96 -21.52 -6.41
CA THR A 59 -0.81 -20.40 -5.49
C THR A 59 -2.13 -20.06 -4.80
N LYS A 60 -2.06 -19.87 -3.49
CA LYS A 60 -3.24 -19.52 -2.69
C LYS A 60 -3.78 -18.16 -3.10
N PRO A 61 -5.11 -17.93 -2.93
CA PRO A 61 -5.73 -16.65 -3.28
C PRO A 61 -4.91 -15.45 -2.82
N PRO A 62 -4.59 -14.53 -3.74
CA PRO A 62 -3.79 -13.34 -3.43
C PRO A 62 -4.58 -12.23 -2.74
N ILE A 63 -3.90 -11.46 -1.91
CA ILE A 63 -4.52 -10.34 -1.18
C ILE A 63 -3.50 -9.23 -0.97
N CYS A 64 -3.80 -8.03 -1.47
CA CYS A 64 -2.86 -6.92 -1.34
C CYS A 64 -2.96 -6.25 0.02
N GLN A 65 -1.81 -6.13 0.68
CA GLN A 65 -1.73 -5.50 1.98
C GLN A 65 -1.60 -3.98 1.83
N ARG A 66 -2.44 -3.25 2.54
CA ARG A 66 -2.46 -1.79 2.48
C ARG A 66 -1.18 -1.19 3.07
N ILE A 67 -0.38 -2.03 3.72
CA ILE A 67 0.86 -1.58 4.35
C ILE A 67 0.60 -0.36 5.25
N PRO A 68 -0.18 -0.55 6.33
CA PRO A 68 -0.51 0.53 7.26
C PRO A 68 0.72 1.26 7.80
N CYS A 69 0.75 2.57 7.60
CA CYS A 69 1.86 3.39 8.07
C CYS A 69 1.63 3.87 9.50
N GLY A 70 2.72 4.13 10.22
CA GLY A 70 2.61 4.62 11.57
C GLY A 70 2.22 6.07 11.60
N LEU A 71 1.34 6.45 12.53
CA LEU A 71 0.89 7.83 12.62
C LEU A 71 2.04 8.81 12.42
N PRO A 72 1.79 9.94 11.75
CA PRO A 72 2.81 10.95 11.52
C PRO A 72 3.37 11.45 12.84
N PRO A 73 4.69 11.68 12.92
CA PRO A 73 5.32 12.15 14.14
C PRO A 73 4.44 13.16 14.87
N THR A 74 4.20 12.90 16.15
CA THR A 74 3.36 13.79 16.95
C THR A 74 4.11 15.05 17.33
N ILE A 75 3.44 16.18 17.23
CA ILE A 75 4.07 17.46 17.54
C ILE A 75 3.05 18.45 18.12
N ALA A 76 3.18 18.69 19.43
CA ALA A 76 2.29 19.63 20.10
C ALA A 76 2.50 21.04 19.56
N ASN A 77 1.42 21.80 19.46
CA ASN A 77 1.46 23.16 18.95
C ASN A 77 1.59 23.19 17.43
N GLY A 78 2.42 22.29 16.90
CA GLY A 78 2.62 22.21 15.46
C GLY A 78 1.45 21.57 14.74
N ASP A 79 0.33 22.30 14.64
CA ASP A 79 -0.86 21.80 13.97
C ASP A 79 -0.63 21.66 12.48
N PHE A 80 -1.03 20.52 11.91
CA PHE A 80 -0.87 20.25 10.49
C PHE A 80 -2.02 20.85 9.68
N ILE A 81 -1.73 21.22 8.44
CA ILE A 81 -2.73 21.81 7.56
C ILE A 81 -3.11 20.84 6.42
N SER A 82 -3.59 19.65 6.79
CA SER A 82 -3.97 18.66 5.79
C SER A 82 -4.86 17.57 6.38
N THR A 83 -4.83 16.39 5.75
CA THR A 83 -5.63 15.26 6.20
C THR A 83 -4.89 14.46 7.29
N ASN A 84 -4.81 13.14 7.11
CA ASN A 84 -4.14 12.29 8.08
C ASN A 84 -4.82 12.40 9.44
N ARG A 85 -6.15 12.37 9.43
CA ARG A 85 -6.94 12.49 10.65
C ARG A 85 -6.94 11.18 11.45
N GLU A 86 -5.75 10.76 11.86
CA GLU A 86 -5.60 9.52 12.62
C GLU A 86 -6.05 8.31 11.81
N ASN A 87 -5.75 8.33 10.52
CA ASN A 87 -6.11 7.24 9.62
C ASN A 87 -5.64 7.53 8.20
N PHE A 88 -4.92 6.58 7.61
CA PHE A 88 -4.41 6.74 6.26
C PHE A 88 -3.99 5.40 5.65
N HIS A 89 -3.34 4.56 6.46
CA HIS A 89 -2.88 3.24 6.02
C HIS A 89 -1.67 3.36 5.08
N TYR A 90 -1.68 4.38 4.24
CA TYR A 90 -0.60 4.62 3.28
C TYR A 90 -1.01 5.72 2.32
N GLY A 91 -0.04 6.49 1.85
CA GLY A 91 -0.34 7.59 0.96
C GLY A 91 -1.08 8.69 1.68
N SER A 92 -0.33 9.67 2.16
CA SER A 92 -0.87 10.81 2.90
C SER A 92 0.25 11.73 3.35
N VAL A 93 -0.03 13.03 3.33
CA VAL A 93 0.95 14.03 3.71
C VAL A 93 0.32 15.13 4.56
N VAL A 94 1.17 15.88 5.26
CA VAL A 94 0.71 16.98 6.12
C VAL A 94 1.72 18.11 6.14
N THR A 95 1.22 19.34 6.06
CA THR A 95 2.08 20.52 6.06
C THR A 95 2.07 21.20 7.42
N TYR A 96 3.24 21.30 8.04
CA TYR A 96 3.36 21.93 9.35
C TYR A 96 3.21 23.45 9.24
N ARG A 97 2.82 24.07 10.35
CA ARG A 97 2.62 25.51 10.37
C ARG A 97 2.80 26.09 11.78
N CYS A 98 2.48 25.28 12.79
CA CYS A 98 2.59 25.71 14.19
C CYS A 98 1.55 26.78 14.51
N ASN A 99 1.07 26.76 15.75
CA ASN A 99 0.07 27.72 16.20
C ASN A 99 0.52 29.16 15.97
N LEU A 100 -0.45 30.07 15.99
CA LEU A 100 -0.20 31.49 15.80
C LEU A 100 -1.28 32.33 16.46
N GLY A 101 -0.99 33.61 16.67
CA GLY A 101 -1.94 34.49 17.32
C GLY A 101 -2.98 35.02 16.35
N SER A 102 -3.48 34.14 15.49
CA SER A 102 -4.50 34.50 14.51
C SER A 102 -4.04 35.66 13.62
N ARG A 103 -2.74 35.90 13.57
CA ARG A 103 -2.22 37.00 12.76
C ARG A 103 -0.70 36.90 12.61
N GLY A 104 -0.21 35.70 12.30
CA GLY A 104 1.21 35.49 12.13
C GLY A 104 2.01 35.97 13.33
N ARG A 105 1.42 35.85 14.51
CA ARG A 105 2.08 36.26 15.75
C ARG A 105 3.22 35.33 16.10
N LYS A 106 4.31 35.89 16.62
CA LYS A 106 5.46 35.10 17.00
C LYS A 106 5.11 34.17 18.16
N VAL A 107 4.89 32.90 17.84
CA VAL A 107 4.54 31.89 18.82
C VAL A 107 4.94 30.51 18.32
N PHE A 108 6.18 30.14 18.58
CA PHE A 108 6.73 28.85 18.14
C PHE A 108 6.94 28.88 16.62
N GLU A 109 8.05 28.33 16.17
CA GLU A 109 8.36 28.31 14.74
C GLU A 109 8.83 26.94 14.29
N LEU A 110 8.31 26.49 13.15
CA LEU A 110 8.68 25.20 12.60
C LEU A 110 10.12 25.22 12.11
N VAL A 111 10.78 24.06 12.19
CA VAL A 111 12.17 23.93 11.75
C VAL A 111 12.46 22.53 11.23
N GLY A 112 13.36 22.44 10.26
CA GLY A 112 13.76 21.17 9.68
C GLY A 112 12.93 20.71 8.50
N GLU A 113 11.62 20.73 8.62
CA GLU A 113 10.76 20.29 7.54
C GLU A 113 9.29 20.65 7.76
N PRO A 114 8.65 21.25 6.73
CA PRO A 114 7.25 21.67 6.80
C PRO A 114 6.29 20.68 6.16
N SER A 115 6.78 19.50 5.78
CA SER A 115 5.92 18.51 5.15
C SER A 115 6.46 17.09 5.32
N ILE A 116 5.55 16.14 5.51
CA ILE A 116 5.91 14.73 5.65
C ILE A 116 4.81 13.82 5.12
N TYR A 117 5.22 12.69 4.56
CA TYR A 117 4.27 11.73 4.00
C TYR A 117 4.83 10.32 4.04
N CYS A 118 3.95 9.33 4.17
CA CYS A 118 4.39 7.93 4.21
C CYS A 118 5.02 7.52 2.89
N THR A 119 5.95 6.59 2.94
CA THR A 119 6.64 6.12 1.74
C THR A 119 6.86 4.61 1.78
N SER A 120 6.91 4.05 2.98
CA SER A 120 7.12 2.61 3.14
C SER A 120 8.43 2.17 2.51
N ASN A 121 9.50 2.86 2.86
CA ASN A 121 10.83 2.57 2.32
C ASN A 121 11.36 1.21 2.79
N ASP A 122 11.49 1.04 4.10
CA ASP A 122 12.00 -0.20 4.67
C ASP A 122 10.89 -1.25 4.76
N ASP A 123 10.31 -1.59 3.62
CA ASP A 123 9.23 -2.58 3.58
C ASP A 123 8.01 -2.07 4.35
N GLN A 124 7.46 -2.90 5.22
CA GLN A 124 6.30 -2.50 6.02
C GLN A 124 6.67 -1.38 6.97
N VAL A 125 6.08 -1.39 8.16
CA VAL A 125 6.35 -0.37 9.18
C VAL A 125 5.72 0.98 8.84
N GLY A 126 5.71 1.32 7.56
CA GLY A 126 5.15 2.59 7.14
C GLY A 126 5.96 3.76 7.64
N ILE A 127 7.25 3.76 7.33
CA ILE A 127 8.15 4.81 7.77
C ILE A 127 8.07 6.03 6.87
N TRP A 128 7.96 7.20 7.50
CA TRP A 128 7.88 8.46 6.77
C TRP A 128 9.26 8.99 6.39
N SER A 129 9.29 9.94 5.48
CA SER A 129 10.54 10.54 5.01
C SER A 129 11.39 11.04 6.18
N GLY A 130 10.73 11.50 7.24
CA GLY A 130 11.45 12.01 8.39
C GLY A 130 10.56 12.17 9.61
N PRO A 131 11.12 12.00 10.83
CA PRO A 131 10.35 12.13 12.08
C PRO A 131 9.80 13.53 12.28
N ALA A 132 9.57 13.90 13.54
CA ALA A 132 9.02 15.20 13.88
C ALA A 132 10.07 16.30 13.79
N PRO A 133 9.70 17.46 13.20
CA PRO A 133 10.58 18.61 13.06
C PRO A 133 10.76 19.34 14.39
N GLN A 134 10.68 20.67 14.37
CA GLN A 134 10.83 21.46 15.59
C GLN A 134 9.91 22.68 15.55
N CYS A 135 8.95 22.73 16.48
CA CYS A 135 8.03 23.85 16.55
C CYS A 135 8.49 24.84 17.62
N ILE A 136 9.65 25.45 17.38
CA ILE A 136 10.22 26.40 18.33
C ILE A 136 10.96 27.52 17.60
N GLU A 1 -10.29 -34.32 -23.32
CA GLU A 1 -11.57 -33.71 -23.81
C GLU A 1 -11.68 -32.24 -23.39
N ALA A 2 -12.14 -31.40 -24.32
CA ALA A 2 -12.29 -29.98 -24.05
C ALA A 2 -10.97 -29.35 -23.64
N GLU A 3 -11.01 -28.51 -22.61
CA GLU A 3 -9.81 -27.83 -22.12
C GLU A 3 -8.84 -28.83 -21.50
N ALA A 4 -7.55 -28.64 -21.77
CA ALA A 4 -6.51 -29.52 -21.23
C ALA A 4 -6.21 -29.17 -19.78
N LYS A 5 -7.25 -29.06 -18.97
CA LYS A 5 -7.12 -28.72 -17.55
C LYS A 5 -6.61 -27.30 -17.39
N SER A 6 -7.27 -26.54 -16.53
CA SER A 6 -6.89 -25.14 -16.29
C SER A 6 -7.41 -24.68 -14.93
N CYS A 7 -6.59 -23.89 -14.23
CA CYS A 7 -6.98 -23.38 -12.92
C CYS A 7 -7.91 -22.17 -13.05
N LYS A 8 -8.72 -22.19 -14.10
CA LYS A 8 -9.68 -21.10 -14.36
C LYS A 8 -8.96 -19.77 -14.56
N THR A 9 -9.39 -19.01 -15.57
CA THR A 9 -8.79 -17.71 -15.85
C THR A 9 -8.87 -16.81 -14.62
N PRO A 10 -7.75 -16.19 -14.24
CA PRO A 10 -7.70 -15.32 -13.06
C PRO A 10 -8.68 -14.15 -13.17
N PRO A 11 -9.61 -14.04 -12.21
CA PRO A 11 -10.61 -12.97 -12.18
C PRO A 11 -10.01 -11.65 -11.70
N ASP A 12 -9.10 -11.10 -12.50
CA ASP A 12 -8.42 -9.84 -12.17
C ASP A 12 -8.45 -9.56 -10.68
N PRO A 13 -7.50 -10.15 -9.93
CA PRO A 13 -7.40 -9.99 -8.48
C PRO A 13 -7.62 -8.56 -8.03
N VAL A 14 -8.18 -8.40 -6.84
CA VAL A 14 -8.45 -7.08 -6.28
C VAL A 14 -7.23 -6.16 -6.43
N ASN A 15 -7.46 -5.03 -7.11
CA ASN A 15 -6.41 -4.04 -7.34
C ASN A 15 -5.39 -4.52 -8.36
N GLY A 16 -4.58 -5.49 -7.95
CA GLY A 16 -3.55 -6.03 -8.82
C GLY A 16 -4.08 -6.95 -9.90
N MET A 17 -3.69 -6.67 -11.14
CA MET A 17 -4.10 -7.48 -12.28
C MET A 17 -3.17 -8.69 -12.43
N VAL A 18 -3.68 -9.75 -13.06
CA VAL A 18 -2.89 -10.95 -13.27
C VAL A 18 -2.13 -10.88 -14.59
N HIS A 19 -0.96 -11.49 -14.64
CA HIS A 19 -0.14 -11.50 -15.84
C HIS A 19 0.04 -12.92 -16.35
N VAL A 20 -0.80 -13.30 -17.32
CA VAL A 20 -0.74 -14.64 -17.90
C VAL A 20 0.51 -14.78 -18.77
N ILE A 21 1.64 -15.05 -18.12
CA ILE A 21 2.90 -15.18 -18.82
C ILE A 21 2.99 -16.52 -19.54
N THR A 22 3.29 -17.58 -18.81
CA THR A 22 3.40 -18.91 -19.38
C THR A 22 2.03 -19.40 -19.83
N ASP A 23 1.23 -19.85 -18.86
CA ASP A 23 -0.12 -20.36 -19.14
C ASP A 23 -0.91 -20.45 -17.84
N ILE A 24 -2.22 -20.29 -17.93
CA ILE A 24 -3.08 -20.37 -16.76
C ILE A 24 -3.44 -21.82 -16.47
N GLN A 25 -3.32 -22.65 -17.51
CA GLN A 25 -3.60 -24.07 -17.41
C GLN A 25 -2.51 -24.77 -16.61
N VAL A 26 -2.85 -25.93 -16.07
CA VAL A 26 -1.92 -26.72 -15.27
C VAL A 26 -0.54 -26.80 -15.91
N GLY A 27 0.49 -26.80 -15.06
CA GLY A 27 1.86 -26.88 -15.54
C GLY A 27 2.36 -25.57 -16.12
N SER A 28 2.07 -24.46 -15.43
CA SER A 28 2.50 -23.14 -15.87
C SER A 28 2.29 -22.12 -14.75
N ARG A 29 3.32 -21.33 -14.45
CA ARG A 29 3.25 -20.32 -13.41
C ARG A 29 3.06 -18.92 -13.98
N ILE A 30 2.06 -18.20 -13.48
CA ILE A 30 1.80 -16.84 -13.93
C ILE A 30 2.44 -15.85 -12.96
N THR A 31 2.01 -14.58 -13.03
CA THR A 31 2.55 -13.55 -12.14
C THR A 31 1.52 -12.45 -11.89
N TYR A 32 1.29 -12.16 -10.60
CA TYR A 32 0.34 -11.13 -10.22
C TYR A 32 1.07 -9.83 -9.87
N SER A 33 0.33 -8.72 -9.83
CA SER A 33 0.94 -7.43 -9.51
C SER A 33 -0.04 -6.55 -8.72
N CYS A 34 0.18 -5.24 -8.77
CA CYS A 34 -0.66 -4.28 -8.05
C CYS A 34 -0.58 -2.90 -8.67
N THR A 35 -1.60 -2.08 -8.41
CA THR A 35 -1.64 -0.72 -8.90
C THR A 35 -0.59 0.13 -8.21
N THR A 36 -0.86 1.42 -8.11
CA THR A 36 0.06 2.36 -7.47
C THR A 36 -0.12 2.40 -5.95
N GLY A 37 1.00 2.33 -5.24
CA GLY A 37 0.97 2.38 -3.78
C GLY A 37 0.09 1.31 -3.15
N HIS A 38 0.19 0.08 -3.65
CA HIS A 38 -0.60 -1.02 -3.10
C HIS A 38 0.21 -2.32 -3.07
N ARG A 39 0.21 -2.98 -1.92
CA ARG A 39 0.94 -4.24 -1.76
C ARG A 39 0.00 -5.43 -1.96
N LEU A 40 0.45 -6.43 -2.71
CA LEU A 40 -0.37 -7.60 -2.98
C LEU A 40 -0.43 -8.54 -1.77
N ILE A 41 -1.64 -8.96 -1.43
CA ILE A 41 -1.86 -9.87 -0.32
C ILE A 41 -1.99 -11.30 -0.82
N GLY A 42 -1.47 -12.26 -0.05
CA GLY A 42 -1.54 -13.65 -0.44
C GLY A 42 -0.62 -14.00 -1.60
N HIS A 43 0.60 -13.49 -1.52
CA HIS A 43 1.62 -13.76 -2.53
C HIS A 43 1.22 -13.23 -3.91
N SER A 44 2.15 -12.52 -4.55
CA SER A 44 1.91 -11.95 -5.88
C SER A 44 2.34 -12.93 -6.96
N SER A 45 2.09 -14.21 -6.73
CA SER A 45 2.46 -15.25 -7.69
C SER A 45 1.70 -16.54 -7.40
N ALA A 46 1.36 -17.28 -8.46
CA ALA A 46 0.62 -18.53 -8.32
C ALA A 46 0.82 -19.42 -9.54
N GLU A 47 1.14 -20.68 -9.29
CA GLU A 47 1.34 -21.65 -10.35
C GLU A 47 0.16 -22.61 -10.43
N CYS A 48 -0.34 -22.83 -11.63
CA CYS A 48 -1.46 -23.72 -11.83
C CYS A 48 -1.02 -25.17 -11.63
N ILE A 49 -1.73 -25.90 -10.76
CA ILE A 49 -1.39 -27.28 -10.49
C ILE A 49 -2.64 -28.16 -10.51
N LEU A 50 -2.45 -29.43 -10.84
CA LEU A 50 -3.55 -30.38 -10.91
C LEU A 50 -3.83 -30.98 -9.53
N SER A 51 -5.10 -31.16 -9.21
CA SER A 51 -5.50 -31.72 -7.92
C SER A 51 -6.87 -32.39 -8.03
N GLY A 52 -6.97 -33.61 -7.51
CA GLY A 52 -8.22 -34.34 -7.55
C GLY A 52 -8.63 -34.68 -8.98
N ASN A 53 -9.26 -33.73 -9.65
CA ASN A 53 -9.71 -33.92 -11.02
C ASN A 53 -9.88 -32.57 -11.72
N THR A 54 -9.30 -31.53 -11.11
CA THR A 54 -9.38 -30.18 -11.66
C THR A 54 -8.16 -29.36 -11.26
N ALA A 55 -7.69 -28.52 -12.18
CA ALA A 55 -6.53 -27.67 -11.91
C ALA A 55 -6.93 -26.51 -11.00
N HIS A 56 -6.05 -26.15 -10.08
CA HIS A 56 -6.29 -25.06 -9.15
C HIS A 56 -4.98 -24.39 -8.75
N TRP A 57 -5.02 -23.06 -8.61
CA TRP A 57 -3.83 -22.30 -8.29
C TRP A 57 -3.35 -22.62 -6.87
N SER A 58 -2.05 -22.85 -6.74
CA SER A 58 -1.44 -23.19 -5.45
C SER A 58 -1.79 -22.17 -4.37
N THR A 59 -2.17 -20.96 -4.79
CA THR A 59 -2.51 -19.91 -3.84
C THR A 59 -3.84 -19.24 -4.19
N LYS A 60 -4.33 -19.48 -5.40
CA LYS A 60 -5.59 -18.91 -5.86
C LYS A 60 -5.46 -17.39 -5.99
N PRO A 61 -6.19 -16.79 -6.96
CA PRO A 61 -6.16 -15.34 -7.18
C PRO A 61 -6.22 -14.54 -5.88
N PRO A 62 -5.08 -13.99 -5.44
CA PRO A 62 -4.99 -13.21 -4.20
C PRO A 62 -5.69 -11.84 -4.30
N ILE A 63 -5.10 -10.85 -3.63
CA ILE A 63 -5.65 -9.49 -3.63
C ILE A 63 -4.53 -8.48 -3.49
N CYS A 64 -4.88 -7.28 -3.06
CA CYS A 64 -3.88 -6.24 -2.87
C CYS A 64 -4.34 -5.23 -1.82
N GLN A 65 -3.68 -5.23 -0.68
CA GLN A 65 -4.03 -4.33 0.41
C GLN A 65 -3.44 -2.94 0.19
N ARG A 66 -4.27 -1.92 0.38
CA ARG A 66 -3.83 -0.54 0.22
C ARG A 66 -2.82 -0.19 1.30
N ILE A 67 -1.67 0.35 0.89
CA ILE A 67 -0.62 0.74 1.84
C ILE A 67 -1.20 1.68 2.89
N PRO A 68 -1.37 1.19 4.14
CA PRO A 68 -1.93 1.97 5.23
C PRO A 68 -0.90 2.81 5.99
N CYS A 69 -1.16 4.10 6.11
CA CYS A 69 -0.28 5.01 6.83
C CYS A 69 -0.94 5.44 8.15
N GLY A 70 -0.22 5.27 9.25
CA GLY A 70 -0.77 5.65 10.53
C GLY A 70 -0.71 7.14 10.78
N LEU A 71 -0.68 7.54 12.04
CA LEU A 71 -0.62 8.94 12.42
C LEU A 71 0.67 9.59 11.92
N PRO A 72 0.66 10.92 11.73
CA PRO A 72 1.84 11.66 11.26
C PRO A 72 3.07 11.31 12.08
N PRO A 73 4.24 11.19 11.43
CA PRO A 73 5.50 10.86 12.11
C PRO A 73 5.86 11.83 13.22
N THR A 74 5.10 12.93 13.27
CA THR A 74 5.30 13.99 14.26
C THR A 74 6.78 14.39 14.38
N ILE A 75 7.05 15.40 15.21
CA ILE A 75 8.43 15.87 15.39
C ILE A 75 8.63 16.47 16.78
N ALA A 76 7.89 15.97 17.74
CA ALA A 76 7.98 16.45 19.12
C ALA A 76 7.78 17.96 19.20
N ASN A 77 6.80 18.38 20.00
CA ASN A 77 6.49 19.80 20.18
C ASN A 77 5.76 20.37 18.97
N GLY A 78 6.14 19.91 17.78
CA GLY A 78 5.49 20.39 16.58
C GLY A 78 4.12 19.79 16.36
N ASP A 79 3.10 20.65 16.31
CA ASP A 79 1.73 20.19 16.10
C ASP A 79 1.52 19.78 14.66
N PHE A 80 0.26 19.75 14.24
CA PHE A 80 -0.07 19.38 12.87
C PHE A 80 -1.42 19.96 12.45
N ILE A 81 -1.49 20.37 11.18
CA ILE A 81 -2.71 20.94 10.63
C ILE A 81 -3.14 20.15 9.40
N SER A 82 -4.22 19.39 9.51
CA SER A 82 -4.68 18.59 8.38
C SER A 82 -6.05 17.97 8.64
N THR A 83 -6.79 17.75 7.55
CA THR A 83 -8.10 17.12 7.64
C THR A 83 -7.96 15.74 8.24
N ASN A 84 -6.89 15.05 7.84
CA ASN A 84 -6.60 13.71 8.32
C ASN A 84 -6.38 13.70 9.84
N ARG A 85 -6.84 12.63 10.49
CA ARG A 85 -6.69 12.49 11.94
C ARG A 85 -6.44 11.03 12.32
N GLU A 86 -7.10 10.13 11.60
CA GLU A 86 -6.95 8.70 11.85
C GLU A 86 -7.20 7.92 10.57
N ASN A 87 -8.26 8.30 9.86
CA ASN A 87 -8.61 7.66 8.59
C ASN A 87 -7.65 8.09 7.49
N PHE A 88 -6.36 7.81 7.67
CA PHE A 88 -5.36 8.20 6.67
C PHE A 88 -5.40 7.24 5.48
N HIS A 89 -5.21 5.95 5.76
CA HIS A 89 -5.23 4.92 4.71
C HIS A 89 -4.03 5.05 3.77
N TYR A 90 -4.02 6.13 2.98
CA TYR A 90 -2.94 6.38 2.02
C TYR A 90 -3.28 7.59 1.17
N GLY A 91 -3.93 8.56 1.80
CA GLY A 91 -4.31 9.78 1.13
C GLY A 91 -4.59 10.88 2.13
N SER A 92 -3.60 11.75 2.33
CA SER A 92 -3.71 12.87 3.27
C SER A 92 -2.42 13.65 3.34
N VAL A 93 -2.55 14.92 3.70
CA VAL A 93 -1.42 15.84 3.81
C VAL A 93 -1.56 16.70 5.05
N VAL A 94 -0.45 17.00 5.71
CA VAL A 94 -0.48 17.81 6.93
C VAL A 94 0.59 18.88 6.95
N THR A 95 0.28 20.01 7.58
CA THR A 95 1.21 21.13 7.71
C THR A 95 1.52 21.41 9.18
N TYR A 96 2.80 21.43 9.52
CA TYR A 96 3.24 21.69 10.88
C TYR A 96 3.17 23.18 11.21
N ARG A 97 2.91 23.51 12.48
CA ARG A 97 2.83 24.91 12.90
C ARG A 97 3.19 25.07 14.37
N CYS A 98 3.99 24.14 14.90
CA CYS A 98 4.43 24.20 16.30
C CYS A 98 3.28 24.23 17.29
N ASN A 99 3.56 23.74 18.50
CA ASN A 99 2.56 23.71 19.57
C ASN A 99 2.16 25.11 20.01
N LEU A 100 3.15 25.89 20.43
CA LEU A 100 2.91 27.26 20.89
C LEU A 100 2.09 27.27 22.18
N GLY A 101 2.17 28.38 22.91
CA GLY A 101 1.44 28.49 24.17
C GLY A 101 -0.01 28.86 23.99
N SER A 102 -0.31 29.68 22.98
CA SER A 102 -1.68 30.10 22.71
C SER A 102 -1.88 30.45 21.25
N ARG A 103 -1.70 29.45 20.39
CA ARG A 103 -1.85 29.63 18.94
C ARG A 103 -0.62 30.30 18.34
N GLY A 104 -0.09 31.29 19.06
CA GLY A 104 1.07 32.01 18.59
C GLY A 104 1.50 33.12 19.52
N ARG A 105 2.77 33.11 19.89
CA ARG A 105 3.33 34.13 20.78
C ARG A 105 4.84 33.98 20.91
N LYS A 106 5.48 33.70 19.78
CA LYS A 106 6.92 33.53 19.71
C LYS A 106 7.44 32.68 20.87
N VAL A 107 7.15 31.38 20.80
CA VAL A 107 7.58 30.45 21.82
C VAL A 107 7.96 29.12 21.18
N PHE A 108 7.70 29.04 19.90
CA PHE A 108 7.99 27.87 19.09
C PHE A 108 8.13 28.27 17.62
N GLU A 109 9.09 27.67 16.93
CA GLU A 109 9.33 28.01 15.53
C GLU A 109 9.71 26.76 14.73
N LEU A 110 8.92 26.47 13.71
CA LEU A 110 9.15 25.31 12.85
C LEU A 110 10.36 25.52 11.93
N VAL A 111 10.97 24.41 11.53
CA VAL A 111 12.13 24.46 10.64
C VAL A 111 12.06 23.38 9.57
N GLY A 112 12.44 23.74 8.35
CA GLY A 112 12.42 22.80 7.23
C GLY A 112 11.06 22.66 6.57
N GLU A 113 10.85 21.53 5.89
CA GLU A 113 9.60 21.27 5.19
C GLU A 113 8.43 21.16 6.16
N PRO A 114 7.43 22.06 6.02
CA PRO A 114 6.26 22.08 6.88
C PRO A 114 5.06 21.34 6.30
N SER A 115 5.31 20.35 5.44
CA SER A 115 4.23 19.60 4.83
C SER A 115 4.67 18.21 4.38
N ILE A 116 3.78 17.23 4.55
CA ILE A 116 4.06 15.86 4.14
C ILE A 116 2.80 15.20 3.63
N TYR A 117 2.94 13.97 3.14
CA TYR A 117 1.83 13.21 2.60
C TYR A 117 2.09 11.72 2.66
N CYS A 118 1.04 10.93 2.85
CA CYS A 118 1.18 9.48 2.94
C CYS A 118 1.71 8.90 1.62
N THR A 119 2.80 8.15 1.72
CA THR A 119 3.40 7.51 0.55
C THR A 119 4.26 6.31 0.97
N SER A 120 4.29 5.29 0.13
CA SER A 120 5.07 4.08 0.42
C SER A 120 6.56 4.32 0.22
N ASN A 121 7.39 3.62 0.98
CA ASN A 121 8.83 3.77 0.87
C ASN A 121 9.59 2.62 1.56
N ASP A 122 9.13 2.22 2.74
CA ASP A 122 9.78 1.15 3.49
C ASP A 122 9.30 -0.22 3.00
N ASP A 123 8.13 -0.63 3.48
CA ASP A 123 7.55 -1.91 3.09
C ASP A 123 6.03 -1.85 3.15
N GLN A 124 5.41 -2.82 3.81
CA GLN A 124 3.96 -2.86 3.94
C GLN A 124 3.44 -1.61 4.66
N VAL A 125 4.23 -1.12 5.60
CA VAL A 125 3.86 0.07 6.36
C VAL A 125 3.65 1.26 5.45
N GLY A 126 4.65 1.53 4.62
CA GLY A 126 4.58 2.64 3.70
C GLY A 126 4.82 3.98 4.37
N ILE A 127 4.21 4.18 5.53
CA ILE A 127 4.34 5.43 6.29
C ILE A 127 4.19 6.64 5.40
N TRP A 128 4.61 7.80 5.90
CA TRP A 128 4.53 9.04 5.15
C TRP A 128 5.72 9.23 4.22
N SER A 129 5.90 10.46 3.76
CA SER A 129 7.00 10.77 2.86
C SER A 129 8.33 10.66 3.57
N GLY A 130 8.56 11.53 4.55
CA GLY A 130 9.81 11.48 5.29
C GLY A 130 9.93 12.55 6.35
N PRO A 131 10.33 12.18 7.59
CA PRO A 131 10.50 13.13 8.69
C PRO A 131 11.68 14.07 8.45
N ALA A 132 11.54 15.32 8.85
CA ALA A 132 12.59 16.31 8.67
C ALA A 132 12.32 17.59 9.46
N PRO A 133 11.11 18.17 9.34
CA PRO A 133 10.76 19.39 10.06
C PRO A 133 10.96 19.27 11.56
N GLN A 134 11.30 20.37 12.22
CA GLN A 134 11.52 20.37 13.65
C GLN A 134 11.21 21.73 14.25
N CYS A 135 10.47 21.75 15.34
CA CYS A 135 10.12 22.99 16.01
C CYS A 135 11.14 23.31 17.10
N ILE A 136 11.46 24.59 17.24
CA ILE A 136 12.43 25.04 18.25
C ILE A 136 12.13 26.46 18.70
N GLU A 1 -7.93 -32.63 -26.10
CA GLU A 1 -8.17 -34.10 -26.07
C GLU A 1 -8.43 -34.59 -24.64
N ALA A 2 -7.90 -35.77 -24.31
CA ALA A 2 -8.08 -36.34 -22.99
C ALA A 2 -7.45 -35.46 -21.92
N GLU A 3 -8.18 -35.27 -20.81
CA GLU A 3 -7.71 -34.44 -19.71
C GLU A 3 -7.42 -33.03 -20.18
N ALA A 4 -8.34 -32.47 -20.96
CA ALA A 4 -8.20 -31.11 -21.48
C ALA A 4 -8.57 -30.08 -20.42
N LYS A 5 -8.15 -30.35 -19.18
CA LYS A 5 -8.44 -29.44 -18.08
C LYS A 5 -7.52 -28.24 -18.11
N SER A 6 -8.05 -27.07 -17.77
CA SER A 6 -7.27 -25.84 -17.77
C SER A 6 -7.88 -24.80 -16.86
N CYS A 7 -7.03 -24.06 -16.16
CA CYS A 7 -7.48 -23.02 -15.24
C CYS A 7 -7.84 -21.75 -16.01
N LYS A 8 -8.98 -21.17 -15.68
CA LYS A 8 -9.42 -19.95 -16.33
C LYS A 8 -8.45 -18.80 -16.04
N THR A 9 -8.20 -17.98 -17.05
CA THR A 9 -7.29 -16.85 -16.89
C THR A 9 -7.72 -16.00 -15.71
N PRO A 10 -6.85 -15.84 -14.69
CA PRO A 10 -7.16 -15.06 -13.50
C PRO A 10 -7.53 -13.61 -13.82
N PRO A 11 -8.80 -13.24 -13.58
CA PRO A 11 -9.28 -11.88 -13.84
C PRO A 11 -8.64 -10.89 -12.87
N ASP A 12 -8.17 -9.76 -13.39
CA ASP A 12 -7.53 -8.75 -12.57
C ASP A 12 -8.37 -8.44 -11.32
N PRO A 13 -7.91 -8.91 -10.15
CA PRO A 13 -8.62 -8.68 -8.88
C PRO A 13 -8.45 -7.25 -8.37
N VAL A 14 -8.46 -7.11 -7.05
CA VAL A 14 -8.30 -5.82 -6.40
C VAL A 14 -7.10 -5.05 -6.96
N ASN A 15 -7.31 -4.33 -8.05
CA ASN A 15 -6.25 -3.53 -8.68
C ASN A 15 -4.95 -4.32 -8.78
N GLY A 16 -4.95 -5.41 -9.55
CA GLY A 16 -3.75 -6.20 -9.70
C GLY A 16 -3.75 -7.03 -10.97
N MET A 17 -2.71 -6.85 -11.77
CA MET A 17 -2.59 -7.57 -13.04
C MET A 17 -1.70 -8.80 -12.90
N VAL A 18 -2.16 -9.92 -13.46
CA VAL A 18 -1.41 -11.17 -13.43
C VAL A 18 -0.57 -11.31 -14.69
N HIS A 19 0.56 -12.00 -14.60
CA HIS A 19 1.41 -12.21 -15.75
C HIS A 19 1.50 -13.70 -16.09
N VAL A 20 0.85 -14.09 -17.18
CA VAL A 20 0.86 -15.49 -17.60
C VAL A 20 2.26 -15.89 -18.00
N ILE A 21 2.85 -16.80 -17.22
CA ILE A 21 4.21 -17.26 -17.47
C ILE A 21 4.26 -18.33 -18.57
N THR A 22 4.18 -19.58 -18.16
CA THR A 22 4.24 -20.71 -19.10
C THR A 22 2.89 -20.94 -19.79
N ASP A 23 1.87 -21.20 -18.99
CA ASP A 23 0.52 -21.44 -19.49
C ASP A 23 -0.51 -21.34 -18.38
N ILE A 24 -1.64 -22.02 -18.54
CA ILE A 24 -2.70 -22.00 -17.54
C ILE A 24 -3.58 -23.25 -17.63
N GLN A 25 -3.01 -24.33 -18.16
CA GLN A 25 -3.73 -25.58 -18.31
C GLN A 25 -3.63 -26.43 -17.06
N VAL A 26 -2.38 -26.71 -16.67
CA VAL A 26 -2.04 -27.53 -15.50
C VAL A 26 -0.53 -27.49 -15.27
N GLY A 27 -0.12 -27.44 -14.01
CA GLY A 27 1.28 -27.39 -13.68
C GLY A 27 1.90 -26.03 -13.96
N SER A 28 1.43 -25.37 -15.01
CA SER A 28 1.93 -24.06 -15.39
C SER A 28 1.53 -23.01 -14.35
N ARG A 29 2.53 -22.28 -13.85
CA ARG A 29 2.28 -21.25 -12.85
C ARG A 29 2.28 -19.85 -13.47
N ILE A 30 2.07 -18.83 -12.65
CA ILE A 30 2.04 -17.45 -13.10
C ILE A 30 2.42 -16.51 -11.96
N THR A 31 2.62 -15.23 -12.28
CA THR A 31 2.99 -14.23 -11.27
C THR A 31 2.29 -12.91 -11.50
N TYR A 32 1.67 -12.36 -10.46
CA TYR A 32 0.96 -11.09 -10.55
C TYR A 32 1.93 -9.93 -10.39
N SER A 33 1.38 -8.74 -10.14
CA SER A 33 2.20 -7.54 -9.97
C SER A 33 1.51 -6.51 -9.10
N CYS A 34 0.24 -6.27 -9.40
CA CYS A 34 -0.58 -5.30 -8.67
C CYS A 34 -0.16 -3.86 -8.97
N THR A 35 -1.14 -2.95 -8.88
CA THR A 35 -0.90 -1.54 -9.13
C THR A 35 0.09 -0.95 -8.14
N THR A 36 0.80 0.09 -8.60
CA THR A 36 1.78 0.77 -7.78
C THR A 36 1.16 1.32 -6.49
N GLY A 37 1.86 1.17 -5.39
CA GLY A 37 1.38 1.66 -4.11
C GLY A 37 0.28 0.80 -3.52
N HIS A 38 0.37 -0.51 -3.72
CA HIS A 38 -0.61 -1.45 -3.19
C HIS A 38 0.05 -2.76 -2.83
N ARG A 39 -0.24 -3.28 -1.64
CA ARG A 39 0.35 -4.54 -1.20
C ARG A 39 -0.42 -5.70 -1.80
N LEU A 40 0.26 -6.49 -2.61
CA LEU A 40 -0.36 -7.64 -3.24
C LEU A 40 -0.51 -8.79 -2.24
N ILE A 41 -1.75 -9.09 -1.90
CA ILE A 41 -2.03 -10.16 -0.96
C ILE A 41 -2.45 -11.44 -1.69
N GLY A 42 -1.54 -11.91 -2.54
CA GLY A 42 -1.80 -13.12 -3.31
C GLY A 42 -0.51 -13.81 -3.70
N HIS A 43 0.55 -13.50 -2.97
CA HIS A 43 1.87 -14.08 -3.23
C HIS A 43 2.31 -13.81 -4.66
N SER A 44 1.67 -12.83 -5.30
CA SER A 44 1.99 -12.46 -6.68
C SER A 44 2.33 -13.69 -7.52
N SER A 45 1.60 -14.78 -7.28
CA SER A 45 1.83 -16.02 -8.02
C SER A 45 0.64 -16.94 -7.90
N ALA A 46 0.56 -17.91 -8.81
CA ALA A 46 -0.54 -18.88 -8.82
C ALA A 46 -0.20 -20.08 -9.69
N GLU A 47 -0.31 -21.27 -9.13
CA GLU A 47 -0.03 -22.49 -9.87
C GLU A 47 -1.32 -23.22 -10.23
N CYS A 48 -1.52 -23.47 -11.52
CA CYS A 48 -2.71 -24.17 -11.98
C CYS A 48 -2.66 -25.65 -11.63
N ILE A 49 -3.00 -25.98 -10.38
CA ILE A 49 -2.99 -27.35 -9.93
C ILE A 49 -4.30 -28.04 -10.25
N LEU A 50 -4.49 -29.26 -9.76
CA LEU A 50 -5.71 -29.99 -10.01
C LEU A 50 -5.95 -31.08 -8.98
N SER A 51 -7.12 -31.03 -8.36
CA SER A 51 -7.50 -32.01 -7.36
C SER A 51 -8.08 -33.24 -8.03
N GLY A 52 -8.96 -33.02 -8.99
CA GLY A 52 -9.59 -34.12 -9.70
C GLY A 52 -10.76 -33.68 -10.56
N ASN A 53 -11.63 -32.85 -9.96
CA ASN A 53 -12.82 -32.37 -10.67
C ASN A 53 -12.49 -31.28 -11.68
N THR A 54 -11.78 -30.24 -11.24
CA THR A 54 -11.41 -29.14 -12.11
C THR A 54 -10.11 -28.48 -11.68
N ALA A 55 -9.36 -27.94 -12.64
CA ALA A 55 -8.09 -27.30 -12.35
C ALA A 55 -8.31 -25.93 -11.72
N HIS A 56 -7.48 -25.60 -10.74
CA HIS A 56 -7.59 -24.32 -10.04
C HIS A 56 -6.24 -23.88 -9.48
N TRP A 57 -6.06 -22.57 -9.35
CA TRP A 57 -4.81 -22.02 -8.83
C TRP A 57 -4.67 -22.27 -7.35
N SER A 58 -3.61 -22.98 -6.97
CA SER A 58 -3.35 -23.31 -5.58
C SER A 58 -3.35 -22.08 -4.68
N THR A 59 -3.08 -20.91 -5.27
CA THR A 59 -3.03 -19.67 -4.51
C THR A 59 -4.40 -19.03 -4.40
N LYS A 60 -4.75 -18.60 -3.18
CA LYS A 60 -6.02 -17.95 -2.91
C LYS A 60 -6.13 -16.64 -3.69
N PRO A 61 -7.36 -16.22 -4.03
CA PRO A 61 -7.58 -14.97 -4.77
C PRO A 61 -6.79 -13.81 -4.19
N PRO A 62 -5.87 -13.23 -4.98
CA PRO A 62 -5.02 -12.11 -4.54
C PRO A 62 -5.80 -10.82 -4.35
N ILE A 63 -5.46 -10.09 -3.30
CA ILE A 63 -6.12 -8.81 -3.01
C ILE A 63 -5.09 -7.74 -2.66
N CYS A 64 -5.14 -6.61 -3.36
CA CYS A 64 -4.22 -5.52 -3.11
C CYS A 64 -4.72 -4.61 -2.00
N GLN A 65 -4.26 -4.86 -0.79
CA GLN A 65 -4.64 -4.05 0.35
C GLN A 65 -3.90 -2.72 0.34
N ARG A 66 -4.61 -1.64 0.66
CA ARG A 66 -3.99 -0.31 0.67
C ARG A 66 -2.77 -0.30 1.58
N ILE A 67 -1.64 0.16 1.05
CA ILE A 67 -0.39 0.23 1.80
C ILE A 67 -0.58 1.04 3.09
N PRO A 68 -0.53 0.36 4.26
CA PRO A 68 -0.70 1.03 5.55
C PRO A 68 0.58 1.70 6.05
N CYS A 69 0.44 2.94 6.50
CA CYS A 69 1.55 3.73 7.04
C CYS A 69 1.34 3.97 8.53
N GLY A 70 2.44 3.95 9.30
CA GLY A 70 2.33 4.16 10.72
C GLY A 70 2.10 5.61 11.11
N LEU A 71 2.61 6.00 12.27
CA LEU A 71 2.46 7.36 12.77
C LEU A 71 3.27 8.36 11.96
N PRO A 72 2.78 9.60 11.86
CA PRO A 72 3.48 10.67 11.15
C PRO A 72 4.77 11.03 11.87
N PRO A 73 5.88 11.23 11.14
CA PRO A 73 7.16 11.58 11.73
C PRO A 73 7.00 12.46 12.96
N THR A 74 7.74 12.14 14.01
CA THR A 74 7.65 12.89 15.25
C THR A 74 8.37 14.22 15.16
N ILE A 75 7.75 15.24 15.73
CA ILE A 75 8.30 16.58 15.72
C ILE A 75 8.02 17.28 17.05
N ALA A 76 9.08 17.62 17.76
CA ALA A 76 8.96 18.29 19.06
C ALA A 76 7.93 19.41 19.02
N ASN A 77 7.04 19.41 20.02
CA ASN A 77 5.98 20.41 20.12
C ASN A 77 5.33 20.69 18.78
N GLY A 78 5.32 19.68 17.91
CA GLY A 78 4.74 19.82 16.59
C GLY A 78 3.22 19.71 16.62
N ASP A 79 2.59 20.20 15.57
CA ASP A 79 1.13 20.16 15.46
C ASP A 79 0.72 20.23 14.00
N PHE A 80 -0.47 19.73 13.69
CA PHE A 80 -0.95 19.74 12.32
C PHE A 80 -2.46 19.70 12.23
N ILE A 81 -3.01 20.38 11.24
CA ILE A 81 -4.46 20.42 11.03
C ILE A 81 -4.86 19.62 9.80
N SER A 82 -5.54 18.49 10.01
CA SER A 82 -5.97 17.65 8.91
C SER A 82 -6.91 16.54 9.39
N THR A 83 -6.74 15.35 8.84
CA THR A 83 -7.57 14.21 9.20
C THR A 83 -6.73 13.09 9.80
N ASN A 84 -5.47 13.04 9.41
CA ASN A 84 -4.55 12.00 9.90
C ASN A 84 -4.66 11.80 11.40
N ARG A 85 -4.07 12.71 12.17
CA ARG A 85 -4.10 12.59 13.62
C ARG A 85 -3.58 11.22 14.04
N GLU A 86 -4.35 10.49 14.84
CA GLU A 86 -3.94 9.16 15.28
C GLU A 86 -4.14 8.15 14.15
N ASN A 87 -5.27 8.29 13.43
CA ASN A 87 -5.60 7.41 12.33
C ASN A 87 -4.63 7.60 11.16
N PHE A 88 -4.39 6.52 10.42
CA PHE A 88 -3.48 6.57 9.28
C PHE A 88 -3.67 5.36 8.36
N HIS A 89 -3.35 5.54 7.08
CA HIS A 89 -3.49 4.44 6.12
C HIS A 89 -2.55 4.62 4.93
N TYR A 90 -2.74 5.71 4.17
CA TYR A 90 -1.89 5.98 2.99
C TYR A 90 -2.47 7.12 2.15
N GLY A 91 -2.97 8.15 2.81
CA GLY A 91 -3.55 9.28 2.09
C GLY A 91 -3.65 10.55 2.92
N SER A 92 -4.10 10.41 4.16
CA SER A 92 -4.26 11.56 5.06
C SER A 92 -3.03 12.46 5.06
N VAL A 93 -3.27 13.75 4.85
CA VAL A 93 -2.21 14.75 4.85
C VAL A 93 -2.13 15.41 6.22
N VAL A 94 -1.15 16.29 6.41
CA VAL A 94 -0.99 16.99 7.68
C VAL A 94 -0.33 18.35 7.48
N THR A 95 -0.92 19.40 8.08
CA THR A 95 -0.39 20.75 7.97
C THR A 95 0.32 21.18 9.26
N TYR A 96 1.65 21.16 9.24
CA TYR A 96 2.43 21.55 10.41
C TYR A 96 2.34 23.07 10.64
N ARG A 97 2.15 23.45 11.90
CA ARG A 97 2.06 24.85 12.26
C ARG A 97 2.34 25.07 13.75
N CYS A 98 3.24 24.26 14.31
CA CYS A 98 3.61 24.36 15.72
C CYS A 98 2.41 24.09 16.64
N ASN A 99 2.70 23.55 17.82
CA ASN A 99 1.66 23.21 18.80
C ASN A 99 0.92 24.46 19.30
N LEU A 100 1.63 25.58 19.44
CA LEU A 100 1.01 26.81 19.91
C LEU A 100 0.06 27.39 18.88
N GLY A 101 -0.20 28.69 18.98
CA GLY A 101 -1.10 29.34 18.05
C GLY A 101 -2.49 28.71 18.09
N SER A 102 -2.92 28.37 19.30
CA SER A 102 -4.23 27.74 19.51
C SER A 102 -4.51 27.58 20.99
N ARG A 103 -3.49 27.17 21.72
CA ARG A 103 -3.61 26.95 23.16
C ARG A 103 -2.24 27.07 23.81
N GLY A 104 -1.51 28.11 23.41
CA GLY A 104 -0.18 28.35 23.94
C GLY A 104 0.37 29.68 23.50
N ARG A 105 0.13 30.00 22.24
CA ARG A 105 0.61 31.24 21.64
C ARG A 105 2.12 31.23 21.55
N LYS A 106 2.65 32.06 20.64
CA LYS A 106 4.08 32.17 20.37
C LYS A 106 4.46 31.29 19.20
N VAL A 107 3.80 30.16 19.13
CA VAL A 107 4.00 29.18 18.06
C VAL A 107 5.46 28.97 17.73
N PHE A 108 6.31 29.09 18.73
CA PHE A 108 7.74 28.91 18.53
C PHE A 108 8.12 29.49 17.19
N GLU A 109 8.93 28.76 16.44
CA GLU A 109 9.34 29.20 15.12
C GLU A 109 9.61 28.00 14.21
N LEU A 110 8.68 27.74 13.30
CA LEU A 110 8.79 26.63 12.37
C LEU A 110 9.88 26.85 11.33
N VAL A 111 10.46 25.74 10.88
CA VAL A 111 11.51 25.78 9.87
C VAL A 111 11.32 24.64 8.87
N GLY A 112 11.50 24.96 7.59
CA GLY A 112 11.35 23.98 6.53
C GLY A 112 9.91 23.79 6.07
N GLU A 113 9.64 22.64 5.46
CA GLU A 113 8.31 22.33 4.94
C GLU A 113 7.28 22.12 6.05
N PRO A 114 6.15 22.85 6.00
CA PRO A 114 5.10 22.74 6.99
C PRO A 114 3.97 21.81 6.55
N SER A 115 4.27 20.85 5.67
CA SER A 115 3.27 19.91 5.19
C SER A 115 3.88 18.62 4.68
N ILE A 116 3.19 17.51 4.92
CA ILE A 116 3.61 16.19 4.48
C ILE A 116 2.41 15.27 4.34
N TYR A 117 2.61 14.09 3.77
CA TYR A 117 1.52 13.14 3.59
C TYR A 117 1.96 11.72 3.94
N CYS A 118 1.03 10.96 4.51
CA CYS A 118 1.32 9.59 4.92
C CYS A 118 1.67 8.74 3.71
N THR A 119 2.88 8.17 3.74
CA THR A 119 3.35 7.32 2.65
C THR A 119 4.44 6.38 3.13
N SER A 120 4.40 5.15 2.64
CA SER A 120 5.39 4.15 3.00
C SER A 120 6.58 4.19 2.06
N ASN A 121 7.27 3.06 1.93
CA ASN A 121 8.43 2.96 1.04
C ASN A 121 9.05 1.57 1.08
N ASP A 122 9.12 1.00 2.28
CA ASP A 122 9.69 -0.33 2.46
C ASP A 122 8.68 -1.42 2.10
N ASP A 123 7.52 -1.37 2.72
CA ASP A 123 6.47 -2.36 2.45
C ASP A 123 5.11 -1.89 2.96
N GLN A 124 5.10 -1.39 4.19
CA GLN A 124 3.88 -0.90 4.82
C GLN A 124 4.24 -0.28 6.17
N VAL A 125 5.43 0.30 6.20
CA VAL A 125 5.96 0.92 7.40
C VAL A 125 5.54 2.39 7.50
N GLY A 126 6.47 3.29 7.22
CA GLY A 126 6.20 4.71 7.30
C GLY A 126 7.09 5.50 6.38
N ILE A 127 7.94 6.34 6.96
CA ILE A 127 8.85 7.16 6.16
C ILE A 127 8.05 7.99 5.17
N TRP A 128 7.53 9.12 5.62
CA TRP A 128 6.72 9.99 4.79
C TRP A 128 7.56 10.70 3.73
N SER A 129 7.09 11.86 3.29
CA SER A 129 7.80 12.63 2.27
C SER A 129 9.21 12.93 2.74
N GLY A 130 9.33 13.57 3.89
CA GLY A 130 10.65 13.88 4.42
C GLY A 130 10.61 14.64 5.73
N PRO A 131 11.40 14.21 6.74
CA PRO A 131 11.45 14.88 8.03
C PRO A 131 12.35 16.12 7.97
N ALA A 132 11.84 17.25 8.47
CA ALA A 132 12.61 18.49 8.45
C ALA A 132 11.96 19.60 9.27
N PRO A 133 10.64 19.81 9.12
CA PRO A 133 9.93 20.86 9.87
C PRO A 133 10.18 20.79 11.37
N GLN A 134 10.49 21.93 11.97
CA GLN A 134 10.75 21.97 13.41
C GLN A 134 10.44 23.35 13.98
N CYS A 135 9.80 23.38 15.15
CA CYS A 135 9.46 24.63 15.82
C CYS A 135 10.43 24.90 16.97
N ILE A 136 10.89 26.14 17.06
CA ILE A 136 11.83 26.54 18.12
C ILE A 136 11.67 28.01 18.48
N GLU A 1 -7.18 -36.87 -19.29
CA GLU A 1 -6.60 -35.82 -18.41
C GLU A 1 -6.57 -34.48 -19.12
N ALA A 2 -6.17 -34.49 -20.40
CA ALA A 2 -6.10 -33.25 -21.19
C ALA A 2 -7.49 -32.83 -21.67
N GLU A 3 -8.47 -32.90 -20.78
CA GLU A 3 -9.84 -32.52 -21.11
C GLU A 3 -10.01 -31.00 -21.08
N ALA A 4 -9.07 -30.29 -21.70
CA ALA A 4 -9.11 -28.84 -21.75
C ALA A 4 -9.35 -28.23 -20.37
N LYS A 5 -8.72 -28.82 -19.36
CA LYS A 5 -8.86 -28.34 -17.99
C LYS A 5 -8.03 -27.08 -17.77
N SER A 6 -8.58 -26.13 -17.01
CA SER A 6 -7.89 -24.88 -16.72
C SER A 6 -8.44 -24.23 -15.46
N CYS A 7 -7.57 -23.58 -14.69
CA CYS A 7 -7.99 -22.92 -13.46
C CYS A 7 -8.62 -21.57 -13.75
N LYS A 8 -9.28 -21.47 -14.90
CA LYS A 8 -9.94 -20.24 -15.33
C LYS A 8 -8.92 -19.10 -15.44
N THR A 9 -9.10 -18.25 -16.43
CA THR A 9 -8.20 -17.12 -16.62
C THR A 9 -8.08 -16.33 -15.33
N PRO A 10 -6.85 -16.18 -14.80
CA PRO A 10 -6.61 -15.46 -13.55
C PRO A 10 -7.21 -14.05 -13.58
N PRO A 11 -8.21 -13.78 -12.71
CA PRO A 11 -8.85 -12.47 -12.64
C PRO A 11 -7.89 -11.39 -12.19
N ASP A 12 -7.81 -10.32 -12.96
CA ASP A 12 -6.91 -9.22 -12.63
C ASP A 12 -7.23 -8.64 -11.26
N PRO A 13 -6.35 -8.86 -10.27
CA PRO A 13 -6.55 -8.35 -8.91
C PRO A 13 -6.60 -6.84 -8.88
N VAL A 14 -7.38 -6.27 -7.97
CA VAL A 14 -7.50 -4.83 -7.85
C VAL A 14 -6.12 -4.18 -7.85
N ASN A 15 -5.92 -3.22 -8.74
CA ASN A 15 -4.64 -2.53 -8.85
C ASN A 15 -3.50 -3.54 -8.98
N GLY A 16 -3.69 -4.52 -9.86
CA GLY A 16 -2.68 -5.53 -10.08
C GLY A 16 -3.02 -6.43 -11.25
N MET A 17 -2.11 -6.52 -12.22
CA MET A 17 -2.33 -7.35 -13.40
C MET A 17 -1.64 -8.71 -13.26
N VAL A 18 -2.27 -9.75 -13.81
CA VAL A 18 -1.70 -11.09 -13.75
C VAL A 18 -0.82 -11.34 -14.97
N HIS A 19 0.23 -12.13 -14.79
CA HIS A 19 1.14 -12.42 -15.89
C HIS A 19 1.11 -13.89 -16.25
N VAL A 20 0.30 -14.24 -17.25
CA VAL A 20 0.19 -15.61 -17.70
C VAL A 20 1.50 -16.04 -18.36
N ILE A 21 2.40 -16.57 -17.55
CA ILE A 21 3.71 -17.00 -18.02
C ILE A 21 3.62 -18.30 -18.79
N THR A 22 3.76 -19.43 -18.09
CA THR A 22 3.67 -20.73 -18.72
C THR A 22 2.32 -20.91 -19.40
N ASP A 23 1.27 -20.91 -18.59
CA ASP A 23 -0.09 -21.05 -19.09
C ASP A 23 -1.10 -20.67 -18.00
N ILE A 24 -2.16 -21.45 -17.86
CA ILE A 24 -3.19 -21.20 -16.86
C ILE A 24 -3.85 -22.52 -16.48
N GLN A 25 -3.78 -23.48 -17.39
CA GLN A 25 -4.33 -24.80 -17.18
C GLN A 25 -3.48 -25.55 -16.18
N VAL A 26 -4.01 -26.65 -15.64
CA VAL A 26 -3.30 -27.44 -14.66
C VAL A 26 -1.84 -27.64 -15.07
N GLY A 27 -0.93 -27.48 -14.12
CA GLY A 27 0.49 -27.64 -14.41
C GLY A 27 1.09 -26.42 -15.10
N SER A 28 0.92 -25.24 -14.49
CA SER A 28 1.44 -24.00 -15.05
C SER A 28 1.46 -22.89 -14.00
N ARG A 29 2.60 -22.22 -13.88
CA ARG A 29 2.77 -21.13 -12.92
C ARG A 29 2.51 -19.77 -13.56
N ILE A 30 2.03 -18.82 -12.76
CA ILE A 30 1.74 -17.48 -13.24
C ILE A 30 2.10 -16.44 -12.17
N THR A 31 2.65 -15.31 -12.58
CA THR A 31 3.04 -14.27 -11.63
C THR A 31 2.09 -13.07 -11.69
N TYR A 32 1.52 -12.74 -10.54
CA TYR A 32 0.60 -11.61 -10.43
C TYR A 32 1.37 -10.32 -10.18
N SER A 33 0.68 -9.18 -10.23
CA SER A 33 1.32 -7.89 -10.01
C SER A 33 0.40 -6.91 -9.28
N CYS A 34 0.89 -5.66 -9.16
CA CYS A 34 0.16 -4.59 -8.49
C CYS A 34 0.67 -3.24 -8.95
N THR A 35 -0.15 -2.20 -8.76
CA THR A 35 0.23 -0.85 -9.16
C THR A 35 1.37 -0.32 -8.29
N THR A 36 1.51 1.00 -8.28
CA THR A 36 2.55 1.66 -7.51
C THR A 36 2.14 1.83 -6.05
N GLY A 37 3.04 1.43 -5.14
CA GLY A 37 2.77 1.56 -3.72
C GLY A 37 1.67 0.64 -3.22
N HIS A 38 1.71 -0.62 -3.64
CA HIS A 38 0.70 -1.59 -3.21
C HIS A 38 1.30 -2.99 -3.12
N ARG A 39 1.20 -3.60 -1.94
CA ARG A 39 1.72 -4.95 -1.73
C ARG A 39 0.69 -5.99 -2.15
N LEU A 40 1.12 -6.94 -2.98
CA LEU A 40 0.21 -7.98 -3.45
C LEU A 40 -0.09 -9.00 -2.36
N ILE A 41 -1.37 -9.29 -2.16
CA ILE A 41 -1.79 -10.24 -1.15
C ILE A 41 -2.10 -11.59 -1.78
N GLY A 42 -1.79 -12.66 -1.04
CA GLY A 42 -2.03 -14.01 -1.53
C GLY A 42 -1.00 -14.45 -2.55
N HIS A 43 0.24 -14.03 -2.32
CA HIS A 43 1.36 -14.41 -3.19
C HIS A 43 1.15 -13.97 -4.64
N SER A 44 2.19 -13.32 -5.21
CA SER A 44 2.14 -12.87 -6.59
C SER A 44 2.53 -14.01 -7.54
N SER A 45 2.12 -15.21 -7.18
CA SER A 45 2.43 -16.40 -7.98
C SER A 45 1.50 -17.54 -7.59
N ALA A 46 1.13 -18.37 -8.56
CA ALA A 46 0.22 -19.48 -8.29
C ALA A 46 0.28 -20.55 -9.37
N GLU A 47 0.21 -21.80 -8.94
CA GLU A 47 0.24 -22.94 -9.84
C GLU A 47 -1.17 -23.53 -9.99
N CYS A 48 -1.56 -23.80 -11.23
CA CYS A 48 -2.88 -24.37 -11.50
C CYS A 48 -2.93 -25.84 -11.11
N ILE A 49 -3.47 -26.13 -9.92
CA ILE A 49 -3.57 -27.52 -9.47
C ILE A 49 -4.89 -28.13 -9.89
N LEU A 50 -5.22 -29.28 -9.31
CA LEU A 50 -6.46 -29.97 -9.63
C LEU A 50 -7.08 -30.58 -8.37
N SER A 51 -8.31 -30.18 -8.07
CA SER A 51 -9.01 -30.66 -6.88
C SER A 51 -9.82 -31.92 -7.19
N GLY A 52 -9.23 -32.82 -7.97
CA GLY A 52 -9.92 -34.06 -8.32
C GLY A 52 -11.32 -33.82 -8.85
N ASN A 53 -11.46 -32.78 -9.66
CA ASN A 53 -12.76 -32.45 -10.25
C ASN A 53 -12.62 -31.26 -11.20
N THR A 54 -11.93 -30.24 -10.74
CA THR A 54 -11.73 -29.03 -11.52
C THR A 54 -10.41 -28.35 -11.16
N ALA A 55 -9.80 -27.71 -12.15
CA ALA A 55 -8.54 -27.00 -11.93
C ALA A 55 -8.76 -25.70 -11.18
N HIS A 56 -7.92 -25.45 -10.18
CA HIS A 56 -8.01 -24.24 -9.37
C HIS A 56 -6.64 -23.82 -8.86
N TRP A 57 -6.39 -22.51 -8.84
CA TRP A 57 -5.10 -22.01 -8.39
C TRP A 57 -4.93 -22.23 -6.89
N SER A 58 -3.84 -22.89 -6.52
CA SER A 58 -3.56 -23.20 -5.13
C SER A 58 -3.62 -21.96 -4.25
N THR A 59 -3.40 -20.78 -4.84
CA THR A 59 -3.43 -19.54 -4.09
C THR A 59 -4.82 -18.93 -4.00
N LYS A 60 -5.12 -18.34 -2.85
CA LYS A 60 -6.42 -17.70 -2.62
C LYS A 60 -6.55 -16.45 -3.50
N PRO A 61 -7.78 -15.95 -3.70
CA PRO A 61 -8.01 -14.76 -4.53
C PRO A 61 -7.00 -13.66 -4.26
N PRO A 62 -6.20 -13.31 -5.29
CA PRO A 62 -5.17 -12.26 -5.16
C PRO A 62 -5.76 -10.86 -5.03
N ILE A 63 -5.19 -10.06 -4.14
CA ILE A 63 -5.66 -8.69 -3.93
C ILE A 63 -4.51 -7.78 -3.53
N CYS A 64 -4.42 -6.61 -4.15
CA CYS A 64 -3.34 -5.67 -3.84
C CYS A 64 -3.70 -4.77 -2.66
N GLN A 65 -2.97 -4.96 -1.58
CA GLN A 65 -3.16 -4.17 -0.36
C GLN A 65 -2.51 -2.80 -0.49
N ARG A 66 -3.28 -1.75 -0.19
CA ARG A 66 -2.75 -0.40 -0.26
C ARG A 66 -1.76 -0.19 0.89
N ILE A 67 -0.54 0.18 0.54
CA ILE A 67 0.52 0.38 1.53
C ILE A 67 0.10 1.34 2.64
N PRO A 68 0.14 0.87 3.90
CA PRO A 68 -0.20 1.69 5.07
C PRO A 68 0.98 2.56 5.49
N CYS A 69 0.75 3.87 5.57
CA CYS A 69 1.81 4.79 5.95
C CYS A 69 1.77 5.12 7.43
N GLY A 70 1.19 4.21 8.19
CA GLY A 70 1.09 4.38 9.65
C GLY A 70 0.81 5.82 10.05
N LEU A 71 1.40 6.23 11.18
CA LEU A 71 1.24 7.58 11.68
C LEU A 71 2.36 8.49 11.21
N PRO A 72 2.05 9.75 10.88
CA PRO A 72 3.04 10.72 10.44
C PRO A 72 3.99 11.11 11.57
N PRO A 73 5.19 11.59 11.24
CA PRO A 73 6.19 11.99 12.24
C PRO A 73 5.57 12.78 13.39
N THR A 74 5.81 12.31 14.61
CA THR A 74 5.26 12.97 15.80
C THR A 74 6.05 14.22 16.14
N ILE A 75 5.53 15.37 15.72
CA ILE A 75 6.18 16.64 15.98
C ILE A 75 5.79 17.22 17.34
N ALA A 76 6.72 17.16 18.29
CA ALA A 76 6.49 17.66 19.63
C ALA A 76 6.56 19.19 19.66
N ASN A 77 5.78 19.80 20.54
CA ASN A 77 5.74 21.25 20.68
C ASN A 77 5.00 21.91 19.52
N GLY A 78 4.06 21.18 18.94
CA GLY A 78 3.30 21.72 17.83
C GLY A 78 2.00 20.97 17.60
N ASP A 79 2.08 19.65 17.59
CA ASP A 79 0.92 18.80 17.36
C ASP A 79 0.48 18.89 15.90
N PHE A 80 -0.06 17.77 15.39
CA PHE A 80 -0.50 17.71 14.00
C PHE A 80 -1.92 18.26 13.82
N ILE A 81 -2.16 18.90 12.68
CA ILE A 81 -3.47 19.45 12.36
C ILE A 81 -4.29 18.40 11.61
N SER A 82 -5.61 18.62 11.52
CA SER A 82 -6.49 17.68 10.84
C SER A 82 -6.68 16.40 11.66
N THR A 83 -7.67 15.59 11.27
CA THR A 83 -7.95 14.35 11.98
C THR A 83 -6.68 13.53 12.16
N ASN A 84 -6.11 13.08 11.04
CA ASN A 84 -4.87 12.29 11.06
C ASN A 84 -4.82 11.41 12.32
N ARG A 85 -5.91 10.69 12.58
CA ARG A 85 -6.02 9.87 13.76
C ARG A 85 -5.43 8.46 13.58
N GLU A 86 -5.98 7.68 12.65
CA GLU A 86 -5.50 6.32 12.43
C GLU A 86 -5.61 5.88 10.98
N ASN A 87 -6.73 6.22 10.34
CA ASN A 87 -6.94 5.84 8.95
C ASN A 87 -6.05 6.66 8.03
N PHE A 88 -5.23 5.97 7.22
CA PHE A 88 -4.34 6.67 6.30
C PHE A 88 -4.09 5.89 5.02
N HIS A 89 -3.79 4.60 5.15
CA HIS A 89 -3.48 3.79 3.98
C HIS A 89 -2.29 4.43 3.28
N TYR A 90 -2.50 4.99 2.08
CA TYR A 90 -1.43 5.68 1.37
C TYR A 90 -0.97 6.93 2.15
N GLY A 91 -1.13 6.89 3.47
CA GLY A 91 -0.75 8.01 4.31
C GLY A 91 -1.75 9.15 4.25
N SER A 92 -1.59 10.00 3.23
CA SER A 92 -2.45 11.17 3.01
C SER A 92 -1.64 12.45 3.16
N VAL A 93 -2.10 13.36 4.01
CA VAL A 93 -1.40 14.62 4.24
C VAL A 93 -1.76 15.19 5.60
N VAL A 94 -0.87 15.98 6.16
CA VAL A 94 -1.08 16.59 7.46
C VAL A 94 -0.28 17.88 7.61
N THR A 95 -0.97 18.94 8.01
CA THR A 95 -0.34 20.23 8.18
C THR A 95 0.26 20.37 9.57
N TYR A 96 1.58 20.60 9.62
CA TYR A 96 2.27 20.76 10.88
C TYR A 96 2.09 22.18 11.42
N ARG A 97 1.88 22.27 12.72
CA ARG A 97 1.67 23.57 13.37
C ARG A 97 2.23 23.57 14.78
N CYS A 98 2.79 24.70 15.18
CA CYS A 98 3.36 24.85 16.52
C CYS A 98 2.28 25.06 17.57
N ASN A 99 2.54 24.61 18.79
CA ASN A 99 1.59 24.77 19.88
C ASN A 99 1.26 26.25 20.07
N LEU A 100 2.30 27.08 20.19
CA LEU A 100 2.14 28.52 20.35
C LEU A 100 1.14 28.85 21.45
N GLY A 101 1.14 28.02 22.49
CA GLY A 101 0.24 28.24 23.60
C GLY A 101 -1.19 28.43 23.15
N SER A 102 -1.67 29.67 23.23
CA SER A 102 -3.04 29.98 22.85
C SER A 102 -3.24 29.86 21.33
N ARG A 103 -2.39 30.53 20.56
CA ARG A 103 -2.49 30.49 19.09
C ARG A 103 -1.17 30.92 18.44
N GLY A 104 -0.60 32.01 18.92
CA GLY A 104 0.65 32.51 18.37
C GLY A 104 1.28 33.58 19.24
N ARG A 105 1.42 33.28 20.52
CA ARG A 105 2.01 34.19 21.49
C ARG A 105 3.53 34.21 21.36
N LYS A 106 4.03 34.33 20.12
CA LYS A 106 5.47 34.33 19.89
C LYS A 106 6.12 33.33 20.82
N VAL A 107 5.75 32.08 20.64
CA VAL A 107 6.24 31.01 21.48
C VAL A 107 6.35 29.72 20.68
N PHE A 108 7.50 29.55 20.03
CA PHE A 108 7.78 28.39 19.17
C PHE A 108 7.30 28.66 17.75
N GLU A 109 8.08 28.21 16.78
CA GLU A 109 7.74 28.42 15.37
C GLU A 109 8.25 27.26 14.50
N LEU A 110 7.47 26.94 13.47
CA LEU A 110 7.82 25.85 12.55
C LEU A 110 9.05 26.21 11.74
N VAL A 111 9.91 25.23 11.50
CA VAL A 111 11.12 25.44 10.72
C VAL A 111 11.29 24.34 9.69
N GLY A 112 11.15 24.71 8.43
CA GLY A 112 11.28 23.75 7.35
C GLY A 112 10.06 22.87 7.20
N GLU A 113 9.59 22.71 5.96
CA GLU A 113 8.42 21.89 5.67
C GLU A 113 7.26 22.17 6.63
N PRO A 114 6.20 22.84 6.16
CA PRO A 114 5.05 23.15 6.98
C PRO A 114 4.01 22.04 7.01
N SER A 115 3.93 21.27 5.94
CA SER A 115 2.97 20.16 5.85
C SER A 115 3.50 19.04 4.97
N ILE A 116 3.45 17.81 5.47
CA ILE A 116 3.92 16.65 4.72
C ILE A 116 2.79 15.79 4.20
N TYR A 117 3.18 14.77 3.44
CA TYR A 117 2.24 13.81 2.86
C TYR A 117 2.96 12.53 2.47
N CYS A 118 2.30 11.39 2.63
CA CYS A 118 2.93 10.12 2.29
C CYS A 118 3.17 10.01 0.78
N THR A 119 4.41 9.75 0.40
CA THR A 119 4.77 9.63 -1.01
C THR A 119 4.69 8.19 -1.50
N SER A 120 5.15 7.25 -0.68
CA SER A 120 5.13 5.84 -1.05
C SER A 120 5.38 4.94 0.16
N ASN A 121 6.52 4.25 0.15
CA ASN A 121 6.86 3.35 1.24
C ASN A 121 8.29 2.85 1.12
N ASP A 122 8.95 2.69 2.26
CA ASP A 122 10.33 2.22 2.29
C ASP A 122 10.45 0.85 1.62
N ASP A 123 9.56 -0.08 1.98
CA ASP A 123 9.58 -1.43 1.39
C ASP A 123 8.19 -2.05 1.35
N GLN A 124 7.53 -2.12 2.51
CA GLN A 124 6.19 -2.70 2.60
C GLN A 124 5.38 -2.03 3.69
N VAL A 125 6.07 -1.49 4.68
CA VAL A 125 5.42 -0.79 5.78
C VAL A 125 4.80 0.53 5.28
N GLY A 126 5.36 1.65 5.70
CA GLY A 126 4.85 2.95 5.28
C GLY A 126 5.84 4.06 5.58
N ILE A 127 6.01 4.97 4.62
CA ILE A 127 6.94 6.09 4.82
C ILE A 127 6.43 7.34 4.11
N TRP A 128 6.46 8.47 4.81
CA TRP A 128 6.01 9.73 4.25
C TRP A 128 7.11 10.41 3.44
N SER A 129 7.01 11.72 3.30
CA SER A 129 8.01 12.48 2.55
C SER A 129 9.26 12.72 3.39
N GLY A 130 9.06 13.35 4.55
CA GLY A 130 10.18 13.64 5.44
C GLY A 130 9.78 14.40 6.68
N PRO A 131 10.26 13.97 7.87
CA PRO A 131 9.95 14.63 9.15
C PRO A 131 10.81 15.88 9.36
N ALA A 132 10.86 16.73 8.34
CA ALA A 132 11.64 17.95 8.39
C ALA A 132 11.08 19.01 9.35
N PRO A 133 9.75 19.20 9.38
CA PRO A 133 9.13 20.20 10.26
C PRO A 133 9.65 20.11 11.69
N GLN A 134 10.25 21.20 12.16
CA GLN A 134 10.78 21.27 13.51
C GLN A 134 10.36 22.57 14.17
N CYS A 135 9.58 22.46 15.24
CA CYS A 135 9.11 23.63 15.95
C CYS A 135 10.11 24.07 17.01
N ILE A 136 10.64 25.28 16.85
CA ILE A 136 11.61 25.82 17.79
C ILE A 136 11.54 27.35 17.84
N GLU A 1 -6.17 -22.64 -31.17
CA GLU A 1 -6.22 -23.64 -32.27
C GLU A 1 -7.06 -24.85 -31.89
N ALA A 2 -6.82 -25.36 -30.68
CA ALA A 2 -7.55 -26.52 -30.18
C ALA A 2 -7.08 -26.87 -28.76
N GLU A 3 -7.01 -25.85 -27.91
CA GLU A 3 -6.58 -26.03 -26.52
C GLU A 3 -6.84 -24.78 -25.70
N ALA A 4 -8.10 -24.37 -25.64
CA ALA A 4 -8.49 -23.18 -24.89
C ALA A 4 -8.54 -23.46 -23.39
N LYS A 5 -7.43 -23.94 -22.84
CA LYS A 5 -7.34 -24.25 -21.43
C LYS A 5 -7.17 -22.99 -20.60
N SER A 6 -6.15 -22.97 -19.77
CA SER A 6 -5.86 -21.83 -18.90
C SER A 6 -6.85 -21.75 -17.74
N CYS A 7 -6.32 -21.42 -16.57
CA CYS A 7 -7.14 -21.32 -15.37
C CYS A 7 -7.88 -19.99 -15.32
N LYS A 8 -8.33 -19.54 -16.49
CA LYS A 8 -9.07 -18.28 -16.61
C LYS A 8 -8.21 -17.09 -16.16
N THR A 9 -8.23 -16.02 -16.95
CA THR A 9 -7.46 -14.83 -16.62
C THR A 9 -7.90 -14.25 -15.28
N PRO A 10 -7.01 -14.27 -14.27
CA PRO A 10 -7.33 -13.75 -12.94
C PRO A 10 -7.61 -12.26 -12.96
N PRO A 11 -8.83 -11.84 -12.58
CA PRO A 11 -9.22 -10.42 -12.55
C PRO A 11 -8.59 -9.69 -11.38
N ASP A 12 -8.00 -8.52 -11.66
CA ASP A 12 -7.36 -7.72 -10.63
C ASP A 12 -8.34 -7.43 -9.50
N PRO A 13 -8.12 -8.03 -8.31
CA PRO A 13 -8.98 -7.83 -7.14
C PRO A 13 -8.66 -6.53 -6.42
N VAL A 14 -8.82 -6.54 -5.11
CA VAL A 14 -8.54 -5.38 -4.28
C VAL A 14 -7.18 -4.78 -4.60
N ASN A 15 -7.16 -3.81 -5.50
CA ASN A 15 -5.93 -3.16 -5.92
C ASN A 15 -4.85 -4.18 -6.30
N GLY A 16 -5.28 -5.39 -6.63
CA GLY A 16 -4.36 -6.43 -7.01
C GLY A 16 -3.95 -6.35 -8.46
N MET A 17 -2.82 -6.97 -8.77
CA MET A 17 -2.31 -6.97 -10.12
C MET A 17 -1.37 -8.15 -10.33
N VAL A 18 -1.81 -9.12 -11.14
CA VAL A 18 -1.03 -10.30 -11.42
C VAL A 18 -0.10 -10.07 -12.60
N HIS A 19 1.07 -10.67 -12.55
CA HIS A 19 2.04 -10.54 -13.61
C HIS A 19 2.11 -11.84 -14.41
N VAL A 20 1.40 -11.88 -15.53
CA VAL A 20 1.38 -13.06 -16.37
C VAL A 20 2.77 -13.28 -16.95
N ILE A 21 3.53 -14.16 -16.30
CA ILE A 21 4.88 -14.46 -16.72
C ILE A 21 4.90 -15.35 -17.94
N THR A 22 4.95 -16.66 -17.73
CA THR A 22 4.95 -17.61 -18.84
C THR A 22 3.60 -17.60 -19.54
N ASP A 23 2.61 -18.20 -18.88
CA ASP A 23 1.25 -18.26 -19.42
C ASP A 23 0.26 -18.54 -18.30
N ILE A 24 -0.97 -18.07 -18.46
CA ILE A 24 -2.00 -18.32 -17.47
C ILE A 24 -2.64 -19.67 -17.71
N GLN A 25 -2.11 -20.39 -18.69
CA GLN A 25 -2.58 -21.71 -19.05
C GLN A 25 -1.99 -22.77 -18.13
N VAL A 26 -2.67 -23.90 -18.04
CA VAL A 26 -2.22 -25.01 -17.19
C VAL A 26 -0.72 -25.26 -17.35
N GLY A 27 -0.11 -25.77 -16.28
CA GLY A 27 1.32 -26.05 -16.29
C GLY A 27 2.15 -24.80 -16.05
N SER A 28 1.80 -23.71 -16.69
CA SER A 28 2.54 -22.45 -16.54
C SER A 28 2.23 -21.81 -15.18
N ARG A 29 2.68 -20.57 -14.99
CA ARG A 29 2.47 -19.85 -13.74
C ARG A 29 2.40 -18.34 -13.95
N ILE A 30 2.00 -17.64 -12.89
CA ILE A 30 1.89 -16.18 -12.90
C ILE A 30 2.13 -15.64 -11.49
N THR A 31 2.87 -14.55 -11.38
CA THR A 31 3.17 -13.99 -10.06
C THR A 31 2.40 -12.70 -9.78
N TYR A 32 1.63 -12.70 -8.69
CA TYR A 32 0.85 -11.53 -8.28
C TYR A 32 1.74 -10.58 -7.48
N SER A 33 1.32 -9.32 -7.39
CA SER A 33 2.09 -8.32 -6.65
C SER A 33 1.25 -7.10 -6.29
N CYS A 34 0.01 -7.07 -6.78
CA CYS A 34 -0.90 -5.96 -6.52
C CYS A 34 -0.35 -4.65 -7.06
N THR A 35 -0.82 -3.54 -6.51
CA THR A 35 -0.39 -2.21 -6.93
C THR A 35 1.00 -1.88 -6.40
N THR A 36 1.18 -0.62 -6.03
CA THR A 36 2.45 -0.13 -5.51
C THR A 36 2.88 -0.83 -4.21
N GLY A 37 3.20 -0.04 -3.18
CA GLY A 37 3.65 -0.61 -1.92
C GLY A 37 2.56 -1.27 -1.09
N HIS A 38 1.71 -2.06 -1.75
CA HIS A 38 0.64 -2.76 -1.05
C HIS A 38 1.08 -4.17 -0.67
N ARG A 39 0.71 -4.59 0.54
CA ARG A 39 1.07 -5.93 1.01
C ARG A 39 0.10 -6.97 0.46
N LEU A 40 0.63 -7.90 -0.33
CA LEU A 40 -0.18 -8.94 -0.93
C LEU A 40 -0.53 -10.03 0.08
N ILE A 41 -1.81 -10.41 0.09
CA ILE A 41 -2.29 -11.44 0.98
C ILE A 41 -2.55 -12.73 0.21
N GLY A 42 -2.50 -13.86 0.90
CA GLY A 42 -2.71 -15.14 0.26
C GLY A 42 -1.48 -15.63 -0.47
N HIS A 43 -1.21 -15.05 -1.64
CA HIS A 43 -0.07 -15.47 -2.44
C HIS A 43 0.27 -14.46 -3.53
N SER A 44 1.56 -14.22 -3.74
CA SER A 44 2.00 -13.32 -4.79
C SER A 44 2.45 -14.14 -5.99
N SER A 45 1.95 -15.37 -6.06
CA SER A 45 2.27 -16.30 -7.12
C SER A 45 1.24 -17.43 -7.16
N ALA A 46 0.96 -17.96 -8.35
CA ALA A 46 -0.02 -19.03 -8.49
C ALA A 46 0.26 -19.88 -9.73
N GLU A 47 0.20 -21.20 -9.56
CA GLU A 47 0.44 -22.12 -10.65
C GLU A 47 -0.88 -22.68 -11.19
N CYS A 48 -1.05 -22.59 -12.51
CA CYS A 48 -2.24 -23.09 -13.16
C CYS A 48 -2.16 -24.60 -13.34
N ILE A 49 -3.17 -25.32 -12.84
CA ILE A 49 -3.18 -26.77 -12.97
C ILE A 49 -4.58 -27.26 -13.34
N LEU A 50 -4.65 -28.39 -14.01
CA LEU A 50 -5.92 -28.96 -14.45
C LEU A 50 -6.62 -29.72 -13.32
N SER A 51 -7.85 -29.31 -13.02
CA SER A 51 -8.64 -29.96 -11.99
C SER A 51 -9.39 -31.16 -12.57
N GLY A 52 -10.71 -31.19 -12.38
CA GLY A 52 -11.49 -32.30 -12.91
C GLY A 52 -11.48 -32.33 -14.43
N ASN A 53 -11.86 -31.22 -15.05
CA ASN A 53 -11.88 -31.12 -16.51
C ASN A 53 -11.70 -29.67 -16.95
N THR A 54 -11.14 -28.85 -16.07
CA THR A 54 -10.90 -27.44 -16.36
C THR A 54 -9.71 -26.92 -15.57
N ALA A 55 -8.98 -25.97 -16.15
CA ALA A 55 -7.81 -25.40 -15.48
C ALA A 55 -8.26 -24.44 -14.38
N HIS A 56 -7.59 -24.54 -13.24
CA HIS A 56 -7.89 -23.70 -12.08
C HIS A 56 -6.62 -23.47 -11.27
N TRP A 57 -6.46 -22.27 -10.73
CA TRP A 57 -5.27 -21.93 -9.96
C TRP A 57 -5.27 -22.63 -8.61
N SER A 58 -4.11 -23.17 -8.23
CA SER A 58 -3.95 -23.88 -6.97
C SER A 58 -4.44 -23.04 -5.78
N THR A 59 -4.45 -21.72 -5.94
CA THR A 59 -4.88 -20.82 -4.87
C THR A 59 -5.86 -19.77 -5.37
N LYS A 60 -6.97 -19.64 -4.65
CA LYS A 60 -8.00 -18.66 -5.00
C LYS A 60 -7.42 -17.25 -5.02
N PRO A 61 -8.08 -16.31 -5.71
CA PRO A 61 -7.62 -14.92 -5.80
C PRO A 61 -7.10 -14.40 -4.47
N PRO A 62 -5.86 -13.88 -4.45
CA PRO A 62 -5.24 -13.35 -3.23
C PRO A 62 -5.86 -12.03 -2.81
N ILE A 63 -5.10 -11.24 -2.04
CA ILE A 63 -5.60 -9.94 -1.57
C ILE A 63 -4.45 -8.92 -1.56
N CYS A 64 -4.76 -7.68 -1.14
CA CYS A 64 -3.76 -6.62 -1.10
C CYS A 64 -4.02 -5.69 0.09
N GLN A 65 -3.62 -6.14 1.27
CA GLN A 65 -3.82 -5.37 2.50
C GLN A 65 -2.91 -4.15 2.57
N ARG A 66 -3.46 -3.03 3.02
CA ARG A 66 -2.71 -1.80 3.15
C ARG A 66 -1.75 -1.91 4.32
N ILE A 67 -0.47 -1.64 4.08
CA ILE A 67 0.54 -1.71 5.13
C ILE A 67 0.31 -0.62 6.16
N PRO A 68 -0.06 -1.00 7.41
CA PRO A 68 -0.33 -0.06 8.49
C PRO A 68 0.89 0.77 8.90
N CYS A 69 0.82 2.07 8.67
CA CYS A 69 1.89 2.98 9.04
C CYS A 69 1.61 3.62 10.39
N GLY A 70 2.61 3.69 11.25
CA GLY A 70 2.43 4.26 12.56
C GLY A 70 2.37 5.78 12.55
N LEU A 71 2.80 6.38 13.65
CA LEU A 71 2.79 7.82 13.79
C LEU A 71 3.70 8.51 12.77
N PRO A 72 3.24 9.63 12.21
CA PRO A 72 4.00 10.41 11.23
C PRO A 72 5.23 11.06 11.87
N PRO A 73 6.16 11.60 11.06
CA PRO A 73 7.37 12.25 11.58
C PRO A 73 7.02 13.28 12.66
N THR A 74 7.37 12.98 13.89
CA THR A 74 7.08 13.87 15.02
C THR A 74 8.05 15.03 15.08
N ILE A 75 7.52 16.20 15.42
CA ILE A 75 8.32 17.41 15.54
C ILE A 75 7.72 18.34 16.58
N ALA A 76 8.54 18.71 17.57
CA ALA A 76 8.10 19.59 18.63
C ALA A 76 7.40 20.82 18.06
N ASN A 77 6.32 21.24 18.71
CA ASN A 77 5.54 22.40 18.27
C ASN A 77 4.69 22.07 17.05
N GLY A 78 5.16 21.13 16.25
CA GLY A 78 4.43 20.74 15.06
C GLY A 78 3.07 20.11 15.37
N ASP A 79 2.18 20.10 14.38
CA ASP A 79 0.85 19.53 14.53
C ASP A 79 0.32 19.09 13.18
N PHE A 80 -1.00 19.01 13.05
CA PHE A 80 -1.60 18.56 11.79
C PHE A 80 -3.04 19.07 11.63
N ILE A 81 -3.37 19.43 10.39
CA ILE A 81 -4.71 19.92 10.06
C ILE A 81 -5.43 18.89 9.19
N SER A 82 -5.58 17.68 9.71
CA SER A 82 -6.24 16.61 8.96
C SER A 82 -6.76 15.51 9.88
N THR A 83 -7.06 14.36 9.29
CA THR A 83 -7.59 13.22 10.04
C THR A 83 -6.47 12.24 10.41
N ASN A 84 -5.39 12.77 10.96
CA ASN A 84 -4.26 11.93 11.36
C ASN A 84 -4.69 10.94 12.45
N ARG A 85 -5.28 11.46 13.52
CA ARG A 85 -5.74 10.62 14.61
C ARG A 85 -4.59 9.80 15.20
N GLU A 86 -4.86 8.53 15.50
CA GLU A 86 -3.85 7.63 16.05
C GLU A 86 -4.10 6.20 15.60
N ASN A 87 -4.27 6.03 14.29
CA ASN A 87 -4.53 4.72 13.70
C ASN A 87 -4.40 4.79 12.18
N PHE A 88 -3.21 5.14 11.72
CA PHE A 88 -2.95 5.26 10.29
C PHE A 88 -2.78 3.89 9.65
N HIS A 89 -3.50 3.66 8.56
CA HIS A 89 -3.42 2.39 7.85
C HIS A 89 -2.48 2.49 6.66
N TYR A 90 -2.79 3.39 5.74
CA TYR A 90 -1.99 3.61 4.54
C TYR A 90 -2.70 4.57 3.60
N GLY A 91 -3.45 5.49 4.20
CA GLY A 91 -4.17 6.48 3.43
C GLY A 91 -4.56 7.67 4.27
N SER A 92 -3.76 8.73 4.19
CA SER A 92 -4.03 9.95 4.97
C SER A 92 -2.93 10.98 4.79
N VAL A 93 -3.35 12.21 4.56
CA VAL A 93 -2.45 13.33 4.37
C VAL A 93 -2.36 14.16 5.63
N VAL A 94 -1.25 14.89 5.79
CA VAL A 94 -1.06 15.73 6.96
C VAL A 94 -0.56 17.10 6.57
N THR A 95 -1.27 18.13 7.03
CA THR A 95 -0.90 19.51 6.73
C THR A 95 -0.30 20.19 7.96
N TYR A 96 0.99 20.45 7.92
CA TYR A 96 1.69 21.09 9.03
C TYR A 96 1.29 22.56 9.13
N ARG A 97 1.27 23.08 10.33
CA ARG A 97 0.90 24.48 10.57
C ARG A 97 1.74 25.09 11.68
N CYS A 98 2.40 24.25 12.45
CA CYS A 98 3.22 24.71 13.57
C CYS A 98 2.33 25.22 14.70
N ASN A 99 2.78 25.03 15.93
CA ASN A 99 2.01 25.46 17.11
C ASN A 99 1.81 26.97 17.13
N LEU A 100 2.06 27.57 18.30
CA LEU A 100 1.89 29.01 18.47
C LEU A 100 2.77 29.50 19.61
N GLY A 101 3.47 30.60 19.37
CA GLY A 101 4.36 31.15 20.38
C GLY A 101 3.65 32.03 21.39
N SER A 102 2.38 31.70 21.68
CA SER A 102 1.60 32.46 22.64
C SER A 102 0.30 31.76 22.98
N ARG A 103 -0.63 31.74 22.02
CA ARG A 103 -1.94 31.11 22.21
C ARG A 103 -2.66 30.95 20.88
N GLY A 104 -2.49 31.94 20.01
CA GLY A 104 -3.13 31.91 18.71
C GLY A 104 -2.37 32.71 17.67
N ARG A 105 -1.73 33.79 18.11
CA ARG A 105 -0.96 34.64 17.20
C ARG A 105 0.08 33.82 16.45
N LYS A 106 -0.01 33.82 15.13
CA LYS A 106 0.92 33.08 14.29
C LYS A 106 2.31 33.70 14.34
N VAL A 107 3.34 32.86 14.52
CA VAL A 107 4.71 33.34 14.59
C VAL A 107 5.67 32.32 14.00
N PHE A 108 5.31 31.06 14.09
CA PHE A 108 6.13 29.98 13.56
C PHE A 108 6.12 29.99 12.04
N GLU A 109 7.31 30.00 11.45
CA GLU A 109 7.44 30.02 10.00
C GLU A 109 7.71 28.61 9.48
N LEU A 110 6.89 28.17 8.53
CA LEU A 110 7.02 26.86 7.93
C LEU A 110 8.29 26.78 7.09
N VAL A 111 8.94 25.62 7.13
CA VAL A 111 10.15 25.41 6.35
C VAL A 111 10.11 24.06 5.64
N GLY A 112 10.13 24.11 4.32
CA GLY A 112 10.10 22.89 3.52
C GLY A 112 8.70 22.41 3.19
N GLU A 113 8.52 21.09 3.20
CA GLU A 113 7.23 20.48 2.87
C GLU A 113 6.14 20.88 3.85
N PRO A 114 5.04 21.46 3.36
CA PRO A 114 3.92 21.87 4.19
C PRO A 114 2.94 20.73 4.43
N SER A 115 3.02 19.69 3.60
CA SER A 115 2.13 18.54 3.72
C SER A 115 2.75 17.29 3.10
N ILE A 116 2.29 16.12 3.57
CA ILE A 116 2.79 14.84 3.04
C ILE A 116 1.71 13.77 3.14
N TYR A 117 2.11 12.50 3.05
CA TYR A 117 1.15 11.40 3.12
C TYR A 117 1.82 10.08 3.48
N CYS A 118 1.07 9.21 4.17
CA CYS A 118 1.58 7.91 4.56
C CYS A 118 1.94 7.07 3.33
N THR A 119 3.04 6.33 3.42
CA THR A 119 3.48 5.49 2.31
C THR A 119 4.13 4.20 2.83
N SER A 120 5.13 3.69 2.12
CA SER A 120 5.81 2.46 2.54
C SER A 120 7.12 2.27 1.78
N ASN A 121 8.09 1.65 2.45
CA ASN A 121 9.39 1.39 1.85
C ASN A 121 10.18 0.35 2.65
N ASP A 122 9.98 0.35 3.97
CA ASP A 122 10.67 -0.60 4.83
C ASP A 122 10.06 -2.00 4.68
N ASP A 123 9.91 -2.71 5.79
CA ASP A 123 9.34 -4.05 5.76
C ASP A 123 7.82 -4.01 5.98
N GLN A 124 7.39 -3.16 6.89
CA GLN A 124 5.97 -3.02 7.20
C GLN A 124 5.70 -1.71 7.94
N VAL A 125 6.75 -1.09 8.46
CA VAL A 125 6.61 0.16 9.17
C VAL A 125 5.98 1.23 8.29
N GLY A 126 6.21 1.10 7.00
CA GLY A 126 5.68 2.05 6.04
C GLY A 126 6.53 3.30 5.95
N ILE A 127 6.63 4.03 7.06
CA ILE A 127 7.43 5.25 7.13
C ILE A 127 6.95 6.30 6.13
N TRP A 128 6.78 7.53 6.61
CA TRP A 128 6.33 8.62 5.76
C TRP A 128 7.50 9.20 4.96
N SER A 129 7.25 9.48 3.68
CA SER A 129 8.28 10.02 2.81
C SER A 129 8.90 11.29 3.39
N GLY A 130 8.09 12.32 3.57
CA GLY A 130 8.60 13.57 4.10
C GLY A 130 8.94 13.47 5.58
N PRO A 131 10.21 13.75 5.96
CA PRO A 131 10.65 13.70 7.35
C PRO A 131 10.24 14.93 8.13
N ALA A 132 9.02 15.40 7.88
CA ALA A 132 8.48 16.57 8.55
C ALA A 132 9.30 17.82 8.25
N PRO A 133 8.62 18.94 7.93
CA PRO A 133 9.30 20.21 7.62
C PRO A 133 10.06 20.78 8.82
N GLN A 134 9.97 22.09 9.02
CA GLN A 134 10.64 22.75 10.13
C GLN A 134 9.89 24.00 10.56
N CYS A 135 9.61 24.10 11.85
CA CYS A 135 8.91 25.25 12.40
C CYS A 135 9.89 26.18 13.11
N ILE A 136 10.22 27.29 12.46
CA ILE A 136 11.15 28.26 13.03
C ILE A 136 10.85 29.68 12.53
N GLU A 1 -13.24 -25.39 -30.11
CA GLU A 1 -13.55 -26.26 -28.94
C GLU A 1 -12.96 -27.65 -29.12
N ALA A 2 -12.32 -28.16 -28.08
CA ALA A 2 -11.70 -29.48 -28.12
C ALA A 2 -11.14 -29.87 -26.75
N GLU A 3 -11.96 -29.69 -25.72
CA GLU A 3 -11.54 -30.02 -24.36
C GLU A 3 -10.24 -29.30 -24.01
N ALA A 4 -10.16 -28.03 -24.40
CA ALA A 4 -8.97 -27.23 -24.13
C ALA A 4 -8.87 -26.88 -22.65
N LYS A 5 -10.00 -26.51 -22.06
CA LYS A 5 -10.07 -26.15 -20.65
C LYS A 5 -9.24 -24.90 -20.37
N SER A 6 -9.74 -24.07 -19.46
CA SER A 6 -9.05 -22.83 -19.10
C SER A 6 -9.47 -22.34 -17.73
N CYS A 7 -8.54 -21.72 -17.01
CA CYS A 7 -8.82 -21.20 -15.68
C CYS A 7 -9.55 -19.87 -15.76
N LYS A 8 -10.34 -19.56 -14.75
CA LYS A 8 -11.10 -18.31 -14.72
C LYS A 8 -10.15 -17.11 -14.69
N THR A 9 -10.43 -16.13 -15.53
CA THR A 9 -9.60 -14.92 -15.61
C THR A 9 -9.81 -14.01 -14.41
N PRO A 10 -8.72 -13.65 -13.71
CA PRO A 10 -8.80 -12.77 -12.55
C PRO A 10 -8.90 -11.31 -12.99
N PRO A 11 -10.05 -10.66 -12.72
CA PRO A 11 -10.27 -9.26 -13.10
C PRO A 11 -9.04 -8.40 -12.83
N ASP A 12 -8.49 -8.53 -11.61
CA ASP A 12 -7.31 -7.78 -11.21
C ASP A 12 -7.00 -8.03 -9.74
N PRO A 13 -5.76 -8.43 -9.42
CA PRO A 13 -5.35 -8.69 -8.03
C PRO A 13 -5.61 -7.51 -7.12
N VAL A 14 -5.84 -7.80 -5.85
CA VAL A 14 -6.12 -6.76 -4.87
C VAL A 14 -5.12 -5.61 -4.97
N ASN A 15 -5.54 -4.55 -5.64
CA ASN A 15 -4.70 -3.36 -5.85
C ASN A 15 -3.61 -3.59 -6.89
N GLY A 16 -2.97 -4.75 -6.82
CA GLY A 16 -1.91 -5.08 -7.75
C GLY A 16 -2.41 -5.30 -9.17
N MET A 17 -1.76 -6.23 -9.87
CA MET A 17 -2.14 -6.55 -11.25
C MET A 17 -1.63 -7.94 -11.63
N VAL A 18 -2.46 -8.70 -12.36
CA VAL A 18 -2.08 -10.04 -12.79
C VAL A 18 -1.43 -10.01 -14.16
N HIS A 19 -0.43 -10.87 -14.35
CA HIS A 19 0.27 -10.95 -15.62
C HIS A 19 -0.12 -12.22 -16.35
N VAL A 20 -1.13 -12.11 -17.23
CA VAL A 20 -1.61 -13.24 -18.00
C VAL A 20 -0.53 -13.73 -18.95
N ILE A 21 0.10 -12.78 -19.62
CA ILE A 21 1.18 -13.08 -20.55
C ILE A 21 0.68 -13.95 -21.70
N THR A 22 0.96 -15.25 -21.63
CA THR A 22 0.52 -16.17 -22.67
C THR A 22 -0.98 -16.29 -22.68
N ASP A 23 -1.54 -16.75 -21.56
CA ASP A 23 -2.97 -16.92 -21.41
C ASP A 23 -3.32 -17.28 -19.97
N ILE A 24 -4.30 -18.16 -19.78
CA ILE A 24 -4.70 -18.59 -18.45
C ILE A 24 -5.29 -20.00 -18.49
N GLN A 25 -4.96 -20.73 -19.55
CA GLN A 25 -5.44 -22.09 -19.72
C GLN A 25 -4.47 -23.06 -19.04
N VAL A 26 -4.47 -24.31 -19.46
CA VAL A 26 -3.57 -25.30 -18.88
C VAL A 26 -2.16 -24.75 -18.78
N GLY A 27 -1.49 -25.07 -17.67
CA GLY A 27 -0.14 -24.59 -17.46
C GLY A 27 -0.10 -23.12 -17.10
N SER A 28 -0.24 -22.27 -18.12
CA SER A 28 -0.24 -20.80 -17.95
C SER A 28 0.40 -20.36 -16.65
N ARG A 29 1.59 -19.79 -16.76
CA ARG A 29 2.30 -19.30 -15.58
C ARG A 29 2.12 -17.80 -15.41
N ILE A 30 0.95 -17.38 -14.93
CA ILE A 30 0.69 -15.96 -14.75
C ILE A 30 1.33 -15.46 -13.46
N THR A 31 1.94 -14.28 -13.52
CA THR A 31 2.61 -13.72 -12.35
C THR A 31 1.85 -12.52 -11.77
N TYR A 32 1.63 -12.55 -10.46
CA TYR A 32 0.93 -11.47 -9.77
C TYR A 32 1.93 -10.51 -9.12
N SER A 33 1.59 -9.24 -9.06
CA SER A 33 2.46 -8.24 -8.46
C SER A 33 1.66 -7.07 -7.89
N CYS A 34 1.91 -6.74 -6.63
CA CYS A 34 1.20 -5.65 -5.97
C CYS A 34 1.90 -4.31 -6.21
N THR A 35 2.07 -3.53 -5.15
CA THR A 35 2.72 -2.23 -5.24
C THR A 35 3.07 -1.67 -3.87
N THR A 36 3.94 -0.69 -3.87
CA THR A 36 4.38 -0.03 -2.65
C THR A 36 3.18 0.47 -1.83
N GLY A 37 3.10 0.02 -0.58
CA GLY A 37 2.01 0.45 0.28
C GLY A 37 1.33 -0.70 0.99
N HIS A 38 1.31 -1.87 0.37
CA HIS A 38 0.67 -3.04 0.96
C HIS A 38 1.48 -4.31 0.72
N ARG A 39 1.52 -5.18 1.71
CA ARG A 39 2.27 -6.42 1.61
C ARG A 39 1.44 -7.47 0.86
N LEU A 40 1.97 -7.95 -0.25
CA LEU A 40 1.27 -8.95 -1.06
C LEU A 40 1.16 -10.28 -0.32
N ILE A 41 -0.07 -10.75 -0.17
CA ILE A 41 -0.35 -12.01 0.49
C ILE A 41 -0.47 -13.13 -0.55
N GLY A 42 -0.09 -14.34 -0.14
CA GLY A 42 -0.14 -15.47 -1.07
C GLY A 42 1.02 -15.42 -2.04
N HIS A 43 1.12 -16.42 -2.90
CA HIS A 43 2.19 -16.48 -3.88
C HIS A 43 1.97 -15.48 -5.01
N SER A 44 3.01 -14.71 -5.33
CA SER A 44 2.93 -13.71 -6.39
C SER A 44 2.97 -14.38 -7.77
N SER A 45 2.49 -15.60 -7.85
CA SER A 45 2.48 -16.35 -9.10
C SER A 45 1.50 -17.52 -9.03
N ALA A 46 0.94 -17.91 -10.17
CA ALA A 46 0.00 -19.01 -10.21
C ALA A 46 -0.03 -19.68 -11.58
N GLU A 47 0.24 -20.98 -11.59
CA GLU A 47 0.23 -21.78 -12.81
C GLU A 47 -1.00 -22.68 -12.85
N CYS A 48 -1.66 -22.75 -14.00
CA CYS A 48 -2.83 -23.57 -14.14
C CYS A 48 -2.48 -25.05 -14.13
N ILE A 49 -3.15 -25.79 -13.26
CA ILE A 49 -2.94 -27.22 -13.16
C ILE A 49 -4.28 -27.93 -13.02
N LEU A 50 -4.37 -29.14 -13.56
CA LEU A 50 -5.60 -29.90 -13.53
C LEU A 50 -5.71 -30.71 -12.23
N SER A 51 -6.82 -30.54 -11.53
CA SER A 51 -7.07 -31.27 -10.28
C SER A 51 -7.77 -32.59 -10.54
N GLY A 52 -8.75 -32.57 -11.44
CA GLY A 52 -9.49 -33.76 -11.78
C GLY A 52 -10.26 -33.63 -13.07
N ASN A 53 -10.79 -32.42 -13.32
CA ASN A 53 -11.54 -32.17 -14.54
C ASN A 53 -11.40 -30.70 -14.97
N THR A 54 -11.63 -29.79 -14.03
CA THR A 54 -11.55 -28.36 -14.31
C THR A 54 -10.19 -27.78 -13.90
N ALA A 55 -9.64 -26.92 -14.75
CA ALA A 55 -8.35 -26.29 -14.48
C ALA A 55 -8.50 -25.20 -13.43
N HIS A 56 -7.52 -25.10 -12.53
CA HIS A 56 -7.57 -24.08 -11.47
C HIS A 56 -6.15 -23.68 -11.08
N TRP A 57 -6.01 -22.45 -10.58
CA TRP A 57 -4.70 -21.93 -10.19
C TRP A 57 -4.16 -22.67 -8.97
N SER A 58 -2.91 -23.09 -9.06
CA SER A 58 -2.24 -23.81 -7.98
C SER A 58 -2.33 -23.07 -6.65
N THR A 59 -2.55 -21.76 -6.69
CA THR A 59 -2.63 -20.96 -5.48
C THR A 59 -3.78 -19.97 -5.51
N LYS A 60 -4.44 -19.79 -4.36
CA LYS A 60 -5.55 -18.86 -4.24
C LYS A 60 -5.15 -17.46 -4.70
N PRO A 61 -6.10 -16.69 -5.24
CA PRO A 61 -5.83 -15.34 -5.74
C PRO A 61 -5.15 -14.46 -4.68
N PRO A 62 -3.94 -13.96 -5.00
CA PRO A 62 -3.18 -13.11 -4.08
C PRO A 62 -3.98 -11.89 -3.62
N ILE A 63 -3.65 -11.41 -2.43
CA ILE A 63 -4.33 -10.26 -1.85
C ILE A 63 -3.36 -9.38 -1.09
N CYS A 64 -3.39 -8.07 -1.34
CA CYS A 64 -2.48 -7.16 -0.67
C CYS A 64 -3.05 -6.70 0.67
N GLN A 65 -2.37 -7.13 1.75
CA GLN A 65 -2.78 -6.77 3.10
C GLN A 65 -2.23 -5.41 3.49
N ARG A 66 -3.11 -4.54 3.98
CA ARG A 66 -2.72 -3.19 4.40
C ARG A 66 -1.93 -3.21 5.71
N ILE A 67 -0.83 -2.46 5.74
CA ILE A 67 0.02 -2.38 6.92
C ILE A 67 -0.25 -1.11 7.72
N PRO A 68 -0.43 -1.23 9.04
CA PRO A 68 -0.68 -0.07 9.91
C PRO A 68 0.58 0.75 10.13
N CYS A 69 0.58 1.99 9.64
CA CYS A 69 1.73 2.87 9.78
C CYS A 69 1.65 3.68 11.07
N GLY A 70 2.81 4.01 11.63
CA GLY A 70 2.86 4.80 12.84
C GLY A 70 2.58 6.26 12.54
N LEU A 71 1.99 6.97 13.49
CA LEU A 71 1.68 8.39 13.30
C LEU A 71 2.90 9.17 12.84
N PRO A 72 2.69 10.13 11.92
CA PRO A 72 3.77 10.96 11.40
C PRO A 72 4.46 11.74 12.52
N PRO A 73 5.78 11.95 12.42
CA PRO A 73 6.54 12.68 13.45
C PRO A 73 5.83 13.96 13.88
N THR A 74 5.77 14.19 15.19
CA THR A 74 5.11 15.36 15.74
C THR A 74 5.98 16.60 15.59
N ILE A 75 5.43 17.65 14.98
CA ILE A 75 6.16 18.89 14.79
C ILE A 75 5.96 19.84 15.98
N ALA A 76 7.05 20.09 16.69
CA ALA A 76 7.02 20.98 17.85
C ALA A 76 6.59 22.39 17.44
N ASN A 77 5.78 23.03 18.28
CA ASN A 77 5.30 24.38 18.01
C ASN A 77 4.56 24.43 16.67
N GLY A 78 3.84 23.36 16.36
CA GLY A 78 3.09 23.32 15.12
C GLY A 78 2.12 22.14 15.07
N ASP A 79 0.87 22.42 14.70
CA ASP A 79 -0.14 21.39 14.62
C ASP A 79 0.04 20.54 13.36
N PHE A 80 -1.07 20.05 12.82
CA PHE A 80 -1.03 19.22 11.62
C PHE A 80 -2.37 19.30 10.89
N ILE A 81 -2.31 19.33 9.57
CA ILE A 81 -3.52 19.40 8.75
C ILE A 81 -4.04 17.99 8.46
N SER A 82 -5.35 17.89 8.20
CA SER A 82 -5.98 16.60 7.93
C SER A 82 -6.12 15.80 9.22
N THR A 83 -7.27 15.15 9.39
CA THR A 83 -7.51 14.35 10.59
C THR A 83 -6.35 13.40 10.86
N ASN A 84 -6.11 12.49 9.91
CA ASN A 84 -5.02 11.52 10.02
C ASN A 84 -4.78 11.11 11.48
N ARG A 85 -5.87 10.86 12.19
CA ARG A 85 -5.80 10.50 13.60
C ARG A 85 -5.38 9.04 13.79
N GLU A 86 -5.64 8.50 14.98
CA GLU A 86 -5.27 7.13 15.30
C GLU A 86 -6.23 6.12 14.65
N ASN A 87 -6.17 6.04 13.33
CA ASN A 87 -7.02 5.11 12.57
C ASN A 87 -6.57 5.06 11.12
N PHE A 88 -5.31 5.42 10.90
CA PHE A 88 -4.72 5.43 9.57
C PHE A 88 -4.03 4.12 9.23
N HIS A 89 -4.32 3.59 8.04
CA HIS A 89 -3.69 2.36 7.58
C HIS A 89 -2.35 2.72 6.95
N TYR A 90 -2.20 2.52 5.64
CA TYR A 90 -0.95 2.88 4.94
C TYR A 90 -0.60 4.35 5.15
N GLY A 91 -0.19 4.69 6.36
CA GLY A 91 0.17 6.06 6.68
C GLY A 91 -0.81 7.06 6.12
N SER A 92 -0.35 7.75 5.07
CA SER A 92 -1.12 8.78 4.36
C SER A 92 -0.25 10.00 4.11
N VAL A 93 -0.85 11.19 4.22
CA VAL A 93 -0.13 12.44 4.02
C VAL A 93 -0.71 13.54 4.88
N VAL A 94 0.16 14.39 5.41
CA VAL A 94 -0.28 15.50 6.27
C VAL A 94 0.53 16.76 5.99
N THR A 95 -0.16 17.90 5.93
CA THR A 95 0.48 19.17 5.66
C THR A 95 0.86 19.87 6.97
N TYR A 96 2.12 20.23 7.10
CA TYR A 96 2.62 20.91 8.29
C TYR A 96 2.12 22.35 8.35
N ARG A 97 2.07 22.91 9.55
CA ARG A 97 1.64 24.28 9.76
C ARG A 97 2.42 24.91 10.91
N CYS A 98 1.77 25.79 11.67
CA CYS A 98 2.45 26.45 12.78
C CYS A 98 1.45 26.90 13.86
N ASN A 99 1.90 26.84 15.12
CA ASN A 99 1.06 27.24 16.25
C ASN A 99 0.55 28.66 16.09
N LEU A 100 -0.62 28.92 16.67
CA LEU A 100 -1.25 30.24 16.59
C LEU A 100 -0.48 31.26 17.42
N GLY A 101 -1.21 32.24 17.95
CA GLY A 101 -0.61 33.28 18.75
C GLY A 101 -1.50 33.71 19.90
N SER A 102 -2.81 33.58 19.68
CA SER A 102 -3.79 33.96 20.70
C SER A 102 -4.99 33.02 20.65
N ARG A 103 -5.31 32.51 19.46
CA ARG A 103 -6.44 31.62 19.31
C ARG A 103 -6.41 30.94 17.94
N GLY A 104 -6.11 31.72 16.91
CA GLY A 104 -6.07 31.17 15.56
C GLY A 104 -5.38 32.09 14.57
N ARG A 105 -4.31 32.74 15.01
CA ARG A 105 -3.56 33.65 14.15
C ARG A 105 -2.61 32.86 13.25
N LYS A 106 -1.47 33.46 12.94
CA LYS A 106 -0.47 32.81 12.10
C LYS A 106 0.81 33.65 12.02
N VAL A 107 1.51 33.76 13.15
CA VAL A 107 2.73 34.55 13.20
C VAL A 107 3.93 33.73 12.75
N PHE A 108 3.93 32.46 13.13
CA PHE A 108 5.01 31.55 12.75
C PHE A 108 4.90 31.19 11.28
N GLU A 109 6.05 30.96 10.63
CA GLU A 109 6.05 30.62 9.22
C GLU A 109 6.77 29.30 8.96
N LEU A 110 6.06 28.33 8.39
CA LEU A 110 6.61 27.02 8.08
C LEU A 110 7.65 27.11 6.97
N VAL A 111 8.70 26.31 7.06
CA VAL A 111 9.75 26.32 6.05
C VAL A 111 10.20 24.90 5.70
N GLY A 112 10.12 24.56 4.41
CA GLY A 112 10.52 23.25 3.94
C GLY A 112 9.58 22.14 4.35
N GLU A 113 9.62 21.04 3.60
CA GLU A 113 8.80 19.85 3.84
C GLU A 113 7.45 20.19 4.51
N PRO A 114 6.57 20.90 3.80
CA PRO A 114 5.26 21.25 4.33
C PRO A 114 4.26 20.09 4.23
N SER A 115 4.76 18.93 3.83
CA SER A 115 3.92 17.74 3.69
C SER A 115 4.76 16.47 3.79
N ILE A 116 4.16 15.39 4.29
CA ILE A 116 4.86 14.12 4.42
C ILE A 116 3.95 12.95 4.08
N TYR A 117 4.55 11.79 3.87
CA TYR A 117 3.79 10.59 3.54
C TYR A 117 4.51 9.33 4.00
N CYS A 118 3.74 8.39 4.55
CA CYS A 118 4.31 7.13 5.04
C CYS A 118 4.65 6.19 3.89
N THR A 119 5.85 5.61 3.94
CA THR A 119 6.29 4.68 2.91
C THR A 119 5.91 3.24 3.27
N SER A 120 5.94 2.93 4.55
CA SER A 120 5.60 1.60 5.07
C SER A 120 6.55 0.54 4.53
N ASN A 121 7.00 -0.34 5.42
CA ASN A 121 7.91 -1.42 5.06
C ASN A 121 8.15 -2.34 6.26
N ASP A 122 9.40 -2.73 6.47
CA ASP A 122 9.76 -3.61 7.59
C ASP A 122 8.87 -4.86 7.58
N ASP A 123 8.42 -5.27 8.76
CA ASP A 123 7.55 -6.44 8.87
C ASP A 123 6.09 -6.03 8.83
N GLN A 124 5.74 -5.03 9.64
CA GLN A 124 4.37 -4.52 9.71
C GLN A 124 4.27 -3.39 10.72
N VAL A 125 5.37 -2.65 10.87
CA VAL A 125 5.42 -1.53 11.81
C VAL A 125 4.91 -0.25 11.17
N GLY A 126 5.37 0.01 9.96
CA GLY A 126 4.98 1.21 9.24
C GLY A 126 5.52 2.47 9.90
N ILE A 127 6.24 3.27 9.12
CA ILE A 127 6.82 4.52 9.62
C ILE A 127 7.01 5.52 8.47
N TRP A 128 6.68 6.78 8.74
CA TRP A 128 6.82 7.83 7.73
C TRP A 128 8.28 8.14 7.48
N SER A 129 8.68 8.10 6.20
CA SER A 129 10.05 8.38 5.81
C SER A 129 10.36 9.86 5.97
N GLY A 130 9.41 10.70 5.62
CA GLY A 130 9.60 12.14 5.72
C GLY A 130 9.84 12.62 7.13
N PRO A 131 10.98 13.30 7.38
CA PRO A 131 11.34 13.82 8.70
C PRO A 131 10.40 14.95 9.14
N ALA A 132 10.98 16.10 9.40
CA ALA A 132 10.23 17.28 9.83
C ALA A 132 11.05 18.54 9.61
N PRO A 133 10.45 19.55 8.95
CA PRO A 133 11.13 20.82 8.64
C PRO A 133 11.29 21.73 9.86
N GLN A 134 11.11 23.03 9.64
CA GLN A 134 11.24 24.01 10.71
C GLN A 134 10.40 25.25 10.45
N CYS A 135 9.57 25.62 11.44
CA CYS A 135 8.72 26.80 11.32
C CYS A 135 9.30 27.95 12.13
N ILE A 136 9.53 29.07 11.46
CA ILE A 136 10.09 30.26 12.12
C ILE A 136 9.63 31.54 11.42
N GLU A 1 -15.45 -31.78 -23.37
CA GLU A 1 -16.03 -31.92 -22.01
C GLU A 1 -14.98 -32.40 -21.01
N ALA A 2 -13.83 -31.74 -21.00
CA ALA A 2 -12.74 -32.10 -20.10
C ALA A 2 -11.65 -31.03 -20.09
N GLU A 3 -11.36 -30.49 -21.27
CA GLU A 3 -10.34 -29.44 -21.44
C GLU A 3 -9.10 -29.74 -20.61
N ALA A 4 -8.75 -31.02 -20.54
CA ALA A 4 -7.57 -31.47 -19.79
C ALA A 4 -7.40 -30.73 -18.46
N LYS A 5 -8.52 -30.48 -17.79
CA LYS A 5 -8.51 -29.79 -16.49
C LYS A 5 -7.93 -28.38 -16.61
N SER A 6 -8.68 -27.38 -16.17
CA SER A 6 -8.23 -26.00 -16.23
C SER A 6 -8.95 -25.12 -15.21
N CYS A 7 -8.19 -24.28 -14.51
CA CYS A 7 -8.76 -23.37 -13.52
C CYS A 7 -9.26 -22.09 -14.21
N LYS A 8 -10.30 -21.50 -13.65
CA LYS A 8 -10.87 -20.28 -14.23
C LYS A 8 -9.87 -19.13 -14.19
N THR A 9 -9.86 -18.35 -15.26
CA THR A 9 -8.96 -17.21 -15.36
C THR A 9 -9.25 -16.20 -14.25
N PRO A 10 -8.23 -15.83 -13.46
CA PRO A 10 -8.40 -14.88 -12.35
C PRO A 10 -8.75 -13.48 -12.84
N PRO A 11 -9.90 -12.94 -12.40
CA PRO A 11 -10.34 -11.59 -12.79
C PRO A 11 -9.46 -10.52 -12.17
N ASP A 12 -9.05 -9.54 -12.97
CA ASP A 12 -8.19 -8.46 -12.50
C ASP A 12 -8.80 -7.80 -11.26
N PRO A 13 -8.18 -8.02 -10.08
CA PRO A 13 -8.65 -7.46 -8.83
C PRO A 13 -8.09 -6.07 -8.56
N VAL A 14 -7.99 -5.73 -7.28
CA VAL A 14 -7.46 -4.44 -6.85
C VAL A 14 -6.12 -4.14 -7.52
N ASN A 15 -6.19 -3.50 -8.70
CA ASN A 15 -4.99 -3.15 -9.45
C ASN A 15 -4.01 -4.33 -9.51
N GLY A 16 -4.55 -5.54 -9.56
CA GLY A 16 -3.72 -6.73 -9.62
C GLY A 16 -3.12 -6.96 -10.99
N MET A 17 -3.97 -7.06 -11.99
CA MET A 17 -3.54 -7.29 -13.37
C MET A 17 -2.78 -8.60 -13.51
N VAL A 18 -3.49 -9.64 -13.94
CA VAL A 18 -2.88 -10.95 -14.12
C VAL A 18 -2.41 -11.12 -15.56
N HIS A 19 -1.29 -11.80 -15.74
CA HIS A 19 -0.75 -12.01 -17.07
C HIS A 19 -0.61 -13.50 -17.34
N VAL A 20 -1.43 -14.00 -18.27
CA VAL A 20 -1.38 -15.42 -18.63
C VAL A 20 -0.08 -15.72 -19.34
N ILE A 21 0.87 -16.28 -18.60
CA ILE A 21 2.18 -16.62 -19.14
C ILE A 21 2.09 -17.87 -20.00
N THR A 22 2.29 -19.03 -19.41
CA THR A 22 2.19 -20.28 -20.14
C THR A 22 0.76 -20.50 -20.63
N ASP A 23 -0.16 -20.57 -19.68
CA ASP A 23 -1.57 -20.75 -19.97
C ASP A 23 -2.38 -20.49 -18.70
N ILE A 24 -3.26 -21.41 -18.35
CA ILE A 24 -4.07 -21.29 -17.14
C ILE A 24 -4.49 -22.66 -16.65
N GLN A 25 -4.47 -23.64 -17.55
CA GLN A 25 -4.83 -24.99 -17.20
C GLN A 25 -3.73 -25.63 -16.36
N VAL A 26 -3.77 -26.95 -16.23
CA VAL A 26 -2.78 -27.69 -15.46
C VAL A 26 -1.35 -27.26 -15.76
N GLY A 27 -0.55 -27.10 -14.71
CA GLY A 27 0.86 -26.74 -14.87
C GLY A 27 1.08 -25.34 -15.44
N SER A 28 0.03 -24.54 -15.51
CA SER A 28 0.14 -23.19 -16.03
C SER A 28 0.77 -22.26 -15.00
N ARG A 29 1.10 -21.05 -15.43
CA ARG A 29 1.71 -20.06 -14.56
C ARG A 29 1.34 -18.66 -15.01
N ILE A 30 1.03 -17.78 -14.05
CA ILE A 30 0.64 -16.40 -14.37
C ILE A 30 1.19 -15.42 -13.34
N THR A 31 1.01 -14.12 -13.61
CA THR A 31 1.50 -13.08 -12.71
C THR A 31 0.47 -11.97 -12.51
N TYR A 32 0.13 -11.70 -11.25
CA TYR A 32 -0.85 -10.67 -10.91
C TYR A 32 -0.20 -9.29 -10.78
N SER A 33 0.63 -8.94 -11.76
CA SER A 33 1.33 -7.66 -11.84
C SER A 33 1.66 -7.02 -10.47
N CYS A 34 0.65 -6.40 -9.85
CA CYS A 34 0.82 -5.70 -8.59
C CYS A 34 1.70 -4.46 -8.81
N THR A 35 1.13 -3.47 -9.50
CA THR A 35 1.86 -2.24 -9.83
C THR A 35 2.34 -1.46 -8.62
N THR A 36 3.39 -0.69 -8.87
CA THR A 36 4.03 0.17 -7.89
C THR A 36 4.11 -0.45 -6.49
N GLY A 37 4.22 0.41 -5.46
CA GLY A 37 4.32 -0.06 -4.09
C GLY A 37 3.00 -0.45 -3.47
N HIS A 38 2.23 -1.27 -4.16
CA HIS A 38 0.94 -1.73 -3.65
C HIS A 38 1.12 -2.90 -2.70
N ARG A 39 0.22 -3.01 -1.73
CA ARG A 39 0.27 -4.09 -0.76
C ARG A 39 -0.32 -5.36 -1.36
N LEU A 40 0.55 -6.18 -1.95
CA LEU A 40 0.11 -7.41 -2.57
C LEU A 40 -0.20 -8.49 -1.55
N ILE A 41 -1.42 -9.01 -1.64
CA ILE A 41 -1.88 -10.07 -0.76
C ILE A 41 -1.74 -11.40 -1.49
N GLY A 42 -1.26 -12.42 -0.77
CA GLY A 42 -1.06 -13.72 -1.40
C GLY A 42 0.20 -13.73 -2.26
N HIS A 43 0.04 -13.97 -3.56
CA HIS A 43 1.18 -14.01 -4.49
C HIS A 43 0.77 -13.56 -5.89
N SER A 44 1.55 -12.64 -6.47
CA SER A 44 1.27 -12.16 -7.82
C SER A 44 1.79 -13.17 -8.85
N SER A 45 1.70 -14.43 -8.48
CA SER A 45 2.14 -15.53 -9.33
C SER A 45 1.51 -16.83 -8.82
N ALA A 46 1.06 -17.67 -9.74
CA ALA A 46 0.43 -18.91 -9.32
C ALA A 46 0.39 -19.95 -10.43
N GLU A 47 0.61 -21.19 -10.04
CA GLU A 47 0.59 -22.32 -10.97
C GLU A 47 -0.71 -23.11 -10.76
N CYS A 48 -1.38 -23.42 -11.86
CA CYS A 48 -2.64 -24.16 -11.78
C CYS A 48 -2.40 -25.61 -11.37
N ILE A 49 -2.31 -25.83 -10.06
CA ILE A 49 -2.09 -27.17 -9.52
C ILE A 49 -3.40 -27.92 -9.33
N LEU A 50 -3.32 -29.25 -9.28
CA LEU A 50 -4.49 -30.09 -9.09
C LEU A 50 -4.69 -30.46 -7.64
N SER A 51 -5.93 -30.37 -7.19
CA SER A 51 -6.29 -30.71 -5.81
C SER A 51 -7.80 -30.95 -5.69
N GLY A 52 -8.16 -32.05 -5.06
CA GLY A 52 -9.57 -32.38 -4.91
C GLY A 52 -10.28 -32.48 -6.24
N ASN A 53 -9.59 -33.06 -7.23
CA ASN A 53 -10.15 -33.22 -8.57
C ASN A 53 -10.58 -31.89 -9.16
N THR A 54 -9.83 -30.84 -8.88
CA THR A 54 -10.13 -29.51 -9.40
C THR A 54 -8.88 -28.67 -9.57
N ALA A 55 -8.72 -28.08 -10.74
CA ALA A 55 -7.57 -27.23 -11.02
C ALA A 55 -7.75 -25.87 -10.34
N HIS A 56 -6.68 -25.37 -9.74
CA HIS A 56 -6.75 -24.08 -9.04
C HIS A 56 -5.36 -23.53 -8.79
N TRP A 57 -5.27 -22.22 -8.62
CA TRP A 57 -4.00 -21.56 -8.38
C TRP A 57 -3.54 -21.81 -6.96
N SER A 58 -2.39 -22.45 -6.84
CA SER A 58 -1.80 -22.81 -5.56
C SER A 58 -1.67 -21.62 -4.60
N THR A 59 -1.65 -20.40 -5.13
CA THR A 59 -1.50 -19.23 -4.27
C THR A 59 -2.80 -18.45 -4.08
N LYS A 60 -3.94 -19.11 -4.31
CA LYS A 60 -5.26 -18.50 -4.16
C LYS A 60 -5.35 -17.11 -4.81
N PRO A 61 -6.57 -16.58 -5.01
CA PRO A 61 -6.77 -15.27 -5.63
C PRO A 61 -6.12 -14.14 -4.82
N PRO A 62 -4.99 -13.59 -5.30
CA PRO A 62 -4.27 -12.52 -4.63
C PRO A 62 -4.88 -11.15 -4.91
N ILE A 63 -4.46 -10.14 -4.15
CA ILE A 63 -4.97 -8.78 -4.32
C ILE A 63 -3.91 -7.75 -3.96
N CYS A 64 -3.52 -6.94 -4.94
CA CYS A 64 -2.52 -5.89 -4.73
C CYS A 64 -3.18 -4.62 -4.22
N GLN A 65 -3.60 -4.63 -2.95
CA GLN A 65 -4.27 -3.47 -2.37
C GLN A 65 -3.30 -2.33 -2.12
N ARG A 66 -3.74 -1.34 -1.35
CA ARG A 66 -2.92 -0.17 -1.05
C ARG A 66 -2.22 -0.31 0.30
N ILE A 67 -0.93 0.04 0.34
CA ILE A 67 -0.15 -0.04 1.57
C ILE A 67 -0.44 1.13 2.50
N PRO A 68 -1.17 0.90 3.60
CA PRO A 68 -1.49 1.95 4.56
C PRO A 68 -0.25 2.44 5.30
N CYS A 69 -0.10 3.75 5.45
CA CYS A 69 1.05 4.31 6.15
C CYS A 69 0.78 4.41 7.64
N GLY A 70 1.82 4.18 8.45
CA GLY A 70 1.67 4.25 9.89
C GLY A 70 1.60 5.68 10.39
N LEU A 71 1.35 5.86 11.69
CA LEU A 71 1.26 7.19 12.27
C LEU A 71 2.51 8.00 11.96
N PRO A 72 2.37 9.34 11.85
CA PRO A 72 3.48 10.24 11.56
C PRO A 72 4.59 10.15 12.61
N PRO A 73 5.72 10.85 12.36
CA PRO A 73 6.86 10.86 13.29
C PRO A 73 6.55 11.57 14.60
N THR A 74 5.33 12.07 14.69
CA THR A 74 4.86 12.79 15.88
C THR A 74 5.76 13.96 16.23
N ILE A 75 5.16 15.04 16.74
CA ILE A 75 5.92 16.23 17.12
C ILE A 75 5.24 16.99 18.26
N ALA A 76 5.89 16.98 19.43
CA ALA A 76 5.38 17.65 20.60
C ALA A 76 5.36 19.17 20.44
N ASN A 77 4.48 19.82 21.20
CA ASN A 77 4.34 21.29 21.17
C ASN A 77 3.60 21.75 19.92
N GLY A 78 3.90 21.14 18.80
CA GLY A 78 3.25 21.51 17.56
C GLY A 78 1.79 21.11 17.50
N ASP A 79 1.28 20.98 16.29
CA ASP A 79 -0.11 20.59 16.06
C ASP A 79 -0.28 20.05 14.65
N PHE A 80 -1.01 18.95 14.51
CA PHE A 80 -1.23 18.35 13.21
C PHE A 80 -2.40 19.02 12.50
N ILE A 81 -2.32 19.07 11.17
CA ILE A 81 -3.38 19.70 10.37
C ILE A 81 -3.97 18.71 9.36
N SER A 82 -5.26 18.88 9.06
CA SER A 82 -5.97 18.03 8.11
C SER A 82 -6.32 16.67 8.72
N THR A 83 -6.11 15.60 7.95
CA THR A 83 -6.40 14.25 8.40
C THR A 83 -5.13 13.54 8.84
N ASN A 84 -5.16 12.94 10.03
CA ASN A 84 -4.00 12.22 10.56
C ASN A 84 -4.30 11.62 11.93
N ARG A 85 -5.17 10.62 11.96
CA ARG A 85 -5.51 9.96 13.23
C ARG A 85 -6.33 8.70 13.02
N GLU A 86 -5.67 7.55 13.21
CA GLU A 86 -6.30 6.23 13.09
C GLU A 86 -6.69 5.87 11.65
N ASN A 87 -7.42 6.76 10.98
CA ASN A 87 -7.86 6.51 9.61
C ASN A 87 -6.70 6.57 8.61
N PHE A 88 -5.64 5.82 8.87
CA PHE A 88 -4.49 5.81 7.98
C PHE A 88 -4.59 4.78 6.86
N HIS A 89 -3.99 5.11 5.74
CA HIS A 89 -3.97 4.28 4.55
C HIS A 89 -2.93 4.84 3.60
N TYR A 90 -2.73 4.21 2.44
CA TYR A 90 -1.74 4.68 1.47
C TYR A 90 -2.11 6.04 0.88
N GLY A 91 -2.78 6.88 1.66
CA GLY A 91 -3.17 8.19 1.19
C GLY A 91 -3.50 9.13 2.31
N SER A 92 -2.58 10.05 2.60
CA SER A 92 -2.79 11.04 3.66
C SER A 92 -1.58 11.94 3.83
N VAL A 93 -1.86 13.19 4.18
CA VAL A 93 -0.81 14.19 4.37
C VAL A 93 -1.13 15.02 5.61
N VAL A 94 -0.11 15.45 6.33
CA VAL A 94 -0.33 16.24 7.54
C VAL A 94 0.64 17.41 7.65
N THR A 95 0.10 18.58 7.97
CA THR A 95 0.90 19.79 8.11
C THR A 95 1.12 20.10 9.59
N TYR A 96 2.35 20.42 9.96
CA TYR A 96 2.68 20.73 11.34
C TYR A 96 2.07 22.08 11.73
N ARG A 97 2.50 22.64 12.86
CA ARG A 97 1.97 23.93 13.32
C ARG A 97 2.90 24.61 14.32
N CYS A 98 3.45 23.83 15.25
CA CYS A 98 4.34 24.38 16.28
C CYS A 98 3.55 25.25 17.26
N ASN A 99 3.58 24.89 18.55
CA ASN A 99 2.90 25.62 19.60
C ASN A 99 1.76 26.48 19.06
N LEU A 100 1.87 27.80 19.25
CA LEU A 100 0.85 28.75 18.78
C LEU A 100 -0.50 28.49 19.47
N GLY A 101 -0.95 29.49 20.22
CA GLY A 101 -2.22 29.37 20.93
C GLY A 101 -3.34 30.10 20.21
N SER A 102 -4.46 29.39 20.01
CA SER A 102 -5.63 29.97 19.33
C SER A 102 -5.39 30.13 17.84
N ARG A 103 -4.24 30.70 17.49
CA ARG A 103 -3.90 30.92 16.11
C ARG A 103 -2.39 31.17 15.96
N GLY A 104 -2.00 32.17 15.17
CA GLY A 104 -0.59 32.46 14.99
C GLY A 104 -0.04 33.43 16.03
N ARG A 105 -0.35 33.19 17.29
CA ARG A 105 0.12 34.03 18.38
C ARG A 105 1.64 34.02 18.47
N LYS A 106 2.22 35.06 19.07
CA LYS A 106 3.66 35.15 19.21
C LYS A 106 4.18 34.12 20.21
N VAL A 107 4.15 32.86 19.80
CA VAL A 107 4.60 31.76 20.63
C VAL A 107 5.05 30.59 19.78
N PHE A 108 6.32 30.64 19.37
CA PHE A 108 6.92 29.60 18.54
C PHE A 108 6.34 29.64 17.13
N GLU A 109 7.18 29.38 16.15
CA GLU A 109 6.77 29.38 14.74
C GLU A 109 7.46 28.26 13.97
N LEU A 110 6.71 27.60 13.09
CA LEU A 110 7.25 26.49 12.32
C LEU A 110 8.28 26.97 11.31
N VAL A 111 9.41 26.29 11.27
CA VAL A 111 10.47 26.59 10.34
C VAL A 111 11.04 25.32 9.75
N GLY A 112 11.14 25.27 8.43
CA GLY A 112 11.65 24.09 7.74
C GLY A 112 10.54 23.13 7.31
N GLU A 113 10.71 21.84 7.57
CA GLU A 113 9.72 20.84 7.18
C GLU A 113 8.35 21.16 7.78
N PRO A 114 7.41 21.65 6.95
CA PRO A 114 6.08 22.01 7.37
C PRO A 114 5.03 20.92 7.18
N SER A 115 5.38 19.88 6.42
CA SER A 115 4.42 18.81 6.14
C SER A 115 5.12 17.50 5.78
N ILE A 116 4.33 16.43 5.79
CA ILE A 116 4.82 15.09 5.44
C ILE A 116 3.76 14.36 4.62
N TYR A 117 4.20 13.36 3.87
CA TYR A 117 3.28 12.62 3.00
C TYR A 117 3.19 11.15 3.38
N CYS A 118 2.02 10.57 3.14
CA CYS A 118 1.78 9.18 3.45
C CYS A 118 2.72 8.28 2.67
N THR A 119 2.89 7.06 3.16
CA THR A 119 3.77 6.09 2.54
C THR A 119 3.40 4.67 2.94
N SER A 120 4.40 3.79 2.97
CA SER A 120 4.20 2.39 3.32
C SER A 120 4.35 2.15 4.83
N ASN A 121 5.46 1.51 5.19
CA ASN A 121 5.75 1.14 6.57
C ASN A 121 7.15 0.54 6.68
N ASP A 122 7.59 -0.13 5.61
CA ASP A 122 8.90 -0.77 5.56
C ASP A 122 9.08 -1.52 4.24
N ASP A 123 8.00 -1.62 3.47
CA ASP A 123 8.04 -2.32 2.19
C ASP A 123 8.70 -1.49 1.09
N GLN A 124 8.14 -1.55 -0.12
CA GLN A 124 8.69 -0.82 -1.26
C GLN A 124 8.56 0.69 -1.09
N VAL A 125 7.36 1.15 -0.80
CA VAL A 125 7.11 2.57 -0.61
C VAL A 125 8.01 3.16 0.46
N GLY A 126 8.46 2.30 1.37
CA GLY A 126 9.33 2.74 2.44
C GLY A 126 8.56 3.38 3.58
N ILE A 127 9.10 4.44 4.15
CA ILE A 127 8.43 5.12 5.26
C ILE A 127 8.73 6.62 5.30
N TRP A 128 7.69 7.39 5.57
CA TRP A 128 7.80 8.83 5.70
C TRP A 128 8.40 9.12 7.07
N SER A 129 7.62 9.75 7.93
CA SER A 129 8.04 10.04 9.27
C SER A 129 9.14 11.08 9.33
N GLY A 130 8.86 12.28 8.81
CA GLY A 130 9.85 13.34 8.85
C GLY A 130 10.24 13.65 10.28
N PRO A 131 11.54 13.60 10.62
CA PRO A 131 12.01 13.87 11.99
C PRO A 131 11.76 15.29 12.46
N ALA A 132 10.80 15.94 11.83
CA ALA A 132 10.39 17.30 12.16
C ALA A 132 11.55 18.29 12.17
N PRO A 133 11.32 19.50 11.65
CA PRO A 133 12.32 20.56 11.61
C PRO A 133 12.49 21.19 12.98
N GLN A 134 12.29 22.50 13.08
CA GLN A 134 12.41 23.18 14.37
C GLN A 134 11.53 24.43 14.40
N CYS A 135 10.95 24.69 15.58
CA CYS A 135 10.10 25.84 15.75
C CYS A 135 10.83 26.95 16.50
N ILE A 136 10.71 28.17 16.00
CA ILE A 136 11.36 29.33 16.63
C ILE A 136 10.57 30.60 16.37
N GLU A 1 -8.33 -34.11 -29.43
CA GLU A 1 -7.03 -33.41 -29.57
C GLU A 1 -6.62 -32.72 -28.28
N ALA A 2 -7.58 -32.03 -27.66
CA ALA A 2 -7.33 -31.32 -26.42
C ALA A 2 -8.63 -30.78 -25.82
N GLU A 3 -8.58 -29.55 -25.31
CA GLU A 3 -9.76 -28.92 -24.70
C GLU A 3 -9.48 -27.47 -24.37
N ALA A 4 -10.43 -26.60 -24.71
CA ALA A 4 -10.29 -25.16 -24.46
C ALA A 4 -10.57 -24.81 -23.00
N LYS A 5 -9.99 -25.60 -22.08
CA LYS A 5 -10.18 -25.35 -20.65
C LYS A 5 -9.32 -24.19 -20.19
N SER A 6 -9.79 -23.47 -19.18
CA SER A 6 -9.06 -22.32 -18.66
C SER A 6 -9.46 -22.01 -17.21
N CYS A 7 -8.54 -21.38 -16.48
CA CYS A 7 -8.79 -21.01 -15.09
C CYS A 7 -9.64 -19.74 -15.04
N LYS A 8 -10.29 -19.52 -13.90
CA LYS A 8 -11.14 -18.35 -13.75
C LYS A 8 -10.33 -17.07 -13.83
N THR A 9 -10.85 -16.13 -14.62
CA THR A 9 -10.18 -14.84 -14.80
C THR A 9 -10.33 -13.96 -13.56
N PRO A 10 -9.22 -13.68 -12.86
CA PRO A 10 -9.26 -12.84 -11.66
C PRO A 10 -9.75 -11.43 -11.96
N PRO A 11 -10.81 -10.98 -11.27
CA PRO A 11 -11.35 -9.64 -11.47
C PRO A 11 -10.37 -8.57 -11.03
N ASP A 12 -9.86 -8.71 -9.81
CA ASP A 12 -8.89 -7.79 -9.24
C ASP A 12 -8.51 -8.20 -7.83
N PRO A 13 -7.24 -8.57 -7.61
CA PRO A 13 -6.75 -8.99 -6.29
C PRO A 13 -6.77 -7.85 -5.29
N VAL A 14 -7.08 -8.18 -4.03
CA VAL A 14 -7.14 -7.20 -2.97
C VAL A 14 -5.96 -6.23 -3.01
N ASN A 15 -6.26 -4.96 -3.24
CA ASN A 15 -5.25 -3.91 -3.27
C ASN A 15 -4.36 -3.98 -4.51
N GLY A 16 -3.81 -5.16 -4.80
CA GLY A 16 -2.94 -5.32 -5.95
C GLY A 16 -3.69 -5.41 -7.26
N MET A 17 -3.08 -6.09 -8.22
CA MET A 17 -3.67 -6.27 -9.55
C MET A 17 -3.04 -7.48 -10.26
N VAL A 18 -3.88 -8.33 -10.84
CA VAL A 18 -3.40 -9.52 -11.54
C VAL A 18 -2.94 -9.18 -12.95
N HIS A 19 -1.92 -9.90 -13.42
CA HIS A 19 -1.41 -9.68 -14.76
C HIS A 19 -1.44 -10.97 -15.57
N VAL A 20 -2.39 -11.07 -16.50
CA VAL A 20 -2.51 -12.25 -17.35
C VAL A 20 -1.28 -12.35 -18.23
N ILE A 21 -1.16 -11.38 -19.12
CA ILE A 21 -0.02 -11.27 -20.04
C ILE A 21 -0.12 -12.28 -21.18
N THR A 22 -0.33 -13.55 -20.83
CA THR A 22 -0.44 -14.59 -21.83
C THR A 22 -1.86 -14.73 -22.38
N ASP A 23 -2.72 -15.43 -21.62
CA ASP A 23 -4.09 -15.64 -22.05
C ASP A 23 -4.92 -16.33 -20.95
N ILE A 24 -4.22 -16.95 -20.00
CA ILE A 24 -4.84 -17.68 -18.90
C ILE A 24 -5.81 -18.75 -19.41
N GLN A 25 -5.25 -19.83 -19.97
CA GLN A 25 -6.05 -20.91 -20.51
C GLN A 25 -5.30 -22.23 -20.46
N VAL A 26 -4.55 -22.45 -19.38
CA VAL A 26 -3.77 -23.67 -19.14
C VAL A 26 -2.30 -23.48 -19.45
N GLY A 27 -1.44 -23.95 -18.53
CA GLY A 27 -0.01 -23.84 -18.72
C GLY A 27 0.52 -22.42 -18.58
N SER A 28 -0.32 -21.44 -18.92
CA SER A 28 0.08 -20.04 -18.84
C SER A 28 0.26 -19.59 -17.39
N ARG A 29 1.45 -19.07 -17.10
CA ARG A 29 1.77 -18.60 -15.76
C ARG A 29 1.69 -17.07 -15.71
N ILE A 30 0.80 -16.56 -14.86
CA ILE A 30 0.61 -15.12 -14.71
C ILE A 30 1.43 -14.58 -13.54
N THR A 31 1.18 -13.32 -13.17
CA THR A 31 1.89 -12.69 -12.06
C THR A 31 1.07 -11.60 -11.38
N TYR A 32 0.97 -11.69 -10.07
CA TYR A 32 0.23 -10.71 -9.28
C TYR A 32 1.18 -9.64 -8.76
N SER A 33 0.68 -8.41 -8.59
CA SER A 33 1.51 -7.31 -8.10
C SER A 33 0.66 -6.22 -7.46
N CYS A 34 1.08 -5.76 -6.29
CA CYS A 34 0.36 -4.71 -5.58
C CYS A 34 0.73 -3.33 -6.13
N THR A 35 1.03 -2.43 -5.21
CA THR A 35 1.41 -1.07 -5.56
C THR A 35 2.05 -0.39 -4.36
N THR A 36 2.81 0.66 -4.62
CA THR A 36 3.46 1.39 -3.56
C THR A 36 3.94 0.44 -2.47
N GLY A 37 4.71 -0.55 -2.89
CA GLY A 37 5.23 -1.54 -1.97
C GLY A 37 4.21 -2.59 -1.59
N HIS A 38 3.60 -2.40 -0.42
CA HIS A 38 2.59 -3.34 0.10
C HIS A 38 3.13 -4.77 0.17
N ARG A 39 2.78 -5.50 1.23
CA ARG A 39 3.25 -6.87 1.40
C ARG A 39 2.28 -7.84 0.76
N LEU A 40 2.67 -8.42 -0.37
CA LEU A 40 1.82 -9.36 -1.06
C LEU A 40 1.84 -10.72 -0.37
N ILE A 41 0.67 -11.20 0.05
CA ILE A 41 0.55 -12.48 0.69
C ILE A 41 0.31 -13.57 -0.35
N GLY A 42 0.71 -14.79 -0.05
CA GLY A 42 0.55 -15.88 -1.00
C GLY A 42 1.67 -15.91 -2.01
N HIS A 43 1.35 -15.62 -3.27
CA HIS A 43 2.36 -15.63 -4.33
C HIS A 43 2.03 -14.63 -5.43
N SER A 44 3.03 -13.85 -5.84
CA SER A 44 2.84 -12.86 -6.89
C SER A 44 2.90 -13.52 -8.26
N SER A 45 2.48 -14.78 -8.32
CA SER A 45 2.49 -15.55 -9.56
C SER A 45 1.58 -16.76 -9.43
N ALA A 46 1.01 -17.20 -10.54
CA ALA A 46 0.12 -18.36 -10.53
C ALA A 46 0.03 -19.01 -11.90
N GLU A 47 0.27 -20.32 -11.94
CA GLU A 47 0.20 -21.08 -13.18
C GLU A 47 -1.10 -21.88 -13.26
N CYS A 48 -1.83 -21.71 -14.36
CA CYS A 48 -3.08 -22.42 -14.54
C CYS A 48 -2.82 -23.89 -14.87
N ILE A 49 -3.44 -24.79 -14.11
CA ILE A 49 -3.26 -26.23 -14.34
C ILE A 49 -4.52 -27.02 -14.00
N LEU A 50 -4.66 -28.18 -14.62
CA LEU A 50 -5.80 -29.05 -14.39
C LEU A 50 -5.53 -30.06 -13.29
N SER A 51 -6.57 -30.41 -12.53
CA SER A 51 -6.44 -31.37 -11.45
C SER A 51 -7.82 -31.91 -11.05
N GLY A 52 -8.70 -31.00 -10.63
CA GLY A 52 -10.04 -31.40 -10.24
C GLY A 52 -11.03 -31.29 -11.38
N ASN A 53 -10.65 -31.83 -12.53
CA ASN A 53 -11.51 -31.79 -13.72
C ASN A 53 -11.80 -30.35 -14.11
N THR A 54 -11.04 -29.42 -13.54
CA THR A 54 -11.19 -28.00 -13.83
C THR A 54 -9.87 -27.27 -13.65
N ALA A 55 -9.64 -26.25 -14.46
CA ALA A 55 -8.41 -25.48 -14.38
C ALA A 55 -8.42 -24.55 -13.17
N HIS A 56 -7.32 -24.54 -12.44
CA HIS A 56 -7.20 -23.70 -11.25
C HIS A 56 -5.74 -23.33 -11.01
N TRP A 57 -5.51 -22.13 -10.49
CA TRP A 57 -4.17 -21.66 -10.22
C TRP A 57 -3.55 -22.43 -9.06
N SER A 58 -2.39 -23.02 -9.30
CA SER A 58 -1.69 -23.80 -8.29
C SER A 58 -1.51 -23.02 -7.00
N THR A 59 -1.50 -21.69 -7.10
CA THR A 59 -1.31 -20.84 -5.94
C THR A 59 -2.64 -20.43 -5.31
N LYS A 60 -2.69 -20.46 -3.99
CA LYS A 60 -3.89 -20.08 -3.25
C LYS A 60 -4.23 -18.62 -3.51
N PRO A 61 -5.52 -18.24 -3.41
CA PRO A 61 -5.95 -16.86 -3.65
C PRO A 61 -5.03 -15.84 -2.99
N PRO A 62 -4.21 -15.14 -3.80
CA PRO A 62 -3.27 -14.12 -3.31
C PRO A 62 -3.97 -12.95 -2.65
N ILE A 63 -3.33 -12.36 -1.65
CA ILE A 63 -3.89 -11.23 -0.94
C ILE A 63 -2.80 -10.29 -0.45
N CYS A 64 -2.87 -9.03 -0.86
CA CYS A 64 -1.85 -8.05 -0.46
C CYS A 64 -2.19 -7.41 0.89
N GLN A 65 -1.36 -7.70 1.88
CA GLN A 65 -1.54 -7.18 3.23
C GLN A 65 -0.91 -5.79 3.36
N ARG A 66 -1.68 -4.84 3.88
CA ARG A 66 -1.19 -3.48 4.07
C ARG A 66 -0.37 -3.38 5.36
N ILE A 67 0.87 -2.92 5.25
CA ILE A 67 1.75 -2.79 6.40
C ILE A 67 1.29 -1.64 7.28
N PRO A 68 0.79 -1.92 8.50
CA PRO A 68 0.30 -0.89 9.43
C PRO A 68 1.38 0.10 9.84
N CYS A 69 1.03 1.38 9.79
CA CYS A 69 1.96 2.44 10.16
C CYS A 69 1.72 2.92 11.60
N GLY A 70 2.02 4.20 11.83
CA GLY A 70 1.84 4.79 13.14
C GLY A 70 1.89 6.31 13.05
N LEU A 71 1.28 6.99 14.02
CA LEU A 71 1.26 8.44 14.03
C LEU A 71 2.61 9.03 13.59
N PRO A 72 2.58 10.00 12.66
CA PRO A 72 3.79 10.65 12.15
C PRO A 72 4.47 11.52 13.18
N PRO A 73 5.79 11.75 13.05
CA PRO A 73 6.53 12.59 13.98
C PRO A 73 5.87 13.94 14.18
N THR A 74 5.18 14.10 15.30
CA THR A 74 4.49 15.36 15.59
C THR A 74 5.44 16.43 16.05
N ILE A 75 5.51 17.51 15.29
CA ILE A 75 6.37 18.63 15.64
C ILE A 75 5.59 19.67 16.43
N ALA A 76 6.01 19.87 17.67
CA ALA A 76 5.36 20.84 18.55
C ALA A 76 5.20 22.17 17.84
N ASN A 77 4.06 22.83 18.07
CA ASN A 77 3.78 24.12 17.46
C ASN A 77 3.42 23.99 15.99
N GLY A 78 3.69 22.82 15.40
CA GLY A 78 3.38 22.61 14.00
C GLY A 78 1.88 22.66 13.72
N ASP A 79 1.41 21.78 12.86
CA ASP A 79 -0.02 21.75 12.52
C ASP A 79 -0.36 20.50 11.71
N PHE A 80 -1.56 20.47 11.14
CA PHE A 80 -2.01 19.33 10.35
C PHE A 80 -3.10 19.76 9.37
N ILE A 81 -2.89 19.42 8.09
CA ILE A 81 -3.84 19.76 7.04
C ILE A 81 -3.85 18.69 5.94
N SER A 82 -4.51 17.58 6.22
CA SER A 82 -4.60 16.47 5.28
C SER A 82 -5.78 15.55 5.60
N THR A 83 -5.50 14.25 5.70
CA THR A 83 -6.56 13.28 6.00
C THR A 83 -6.09 12.26 7.04
N ASN A 84 -5.38 12.72 8.05
CA ASN A 84 -4.89 11.85 9.11
C ASN A 84 -6.04 11.38 10.00
N ARG A 85 -6.19 12.02 11.16
CA ARG A 85 -7.26 11.67 12.09
C ARG A 85 -7.11 10.23 12.57
N GLU A 86 -5.90 9.87 12.99
CA GLU A 86 -5.60 8.52 13.46
C GLU A 86 -5.81 7.49 12.34
N ASN A 87 -6.46 6.36 12.67
CA ASN A 87 -6.73 5.30 11.70
C ASN A 87 -5.61 5.16 10.66
N PHE A 88 -4.37 5.19 11.12
CA PHE A 88 -3.22 5.06 10.23
C PHE A 88 -3.00 3.61 9.80
N HIS A 89 -2.50 3.43 8.59
CA HIS A 89 -2.22 2.10 8.05
C HIS A 89 -1.00 2.14 7.13
N TYR A 90 -1.02 3.08 6.19
CA TYR A 90 0.05 3.24 5.22
C TYR A 90 -0.33 4.27 4.16
N GLY A 91 0.65 4.98 3.63
CA GLY A 91 0.39 5.98 2.62
C GLY A 91 -0.15 7.28 3.20
N SER A 92 -0.64 7.23 4.43
CA SER A 92 -1.18 8.41 5.10
C SER A 92 -0.22 9.59 4.96
N VAL A 93 -0.80 10.79 4.83
CA VAL A 93 -0.01 11.99 4.66
C VAL A 93 -0.57 13.15 5.50
N VAL A 94 0.31 14.03 5.95
CA VAL A 94 -0.09 15.18 6.76
C VAL A 94 0.73 16.41 6.43
N THR A 95 0.05 17.56 6.31
CA THR A 95 0.73 18.81 5.99
C THR A 95 0.81 19.74 7.21
N TYR A 96 2.03 19.94 7.71
CA TYR A 96 2.26 20.81 8.86
C TYR A 96 2.39 22.26 8.43
N ARG A 97 1.85 23.18 9.23
CA ARG A 97 1.93 24.62 8.92
C ARG A 97 1.78 25.48 10.17
N CYS A 98 2.24 24.95 11.31
CA CYS A 98 2.18 25.67 12.58
C CYS A 98 0.75 26.03 12.96
N ASN A 99 0.44 25.97 14.25
CA ASN A 99 -0.89 26.29 14.75
C ASN A 99 -1.24 27.76 14.54
N LEU A 100 -1.97 28.09 13.46
CA LEU A 100 -2.36 29.47 13.22
C LEU A 100 -3.40 29.92 14.24
N GLY A 101 -3.79 31.19 14.14
CA GLY A 101 -4.77 31.74 15.05
C GLY A 101 -6.19 31.42 14.61
N SER A 102 -6.37 31.25 13.30
CA SER A 102 -7.69 30.95 12.75
C SER A 102 -7.55 30.36 11.36
N ARG A 103 -6.49 30.75 10.65
CA ARG A 103 -6.24 30.27 9.31
C ARG A 103 -4.79 30.54 8.89
N GLY A 104 -4.34 31.75 9.17
CA GLY A 104 -2.98 32.14 8.85
C GLY A 104 -2.70 33.57 9.23
N ARG A 105 -3.14 33.96 10.42
CA ARG A 105 -2.95 35.32 10.92
C ARG A 105 -1.53 35.54 11.42
N LYS A 106 -0.56 35.11 10.64
CA LYS A 106 0.86 35.26 11.00
C LYS A 106 1.12 34.88 12.45
N VAL A 107 1.25 33.59 12.68
CA VAL A 107 1.51 33.05 14.02
C VAL A 107 2.19 31.71 13.90
N PHE A 108 3.51 31.75 13.97
CA PHE A 108 4.33 30.54 13.83
C PHE A 108 4.35 30.10 12.38
N GLU A 109 5.52 29.74 11.88
CA GLU A 109 5.64 29.32 10.50
C GLU A 109 6.62 28.14 10.35
N LEU A 110 6.17 27.11 9.65
CA LEU A 110 6.95 25.91 9.42
C LEU A 110 8.15 26.18 8.51
N VAL A 111 9.14 25.31 8.59
CA VAL A 111 10.34 25.42 7.77
C VAL A 111 10.78 24.05 7.27
N GLY A 112 11.28 24.03 6.04
CA GLY A 112 11.73 22.79 5.44
C GLY A 112 10.57 21.97 4.89
N GLU A 113 10.68 20.66 4.98
CA GLU A 113 9.61 19.78 4.48
C GLU A 113 8.31 20.06 5.21
N PRO A 114 7.22 20.29 4.46
CA PRO A 114 5.92 20.58 5.03
C PRO A 114 5.06 19.33 5.23
N SER A 115 4.88 18.58 4.14
CA SER A 115 4.08 17.37 4.18
C SER A 115 4.94 16.11 4.30
N ILE A 116 4.37 15.07 4.89
CA ILE A 116 5.08 13.80 5.06
C ILE A 116 4.12 12.65 4.83
N TYR A 117 4.69 11.47 4.59
CA TYR A 117 3.88 10.28 4.34
C TYR A 117 4.59 9.02 4.78
N CYS A 118 3.84 8.10 5.36
CA CYS A 118 4.40 6.85 5.84
C CYS A 118 4.94 6.01 4.69
N THR A 119 5.93 5.18 4.99
CA THR A 119 6.53 4.30 4.00
C THR A 119 6.83 2.94 4.62
N SER A 120 7.89 2.27 4.16
CA SER A 120 8.24 0.96 4.69
C SER A 120 9.73 0.69 4.55
N ASN A 121 10.27 -0.03 5.53
CA ASN A 121 11.69 -0.38 5.55
C ASN A 121 11.96 -1.54 6.50
N ASP A 122 11.30 -1.54 7.66
CA ASP A 122 11.48 -2.59 8.64
C ASP A 122 10.71 -3.85 8.22
N ASP A 123 10.20 -4.59 9.21
CA ASP A 123 9.44 -5.81 8.92
C ASP A 123 7.98 -5.50 8.63
N GLN A 124 7.38 -4.63 9.45
CA GLN A 124 5.98 -4.24 9.28
C GLN A 124 5.59 -3.22 10.33
N VAL A 125 6.54 -2.40 10.76
CA VAL A 125 6.29 -1.38 11.77
C VAL A 125 5.58 -0.18 11.16
N GLY A 126 5.92 0.13 9.91
CA GLY A 126 5.30 1.25 9.22
C GLY A 126 5.99 2.57 9.52
N ILE A 127 7.27 2.67 9.14
CA ILE A 127 8.03 3.88 9.36
C ILE A 127 7.75 4.89 8.25
N TRP A 128 7.55 6.15 8.63
CA TRP A 128 7.26 7.21 7.66
C TRP A 128 8.49 7.59 6.86
N SER A 129 8.34 8.63 6.03
CA SER A 129 9.43 9.11 5.19
C SER A 129 10.63 9.53 6.02
N GLY A 130 10.51 10.64 6.73
CA GLY A 130 11.61 11.11 7.56
C GLY A 130 11.30 12.42 8.27
N PRO A 131 11.68 12.53 9.55
CA PRO A 131 11.46 13.74 10.34
C PRO A 131 12.33 14.90 9.85
N ALA A 132 11.73 16.08 9.75
CA ALA A 132 12.46 17.26 9.28
C ALA A 132 11.68 18.56 9.52
N PRO A 133 10.37 18.58 9.21
CA PRO A 133 9.54 19.78 9.41
C PRO A 133 9.74 20.38 10.79
N GLN A 134 9.83 21.70 10.85
CA GLN A 134 9.99 22.38 12.14
C GLN A 134 9.36 23.77 12.14
N CYS A 135 8.63 24.06 13.21
CA CYS A 135 7.96 25.35 13.34
C CYS A 135 8.86 26.36 14.05
N ILE A 136 8.94 27.56 13.49
CA ILE A 136 9.76 28.62 14.08
C ILE A 136 9.19 30.00 13.76
N GLU A 1 -16.08 -33.61 -25.07
CA GLU A 1 -14.69 -33.85 -24.60
C GLU A 1 -14.40 -33.07 -23.32
N ALA A 2 -13.18 -32.54 -23.21
CA ALA A 2 -12.77 -31.76 -22.04
C ALA A 2 -11.37 -31.20 -22.23
N GLU A 3 -10.53 -31.32 -21.21
CA GLU A 3 -9.16 -30.82 -21.28
C GLU A 3 -9.14 -29.32 -21.60
N ALA A 4 -9.95 -28.56 -20.88
CA ALA A 4 -10.02 -27.12 -21.08
C ALA A 4 -10.73 -26.44 -19.91
N LYS A 5 -10.44 -26.91 -18.71
CA LYS A 5 -11.03 -26.35 -17.51
C LYS A 5 -10.32 -25.05 -17.11
N SER A 6 -11.11 -24.01 -16.82
CA SER A 6 -10.56 -22.73 -16.42
C SER A 6 -10.44 -22.61 -14.90
N CYS A 7 -9.31 -22.10 -14.42
CA CYS A 7 -9.08 -21.94 -13.00
C CYS A 7 -9.75 -20.67 -12.49
N LYS A 8 -10.80 -20.26 -13.19
CA LYS A 8 -11.56 -19.06 -12.85
C LYS A 8 -10.70 -17.81 -12.91
N THR A 9 -11.24 -16.75 -13.50
CA THR A 9 -10.51 -15.49 -13.60
C THR A 9 -10.13 -14.99 -12.21
N PRO A 10 -8.85 -14.65 -12.01
CA PRO A 10 -8.37 -14.15 -10.72
C PRO A 10 -8.92 -12.76 -10.39
N PRO A 11 -9.86 -12.68 -9.44
CA PRO A 11 -10.45 -11.40 -9.03
C PRO A 11 -9.38 -10.40 -8.64
N ASP A 12 -9.60 -9.13 -8.96
CA ASP A 12 -8.63 -8.09 -8.65
C ASP A 12 -8.02 -8.30 -7.27
N PRO A 13 -6.70 -8.60 -7.22
CA PRO A 13 -5.98 -8.83 -5.97
C PRO A 13 -5.94 -7.59 -5.10
N VAL A 14 -5.94 -7.79 -3.77
CA VAL A 14 -5.90 -6.69 -2.82
C VAL A 14 -4.88 -5.63 -3.25
N ASN A 15 -5.39 -4.44 -3.57
CA ASN A 15 -4.54 -3.33 -3.97
C ASN A 15 -3.94 -3.54 -5.35
N GLY A 16 -3.21 -4.64 -5.52
CA GLY A 16 -2.58 -4.93 -6.80
C GLY A 16 -3.57 -5.30 -7.87
N MET A 17 -3.07 -5.93 -8.94
CA MET A 17 -3.91 -6.36 -10.05
C MET A 17 -3.22 -7.47 -10.84
N VAL A 18 -4.00 -8.46 -11.27
CA VAL A 18 -3.45 -9.57 -12.03
C VAL A 18 -3.34 -9.21 -13.51
N HIS A 19 -2.35 -9.77 -14.17
CA HIS A 19 -2.15 -9.52 -15.58
C HIS A 19 -2.50 -10.76 -16.39
N VAL A 20 -3.77 -10.89 -16.74
CA VAL A 20 -4.23 -12.03 -17.53
C VAL A 20 -3.60 -12.00 -18.90
N ILE A 21 -2.69 -12.92 -19.14
CA ILE A 21 -1.98 -13.01 -20.41
C ILE A 21 -2.88 -13.57 -21.50
N THR A 22 -2.96 -14.89 -21.57
CA THR A 22 -3.81 -15.56 -22.54
C THR A 22 -5.26 -15.58 -22.05
N ASP A 23 -5.45 -16.23 -20.91
CA ASP A 23 -6.76 -16.34 -20.28
C ASP A 23 -6.60 -16.84 -18.85
N ILE A 24 -7.36 -17.85 -18.46
CA ILE A 24 -7.25 -18.41 -17.12
C ILE A 24 -7.48 -19.92 -17.13
N GLN A 25 -7.49 -20.49 -18.32
CA GLN A 25 -7.67 -21.92 -18.48
C GLN A 25 -6.32 -22.63 -18.37
N VAL A 26 -6.35 -23.95 -18.32
CA VAL A 26 -5.12 -24.74 -18.22
C VAL A 26 -4.05 -24.22 -19.16
N GLY A 27 -2.79 -24.26 -18.71
CA GLY A 27 -1.69 -23.79 -19.54
C GLY A 27 -1.56 -22.28 -19.54
N SER A 28 -2.67 -21.57 -19.42
CA SER A 28 -2.66 -20.11 -19.42
C SER A 28 -1.98 -19.57 -18.16
N ARG A 29 -0.95 -18.76 -18.37
CA ARG A 29 -0.20 -18.16 -17.27
C ARG A 29 -0.63 -16.71 -17.04
N ILE A 30 -0.50 -16.24 -15.81
CA ILE A 30 -0.87 -14.87 -15.46
C ILE A 30 0.12 -14.27 -14.46
N THR A 31 0.49 -13.01 -14.66
CA THR A 31 1.44 -12.36 -13.78
C THR A 31 0.78 -11.32 -12.88
N TYR A 32 0.98 -11.45 -11.58
CA TYR A 32 0.41 -10.52 -10.61
C TYR A 32 1.40 -9.39 -10.30
N SER A 33 0.87 -8.21 -9.99
CA SER A 33 1.72 -7.06 -9.68
C SER A 33 0.96 -6.00 -8.89
N CYS A 34 1.46 -5.70 -7.70
CA CYS A 34 0.85 -4.69 -6.83
C CYS A 34 1.56 -3.35 -6.92
N THR A 35 0.84 -2.29 -6.60
CA THR A 35 1.39 -0.93 -6.64
C THR A 35 2.54 -0.76 -5.65
N THR A 36 3.34 0.27 -5.89
CA THR A 36 4.48 0.59 -5.05
C THR A 36 4.07 0.80 -3.59
N GLY A 37 4.95 0.40 -2.67
CA GLY A 37 4.67 0.56 -1.26
C GLY A 37 4.15 -0.70 -0.61
N HIS A 38 3.21 -1.35 -1.25
CA HIS A 38 2.62 -2.59 -0.73
C HIS A 38 3.50 -3.78 -1.06
N ARG A 39 3.71 -4.65 -0.07
CA ARG A 39 4.54 -5.83 -0.27
C ARG A 39 3.74 -6.95 -0.93
N LEU A 40 4.30 -7.52 -2.00
CA LEU A 40 3.64 -8.59 -2.72
C LEU A 40 3.69 -9.92 -1.97
N ILE A 41 2.52 -10.52 -1.77
CA ILE A 41 2.42 -11.80 -1.09
C ILE A 41 2.10 -12.91 -2.09
N GLY A 42 2.57 -14.12 -1.81
CA GLY A 42 2.34 -15.24 -2.69
C GLY A 42 3.33 -15.26 -3.84
N HIS A 43 2.82 -15.18 -5.07
CA HIS A 43 3.68 -15.20 -6.25
C HIS A 43 3.08 -14.39 -7.39
N SER A 44 3.90 -13.56 -8.01
CA SER A 44 3.46 -12.73 -9.12
C SER A 44 3.37 -13.54 -10.41
N SER A 45 3.09 -14.83 -10.26
CA SER A 45 2.98 -15.74 -11.41
C SER A 45 2.24 -17.00 -11.01
N ALA A 46 1.38 -17.49 -11.91
CA ALA A 46 0.61 -18.69 -11.63
C ALA A 46 0.00 -19.27 -12.90
N GLU A 47 0.19 -20.58 -13.09
CA GLU A 47 -0.34 -21.27 -14.25
C GLU A 47 -1.56 -22.11 -13.87
N CYS A 48 -2.58 -22.08 -14.71
CA CYS A 48 -3.80 -22.84 -14.47
C CYS A 48 -3.55 -24.33 -14.66
N ILE A 49 -3.98 -25.13 -13.69
CA ILE A 49 -3.79 -26.59 -13.77
C ILE A 49 -4.94 -27.33 -13.09
N LEU A 50 -4.75 -28.61 -12.82
CA LEU A 50 -5.75 -29.44 -12.17
C LEU A 50 -5.46 -29.58 -10.68
N SER A 51 -6.46 -30.01 -9.93
CA SER A 51 -6.31 -30.19 -8.49
C SER A 51 -7.42 -31.08 -7.93
N GLY A 52 -8.26 -30.51 -7.05
CA GLY A 52 -9.35 -31.26 -6.46
C GLY A 52 -10.17 -32.00 -7.49
N ASN A 53 -10.50 -31.33 -8.58
CA ASN A 53 -11.29 -31.93 -9.66
C ASN A 53 -11.27 -31.06 -10.91
N THR A 54 -11.54 -29.77 -10.75
CA THR A 54 -11.53 -28.85 -11.87
C THR A 54 -10.19 -28.12 -11.95
N ALA A 55 -10.16 -27.02 -12.67
CA ALA A 55 -8.94 -26.24 -12.82
C ALA A 55 -8.72 -25.35 -11.59
N HIS A 56 -7.48 -25.27 -11.16
CA HIS A 56 -7.09 -24.46 -10.01
C HIS A 56 -5.67 -23.96 -10.19
N TRP A 57 -5.42 -22.72 -9.81
CA TRP A 57 -4.10 -22.13 -9.97
C TRP A 57 -3.10 -22.81 -9.06
N SER A 58 -1.94 -23.14 -9.62
CA SER A 58 -0.87 -23.82 -8.88
C SER A 58 -0.53 -23.08 -7.58
N THR A 59 -0.81 -21.79 -7.53
CA THR A 59 -0.51 -20.99 -6.35
C THR A 59 -1.76 -20.34 -5.77
N LYS A 60 -1.84 -20.32 -4.44
CA LYS A 60 -2.99 -19.72 -3.76
C LYS A 60 -3.18 -18.28 -4.23
N PRO A 61 -4.42 -17.76 -4.19
CA PRO A 61 -4.71 -16.40 -4.62
C PRO A 61 -3.71 -15.39 -4.06
N PRO A 62 -2.79 -14.90 -4.91
CA PRO A 62 -1.77 -13.94 -4.50
C PRO A 62 -2.39 -12.67 -3.93
N ILE A 63 -1.75 -12.10 -2.93
CA ILE A 63 -2.24 -10.88 -2.30
C ILE A 63 -1.11 -9.92 -2.01
N CYS A 64 -1.39 -8.85 -1.29
CA CYS A 64 -0.36 -7.86 -0.95
C CYS A 64 -0.69 -7.12 0.35
N GLN A 65 0.27 -7.04 1.25
CA GLN A 65 0.08 -6.34 2.52
C GLN A 65 0.23 -4.84 2.35
N ARG A 66 -0.73 -4.10 2.89
CA ARG A 66 -0.72 -2.64 2.81
C ARG A 66 0.43 -2.05 3.62
N ILE A 67 0.88 -2.79 4.62
CA ILE A 67 1.98 -2.35 5.47
C ILE A 67 1.63 -1.05 6.18
N PRO A 68 0.73 -1.11 7.18
CA PRO A 68 0.31 0.07 7.92
C PRO A 68 1.49 0.91 8.42
N CYS A 69 1.47 2.19 8.10
CA CYS A 69 2.53 3.11 8.51
C CYS A 69 2.20 3.69 9.88
N GLY A 70 3.23 3.96 10.67
CA GLY A 70 3.02 4.51 12.00
C GLY A 70 2.66 5.98 11.98
N LEU A 71 1.76 6.38 12.87
CA LEU A 71 1.33 7.75 12.96
C LEU A 71 2.53 8.69 13.13
N PRO A 72 2.60 9.76 12.32
CA PRO A 72 3.70 10.73 12.36
C PRO A 72 3.95 11.27 13.76
N PRO A 73 5.20 11.71 14.04
CA PRO A 73 5.56 12.26 15.34
C PRO A 73 4.71 13.48 15.70
N THR A 74 4.11 13.45 16.88
CA THR A 74 3.26 14.54 17.33
C THR A 74 4.07 15.73 17.83
N ILE A 75 3.57 16.93 17.53
CA ILE A 75 4.22 18.15 17.96
C ILE A 75 3.18 19.18 18.40
N ALA A 76 3.31 19.64 19.63
CA ALA A 76 2.40 20.61 20.19
C ALA A 76 2.18 21.78 19.24
N ASN A 77 0.93 22.26 19.19
CA ASN A 77 0.56 23.38 18.33
C ASN A 77 0.45 22.96 16.86
N GLY A 78 1.34 22.08 16.43
CA GLY A 78 1.32 21.62 15.05
C GLY A 78 0.06 20.84 14.73
N ASP A 79 -0.71 21.31 13.75
CA ASP A 79 -1.94 20.63 13.35
C ASP A 79 -1.63 19.49 12.39
N PHE A 80 -2.61 19.08 11.61
CA PHE A 80 -2.44 17.98 10.66
C PHE A 80 -3.46 18.05 9.53
N ILE A 81 -3.02 17.70 8.32
CA ILE A 81 -3.88 17.71 7.14
C ILE A 81 -3.42 16.63 6.15
N SER A 82 -3.41 16.97 4.87
CA SER A 82 -2.98 16.03 3.81
C SER A 82 -3.99 14.91 3.58
N THR A 83 -3.54 13.86 2.91
CA THR A 83 -4.39 12.71 2.58
C THR A 83 -4.68 11.86 3.82
N ASN A 84 -3.62 11.57 4.57
CA ASN A 84 -3.74 10.75 5.78
C ASN A 84 -4.79 11.33 6.73
N ARG A 85 -5.41 10.44 7.51
CA ARG A 85 -6.45 10.87 8.46
C ARG A 85 -6.38 10.07 9.75
N GLU A 86 -6.30 8.75 9.63
CA GLU A 86 -6.22 7.86 10.79
C GLU A 86 -5.73 6.49 10.38
N ASN A 87 -4.95 5.85 11.25
CA ASN A 87 -4.38 4.52 11.00
C ASN A 87 -3.12 4.66 10.16
N PHE A 88 -3.22 5.48 9.11
CA PHE A 88 -2.09 5.74 8.23
C PHE A 88 -1.49 4.45 7.68
N HIS A 89 -2.32 3.66 7.01
CA HIS A 89 -1.86 2.40 6.42
C HIS A 89 -0.63 2.63 5.54
N TYR A 90 -0.70 3.69 4.72
CA TYR A 90 0.39 4.06 3.83
C TYR A 90 -0.09 5.08 2.81
N GLY A 91 -0.34 6.31 3.26
CA GLY A 91 -0.82 7.34 2.36
C GLY A 91 0.30 7.92 1.52
N SER A 92 1.12 8.78 2.12
CA SER A 92 2.25 9.40 1.42
C SER A 92 2.86 10.56 2.21
N VAL A 93 2.03 11.53 2.59
CA VAL A 93 2.51 12.71 3.30
C VAL A 93 1.48 13.25 4.29
N VAL A 94 2.00 13.93 5.31
CA VAL A 94 1.14 14.53 6.33
C VAL A 94 1.62 15.95 6.65
N THR A 95 0.76 16.93 6.42
CA THR A 95 1.09 18.33 6.67
C THR A 95 0.65 18.76 8.06
N TYR A 96 1.58 19.32 8.82
CA TYR A 96 1.29 19.79 10.16
C TYR A 96 0.68 21.19 10.12
N ARG A 97 1.23 22.01 9.25
CA ARG A 97 0.79 23.40 9.03
C ARG A 97 1.03 24.31 10.23
N CYS A 98 0.91 23.77 11.45
CA CYS A 98 1.09 24.56 12.66
C CYS A 98 -0.04 25.58 12.79
N ASN A 99 -0.59 25.70 14.00
CA ASN A 99 -1.69 26.64 14.28
C ASN A 99 -2.44 27.03 13.01
N LEU A 100 -2.22 28.26 12.52
CA LEU A 100 -2.90 28.74 11.33
C LEU A 100 -2.09 29.84 10.64
N GLY A 101 -2.05 29.79 9.32
CA GLY A 101 -1.30 30.77 8.56
C GLY A 101 -2.11 32.00 8.21
N SER A 102 -3.31 31.80 7.68
CA SER A 102 -4.18 32.91 7.28
C SER A 102 -5.28 33.17 8.30
N ARG A 103 -6.10 32.15 8.57
CA ARG A 103 -7.20 32.30 9.52
C ARG A 103 -6.71 32.27 10.96
N GLY A 104 -6.90 33.36 11.68
CA GLY A 104 -6.46 33.43 13.06
C GLY A 104 -4.96 33.58 13.21
N ARG A 105 -4.22 32.91 12.33
CA ARG A 105 -2.76 32.96 12.33
C ARG A 105 -2.19 32.40 13.62
N LYS A 106 -1.16 33.05 14.13
CA LYS A 106 -0.48 32.62 15.35
C LYS A 106 0.27 31.32 15.09
N VAL A 107 0.63 31.11 13.84
CA VAL A 107 1.35 29.92 13.42
C VAL A 107 2.86 30.07 13.60
N PHE A 108 3.26 30.96 14.50
CA PHE A 108 4.67 31.19 14.77
C PHE A 108 5.47 31.14 13.47
N GLU A 109 6.55 30.38 13.49
CA GLU A 109 7.40 30.20 12.32
C GLU A 109 7.69 28.72 12.12
N LEU A 110 7.36 28.20 10.93
CA LEU A 110 7.58 26.79 10.65
C LEU A 110 9.06 26.46 10.54
N VAL A 111 9.47 25.43 11.27
CA VAL A 111 10.86 24.98 11.27
C VAL A 111 11.01 23.69 10.49
N GLY A 112 11.85 23.72 9.45
CA GLY A 112 12.08 22.53 8.64
C GLY A 112 10.95 22.22 7.68
N GLU A 113 10.75 20.92 7.43
CA GLU A 113 9.72 20.47 6.51
C GLU A 113 8.31 20.70 7.06
N PRO A 114 7.42 21.29 6.23
CA PRO A 114 6.04 21.55 6.63
C PRO A 114 5.23 20.27 6.74
N SER A 115 5.57 19.30 5.89
CA SER A 115 4.88 18.02 5.88
C SER A 115 5.87 16.89 5.60
N ILE A 116 5.80 15.84 6.40
CA ILE A 116 6.70 14.70 6.23
C ILE A 116 6.12 13.69 5.24
N TYR A 117 6.73 12.50 5.19
CA TYR A 117 6.27 11.46 4.27
C TYR A 117 6.71 10.07 4.72
N CYS A 118 5.79 9.11 4.61
CA CYS A 118 6.09 7.73 4.99
C CYS A 118 6.92 7.05 3.90
N THR A 119 7.55 5.93 4.23
CA THR A 119 8.38 5.22 3.27
C THR A 119 8.50 3.73 3.57
N SER A 120 8.50 3.38 4.86
CA SER A 120 8.62 1.98 5.29
C SER A 120 9.92 1.37 4.79
N ASN A 121 10.50 0.45 5.55
CA ASN A 121 11.75 -0.19 5.16
C ASN A 121 12.04 -1.46 5.98
N ASP A 122 11.56 -1.49 7.21
CA ASP A 122 11.78 -2.65 8.08
C ASP A 122 11.29 -3.94 7.42
N ASP A 123 10.02 -4.26 7.62
CA ASP A 123 9.43 -5.46 7.05
C ASP A 123 7.92 -5.39 7.07
N GLN A 124 7.38 -4.83 8.15
CA GLN A 124 5.95 -4.70 8.32
C GLN A 124 5.65 -3.73 9.46
N VAL A 125 6.26 -2.55 9.39
CA VAL A 125 6.08 -1.54 10.43
C VAL A 125 5.74 -0.19 9.83
N GLY A 126 6.51 0.21 8.83
CA GLY A 126 6.29 1.49 8.19
C GLY A 126 6.57 2.66 9.13
N ILE A 127 7.45 3.56 8.70
CA ILE A 127 7.81 4.72 9.51
C ILE A 127 8.19 5.90 8.63
N TRP A 128 7.73 7.09 9.02
CA TRP A 128 8.00 8.31 8.28
C TRP A 128 9.47 8.72 8.42
N SER A 129 10.06 9.11 7.29
CA SER A 129 11.46 9.52 7.28
C SER A 129 11.68 10.80 8.07
N GLY A 130 10.88 11.82 7.78
CA GLY A 130 11.00 13.09 8.49
C GLY A 130 10.66 12.99 9.95
N PRO A 131 11.57 13.42 10.85
CA PRO A 131 11.33 13.36 12.30
C PRO A 131 10.51 14.53 12.81
N ALA A 132 9.47 14.88 12.04
CA ALA A 132 8.57 15.98 12.40
C ALA A 132 9.31 17.31 12.56
N PRO A 133 8.71 18.40 12.05
CA PRO A 133 9.30 19.74 12.15
C PRO A 133 9.07 20.39 13.50
N GLN A 134 8.98 21.71 13.53
CA GLN A 134 8.74 22.44 14.76
C GLN A 134 8.04 23.78 14.50
N CYS A 135 7.01 24.05 15.29
CA CYS A 135 6.22 25.28 15.15
C CYS A 135 6.77 26.41 16.03
N ILE A 136 7.86 27.05 15.59
CA ILE A 136 8.45 28.16 16.35
C ILE A 136 9.14 29.17 15.44
N GLU A 1 -12.59 -26.41 -22.98
CA GLU A 1 -12.49 -26.40 -21.51
C GLU A 1 -11.06 -26.68 -21.05
N ALA A 2 -10.11 -26.03 -21.70
CA ALA A 2 -8.69 -26.20 -21.37
C ALA A 2 -8.27 -27.67 -21.47
N GLU A 3 -7.42 -28.12 -20.55
CA GLU A 3 -6.96 -29.51 -20.55
C GLU A 3 -6.16 -29.80 -19.29
N ALA A 4 -6.30 -31.01 -18.78
CA ALA A 4 -5.59 -31.45 -17.58
C ALA A 4 -5.82 -30.49 -16.42
N LYS A 5 -7.07 -30.05 -16.25
CA LYS A 5 -7.44 -29.15 -15.16
C LYS A 5 -6.69 -27.81 -15.26
N SER A 6 -7.27 -26.80 -14.61
CA SER A 6 -6.69 -25.46 -14.59
C SER A 6 -7.22 -24.70 -13.37
N CYS A 7 -6.34 -23.95 -12.70
CA CYS A 7 -6.74 -23.20 -11.52
C CYS A 7 -7.45 -21.90 -11.90
N LYS A 8 -8.26 -21.96 -12.93
CA LYS A 8 -9.01 -20.80 -13.40
C LYS A 8 -8.08 -19.68 -13.89
N THR A 9 -8.37 -19.17 -15.07
CA THR A 9 -7.58 -18.10 -15.66
C THR A 9 -7.89 -16.77 -14.98
N PRO A 10 -6.85 -16.04 -14.55
CA PRO A 10 -6.98 -14.76 -13.87
C PRO A 10 -6.73 -13.55 -14.77
N PRO A 11 -7.66 -13.22 -15.69
CA PRO A 11 -7.50 -12.07 -16.59
C PRO A 11 -7.61 -10.76 -15.84
N ASP A 12 -6.58 -9.90 -16.00
CA ASP A 12 -6.53 -8.59 -15.34
C ASP A 12 -7.53 -8.49 -14.19
N PRO A 13 -7.36 -9.32 -13.14
CA PRO A 13 -8.26 -9.34 -11.97
C PRO A 13 -8.32 -8.00 -11.25
N VAL A 14 -8.42 -8.07 -9.92
CA VAL A 14 -8.49 -6.88 -9.07
C VAL A 14 -7.41 -5.85 -9.43
N ASN A 15 -7.71 -5.01 -10.42
CA ASN A 15 -6.78 -3.98 -10.86
C ASN A 15 -5.33 -4.46 -10.88
N GLY A 16 -5.11 -5.63 -11.47
CA GLY A 16 -3.76 -6.17 -11.54
C GLY A 16 -3.61 -7.26 -12.59
N MET A 17 -2.61 -7.12 -13.45
CA MET A 17 -2.36 -8.09 -14.51
C MET A 17 -1.42 -9.20 -14.03
N VAL A 18 -1.77 -10.45 -14.38
CA VAL A 18 -0.96 -11.60 -13.99
C VAL A 18 0.05 -11.92 -15.08
N HIS A 19 1.21 -12.41 -14.67
CA HIS A 19 2.26 -12.76 -15.61
C HIS A 19 2.40 -14.27 -15.70
N VAL A 20 1.76 -14.86 -16.72
CA VAL A 20 1.80 -16.30 -16.91
C VAL A 20 3.22 -16.74 -17.25
N ILE A 21 3.81 -17.50 -16.34
CA ILE A 21 5.16 -18.00 -16.51
C ILE A 21 5.19 -19.22 -17.42
N THR A 22 4.19 -20.08 -17.28
CA THR A 22 4.07 -21.30 -18.07
C THR A 22 2.62 -21.66 -18.28
N ASP A 23 1.86 -20.71 -18.79
CA ASP A 23 0.43 -20.89 -19.02
C ASP A 23 -0.28 -21.23 -17.71
N ILE A 24 -1.41 -21.92 -17.80
CA ILE A 24 -2.16 -22.29 -16.61
C ILE A 24 -3.04 -23.52 -16.86
N GLN A 25 -2.52 -24.69 -16.50
CA GLN A 25 -3.23 -25.93 -16.68
C GLN A 25 -2.79 -26.96 -15.64
N VAL A 26 -2.36 -26.45 -14.47
CA VAL A 26 -1.91 -27.26 -13.34
C VAL A 26 -0.39 -27.26 -13.25
N GLY A 27 0.13 -27.09 -12.04
CA GLY A 27 1.56 -27.07 -11.84
C GLY A 27 2.21 -25.78 -12.32
N SER A 28 1.61 -25.15 -13.33
CA SER A 28 2.13 -23.91 -13.88
C SER A 28 1.98 -22.76 -12.88
N ARG A 29 3.07 -22.01 -12.71
CA ARG A 29 3.08 -20.88 -11.79
C ARG A 29 2.92 -19.56 -12.53
N ILE A 30 2.27 -18.59 -11.89
CA ILE A 30 2.07 -17.27 -12.48
C ILE A 30 2.18 -16.20 -11.42
N THR A 31 2.91 -15.12 -11.71
CA THR A 31 3.10 -14.04 -10.76
C THR A 31 2.20 -12.85 -11.06
N TYR A 32 1.39 -12.47 -10.08
CA TYR A 32 0.50 -11.32 -10.22
C TYR A 32 1.23 -10.06 -9.79
N SER A 33 1.37 -9.10 -10.70
CA SER A 33 2.10 -7.88 -10.38
C SER A 33 1.20 -6.80 -9.78
N CYS A 34 0.12 -6.49 -10.49
CA CYS A 34 -0.83 -5.46 -10.06
C CYS A 34 -0.19 -4.08 -10.15
N THR A 35 -0.97 -3.09 -10.54
CA THR A 35 -0.48 -1.73 -10.68
C THR A 35 0.05 -1.19 -9.36
N THR A 36 1.07 -0.35 -9.46
CA THR A 36 1.69 0.26 -8.29
C THR A 36 0.66 0.95 -7.42
N GLY A 37 -0.43 1.37 -8.05
CA GLY A 37 -1.50 2.06 -7.34
C GLY A 37 -2.03 1.28 -6.15
N HIS A 38 -1.93 -0.05 -6.19
CA HIS A 38 -2.43 -0.87 -5.10
C HIS A 38 -1.49 -2.03 -4.79
N ARG A 39 -1.32 -2.32 -3.50
CA ARG A 39 -0.46 -3.42 -3.06
C ARG A 39 -1.21 -4.74 -3.14
N LEU A 40 -0.63 -5.70 -3.85
CA LEU A 40 -1.28 -6.99 -4.01
C LEU A 40 -1.23 -7.81 -2.72
N ILE A 41 -2.32 -8.50 -2.45
CA ILE A 41 -2.43 -9.34 -1.26
C ILE A 41 -2.39 -10.80 -1.65
N GLY A 42 -1.85 -11.63 -0.75
CA GLY A 42 -1.75 -13.06 -1.01
C GLY A 42 -0.63 -13.40 -1.96
N HIS A 43 0.51 -12.73 -1.77
CA HIS A 43 1.69 -12.97 -2.59
C HIS A 43 1.46 -12.62 -4.06
N SER A 44 2.44 -11.95 -4.67
CA SER A 44 2.36 -11.57 -6.08
C SER A 44 2.70 -12.76 -6.96
N SER A 45 2.27 -13.95 -6.53
CA SER A 45 2.54 -15.18 -7.28
C SER A 45 1.55 -16.26 -6.88
N ALA A 46 1.40 -17.28 -7.73
CA ALA A 46 0.48 -18.37 -7.45
C ALA A 46 0.81 -19.61 -8.26
N GLU A 47 0.92 -20.75 -7.56
CA GLU A 47 1.20 -22.02 -8.20
C GLU A 47 -0.06 -22.88 -8.26
N CYS A 48 -0.42 -23.32 -9.47
CA CYS A 48 -1.61 -24.14 -9.66
C CYS A 48 -1.42 -25.52 -9.04
N ILE A 49 -2.39 -25.93 -8.21
CA ILE A 49 -2.32 -27.22 -7.56
C ILE A 49 -3.69 -27.90 -7.57
N LEU A 50 -3.69 -29.23 -7.54
CA LEU A 50 -4.93 -29.99 -7.56
C LEU A 50 -5.34 -30.34 -6.12
N SER A 51 -6.51 -29.90 -5.71
CA SER A 51 -7.02 -30.18 -4.37
C SER A 51 -7.64 -31.57 -4.27
N GLY A 52 -8.44 -31.91 -5.28
CA GLY A 52 -9.10 -33.21 -5.29
C GLY A 52 -9.70 -33.53 -6.64
N ASN A 53 -10.19 -32.50 -7.32
CA ASN A 53 -10.79 -32.65 -8.64
C ASN A 53 -10.57 -31.39 -9.46
N THR A 54 -10.87 -30.24 -8.88
CA THR A 54 -10.69 -28.96 -9.55
C THR A 54 -9.40 -28.28 -9.09
N ALA A 55 -8.66 -27.73 -10.04
CA ALA A 55 -7.40 -27.06 -9.73
C ALA A 55 -7.65 -25.69 -9.13
N HIS A 56 -6.80 -25.32 -8.17
CA HIS A 56 -6.91 -24.03 -7.49
C HIS A 56 -5.52 -23.54 -7.06
N TRP A 57 -5.30 -22.24 -7.14
CA TRP A 57 -4.02 -21.65 -6.77
C TRP A 57 -3.80 -21.76 -5.27
N SER A 58 -2.77 -22.51 -4.90
CA SER A 58 -2.42 -22.72 -3.50
C SER A 58 -2.28 -21.42 -2.73
N THR A 59 -2.03 -20.32 -3.44
CA THR A 59 -1.85 -19.03 -2.79
C THR A 59 -3.16 -18.26 -2.63
N LYS A 60 -4.29 -18.94 -2.77
CA LYS A 60 -5.60 -18.30 -2.63
C LYS A 60 -5.77 -17.16 -3.62
N PRO A 61 -7.02 -16.76 -3.92
CA PRO A 61 -7.29 -15.66 -4.86
C PRO A 61 -6.59 -14.37 -4.46
N PRO A 62 -5.83 -13.77 -5.40
CA PRO A 62 -5.10 -12.52 -5.15
C PRO A 62 -6.02 -11.31 -5.08
N ILE A 63 -5.65 -10.32 -4.28
CA ILE A 63 -6.45 -9.10 -4.13
C ILE A 63 -5.57 -7.90 -3.84
N CYS A 64 -5.68 -6.86 -4.65
CA CYS A 64 -4.85 -5.67 -4.47
C CYS A 64 -5.45 -4.70 -3.46
N GLN A 65 -4.91 -4.73 -2.24
CA GLN A 65 -5.36 -3.85 -1.18
C GLN A 65 -4.75 -2.47 -1.36
N ARG A 66 -5.53 -1.42 -1.10
CA ARG A 66 -5.06 -0.05 -1.24
C ARG A 66 -3.74 0.16 -0.51
N ILE A 67 -2.81 0.86 -1.17
CA ILE A 67 -1.50 1.14 -0.59
C ILE A 67 -1.66 1.85 0.75
N PRO A 68 -1.16 1.25 1.85
CA PRO A 68 -1.26 1.82 3.19
C PRO A 68 -0.05 2.66 3.57
N CYS A 69 -0.29 3.80 4.21
CA CYS A 69 0.80 4.69 4.62
C CYS A 69 0.92 4.75 6.14
N GLY A 70 0.57 3.66 6.80
CA GLY A 70 0.65 3.60 8.25
C GLY A 70 0.16 4.87 8.92
N LEU A 71 0.88 5.30 9.94
CA LEU A 71 0.52 6.51 10.68
C LEU A 71 1.51 7.64 10.38
N PRO A 72 1.14 8.89 10.75
CA PRO A 72 1.99 10.07 10.52
C PRO A 72 3.26 10.02 11.35
N PRO A 73 4.35 10.66 10.86
CA PRO A 73 5.63 10.69 11.57
C PRO A 73 5.50 11.03 13.04
N THR A 74 4.48 11.80 13.35
CA THR A 74 4.23 12.19 14.72
C THR A 74 5.36 13.07 15.26
N ILE A 75 5.02 14.00 16.14
CA ILE A 75 6.03 14.89 16.71
C ILE A 75 5.62 15.38 18.11
N ALA A 76 6.50 15.16 19.07
CA ALA A 76 6.24 15.58 20.44
C ALA A 76 6.18 17.10 20.53
N ASN A 77 5.17 17.59 21.26
CA ASN A 77 4.99 19.04 21.45
C ASN A 77 4.43 19.69 20.20
N GLY A 78 4.88 19.23 19.04
CA GLY A 78 4.41 19.79 17.78
C GLY A 78 2.94 19.55 17.55
N ASP A 79 2.19 20.64 17.38
CA ASP A 79 0.75 20.55 17.13
C ASP A 79 0.50 20.10 15.70
N PHE A 80 -0.71 19.65 15.42
CA PHE A 80 -1.06 19.19 14.09
C PHE A 80 -2.50 19.54 13.75
N ILE A 81 -2.71 20.03 12.53
CA ILE A 81 -4.04 20.41 12.06
C ILE A 81 -4.72 19.18 11.45
N SER A 82 -5.75 19.40 10.64
CA SER A 82 -6.46 18.30 10.01
C SER A 82 -6.97 17.32 11.08
N THR A 83 -6.75 16.02 10.86
CA THR A 83 -7.18 15.01 11.82
C THR A 83 -6.32 13.76 11.75
N ASN A 84 -5.07 13.87 12.20
CA ASN A 84 -4.16 12.72 12.20
C ASN A 84 -4.49 11.82 13.38
N ARG A 85 -5.78 11.59 13.57
CA ARG A 85 -6.29 10.78 14.66
C ARG A 85 -6.23 9.28 14.36
N GLU A 86 -6.62 8.90 13.14
CA GLU A 86 -6.61 7.50 12.74
C GLU A 86 -6.71 7.36 11.22
N ASN A 87 -7.67 6.58 10.73
CA ASN A 87 -7.85 6.35 9.29
C ASN A 87 -6.50 6.28 8.58
N PHE A 88 -6.33 7.11 7.55
CA PHE A 88 -5.08 7.14 6.78
C PHE A 88 -4.92 5.88 5.93
N HIS A 89 -4.53 6.07 4.68
CA HIS A 89 -4.34 4.96 3.76
C HIS A 89 -3.26 5.29 2.73
N TYR A 90 -3.38 6.46 2.11
CA TYR A 90 -2.42 6.91 1.10
C TYR A 90 -2.87 8.24 0.50
N GLY A 91 -3.22 9.17 1.39
CA GLY A 91 -3.67 10.49 0.99
C GLY A 91 -3.55 11.48 2.13
N SER A 92 -3.45 10.92 3.34
CA SER A 92 -3.33 11.70 4.56
C SER A 92 -2.30 12.81 4.46
N VAL A 93 -2.60 13.92 5.13
CA VAL A 93 -1.73 15.09 5.17
C VAL A 93 -1.85 15.76 6.53
N VAL A 94 -0.81 16.49 6.94
CA VAL A 94 -0.83 17.15 8.23
C VAL A 94 0.09 18.38 8.26
N THR A 95 -0.46 19.50 8.73
CA THR A 95 0.29 20.74 8.83
C THR A 95 0.70 20.99 10.27
N TYR A 96 2.00 21.00 10.52
CA TYR A 96 2.53 21.22 11.85
C TYR A 96 2.41 22.68 12.26
N ARG A 97 2.28 22.93 13.56
CA ARG A 97 2.14 24.28 14.08
C ARG A 97 2.89 24.44 15.40
N CYS A 98 3.27 23.31 16.00
CA CYS A 98 4.00 23.31 17.27
C CYS A 98 3.11 23.76 18.43
N ASN A 99 3.45 23.27 19.63
CA ASN A 99 2.70 23.59 20.84
C ASN A 99 2.51 25.09 20.99
N LEU A 100 3.56 25.78 21.39
CA LEU A 100 3.53 27.23 21.59
C LEU A 100 2.51 27.61 22.66
N GLY A 101 1.93 28.79 22.46
CA GLY A 101 0.93 29.30 23.37
C GLY A 101 1.48 29.75 24.71
N SER A 102 2.52 29.07 25.22
CA SER A 102 3.13 29.48 26.47
C SER A 102 3.37 30.99 26.41
N ARG A 103 3.53 31.44 25.17
CA ARG A 103 3.72 32.83 24.84
C ARG A 103 3.31 33.06 23.39
N GLY A 104 2.88 31.97 22.73
CA GLY A 104 2.48 32.05 21.33
C GLY A 104 3.52 32.79 20.53
N ARG A 105 4.76 32.67 20.98
CA ARG A 105 5.88 33.33 20.35
C ARG A 105 7.15 32.99 21.14
N LYS A 106 8.23 32.66 20.42
CA LYS A 106 9.48 32.30 21.08
C LYS A 106 9.22 31.16 22.07
N VAL A 107 8.42 30.22 21.63
CA VAL A 107 8.05 29.07 22.43
C VAL A 107 8.01 27.83 21.55
N PHE A 108 9.15 27.56 20.92
CA PHE A 108 9.33 26.43 20.00
C PHE A 108 8.84 26.80 18.62
N GLU A 109 9.77 27.23 17.77
CA GLU A 109 9.45 27.65 16.41
C GLU A 109 9.53 26.49 15.42
N LEU A 110 8.73 26.59 14.35
CA LEU A 110 8.71 25.56 13.32
C LEU A 110 10.02 25.55 12.55
N VAL A 111 10.48 24.36 12.19
CA VAL A 111 11.72 24.22 11.44
C VAL A 111 11.59 23.17 10.35
N GLY A 112 12.05 23.50 9.15
CA GLY A 112 11.97 22.57 8.04
C GLY A 112 10.59 22.54 7.39
N GLU A 113 10.14 21.34 7.04
CA GLU A 113 8.85 21.16 6.41
C GLU A 113 7.71 21.52 7.35
N PRO A 114 6.81 22.43 6.91
CA PRO A 114 5.66 22.84 7.71
C PRO A 114 4.48 21.89 7.56
N SER A 115 4.42 21.21 6.42
CA SER A 115 3.34 20.27 6.14
C SER A 115 3.85 19.06 5.35
N ILE A 116 3.24 17.90 5.60
CA ILE A 116 3.63 16.68 4.91
C ILE A 116 2.43 15.79 4.59
N TYR A 117 2.63 14.89 3.65
CA TYR A 117 1.59 13.96 3.24
C TYR A 117 2.20 12.75 2.53
N CYS A 118 1.56 11.59 2.67
CA CYS A 118 2.08 10.38 2.04
C CYS A 118 2.03 10.48 0.53
N THR A 119 3.02 9.88 -0.13
CA THR A 119 3.10 9.90 -1.59
C THR A 119 3.95 8.74 -2.09
N SER A 120 4.06 7.69 -1.26
CA SER A 120 4.84 6.50 -1.61
C SER A 120 6.26 6.85 -2.04
N ASN A 121 7.07 5.83 -2.29
CA ASN A 121 8.46 6.03 -2.71
C ASN A 121 9.13 4.71 -3.08
N ASP A 122 8.85 3.66 -2.30
CA ASP A 122 9.44 2.35 -2.57
C ASP A 122 8.62 1.59 -3.61
N ASP A 123 7.46 1.08 -3.18
CA ASP A 123 6.60 0.33 -4.07
C ASP A 123 5.19 0.21 -3.49
N GLN A 124 5.11 -0.06 -2.19
CA GLN A 124 3.82 -0.19 -1.51
C GLN A 124 3.99 -0.07 0.00
N VAL A 125 4.98 0.70 0.42
CA VAL A 125 5.25 0.91 1.84
C VAL A 125 4.36 2.01 2.41
N GLY A 126 4.15 3.04 1.60
CA GLY A 126 3.35 4.17 2.01
C GLY A 126 4.11 5.11 2.91
N ILE A 127 5.34 5.44 2.51
CA ILE A 127 6.18 6.35 3.28
C ILE A 127 5.83 7.80 2.99
N TRP A 128 5.74 8.60 4.05
CA TRP A 128 5.42 10.02 3.91
C TRP A 128 6.57 10.78 3.27
N SER A 129 6.23 11.80 2.49
CA SER A 129 7.22 12.62 1.80
C SER A 129 8.38 13.00 2.70
N GLY A 130 8.10 13.26 3.98
CA GLY A 130 9.15 13.64 4.91
C GLY A 130 8.70 13.59 6.36
N PRO A 131 9.56 13.12 7.27
CA PRO A 131 9.25 13.02 8.70
C PRO A 131 8.84 14.36 9.31
N ALA A 132 8.48 14.33 10.59
CA ALA A 132 8.07 15.53 11.30
C ALA A 132 9.21 16.55 11.40
N PRO A 133 8.89 17.85 11.26
CA PRO A 133 9.88 18.93 11.33
C PRO A 133 10.49 19.07 12.72
N GLN A 134 10.71 20.32 13.15
CA GLN A 134 11.30 20.58 14.47
C GLN A 134 10.73 21.85 15.08
N CYS A 135 10.34 21.75 16.35
CA CYS A 135 9.77 22.89 17.08
C CYS A 135 10.83 23.56 17.97
N ILE A 136 11.77 24.26 17.34
CA ILE A 136 12.83 24.94 18.08
C ILE A 136 13.24 26.23 17.38
#